data_2LST
#
_entry.id   2LST
#
_entity_poly.entity_id   1
_entity_poly.type   'polypeptide(L)'
_entity_poly.pdbx_seq_one_letter_code
;MSLRWYPYPEALALAQAHGRMVMVYFHSEHCPYCQQMNTFVLSDPGVSRLLEARFVVASVSVDTPEGQELARRYRVPGTP
TFVFLVPKAGAWEEVGRLFGSRPRAEFLKELRQVCVKGGACGEGHHHHHH
;
_entity_poly.pdbx_strand_id   A
#
# COMPACT_ATOMS: atom_id res chain seq x y z
N MET A 1 10.95 15.86 0.76
CA MET A 1 9.79 15.05 1.22
C MET A 1 10.25 14.08 2.28
N SER A 2 9.33 13.70 3.16
CA SER A 2 9.64 12.73 4.20
C SER A 2 9.42 11.31 3.69
N LEU A 3 8.16 10.91 3.57
CA LEU A 3 7.80 9.60 3.06
C LEU A 3 7.98 9.58 1.54
N ARG A 4 8.30 8.41 0.99
CA ARG A 4 8.59 8.29 -0.43
C ARG A 4 7.33 7.97 -1.22
N TRP A 5 6.79 8.96 -1.91
CA TRP A 5 5.67 8.76 -2.81
C TRP A 5 6.15 8.85 -4.25
N TYR A 6 6.28 7.70 -4.90
CA TYR A 6 6.71 7.65 -6.28
C TYR A 6 5.55 7.19 -7.17
N PRO A 7 5.65 7.34 -8.50
CA PRO A 7 4.65 6.81 -9.42
C PRO A 7 4.63 5.29 -9.36
N TYR A 8 3.53 4.70 -9.82
CA TYR A 8 3.36 3.24 -9.78
C TYR A 8 4.58 2.50 -10.37
N PRO A 9 5.06 2.86 -11.58
CA PRO A 9 6.23 2.19 -12.19
C PRO A 9 7.48 2.28 -11.31
N GLU A 10 7.76 3.48 -10.80
CA GLU A 10 8.96 3.70 -10.00
C GLU A 10 8.84 2.94 -8.67
N ALA A 11 7.68 3.03 -8.04
CA ALA A 11 7.46 2.37 -6.76
C ALA A 11 7.76 0.88 -6.85
N LEU A 12 7.34 0.25 -7.93
CA LEU A 12 7.62 -1.17 -8.14
C LEU A 12 9.10 -1.38 -8.42
N ALA A 13 9.73 -0.45 -9.12
CA ALA A 13 11.13 -0.58 -9.48
C ALA A 13 12.02 -0.36 -8.27
N LEU A 14 11.72 0.66 -7.48
CA LEU A 14 12.46 0.95 -6.27
C LEU A 14 12.36 -0.23 -5.32
N ALA A 15 11.16 -0.77 -5.18
CA ALA A 15 10.95 -1.91 -4.32
C ALA A 15 11.72 -3.12 -4.80
N GLN A 16 11.62 -3.39 -6.09
CA GLN A 16 12.26 -4.55 -6.69
C GLN A 16 13.78 -4.45 -6.63
N ALA A 17 14.30 -3.27 -6.94
CA ALA A 17 15.75 -3.08 -7.02
C ALA A 17 16.38 -2.85 -5.65
N HIS A 18 15.56 -2.55 -4.65
CA HIS A 18 16.09 -2.25 -3.31
C HIS A 18 15.59 -3.24 -2.27
N GLY A 19 14.89 -4.28 -2.72
CA GLY A 19 14.37 -5.28 -1.80
C GLY A 19 13.40 -4.69 -0.79
N ARG A 20 12.48 -3.87 -1.28
CA ARG A 20 11.48 -3.25 -0.43
C ARG A 20 10.09 -3.82 -0.71
N MET A 21 9.09 -3.23 -0.09
CA MET A 21 7.70 -3.64 -0.30
C MET A 21 6.95 -2.49 -0.97
N VAL A 22 5.88 -2.80 -1.67
CA VAL A 22 5.15 -1.79 -2.42
C VAL A 22 3.83 -1.42 -1.76
N MET A 23 3.62 -0.13 -1.55
CA MET A 23 2.34 0.36 -1.06
C MET A 23 1.65 1.12 -2.19
N VAL A 24 0.66 0.51 -2.81
CA VAL A 24 -0.06 1.15 -3.89
C VAL A 24 -1.19 2.01 -3.33
N TYR A 25 -1.01 3.31 -3.41
CA TYR A 25 -1.96 4.25 -2.87
C TYR A 25 -2.81 4.88 -3.98
N PHE A 26 -4.04 4.40 -4.10
CA PHE A 26 -4.97 4.94 -5.07
C PHE A 26 -5.67 6.17 -4.51
N HIS A 27 -5.53 7.29 -5.22
CA HIS A 27 -6.13 8.54 -4.78
C HIS A 27 -6.88 9.24 -5.91
N SER A 28 -7.96 9.90 -5.53
CA SER A 28 -8.78 10.68 -6.44
C SER A 28 -9.25 11.94 -5.75
N GLU A 29 -9.52 13.00 -6.52
CA GLU A 29 -10.12 14.20 -5.95
C GLU A 29 -11.63 14.14 -6.07
N HIS A 30 -12.09 13.20 -6.89
CA HIS A 30 -13.52 12.94 -7.03
C HIS A 30 -14.01 12.03 -5.91
N CYS A 31 -13.07 11.50 -5.13
CA CYS A 31 -13.42 10.72 -3.95
C CYS A 31 -12.81 11.38 -2.71
N PRO A 32 -13.50 12.39 -2.15
CA PRO A 32 -12.95 13.24 -1.08
C PRO A 32 -13.03 12.62 0.31
N TYR A 33 -13.05 11.29 0.37
CA TYR A 33 -13.15 10.60 1.64
C TYR A 33 -11.78 10.46 2.30
N CYS A 34 -10.74 10.51 1.50
CA CYS A 34 -9.37 10.30 1.99
C CYS A 34 -8.78 11.56 2.60
N GLN A 35 -9.16 12.72 2.10
CA GLN A 35 -8.49 13.99 2.47
C GLN A 35 -8.48 14.21 3.98
N GLN A 36 -9.48 13.71 4.67
CA GLN A 36 -9.55 13.85 6.13
C GLN A 36 -8.46 13.00 6.79
N MET A 37 -8.33 11.76 6.36
CA MET A 37 -7.39 10.83 6.97
C MET A 37 -5.97 11.09 6.47
N ASN A 38 -5.84 11.30 5.16
CA ASN A 38 -4.54 11.48 4.51
C ASN A 38 -3.74 12.60 5.17
N THR A 39 -4.39 13.72 5.43
CA THR A 39 -3.74 14.89 5.98
C THR A 39 -3.12 14.60 7.35
N PHE A 40 -3.93 14.11 8.28
CA PHE A 40 -3.45 13.86 9.64
C PHE A 40 -2.94 12.42 9.80
N VAL A 41 -3.88 11.49 9.74
CA VAL A 41 -3.62 10.10 10.09
C VAL A 41 -2.54 9.45 9.23
N LEU A 42 -2.60 9.68 7.92
CA LEU A 42 -1.67 9.02 7.01
C LEU A 42 -0.31 9.71 7.02
N SER A 43 -0.30 11.00 7.34
CA SER A 43 0.94 11.76 7.37
C SER A 43 1.60 11.67 8.74
N ASP A 44 0.93 10.99 9.67
CA ASP A 44 1.48 10.72 11.00
C ASP A 44 2.91 10.18 10.92
N PRO A 45 3.84 10.79 11.67
CA PRO A 45 5.24 10.37 11.71
C PRO A 45 5.41 8.90 12.12
N GLY A 46 4.53 8.43 12.99
CA GLY A 46 4.59 7.04 13.42
C GLY A 46 4.24 6.09 12.30
N VAL A 47 3.14 6.39 11.62
CA VAL A 47 2.72 5.62 10.46
C VAL A 47 3.80 5.66 9.38
N SER A 48 4.20 6.88 9.03
CA SER A 48 5.19 7.10 7.97
C SER A 48 6.49 6.36 8.26
N ARG A 49 6.83 6.21 9.53
CA ARG A 49 8.07 5.54 9.91
C ARG A 49 8.02 4.06 9.56
N LEU A 50 6.85 3.45 9.66
CA LEU A 50 6.68 2.07 9.25
C LEU A 50 6.81 1.94 7.74
N LEU A 51 6.29 2.91 7.01
CA LEU A 51 6.43 2.93 5.56
C LEU A 51 7.90 3.13 5.16
N GLU A 52 8.53 4.15 5.76
CA GLU A 52 9.95 4.45 5.49
C GLU A 52 10.84 3.23 5.69
N ALA A 53 10.45 2.38 6.64
CA ALA A 53 11.26 1.24 7.02
C ALA A 53 11.49 0.27 5.87
N ARG A 54 10.41 -0.21 5.25
CA ARG A 54 10.55 -1.24 4.22
C ARG A 54 9.68 -0.99 2.98
N PHE A 55 8.99 0.15 2.92
CA PHE A 55 8.01 0.34 1.86
C PHE A 55 8.40 1.43 0.87
N VAL A 56 7.95 1.25 -0.35
CA VAL A 56 7.99 2.28 -1.39
C VAL A 56 6.54 2.62 -1.73
N VAL A 57 6.12 3.86 -1.48
CA VAL A 57 4.73 4.22 -1.65
C VAL A 57 4.47 4.71 -3.06
N ALA A 58 3.46 4.15 -3.70
CA ALA A 58 3.07 4.54 -5.04
C ALA A 58 1.89 5.49 -4.99
N SER A 59 2.09 6.70 -5.47
CA SER A 59 1.03 7.67 -5.53
C SER A 59 0.38 7.61 -6.91
N VAL A 60 -0.78 6.96 -6.97
CA VAL A 60 -1.48 6.72 -8.23
C VAL A 60 -2.80 7.48 -8.28
N SER A 61 -3.04 8.15 -9.39
CA SER A 61 -4.29 8.88 -9.59
C SER A 61 -5.29 8.01 -10.35
N VAL A 62 -6.40 7.69 -9.72
CA VAL A 62 -7.37 6.75 -10.29
C VAL A 62 -8.11 7.38 -11.47
N ASP A 63 -8.16 8.70 -11.50
CA ASP A 63 -8.92 9.43 -12.51
C ASP A 63 -8.17 9.55 -13.82
N THR A 64 -6.85 9.37 -13.75
CA THR A 64 -6.01 9.43 -14.93
C THR A 64 -5.78 8.02 -15.50
N PRO A 65 -5.35 7.91 -16.77
CA PRO A 65 -5.32 6.63 -17.51
C PRO A 65 -4.63 5.49 -16.77
N GLU A 66 -3.43 5.74 -16.26
CA GLU A 66 -2.70 4.70 -15.53
C GLU A 66 -3.48 4.22 -14.30
N GLY A 67 -4.06 5.15 -13.55
CA GLY A 67 -4.89 4.78 -12.42
C GLY A 67 -6.19 4.16 -12.87
N GLN A 68 -6.76 4.70 -13.95
CA GLN A 68 -7.96 4.16 -14.57
C GLN A 68 -7.73 2.71 -14.98
N GLU A 69 -6.54 2.44 -15.50
CA GLU A 69 -6.17 1.11 -15.95
C GLU A 69 -6.04 0.17 -14.75
N LEU A 70 -5.39 0.64 -13.71
CA LEU A 70 -5.24 -0.13 -12.50
C LEU A 70 -6.58 -0.34 -11.82
N ALA A 71 -7.49 0.62 -12.01
CA ALA A 71 -8.85 0.49 -11.51
C ALA A 71 -9.61 -0.59 -12.28
N ARG A 72 -9.23 -0.80 -13.54
CA ARG A 72 -9.81 -1.88 -14.34
C ARG A 72 -9.19 -3.20 -13.90
N ARG A 73 -7.87 -3.19 -13.76
CA ARG A 73 -7.10 -4.37 -13.43
C ARG A 73 -7.43 -4.91 -12.05
N TYR A 74 -7.28 -4.06 -11.03
CA TYR A 74 -7.48 -4.49 -9.65
C TYR A 74 -8.91 -4.28 -9.21
N ARG A 75 -9.67 -3.52 -10.01
CA ARG A 75 -11.05 -3.19 -9.70
C ARG A 75 -11.12 -2.37 -8.41
N VAL A 76 -10.99 -1.06 -8.57
CA VAL A 76 -10.83 -0.15 -7.44
C VAL A 76 -11.84 1.00 -7.51
N PRO A 77 -12.44 1.36 -6.37
CA PRO A 77 -13.27 2.56 -6.25
C PRO A 77 -12.40 3.82 -6.21
N GLY A 78 -12.75 4.77 -5.35
CA GLY A 78 -12.01 6.01 -5.28
C GLY A 78 -10.86 5.96 -4.27
N THR A 79 -11.07 6.62 -3.14
CA THR A 79 -10.00 6.85 -2.18
C THR A 79 -10.54 6.81 -0.76
N PRO A 80 -9.73 6.34 0.22
CA PRO A 80 -8.39 5.84 -0.01
C PRO A 80 -8.34 4.35 -0.29
N THR A 81 -7.63 3.96 -1.34
CA THR A 81 -7.47 2.55 -1.63
C THR A 81 -6.01 2.14 -1.47
N PHE A 82 -5.71 1.39 -0.42
CA PHE A 82 -4.35 0.95 -0.13
C PHE A 82 -4.17 -0.51 -0.53
N VAL A 83 -3.36 -0.75 -1.54
CA VAL A 83 -3.06 -2.12 -1.98
C VAL A 83 -1.59 -2.42 -1.70
N PHE A 84 -1.33 -3.44 -0.90
CA PHE A 84 0.04 -3.77 -0.52
C PHE A 84 0.57 -4.91 -1.36
N LEU A 85 1.64 -4.63 -2.11
CA LEU A 85 2.24 -5.65 -2.98
C LEU A 85 3.65 -5.98 -2.51
N VAL A 86 3.94 -7.27 -2.42
CA VAL A 86 5.25 -7.74 -2.02
C VAL A 86 5.97 -8.37 -3.20
N PRO A 87 7.20 -7.91 -3.48
CA PRO A 87 8.06 -8.54 -4.48
C PRO A 87 8.73 -9.78 -3.89
N LYS A 88 8.44 -10.94 -4.45
CA LYS A 88 9.00 -12.18 -3.94
C LYS A 88 9.34 -13.12 -5.07
N ALA A 89 10.60 -13.55 -5.10
CA ALA A 89 11.13 -14.42 -6.16
C ALA A 89 11.16 -13.69 -7.51
N GLY A 90 10.01 -13.58 -8.13
CA GLY A 90 9.91 -12.90 -9.41
C GLY A 90 8.48 -12.53 -9.73
N ALA A 91 7.67 -12.35 -8.70
CA ALA A 91 6.28 -12.03 -8.88
C ALA A 91 5.81 -11.03 -7.83
N TRP A 92 4.69 -10.37 -8.09
CA TRP A 92 4.13 -9.40 -7.18
C TRP A 92 2.95 -10.01 -6.43
N GLU A 93 2.94 -9.82 -5.13
CA GLU A 93 1.94 -10.45 -4.27
C GLU A 93 1.09 -9.40 -3.57
N GLU A 94 -0.21 -9.44 -3.79
CA GLU A 94 -1.15 -8.59 -3.08
C GLU A 94 -1.51 -9.24 -1.75
N VAL A 95 -1.13 -8.60 -0.64
CA VAL A 95 -1.34 -9.17 0.67
C VAL A 95 -2.55 -8.56 1.38
N GLY A 96 -3.32 -7.76 0.65
CA GLY A 96 -4.50 -7.18 1.22
C GLY A 96 -4.75 -5.76 0.76
N ARG A 97 -5.95 -5.27 1.02
CA ARG A 97 -6.34 -3.93 0.63
C ARG A 97 -7.04 -3.23 1.80
N LEU A 98 -6.68 -1.98 2.03
CA LEU A 98 -7.35 -1.19 3.04
C LEU A 98 -8.20 -0.11 2.37
N PHE A 99 -9.47 -0.05 2.73
CA PHE A 99 -10.37 0.96 2.23
C PHE A 99 -11.23 1.49 3.36
N GLY A 100 -11.53 2.77 3.34
CA GLY A 100 -12.36 3.37 4.35
C GLY A 100 -11.56 4.21 5.33
N SER A 101 -10.31 4.49 4.96
CA SER A 101 -9.41 5.33 5.76
C SER A 101 -8.99 4.63 7.06
N ARG A 102 -9.92 4.54 8.01
CA ARG A 102 -9.67 3.97 9.34
C ARG A 102 -8.72 4.85 10.15
N PRO A 103 -8.77 4.75 11.49
CA PRO A 103 -7.79 5.40 12.36
C PRO A 103 -6.42 4.75 12.21
N ARG A 104 -5.37 5.47 12.58
CA ARG A 104 -4.02 4.94 12.44
C ARG A 104 -3.85 3.65 13.25
N ALA A 105 -4.66 3.51 14.29
CA ALA A 105 -4.67 2.29 15.09
C ALA A 105 -4.88 1.06 14.21
N GLU A 106 -5.95 1.09 13.42
CA GLU A 106 -6.28 -0.03 12.55
C GLU A 106 -5.31 -0.09 11.37
N PHE A 107 -4.89 1.09 10.92
CA PHE A 107 -3.98 1.20 9.80
C PHE A 107 -2.62 0.60 10.16
N LEU A 108 -2.14 0.89 11.36
CA LEU A 108 -0.86 0.38 11.83
C LEU A 108 -0.95 -1.12 12.09
N LYS A 109 -2.13 -1.59 12.49
CA LYS A 109 -2.35 -3.03 12.64
C LYS A 109 -2.03 -3.76 11.35
N GLU A 110 -2.65 -3.31 10.26
CA GLU A 110 -2.40 -3.91 8.95
C GLU A 110 -0.99 -3.56 8.46
N LEU A 111 -0.54 -2.34 8.73
CA LEU A 111 0.78 -1.90 8.31
C LEU A 111 1.86 -2.78 8.96
N ARG A 112 1.59 -3.24 10.18
CA ARG A 112 2.47 -4.16 10.88
C ARG A 112 2.25 -5.60 10.38
N GLN A 113 1.00 -5.95 10.12
CA GLN A 113 0.66 -7.24 9.63
C GLN A 113 1.28 -7.48 8.26
N VAL A 114 1.17 -6.49 7.37
CA VAL A 114 1.79 -6.54 6.06
C VAL A 114 3.30 -6.68 6.18
N CYS A 115 3.86 -6.00 7.18
CA CYS A 115 5.30 -6.09 7.47
C CYS A 115 5.71 -7.54 7.64
N VAL A 116 4.83 -8.33 8.26
CA VAL A 116 5.06 -9.75 8.45
C VAL A 116 4.65 -10.53 7.20
N LYS A 117 3.55 -10.10 6.58
CA LYS A 117 3.02 -10.74 5.37
C LYS A 117 4.08 -10.86 4.28
N GLY A 118 5.04 -9.95 4.27
CA GLY A 118 6.11 -9.99 3.28
C GLY A 118 6.77 -11.36 3.19
N GLY A 119 6.86 -12.04 4.33
CA GLY A 119 7.41 -13.38 4.35
C GLY A 119 6.41 -14.41 4.84
N ALA A 120 5.34 -13.94 5.46
CA ALA A 120 4.35 -14.84 6.05
C ALA A 120 3.20 -15.14 5.10
N CYS A 121 3.07 -14.34 4.04
CA CYS A 121 2.02 -14.59 3.07
C CYS A 121 2.37 -15.83 2.26
N GLY A 122 1.43 -16.76 2.19
CA GLY A 122 1.71 -18.05 1.63
C GLY A 122 1.54 -19.14 2.67
N GLU A 123 1.18 -18.70 3.88
CA GLU A 123 0.89 -19.60 4.98
C GLU A 123 -0.46 -20.30 4.74
N GLY A 124 -0.71 -21.35 5.48
CA GLY A 124 -1.82 -22.23 5.23
C GLY A 124 -1.43 -23.64 5.53
N HIS A 125 -0.16 -23.79 5.90
CA HIS A 125 0.41 -25.06 6.31
C HIS A 125 -0.21 -25.43 7.65
N HIS A 126 -0.22 -24.46 8.55
CA HIS A 126 -0.92 -24.60 9.81
C HIS A 126 -2.38 -24.21 9.62
N HIS A 127 -3.20 -25.20 9.31
CA HIS A 127 -4.61 -24.96 8.99
C HIS A 127 -5.36 -24.43 10.20
N HIS A 128 -6.35 -23.59 9.94
CA HIS A 128 -7.18 -23.00 10.99
C HIS A 128 -8.61 -22.87 10.48
N HIS A 129 -9.57 -23.16 11.35
CA HIS A 129 -10.99 -23.09 10.97
C HIS A 129 -11.54 -21.72 11.33
N HIS A 130 -10.66 -20.85 11.77
CA HIS A 130 -10.96 -19.46 12.05
C HIS A 130 -9.72 -18.63 11.84
N MET A 1 4.05 14.67 6.59
CA MET A 1 4.60 14.12 5.34
C MET A 1 6.10 13.88 5.47
N SER A 2 6.47 12.61 5.62
CA SER A 2 7.86 12.22 5.74
C SER A 2 8.07 10.88 5.05
N LEU A 3 7.45 10.73 3.89
CA LEU A 3 7.38 9.43 3.24
C LEU A 3 7.74 9.54 1.76
N ARG A 4 8.23 8.44 1.18
CA ARG A 4 8.61 8.42 -0.23
C ARG A 4 7.42 8.04 -1.11
N TRP A 5 6.87 9.04 -1.77
CA TRP A 5 5.81 8.84 -2.73
C TRP A 5 6.37 8.86 -4.15
N TYR A 6 6.33 7.73 -4.82
CA TYR A 6 6.80 7.63 -6.20
C TYR A 6 5.68 7.12 -7.09
N PRO A 7 5.77 7.33 -8.41
CA PRO A 7 4.78 6.81 -9.35
C PRO A 7 4.76 5.29 -9.34
N TYR A 8 3.65 4.72 -9.80
CA TYR A 8 3.46 3.26 -9.83
C TYR A 8 4.68 2.51 -10.41
N PRO A 9 5.20 2.90 -11.61
CA PRO A 9 6.36 2.22 -12.21
C PRO A 9 7.60 2.33 -11.33
N GLU A 10 7.84 3.53 -10.79
CA GLU A 10 9.02 3.78 -9.96
C GLU A 10 8.91 3.01 -8.66
N ALA A 11 7.73 3.07 -8.04
CA ALA A 11 7.50 2.39 -6.77
C ALA A 11 7.83 0.91 -6.85
N LEU A 12 7.43 0.28 -7.95
CA LEU A 12 7.73 -1.12 -8.17
C LEU A 12 9.22 -1.33 -8.37
N ALA A 13 9.87 -0.41 -9.08
CA ALA A 13 11.28 -0.53 -9.38
C ALA A 13 12.13 -0.29 -8.14
N LEU A 14 11.78 0.75 -7.37
CA LEU A 14 12.50 1.06 -6.14
C LEU A 14 12.45 -0.13 -5.19
N ALA A 15 11.25 -0.63 -4.95
CA ALA A 15 11.06 -1.76 -4.05
C ALA A 15 11.77 -2.99 -4.59
N GLN A 16 11.69 -3.19 -5.90
CA GLN A 16 12.32 -4.31 -6.56
C GLN A 16 13.85 -4.26 -6.42
N ALA A 17 14.41 -3.07 -6.56
CA ALA A 17 15.86 -2.90 -6.49
C ALA A 17 16.37 -2.80 -5.05
N HIS A 18 15.46 -2.56 -4.12
CA HIS A 18 15.84 -2.36 -2.73
C HIS A 18 15.33 -3.49 -1.83
N GLY A 19 14.63 -4.45 -2.41
CA GLY A 19 14.06 -5.54 -1.64
C GLY A 19 13.03 -5.05 -0.64
N ARG A 20 12.25 -4.06 -1.04
CA ARG A 20 11.20 -3.50 -0.19
C ARG A 20 9.82 -3.93 -0.69
N MET A 21 8.78 -3.48 0.00
CA MET A 21 7.42 -3.77 -0.41
C MET A 21 6.82 -2.55 -1.11
N VAL A 22 5.82 -2.76 -1.95
CA VAL A 22 5.19 -1.67 -2.66
C VAL A 22 3.82 -1.37 -2.08
N MET A 23 3.62 -0.13 -1.64
CA MET A 23 2.33 0.29 -1.15
C MET A 23 1.63 1.09 -2.24
N VAL A 24 0.65 0.47 -2.88
CA VAL A 24 -0.11 1.12 -3.92
C VAL A 24 -1.29 1.86 -3.30
N TYR A 25 -1.19 3.17 -3.23
CA TYR A 25 -2.22 3.97 -2.60
C TYR A 25 -3.08 4.68 -3.63
N PHE A 26 -4.30 4.23 -3.77
CA PHE A 26 -5.26 4.85 -4.65
C PHE A 26 -5.88 6.05 -3.98
N HIS A 27 -5.55 7.24 -4.49
CA HIS A 27 -6.10 8.48 -3.99
C HIS A 27 -6.85 9.19 -5.11
N SER A 28 -7.78 10.04 -4.74
CA SER A 28 -8.55 10.82 -5.70
C SER A 28 -8.82 12.20 -5.12
N GLU A 29 -9.14 13.17 -5.97
CA GLU A 29 -9.64 14.45 -5.49
C GLU A 29 -11.15 14.38 -5.38
N HIS A 30 -11.70 13.26 -5.84
CA HIS A 30 -13.12 12.97 -5.72
C HIS A 30 -13.35 11.96 -4.61
N CYS A 31 -12.29 11.72 -3.84
CA CYS A 31 -12.33 10.79 -2.73
C CYS A 31 -13.21 11.33 -1.60
N PRO A 32 -13.77 10.44 -0.77
CA PRO A 32 -14.53 10.86 0.39
C PRO A 32 -13.65 11.17 1.62
N TYR A 33 -13.41 10.15 2.45
CA TYR A 33 -12.72 10.35 3.73
C TYR A 33 -11.21 10.45 3.54
N CYS A 34 -10.73 10.01 2.37
CA CYS A 34 -9.30 10.00 2.07
C CYS A 34 -8.66 11.38 2.20
N GLN A 35 -9.47 12.44 2.04
CA GLN A 35 -8.97 13.81 2.20
C GLN A 35 -8.21 13.97 3.51
N GLN A 36 -8.75 13.38 4.58
CA GLN A 36 -8.10 13.45 5.89
C GLN A 36 -6.99 12.41 5.99
N MET A 37 -7.24 11.24 5.43
CA MET A 37 -6.34 10.11 5.56
C MET A 37 -5.04 10.35 4.80
N ASN A 38 -5.16 10.78 3.55
CA ASN A 38 -4.01 11.04 2.71
C ASN A 38 -3.16 12.17 3.26
N THR A 39 -3.81 13.26 3.63
CA THR A 39 -3.12 14.45 4.08
C THR A 39 -2.53 14.26 5.49
N PHE A 40 -3.37 13.88 6.44
CA PHE A 40 -2.93 13.74 7.82
C PHE A 40 -2.46 12.32 8.14
N VAL A 41 -3.41 11.39 8.15
CA VAL A 41 -3.21 10.02 8.65
C VAL A 41 -1.98 9.34 8.06
N LEU A 42 -1.89 9.32 6.74
CA LEU A 42 -0.83 8.60 6.05
C LEU A 42 0.46 9.40 6.02
N SER A 43 0.35 10.70 6.27
CA SER A 43 1.52 11.57 6.31
C SER A 43 2.06 11.70 7.72
N ASP A 44 1.38 11.03 8.66
CA ASP A 44 1.84 10.93 10.04
C ASP A 44 3.28 10.42 10.12
N PRO A 45 4.13 11.07 10.94
CA PRO A 45 5.55 10.70 11.06
C PRO A 45 5.77 9.25 11.49
N GLY A 46 4.94 8.77 12.41
CA GLY A 46 5.10 7.41 12.91
C GLY A 46 4.69 6.40 11.87
N VAL A 47 3.61 6.67 11.16
CA VAL A 47 3.18 5.82 10.08
C VAL A 47 4.23 5.83 8.98
N SER A 48 4.69 7.03 8.63
CA SER A 48 5.72 7.19 7.60
C SER A 48 6.94 6.34 7.92
N ARG A 49 7.37 6.35 9.18
CA ARG A 49 8.56 5.59 9.59
C ARG A 49 8.38 4.10 9.39
N LEU A 50 7.14 3.62 9.42
CA LEU A 50 6.87 2.23 9.11
C LEU A 50 7.09 1.95 7.63
N LEU A 51 6.59 2.84 6.78
CA LEU A 51 6.76 2.67 5.34
C LEU A 51 8.22 2.95 4.94
N GLU A 52 8.79 4.02 5.50
CA GLU A 52 10.15 4.48 5.17
C GLU A 52 11.19 3.35 5.22
N ALA A 53 10.99 2.39 6.10
CA ALA A 53 11.98 1.36 6.32
C ALA A 53 11.96 0.27 5.24
N ARG A 54 10.77 -0.25 4.92
CA ARG A 54 10.69 -1.38 4.00
C ARG A 54 9.57 -1.23 2.98
N PHE A 55 9.09 -0.02 2.76
CA PHE A 55 8.01 0.20 1.81
C PHE A 55 8.35 1.32 0.83
N VAL A 56 7.88 1.16 -0.39
CA VAL A 56 7.92 2.22 -1.39
C VAL A 56 6.49 2.58 -1.75
N VAL A 57 6.10 3.83 -1.55
CA VAL A 57 4.71 4.20 -1.69
C VAL A 57 4.43 4.69 -3.11
N ALA A 58 3.47 4.03 -3.75
CA ALA A 58 3.07 4.40 -5.10
C ALA A 58 1.93 5.38 -5.07
N SER A 59 2.17 6.57 -5.59
CA SER A 59 1.14 7.58 -5.66
C SER A 59 0.25 7.31 -6.87
N VAL A 60 -0.91 6.74 -6.62
CA VAL A 60 -1.84 6.42 -7.69
C VAL A 60 -3.06 7.32 -7.63
N SER A 61 -3.28 8.07 -8.70
CA SER A 61 -4.40 8.99 -8.74
C SER A 61 -5.51 8.40 -9.60
N VAL A 62 -6.61 8.01 -8.96
CA VAL A 62 -7.73 7.39 -9.65
C VAL A 62 -8.39 8.39 -10.61
N ASP A 63 -8.06 9.65 -10.40
CA ASP A 63 -8.58 10.74 -11.21
C ASP A 63 -7.97 10.71 -12.61
N THR A 64 -6.72 10.27 -12.69
CA THR A 64 -5.96 10.31 -13.93
C THR A 64 -5.76 8.92 -14.52
N PRO A 65 -5.31 8.85 -15.80
CA PRO A 65 -5.24 7.59 -16.59
C PRO A 65 -4.54 6.44 -15.88
N GLU A 66 -3.37 6.70 -15.32
CA GLU A 66 -2.60 5.64 -14.67
C GLU A 66 -3.35 5.07 -13.46
N GLY A 67 -4.07 5.94 -12.75
CA GLY A 67 -4.91 5.47 -11.66
C GLY A 67 -6.18 4.83 -12.18
N GLN A 68 -6.74 5.42 -13.22
CA GLN A 68 -7.89 4.86 -13.92
C GLN A 68 -7.58 3.47 -14.46
N GLU A 69 -6.33 3.30 -14.88
CA GLU A 69 -5.83 2.04 -15.38
C GLU A 69 -5.80 0.99 -14.26
N LEU A 70 -5.19 1.36 -13.14
CA LEU A 70 -5.16 0.47 -11.99
C LEU A 70 -6.56 0.20 -11.45
N ALA A 71 -7.43 1.21 -11.55
CA ALA A 71 -8.81 1.08 -11.09
C ALA A 71 -9.56 0.03 -11.90
N ARG A 72 -9.31 -0.04 -13.20
CA ARG A 72 -9.94 -1.04 -14.03
C ARG A 72 -9.23 -2.39 -13.87
N ARG A 73 -7.91 -2.33 -13.69
CA ARG A 73 -7.08 -3.53 -13.60
C ARG A 73 -7.35 -4.30 -12.31
N TYR A 74 -7.22 -3.64 -11.17
CA TYR A 74 -7.38 -4.30 -9.88
C TYR A 74 -8.85 -4.33 -9.45
N ARG A 75 -9.68 -3.65 -10.24
CA ARG A 75 -11.10 -3.48 -9.90
C ARG A 75 -11.23 -2.68 -8.61
N VAL A 76 -11.08 -1.37 -8.74
CA VAL A 76 -11.07 -0.46 -7.61
C VAL A 76 -12.11 0.64 -7.83
N PRO A 77 -12.89 0.98 -6.80
CA PRO A 77 -13.86 2.09 -6.85
C PRO A 77 -13.16 3.45 -7.01
N GLY A 78 -12.83 4.10 -5.89
CA GLY A 78 -12.05 5.30 -5.96
C GLY A 78 -11.08 5.41 -4.81
N THR A 79 -11.59 5.74 -3.64
CA THR A 79 -10.73 6.06 -2.51
C THR A 79 -11.46 5.86 -1.19
N PRO A 80 -10.72 5.48 -0.12
CA PRO A 80 -9.29 5.19 -0.16
C PRO A 80 -9.03 3.73 -0.48
N THR A 81 -8.06 3.47 -1.33
CA THR A 81 -7.73 2.09 -1.65
C THR A 81 -6.27 1.79 -1.34
N PHE A 82 -6.06 0.78 -0.52
CA PHE A 82 -4.72 0.39 -0.10
C PHE A 82 -4.39 -1.00 -0.65
N VAL A 83 -3.41 -1.06 -1.54
CA VAL A 83 -2.98 -2.33 -2.11
C VAL A 83 -1.49 -2.54 -1.87
N PHE A 84 -1.17 -3.53 -1.04
CA PHE A 84 0.22 -3.81 -0.71
C PHE A 84 0.73 -4.98 -1.54
N LEU A 85 1.78 -4.73 -2.32
CA LEU A 85 2.36 -5.77 -3.16
C LEU A 85 3.80 -6.05 -2.74
N VAL A 86 4.12 -7.32 -2.54
CA VAL A 86 5.48 -7.72 -2.17
C VAL A 86 6.18 -8.43 -3.32
N PRO A 87 7.34 -7.91 -3.76
CA PRO A 87 8.17 -8.59 -4.74
C PRO A 87 8.92 -9.75 -4.09
N LYS A 88 8.66 -10.96 -4.57
CA LYS A 88 9.26 -12.14 -3.98
C LYS A 88 9.34 -13.27 -5.00
N ALA A 89 10.45 -14.00 -4.97
CA ALA A 89 10.71 -15.10 -5.89
C ALA A 89 10.91 -14.60 -7.32
N GLY A 90 9.81 -14.26 -7.97
CA GLY A 90 9.87 -13.74 -9.31
C GLY A 90 8.55 -13.15 -9.75
N ALA A 91 7.77 -12.71 -8.77
CA ALA A 91 6.46 -12.14 -9.03
C ALA A 91 6.06 -11.19 -7.93
N TRP A 92 4.91 -10.55 -8.09
CA TRP A 92 4.42 -9.61 -7.10
C TRP A 92 3.26 -10.22 -6.33
N GLU A 93 3.35 -10.12 -5.02
CA GLU A 93 2.37 -10.71 -4.12
C GLU A 93 1.41 -9.65 -3.60
N GLU A 94 0.16 -9.74 -4.01
CA GLU A 94 -0.89 -8.90 -3.46
C GLU A 94 -1.25 -9.42 -2.07
N VAL A 95 -0.64 -8.81 -1.06
CA VAL A 95 -0.70 -9.34 0.30
C VAL A 95 -1.71 -8.58 1.15
N GLY A 96 -2.16 -7.44 0.66
CA GLY A 96 -3.07 -6.62 1.44
C GLY A 96 -3.89 -5.70 0.57
N ARG A 97 -5.20 -5.82 0.70
CA ARG A 97 -6.12 -4.94 -0.01
C ARG A 97 -7.13 -4.37 0.96
N LEU A 98 -7.25 -3.06 0.99
CA LEU A 98 -8.15 -2.39 1.92
C LEU A 98 -8.92 -1.29 1.21
N PHE A 99 -10.22 -1.23 1.47
CA PHE A 99 -11.05 -0.13 1.01
C PHE A 99 -12.00 0.29 2.12
N GLY A 100 -12.26 1.58 2.23
CA GLY A 100 -13.16 2.06 3.25
C GLY A 100 -12.61 3.26 3.98
N SER A 101 -11.81 2.99 5.02
CA SER A 101 -11.14 4.03 5.78
C SER A 101 -10.30 3.43 6.91
N ARG A 102 -10.89 3.38 8.11
CA ARG A 102 -10.20 2.99 9.34
C ARG A 102 -9.14 4.03 9.71
N PRO A 103 -9.29 4.66 10.89
CA PRO A 103 -8.39 5.71 11.37
C PRO A 103 -6.94 5.24 11.52
N ARG A 104 -6.03 6.19 11.77
CA ARG A 104 -4.60 5.91 11.89
C ARG A 104 -4.34 4.70 12.80
N ALA A 105 -5.07 4.61 13.90
CA ALA A 105 -4.89 3.53 14.85
C ALA A 105 -5.15 2.16 14.23
N GLU A 106 -6.15 2.10 13.36
CA GLU A 106 -6.54 0.84 12.76
C GLU A 106 -5.61 0.53 11.59
N PHE A 107 -5.23 1.58 10.86
CA PHE A 107 -4.29 1.46 9.76
C PHE A 107 -2.93 1.02 10.29
N LEU A 108 -2.56 1.53 11.46
CA LEU A 108 -1.30 1.15 12.09
C LEU A 108 -1.28 -0.33 12.45
N LYS A 109 -2.37 -0.82 13.03
CA LYS A 109 -2.45 -2.25 13.36
C LYS A 109 -2.34 -3.10 12.11
N GLU A 110 -3.05 -2.70 11.06
CA GLU A 110 -2.96 -3.35 9.76
C GLU A 110 -1.53 -3.31 9.25
N LEU A 111 -0.95 -2.12 9.26
CA LEU A 111 0.40 -1.91 8.74
C LEU A 111 1.41 -2.76 9.51
N ARG A 112 1.16 -2.94 10.80
CA ARG A 112 1.96 -3.84 11.63
C ARG A 112 1.90 -5.27 11.09
N GLN A 113 0.70 -5.69 10.72
CA GLN A 113 0.51 -7.03 10.18
C GLN A 113 1.07 -7.13 8.75
N VAL A 114 0.90 -6.07 7.96
CA VAL A 114 1.40 -6.05 6.59
C VAL A 114 2.90 -6.31 6.56
N CYS A 115 3.60 -5.75 7.55
CA CYS A 115 5.04 -5.97 7.69
C CYS A 115 5.34 -7.46 7.81
N VAL A 116 4.44 -8.18 8.46
CA VAL A 116 4.59 -9.62 8.68
C VAL A 116 4.10 -10.42 7.48
N LYS A 117 2.88 -10.11 7.02
CA LYS A 117 2.22 -10.85 5.96
C LYS A 117 3.06 -10.92 4.69
N GLY A 118 3.71 -9.80 4.36
CA GLY A 118 4.50 -9.73 3.14
C GLY A 118 5.72 -10.63 3.19
N GLY A 119 6.17 -10.94 4.39
CA GLY A 119 7.33 -11.80 4.55
C GLY A 119 6.95 -13.24 4.78
N ALA A 120 6.15 -13.48 5.81
CA ALA A 120 5.78 -14.83 6.18
C ALA A 120 4.26 -14.96 6.30
N CYS A 121 3.68 -15.76 5.42
CA CYS A 121 2.23 -15.93 5.40
C CYS A 121 1.87 -17.38 5.05
N GLY A 122 2.38 -17.85 3.91
CA GLY A 122 2.09 -19.20 3.47
C GLY A 122 3.34 -20.04 3.32
N GLU A 123 4.16 -20.02 4.36
CA GLU A 123 5.40 -20.78 4.36
C GLU A 123 5.18 -22.17 4.92
N GLY A 124 4.33 -22.25 5.94
CA GLY A 124 4.00 -23.52 6.54
C GLY A 124 3.38 -23.37 7.92
N HIS A 125 2.73 -22.22 8.16
CA HIS A 125 2.05 -21.95 9.43
C HIS A 125 1.17 -23.12 9.86
N HIS A 126 0.54 -23.78 8.88
CA HIS A 126 -0.18 -25.03 9.13
C HIS A 126 -0.44 -25.75 7.82
N HIS A 127 0.65 -26.21 7.21
CA HIS A 127 0.62 -27.00 5.99
C HIS A 127 1.92 -27.77 5.85
N HIS A 128 1.89 -29.05 6.16
CA HIS A 128 3.11 -29.86 6.15
C HIS A 128 3.45 -30.29 4.72
N HIS A 129 4.13 -29.42 4.00
CA HIS A 129 4.62 -29.76 2.67
C HIS A 129 5.81 -30.72 2.79
N HIS A 130 5.53 -32.00 2.57
CA HIS A 130 6.49 -33.07 2.78
C HIS A 130 6.73 -33.25 4.28
N MET A 1 3.28 13.32 2.75
CA MET A 1 4.39 14.17 2.25
C MET A 1 5.72 13.74 2.86
N SER A 2 5.72 13.47 4.16
CA SER A 2 6.92 13.01 4.84
C SER A 2 7.32 11.61 4.34
N LEU A 3 6.30 10.77 4.19
CA LEU A 3 6.47 9.42 3.66
C LEU A 3 6.96 9.45 2.21
N ARG A 4 7.70 8.42 1.81
CA ARG A 4 8.26 8.34 0.47
C ARG A 4 7.25 7.83 -0.57
N TRP A 5 6.75 8.75 -1.38
CA TRP A 5 5.78 8.43 -2.43
C TRP A 5 6.44 8.53 -3.79
N TYR A 6 6.24 7.50 -4.61
CA TYR A 6 6.70 7.49 -5.99
C TYR A 6 5.55 7.01 -6.88
N PRO A 7 5.52 7.39 -8.17
CA PRO A 7 4.50 6.89 -9.11
C PRO A 7 4.53 5.37 -9.19
N TYR A 8 3.43 4.78 -9.67
CA TYR A 8 3.31 3.32 -9.76
C TYR A 8 4.57 2.65 -10.35
N PRO A 9 5.05 3.07 -11.54
CA PRO A 9 6.23 2.43 -12.15
C PRO A 9 7.50 2.67 -11.35
N GLU A 10 7.67 3.91 -10.87
CA GLU A 10 8.86 4.31 -10.15
C GLU A 10 8.93 3.63 -8.78
N ALA A 11 7.81 3.57 -8.09
CA ALA A 11 7.75 2.94 -6.78
C ALA A 11 8.08 1.45 -6.86
N LEU A 12 7.50 0.77 -7.85
CA LEU A 12 7.77 -0.64 -8.04
C LEU A 12 9.24 -0.86 -8.37
N ALA A 13 9.83 0.05 -9.12
CA ALA A 13 11.24 -0.07 -9.48
C ALA A 13 12.12 0.19 -8.27
N LEU A 14 11.71 1.13 -7.44
CA LEU A 14 12.41 1.42 -6.19
C LEU A 14 12.42 0.18 -5.31
N ALA A 15 11.23 -0.41 -5.13
CA ALA A 15 11.09 -1.60 -4.30
C ALA A 15 11.85 -2.78 -4.89
N GLN A 16 11.73 -2.95 -6.20
CA GLN A 16 12.38 -4.04 -6.91
C GLN A 16 13.89 -4.02 -6.71
N ALA A 17 14.49 -2.87 -6.98
CA ALA A 17 15.94 -2.75 -6.96
C ALA A 17 16.49 -2.69 -5.54
N HIS A 18 15.61 -2.46 -4.57
CA HIS A 18 16.04 -2.29 -3.20
C HIS A 18 15.51 -3.40 -2.30
N GLY A 19 14.81 -4.36 -2.90
CA GLY A 19 14.25 -5.47 -2.14
C GLY A 19 13.29 -5.01 -1.05
N ARG A 20 12.41 -4.08 -1.40
CA ARG A 20 11.42 -3.57 -0.46
C ARG A 20 10.02 -4.06 -0.82
N MET A 21 9.03 -3.66 -0.05
CA MET A 21 7.64 -3.98 -0.32
C MET A 21 6.96 -2.79 -0.96
N VAL A 22 5.87 -3.03 -1.67
CA VAL A 22 5.19 -1.95 -2.38
C VAL A 22 3.85 -1.63 -1.72
N MET A 23 3.66 -0.37 -1.38
CA MET A 23 2.37 0.09 -0.90
C MET A 23 1.66 0.85 -2.01
N VAL A 24 0.71 0.21 -2.65
CA VAL A 24 -0.01 0.81 -3.76
C VAL A 24 -1.23 1.55 -3.25
N TYR A 25 -1.16 2.87 -3.25
CA TYR A 25 -2.27 3.66 -2.76
C TYR A 25 -3.04 4.30 -3.91
N PHE A 26 -4.33 4.00 -3.95
CA PHE A 26 -5.23 4.56 -4.95
C PHE A 26 -5.92 5.81 -4.39
N HIS A 27 -5.81 6.91 -5.14
CA HIS A 27 -6.46 8.18 -4.79
C HIS A 27 -7.22 8.74 -6.00
N SER A 28 -8.20 9.58 -5.72
CA SER A 28 -9.03 10.18 -6.75
C SER A 28 -9.37 11.61 -6.37
N GLU A 29 -9.74 12.41 -7.36
CA GLU A 29 -10.22 13.76 -7.10
C GLU A 29 -11.68 13.73 -6.68
N HIS A 30 -12.28 12.54 -6.75
CA HIS A 30 -13.64 12.33 -6.28
C HIS A 30 -13.63 11.62 -4.93
N CYS A 31 -12.51 11.68 -4.23
CA CYS A 31 -12.38 11.06 -2.94
C CYS A 31 -13.13 11.86 -1.87
N PRO A 32 -13.94 11.20 -1.04
CA PRO A 32 -14.71 11.88 0.01
C PRO A 32 -13.90 12.17 1.29
N TYR A 33 -13.94 11.24 2.24
CA TYR A 33 -13.35 11.46 3.56
C TYR A 33 -11.83 11.36 3.51
N CYS A 34 -11.32 10.79 2.43
CA CYS A 34 -9.90 10.50 2.29
C CYS A 34 -9.05 11.77 2.39
N GLN A 35 -9.67 12.92 2.11
CA GLN A 35 -8.99 14.23 2.19
C GLN A 35 -8.25 14.39 3.52
N GLN A 36 -8.94 14.09 4.61
CA GLN A 36 -8.38 14.27 5.94
C GLN A 36 -7.35 13.18 6.25
N MET A 37 -7.58 12.00 5.69
CA MET A 37 -6.73 10.84 5.95
C MET A 37 -5.34 11.04 5.37
N ASN A 38 -5.27 11.44 4.11
CA ASN A 38 -4.00 11.55 3.40
C ASN A 38 -3.12 12.63 4.02
N THR A 39 -3.76 13.71 4.46
CA THR A 39 -3.04 14.84 5.02
C THR A 39 -2.32 14.47 6.31
N PHE A 40 -3.09 14.05 7.31
CA PHE A 40 -2.53 13.77 8.63
C PHE A 40 -2.09 12.31 8.76
N VAL A 41 -3.06 11.42 8.82
CA VAL A 41 -2.81 10.01 9.15
C VAL A 41 -1.83 9.35 8.18
N LEU A 42 -2.00 9.59 6.90
CA LEU A 42 -1.21 8.90 5.89
C LEU A 42 0.16 9.55 5.70
N SER A 43 0.35 10.73 6.29
CA SER A 43 1.65 11.39 6.25
C SER A 43 2.26 11.43 7.64
N ASP A 44 1.56 10.83 8.59
CA ASP A 44 2.02 10.74 9.98
C ASP A 44 3.41 10.13 10.07
N PRO A 45 4.31 10.77 10.83
CA PRO A 45 5.68 10.28 11.04
C PRO A 45 5.72 8.88 11.64
N GLY A 46 4.71 8.52 12.41
CA GLY A 46 4.64 7.18 12.99
C GLY A 46 4.31 6.14 11.94
N VAL A 47 3.25 6.42 11.18
CA VAL A 47 2.87 5.58 10.06
C VAL A 47 4.03 5.48 9.07
N SER A 48 4.52 6.64 8.64
CA SER A 48 5.58 6.72 7.66
C SER A 48 6.80 5.90 8.09
N ARG A 49 7.10 5.92 9.38
CA ARG A 49 8.27 5.20 9.91
C ARG A 49 8.16 3.71 9.64
N LEU A 50 6.95 3.18 9.63
CA LEU A 50 6.73 1.78 9.31
C LEU A 50 6.95 1.54 7.83
N LEU A 51 6.46 2.43 6.99
CA LEU A 51 6.64 2.28 5.55
C LEU A 51 8.09 2.52 5.14
N GLU A 52 8.65 3.66 5.55
CA GLU A 52 10.01 4.08 5.15
C GLU A 52 11.04 2.95 5.26
N ALA A 53 10.90 2.13 6.30
CA ALA A 53 11.89 1.10 6.58
C ALA A 53 11.97 0.03 5.49
N ARG A 54 10.82 -0.54 5.10
CA ARG A 54 10.83 -1.67 4.17
C ARG A 54 9.77 -1.54 3.08
N PHE A 55 9.20 -0.36 2.91
CA PHE A 55 8.15 -0.14 1.91
C PHE A 55 8.52 1.01 0.98
N VAL A 56 8.03 0.93 -0.24
CA VAL A 56 8.03 2.05 -1.17
C VAL A 56 6.58 2.36 -1.52
N VAL A 57 6.14 3.59 -1.27
CA VAL A 57 4.75 3.91 -1.46
C VAL A 57 4.49 4.38 -2.88
N ALA A 58 3.56 3.71 -3.55
CA ALA A 58 3.21 4.03 -4.92
C ALA A 58 1.97 4.92 -4.96
N SER A 59 2.15 6.13 -5.48
CA SER A 59 1.05 7.04 -5.64
C SER A 59 0.31 6.73 -6.94
N VAL A 60 -0.82 6.06 -6.82
CA VAL A 60 -1.62 5.72 -7.99
C VAL A 60 -2.75 6.70 -8.16
N SER A 61 -2.71 7.45 -9.24
CA SER A 61 -3.71 8.45 -9.50
C SER A 61 -4.88 7.88 -10.29
N VAL A 62 -6.00 7.71 -9.62
CA VAL A 62 -7.23 7.25 -10.26
C VAL A 62 -7.86 8.47 -10.94
N ASP A 63 -7.27 9.60 -10.66
CA ASP A 63 -7.62 10.88 -11.25
C ASP A 63 -7.33 10.84 -12.75
N THR A 64 -6.27 10.11 -13.11
CA THR A 64 -5.79 10.07 -14.48
C THR A 64 -5.71 8.64 -15.03
N PRO A 65 -5.52 8.50 -16.37
CA PRO A 65 -5.60 7.20 -17.08
C PRO A 65 -4.78 6.08 -16.47
N GLU A 66 -3.51 6.34 -16.22
CA GLU A 66 -2.60 5.30 -15.74
C GLU A 66 -3.11 4.67 -14.44
N GLY A 67 -3.57 5.49 -13.51
CA GLY A 67 -4.13 4.98 -12.28
C GLY A 67 -5.53 4.45 -12.48
N GLN A 68 -6.23 5.01 -13.46
CA GLN A 68 -7.55 4.53 -13.85
C GLN A 68 -7.45 3.10 -14.40
N GLU A 69 -6.38 2.83 -15.12
CA GLU A 69 -6.05 1.48 -15.56
C GLU A 69 -5.91 0.57 -14.35
N LEU A 70 -5.08 1.03 -13.42
CA LEU A 70 -4.85 0.30 -12.17
C LEU A 70 -6.16 0.07 -11.43
N ALA A 71 -6.99 1.11 -11.37
CA ALA A 71 -8.28 1.03 -10.70
C ALA A 71 -9.15 -0.07 -11.30
N ARG A 72 -9.36 -0.01 -12.62
CA ARG A 72 -10.22 -0.99 -13.28
C ARG A 72 -9.57 -2.37 -13.28
N ARG A 73 -8.24 -2.40 -13.16
CA ARG A 73 -7.49 -3.66 -13.15
C ARG A 73 -7.71 -4.40 -11.83
N TYR A 74 -7.81 -3.64 -10.73
CA TYR A 74 -7.93 -4.23 -9.41
C TYR A 74 -9.35 -4.09 -8.87
N ARG A 75 -10.25 -3.63 -9.73
CA ARG A 75 -11.66 -3.45 -9.38
C ARG A 75 -11.82 -2.43 -8.26
N VAL A 76 -10.98 -1.40 -8.31
CA VAL A 76 -10.98 -0.34 -7.32
C VAL A 76 -11.86 0.82 -7.76
N PRO A 77 -12.72 1.34 -6.85
CA PRO A 77 -13.54 2.53 -7.12
C PRO A 77 -12.66 3.75 -7.39
N GLY A 78 -12.21 4.42 -6.33
CA GLY A 78 -11.21 5.44 -6.50
C GLY A 78 -10.26 5.50 -5.32
N THR A 79 -10.83 5.59 -4.12
CA THR A 79 -10.05 5.82 -2.92
C THR A 79 -10.99 5.99 -1.72
N PRO A 80 -10.50 5.76 -0.48
CA PRO A 80 -9.14 5.36 -0.20
C PRO A 80 -8.91 3.88 -0.44
N THR A 81 -7.91 3.55 -1.23
CA THR A 81 -7.59 2.15 -1.46
C THR A 81 -6.10 1.89 -1.25
N PHE A 82 -5.80 1.03 -0.30
CA PHE A 82 -4.41 0.71 0.03
C PHE A 82 -4.15 -0.75 -0.32
N VAL A 83 -3.34 -0.98 -1.34
CA VAL A 83 -3.04 -2.33 -1.79
C VAL A 83 -1.56 -2.63 -1.56
N PHE A 84 -1.29 -3.58 -0.67
CA PHE A 84 0.07 -3.89 -0.30
C PHE A 84 0.59 -5.08 -1.10
N LEU A 85 1.64 -4.84 -1.89
CA LEU A 85 2.18 -5.86 -2.76
C LEU A 85 3.56 -6.31 -2.29
N VAL A 86 3.77 -7.62 -2.30
CA VAL A 86 5.06 -8.20 -1.96
C VAL A 86 5.71 -8.78 -3.21
N PRO A 87 6.90 -8.28 -3.59
CA PRO A 87 7.65 -8.86 -4.70
C PRO A 87 8.30 -10.17 -4.28
N LYS A 88 7.91 -11.25 -4.93
CA LYS A 88 8.45 -12.55 -4.61
C LYS A 88 8.67 -13.37 -5.86
N ALA A 89 9.86 -13.98 -5.96
CA ALA A 89 10.27 -14.77 -7.13
C ALA A 89 10.47 -13.89 -8.36
N GLY A 90 9.37 -13.49 -8.97
CA GLY A 90 9.42 -12.64 -10.13
C GLY A 90 8.08 -12.00 -10.42
N ALA A 91 7.27 -11.87 -9.38
CA ALA A 91 5.93 -11.32 -9.52
C ALA A 91 5.53 -10.54 -8.28
N TRP A 92 4.66 -9.56 -8.46
CA TRP A 92 4.17 -8.76 -7.36
C TRP A 92 2.88 -9.37 -6.83
N GLU A 93 2.88 -9.74 -5.57
CA GLU A 93 1.75 -10.41 -4.96
C GLU A 93 0.94 -9.45 -4.12
N GLU A 94 -0.37 -9.57 -4.18
CA GLU A 94 -1.24 -8.74 -3.36
C GLU A 94 -1.52 -9.45 -2.04
N VAL A 95 -0.88 -8.98 -0.99
CA VAL A 95 -0.92 -9.68 0.29
C VAL A 95 -1.98 -9.07 1.21
N GLY A 96 -2.75 -8.13 0.66
CA GLY A 96 -3.82 -7.50 1.41
C GLY A 96 -4.19 -6.14 0.87
N ARG A 97 -5.48 -5.90 0.75
CA ARG A 97 -5.97 -4.60 0.31
C ARG A 97 -6.92 -4.01 1.34
N LEU A 98 -6.74 -2.73 1.60
CA LEU A 98 -7.59 -2.01 2.55
C LEU A 98 -8.39 -0.95 1.81
N PHE A 99 -9.66 -0.84 2.13
CA PHE A 99 -10.51 0.15 1.50
C PHE A 99 -11.40 0.84 2.53
N GLY A 100 -11.52 2.14 2.41
CA GLY A 100 -12.36 2.90 3.32
C GLY A 100 -11.55 3.74 4.27
N SER A 101 -12.22 4.38 5.20
CA SER A 101 -11.55 5.23 6.18
C SER A 101 -11.20 4.43 7.43
N ARG A 102 -9.94 4.49 7.81
CA ARG A 102 -9.46 3.79 9.00
C ARG A 102 -8.72 4.78 9.88
N PRO A 103 -8.93 4.73 11.20
CA PRO A 103 -8.13 5.49 12.15
C PRO A 103 -6.69 4.99 12.13
N ARG A 104 -5.74 5.82 12.54
CA ARG A 104 -4.33 5.43 12.54
C ARG A 104 -4.12 4.18 13.38
N ALA A 105 -4.99 3.98 14.37
CA ALA A 105 -4.95 2.78 15.20
C ALA A 105 -5.23 1.54 14.35
N GLU A 106 -6.32 1.58 13.60
CA GLU A 106 -6.70 0.46 12.75
C GLU A 106 -5.72 0.30 11.61
N PHE A 107 -5.32 1.43 11.02
CA PHE A 107 -4.40 1.42 9.91
C PHE A 107 -3.08 0.78 10.30
N LEU A 108 -2.50 1.22 11.42
CA LEU A 108 -1.21 0.69 11.88
C LEU A 108 -1.35 -0.73 12.40
N LYS A 109 -2.57 -1.11 12.75
CA LYS A 109 -2.85 -2.49 13.16
C LYS A 109 -2.82 -3.41 11.93
N GLU A 110 -3.54 -3.01 10.90
CA GLU A 110 -3.62 -3.77 9.67
C GLU A 110 -2.31 -3.69 8.90
N LEU A 111 -1.67 -2.52 8.96
CA LEU A 111 -0.34 -2.33 8.40
C LEU A 111 0.68 -3.19 9.15
N ARG A 112 0.44 -3.38 10.44
CA ARG A 112 1.29 -4.22 11.27
C ARG A 112 1.31 -5.63 10.71
N GLN A 113 0.12 -6.14 10.41
CA GLN A 113 -0.01 -7.44 9.78
C GLN A 113 0.77 -7.49 8.48
N VAL A 114 0.64 -6.44 7.67
CA VAL A 114 1.29 -6.36 6.37
C VAL A 114 2.81 -6.40 6.50
N CYS A 115 3.36 -5.62 7.43
CA CYS A 115 4.81 -5.53 7.58
C CYS A 115 5.38 -6.86 8.09
N VAL A 116 4.53 -7.67 8.71
CA VAL A 116 4.92 -9.01 9.13
C VAL A 116 4.86 -9.96 7.94
N LYS A 117 3.87 -9.76 7.08
CA LYS A 117 3.68 -10.58 5.89
C LYS A 117 4.86 -10.47 4.94
N GLY A 118 5.56 -9.35 4.99
CA GLY A 118 6.74 -9.17 4.15
C GLY A 118 7.85 -10.13 4.51
N GLY A 119 7.95 -10.46 5.80
CA GLY A 119 8.98 -11.38 6.25
C GLY A 119 8.48 -12.80 6.29
N ALA A 120 7.26 -12.99 6.76
CA ALA A 120 6.67 -14.31 6.89
C ALA A 120 5.80 -14.63 5.68
N CYS A 121 6.25 -14.20 4.51
CA CYS A 121 5.49 -14.40 3.27
C CYS A 121 5.46 -15.87 2.85
N GLY A 122 6.45 -16.63 3.29
CA GLY A 122 6.50 -18.03 2.93
C GLY A 122 7.49 -18.83 3.75
N GLU A 123 7.00 -19.82 4.47
CA GLU A 123 7.84 -20.73 5.21
C GLU A 123 7.56 -22.16 4.78
N GLY A 124 8.07 -23.12 5.53
CA GLY A 124 7.90 -24.52 5.21
C GLY A 124 9.22 -25.22 5.15
N HIS A 125 10.29 -24.44 5.06
CA HIS A 125 11.65 -24.98 4.98
C HIS A 125 12.26 -25.08 6.37
N HIS A 126 11.44 -24.80 7.38
CA HIS A 126 11.79 -25.09 8.76
C HIS A 126 10.89 -26.19 9.29
N HIS A 127 11.35 -27.42 9.25
CA HIS A 127 10.53 -28.56 9.63
C HIS A 127 11.35 -29.66 10.27
N HIS A 128 10.89 -30.15 11.40
CA HIS A 128 11.48 -31.33 12.03
C HIS A 128 10.38 -32.32 12.37
N HIS A 129 9.27 -31.78 12.89
CA HIS A 129 8.09 -32.58 13.19
C HIS A 129 6.99 -32.27 12.18
N HIS A 130 6.18 -33.26 11.88
CA HIS A 130 4.98 -33.06 11.09
C HIS A 130 3.77 -33.57 11.87
N MET A 1 13.08 8.92 7.44
CA MET A 1 12.38 10.20 7.75
C MET A 1 12.23 11.01 6.47
N SER A 2 11.95 10.32 5.37
CA SER A 2 11.82 10.94 4.06
C SER A 2 10.94 10.08 3.17
N LEU A 3 9.68 9.91 3.59
CA LEU A 3 8.75 9.02 2.92
C LEU A 3 8.65 9.36 1.43
N ARG A 4 8.67 8.33 0.60
CA ARG A 4 8.76 8.52 -0.84
C ARG A 4 7.46 8.15 -1.54
N TRP A 5 6.92 9.11 -2.28
CA TRP A 5 5.71 8.92 -3.08
C TRP A 5 6.05 9.07 -4.56
N TYR A 6 5.89 7.99 -5.31
CA TYR A 6 6.13 8.01 -6.76
C TYR A 6 4.98 7.32 -7.47
N PRO A 7 4.81 7.56 -8.79
CA PRO A 7 3.76 6.89 -9.58
C PRO A 7 3.92 5.38 -9.54
N TYR A 8 2.89 4.67 -9.98
CA TYR A 8 2.89 3.21 -9.91
C TYR A 8 4.16 2.59 -10.52
N PRO A 9 4.54 2.96 -11.77
CA PRO A 9 5.73 2.41 -12.42
C PRO A 9 7.01 2.73 -11.66
N GLU A 10 7.14 3.99 -11.25
CA GLU A 10 8.33 4.45 -10.56
C GLU A 10 8.44 3.82 -9.18
N ALA A 11 7.32 3.69 -8.49
CA ALA A 11 7.29 3.07 -7.18
C ALA A 11 7.72 1.61 -7.24
N LEU A 12 7.20 0.88 -8.22
CA LEU A 12 7.56 -0.53 -8.37
C LEU A 12 9.04 -0.67 -8.67
N ALA A 13 9.58 0.27 -9.44
CA ALA A 13 10.97 0.22 -9.84
C ALA A 13 11.87 0.53 -8.66
N LEU A 14 11.44 1.44 -7.80
CA LEU A 14 12.20 1.75 -6.61
C LEU A 14 12.24 0.53 -5.71
N ALA A 15 11.10 -0.11 -5.54
CA ALA A 15 10.99 -1.31 -4.73
C ALA A 15 11.81 -2.44 -5.34
N GLN A 16 11.72 -2.57 -6.65
CA GLN A 16 12.44 -3.60 -7.38
C GLN A 16 13.95 -3.42 -7.28
N ALA A 17 14.40 -2.19 -7.44
CA ALA A 17 15.84 -1.92 -7.47
C ALA A 17 16.43 -1.82 -6.08
N HIS A 18 15.59 -1.68 -5.06
CA HIS A 18 16.08 -1.50 -3.70
C HIS A 18 15.62 -2.61 -2.77
N GLY A 19 14.91 -3.59 -3.32
CA GLY A 19 14.40 -4.69 -2.51
C GLY A 19 13.42 -4.22 -1.45
N ARG A 20 12.52 -3.34 -1.84
CA ARG A 20 11.56 -2.75 -0.92
C ARG A 20 10.16 -3.29 -1.14
N MET A 21 9.22 -2.78 -0.36
CA MET A 21 7.83 -3.19 -0.43
C MET A 21 7.03 -2.14 -1.20
N VAL A 22 5.82 -2.50 -1.63
CA VAL A 22 5.00 -1.58 -2.41
C VAL A 22 3.66 -1.32 -1.72
N MET A 23 3.26 -0.06 -1.66
CA MET A 23 1.93 0.29 -1.22
C MET A 23 1.27 1.20 -2.26
N VAL A 24 0.24 0.68 -2.90
CA VAL A 24 -0.47 1.42 -3.93
C VAL A 24 -1.56 2.28 -3.30
N TYR A 25 -1.35 3.58 -3.32
CA TYR A 25 -2.30 4.52 -2.75
C TYR A 25 -3.21 5.10 -3.83
N PHE A 26 -4.43 4.61 -3.89
CA PHE A 26 -5.40 5.09 -4.84
C PHE A 26 -6.07 6.36 -4.32
N HIS A 27 -5.91 7.44 -5.07
CA HIS A 27 -6.56 8.71 -4.77
C HIS A 27 -7.19 9.26 -6.03
N SER A 28 -8.30 9.94 -5.90
CA SER A 28 -8.99 10.51 -7.05
C SER A 28 -9.40 11.95 -6.75
N GLU A 29 -9.75 12.70 -7.78
CA GLU A 29 -10.20 14.07 -7.58
C GLU A 29 -11.70 14.10 -7.36
N HIS A 30 -12.37 13.01 -7.72
CA HIS A 30 -13.79 12.84 -7.42
C HIS A 30 -13.95 12.17 -6.06
N CYS A 31 -12.86 11.56 -5.59
CA CYS A 31 -12.84 10.89 -4.30
C CYS A 31 -12.01 11.69 -3.30
N PRO A 32 -12.61 12.69 -2.63
CA PRO A 32 -11.87 13.65 -1.81
C PRO A 32 -11.72 13.29 -0.34
N TYR A 33 -12.27 12.15 0.07
CA TYR A 33 -12.25 11.79 1.48
C TYR A 33 -10.85 11.31 1.92
N CYS A 34 -10.04 10.89 0.96
CA CYS A 34 -8.77 10.28 1.27
C CYS A 34 -7.74 11.31 1.76
N GLN A 35 -7.86 12.54 1.27
CA GLN A 35 -6.90 13.58 1.61
C GLN A 35 -7.00 13.96 3.08
N GLN A 36 -8.18 13.78 3.66
CA GLN A 36 -8.39 14.05 5.08
C GLN A 36 -7.55 13.09 5.92
N MET A 37 -7.67 11.80 5.61
CA MET A 37 -6.94 10.77 6.32
C MET A 37 -5.45 10.89 6.02
N ASN A 38 -5.14 11.13 4.75
CA ASN A 38 -3.77 11.22 4.28
C ASN A 38 -2.96 12.25 5.07
N THR A 39 -3.54 13.42 5.26
CA THR A 39 -2.85 14.52 5.93
C THR A 39 -2.47 14.17 7.36
N PHE A 40 -3.43 13.71 8.15
CA PHE A 40 -3.19 13.41 9.55
C PHE A 40 -2.74 11.96 9.77
N VAL A 41 -3.68 11.05 9.58
CA VAL A 41 -3.50 9.66 9.99
C VAL A 41 -2.38 8.97 9.23
N LEU A 42 -2.28 9.22 7.93
CA LEU A 42 -1.31 8.53 7.11
C LEU A 42 0.08 9.16 7.24
N SER A 43 0.11 10.46 7.49
CA SER A 43 1.38 11.17 7.64
C SER A 43 1.86 11.11 9.10
N ASP A 44 1.06 10.48 9.96
CA ASP A 44 1.45 10.22 11.35
C ASP A 44 2.86 9.65 11.42
N PRO A 45 3.70 10.21 12.30
CA PRO A 45 5.10 9.79 12.47
C PRO A 45 5.25 8.28 12.72
N GLY A 46 4.32 7.72 13.49
CA GLY A 46 4.42 6.30 13.82
C GLY A 46 4.06 5.42 12.64
N VAL A 47 3.00 5.79 11.95
CA VAL A 47 2.57 5.06 10.76
C VAL A 47 3.65 5.16 9.68
N SER A 48 4.05 6.40 9.41
CA SER A 48 5.06 6.68 8.40
C SER A 48 6.32 5.86 8.65
N ARG A 49 6.72 5.71 9.90
CA ARG A 49 7.92 4.95 10.24
C ARG A 49 7.83 3.50 9.78
N LEU A 50 6.63 2.94 9.73
CA LEU A 50 6.43 1.61 9.18
C LEU A 50 6.61 1.62 7.67
N LEU A 51 6.11 2.65 7.02
CA LEU A 51 6.29 2.78 5.58
C LEU A 51 7.76 3.08 5.25
N GLU A 52 8.36 3.98 6.02
CA GLU A 52 9.78 4.36 5.85
C GLU A 52 10.68 3.14 5.90
N ALA A 53 10.30 2.18 6.74
CA ALA A 53 11.13 1.01 7.01
C ALA A 53 11.39 0.19 5.75
N ARG A 54 10.34 -0.21 5.04
CA ARG A 54 10.53 -1.10 3.90
C ARG A 54 9.72 -0.69 2.67
N PHE A 55 8.78 0.24 2.81
CA PHE A 55 7.84 0.51 1.74
C PHE A 55 8.31 1.59 0.76
N VAL A 56 7.83 1.46 -0.46
CA VAL A 56 7.86 2.53 -1.45
C VAL A 56 6.41 2.89 -1.77
N VAL A 57 6.04 4.14 -1.57
CA VAL A 57 4.64 4.53 -1.72
C VAL A 57 4.33 4.89 -3.16
N ALA A 58 3.32 4.23 -3.70
CA ALA A 58 2.87 4.53 -5.05
C ALA A 58 1.68 5.47 -5.00
N SER A 59 1.84 6.66 -5.55
CA SER A 59 0.76 7.61 -5.60
C SER A 59 -0.01 7.44 -6.89
N VAL A 60 -1.15 6.77 -6.81
CA VAL A 60 -1.93 6.43 -7.99
C VAL A 60 -3.20 7.25 -8.06
N SER A 61 -3.34 8.03 -9.12
CA SER A 61 -4.48 8.90 -9.29
C SER A 61 -5.54 8.25 -10.19
N VAL A 62 -6.73 8.05 -9.63
CA VAL A 62 -7.84 7.44 -10.35
C VAL A 62 -8.52 8.49 -11.23
N ASP A 63 -7.76 8.94 -12.22
CA ASP A 63 -8.21 9.95 -13.17
C ASP A 63 -7.29 9.93 -14.38
N THR A 64 -6.03 9.64 -14.11
CA THR A 64 -5.02 9.49 -15.15
C THR A 64 -4.87 8.02 -15.53
N PRO A 65 -4.23 7.73 -16.68
CA PRO A 65 -4.21 6.39 -17.29
C PRO A 65 -3.79 5.28 -16.32
N GLU A 66 -2.62 5.42 -15.71
CA GLU A 66 -2.11 4.38 -14.82
C GLU A 66 -3.10 4.08 -13.68
N GLY A 67 -3.69 5.13 -13.12
CA GLY A 67 -4.70 4.93 -12.09
C GLY A 67 -5.98 4.38 -12.66
N GLN A 68 -6.28 4.78 -13.89
CA GLN A 68 -7.48 4.35 -14.58
C GLN A 68 -7.38 2.87 -14.96
N GLU A 69 -6.23 2.42 -15.44
CA GLU A 69 -6.06 1.04 -15.81
C GLU A 69 -5.94 0.16 -14.57
N LEU A 70 -5.34 0.69 -13.51
CA LEU A 70 -5.33 0.01 -12.24
C LEU A 70 -6.75 -0.15 -11.70
N ALA A 71 -7.59 0.84 -11.95
CA ALA A 71 -8.99 0.76 -11.56
C ALA A 71 -9.69 -0.35 -12.35
N ARG A 72 -9.25 -0.57 -13.58
CA ARG A 72 -9.76 -1.71 -14.37
C ARG A 72 -9.27 -3.02 -13.76
N ARG A 73 -8.01 -3.03 -13.37
CA ARG A 73 -7.36 -4.21 -12.83
C ARG A 73 -7.89 -4.57 -11.44
N TYR A 74 -7.77 -3.64 -10.51
CA TYR A 74 -8.15 -3.90 -9.13
C TYR A 74 -9.65 -3.72 -8.92
N ARG A 75 -10.28 -3.02 -9.88
CA ARG A 75 -11.72 -2.69 -9.83
C ARG A 75 -12.16 -2.20 -8.46
N VAL A 76 -11.76 -0.97 -8.14
CA VAL A 76 -12.05 -0.39 -6.83
C VAL A 76 -12.52 1.05 -6.94
N PRO A 77 -13.84 1.28 -6.85
CA PRO A 77 -14.41 2.61 -6.77
C PRO A 77 -14.65 3.06 -5.32
N GLY A 78 -14.19 4.26 -4.98
CA GLY A 78 -14.38 4.75 -3.62
C GLY A 78 -13.29 5.68 -3.19
N THR A 79 -12.12 5.13 -2.84
CA THR A 79 -10.99 5.92 -2.37
C THR A 79 -11.25 6.47 -0.95
N PRO A 80 -10.24 6.45 -0.06
CA PRO A 80 -8.90 5.95 -0.37
C PRO A 80 -8.84 4.45 -0.51
N THR A 81 -8.01 4.00 -1.44
CA THR A 81 -7.78 2.58 -1.62
C THR A 81 -6.30 2.26 -1.41
N PHE A 82 -6.03 1.37 -0.48
CA PHE A 82 -4.66 1.01 -0.18
C PHE A 82 -4.43 -0.44 -0.55
N VAL A 83 -3.63 -0.66 -1.57
CA VAL A 83 -3.30 -2.02 -1.97
C VAL A 83 -1.81 -2.25 -1.78
N PHE A 84 -1.47 -3.10 -0.82
CA PHE A 84 -0.09 -3.36 -0.52
C PHE A 84 0.39 -4.57 -1.30
N LEU A 85 1.58 -4.47 -1.88
CA LEU A 85 2.14 -5.55 -2.66
C LEU A 85 3.52 -5.93 -2.14
N VAL A 86 3.75 -7.22 -1.96
CA VAL A 86 5.04 -7.71 -1.50
C VAL A 86 5.78 -8.43 -2.62
N PRO A 87 6.98 -7.97 -2.97
CA PRO A 87 7.84 -8.72 -3.86
C PRO A 87 8.47 -9.90 -3.12
N LYS A 88 8.15 -11.11 -3.54
CA LYS A 88 8.67 -12.30 -2.89
C LYS A 88 9.10 -13.32 -3.92
N ALA A 89 10.35 -13.77 -3.79
CA ALA A 89 10.97 -14.71 -4.72
C ALA A 89 11.21 -14.06 -6.08
N GLY A 90 10.14 -13.81 -6.81
CA GLY A 90 10.25 -13.17 -8.10
C GLY A 90 8.91 -12.68 -8.62
N ALA A 91 7.97 -12.46 -7.71
CA ALA A 91 6.64 -12.03 -8.08
C ALA A 91 6.08 -11.04 -7.05
N TRP A 92 5.13 -10.23 -7.49
CA TRP A 92 4.47 -9.28 -6.61
C TRP A 92 3.20 -9.91 -6.02
N GLU A 93 3.13 -9.93 -4.71
CA GLU A 93 2.02 -10.56 -3.99
C GLU A 93 1.14 -9.50 -3.35
N GLU A 94 -0.12 -9.46 -3.77
CA GLU A 94 -1.09 -8.56 -3.17
C GLU A 94 -1.40 -9.01 -1.75
N VAL A 95 -0.76 -8.35 -0.80
CA VAL A 95 -0.80 -8.79 0.58
C VAL A 95 -2.08 -8.35 1.29
N GLY A 96 -2.67 -7.25 0.85
CA GLY A 96 -3.88 -6.78 1.49
C GLY A 96 -4.44 -5.53 0.86
N ARG A 97 -5.77 -5.36 0.97
CA ARG A 97 -6.44 -4.17 0.47
C ARG A 97 -7.16 -3.46 1.62
N LEU A 98 -6.90 -2.17 1.76
CA LEU A 98 -7.60 -1.36 2.75
C LEU A 98 -8.49 -0.36 2.01
N PHE A 99 -9.71 -0.18 2.50
CA PHE A 99 -10.65 0.70 1.86
C PHE A 99 -11.40 1.53 2.90
N GLY A 100 -11.68 2.79 2.57
CA GLY A 100 -12.47 3.63 3.44
C GLY A 100 -11.66 4.23 4.57
N SER A 101 -10.34 4.32 4.37
CA SER A 101 -9.42 4.85 5.37
C SER A 101 -9.32 3.92 6.58
N ARG A 102 -8.42 4.25 7.50
CA ARG A 102 -8.30 3.55 8.77
C ARG A 102 -7.83 4.54 9.83
N PRO A 103 -8.23 4.36 11.10
CA PRO A 103 -7.57 5.04 12.20
C PRO A 103 -6.12 4.59 12.25
N ARG A 104 -5.20 5.45 12.71
CA ARG A 104 -3.78 5.10 12.65
C ARG A 104 -3.51 3.83 13.44
N ALA A 105 -4.32 3.60 14.49
CA ALA A 105 -4.21 2.39 15.29
C ALA A 105 -4.50 1.16 14.43
N GLU A 106 -5.47 1.28 13.54
CA GLU A 106 -5.84 0.18 12.68
C GLU A 106 -4.88 0.07 11.52
N PHE A 107 -4.41 1.21 11.03
CA PHE A 107 -3.46 1.22 9.94
C PHE A 107 -2.16 0.54 10.40
N LEU A 108 -1.80 0.77 11.66
CA LEU A 108 -0.67 0.08 12.28
C LEU A 108 -0.94 -1.41 12.33
N LYS A 109 -2.17 -1.78 12.71
CA LYS A 109 -2.60 -3.18 12.70
C LYS A 109 -2.34 -3.83 11.35
N GLU A 110 -2.91 -3.22 10.31
CA GLU A 110 -2.81 -3.76 8.96
C GLU A 110 -1.35 -3.82 8.52
N LEU A 111 -0.58 -2.80 8.85
CA LEU A 111 0.84 -2.77 8.50
C LEU A 111 1.62 -3.85 9.26
N ARG A 112 1.07 -4.32 10.36
CA ARG A 112 1.65 -5.45 11.08
C ARG A 112 1.30 -6.74 10.37
N GLN A 113 0.04 -6.87 9.99
CA GLN A 113 -0.43 -8.02 9.23
C GLN A 113 0.33 -8.14 7.92
N VAL A 114 0.62 -7.00 7.31
CA VAL A 114 1.37 -6.96 6.06
C VAL A 114 2.85 -7.23 6.28
N CYS A 115 3.43 -6.72 7.36
CA CYS A 115 4.87 -6.93 7.61
C CYS A 115 5.16 -8.40 7.86
N VAL A 116 4.20 -9.10 8.44
CA VAL A 116 4.32 -10.54 8.67
C VAL A 116 4.22 -11.28 7.33
N LYS A 117 3.26 -10.87 6.50
CA LYS A 117 3.06 -11.46 5.19
C LYS A 117 4.21 -11.14 4.23
N GLY A 118 5.06 -10.21 4.64
CA GLY A 118 6.18 -9.83 3.81
C GLY A 118 7.25 -10.91 3.77
N GLY A 119 7.41 -11.63 4.89
CA GLY A 119 8.45 -12.63 4.96
C GLY A 119 8.00 -13.91 5.64
N ALA A 120 7.35 -13.78 6.80
CA ALA A 120 6.95 -14.93 7.59
C ALA A 120 5.57 -15.44 7.18
N CYS A 121 5.21 -15.18 5.93
CA CYS A 121 3.90 -15.55 5.40
C CYS A 121 3.76 -17.06 5.26
N GLY A 122 2.90 -17.64 6.08
CA GLY A 122 2.62 -19.07 5.98
C GLY A 122 3.72 -19.93 6.57
N GLU A 123 4.82 -20.06 5.84
CA GLU A 123 5.94 -20.95 6.21
C GLU A 123 5.52 -22.42 6.10
N GLY A 124 4.55 -22.80 6.91
CA GLY A 124 4.10 -24.18 6.95
C GLY A 124 3.76 -24.60 8.35
N HIS A 125 4.39 -23.96 9.33
CA HIS A 125 4.13 -24.25 10.73
C HIS A 125 3.80 -22.98 11.52
N HIS A 126 3.05 -22.08 10.89
CA HIS A 126 2.57 -20.89 11.58
C HIS A 126 1.06 -20.98 11.77
N HIS A 127 0.64 -21.67 12.83
CA HIS A 127 -0.77 -21.85 13.09
C HIS A 127 -1.02 -22.04 14.59
N HIS A 128 -1.03 -20.92 15.32
CA HIS A 128 -1.22 -20.88 16.78
C HIS A 128 0.02 -21.41 17.51
N HIS A 129 0.73 -22.33 16.88
CA HIS A 129 2.00 -22.81 17.40
C HIS A 129 2.93 -23.12 16.23
N HIS A 130 4.16 -23.46 16.53
CA HIS A 130 5.11 -23.85 15.50
C HIS A 130 5.27 -25.36 15.54
N MET A 1 14.06 6.35 4.10
CA MET A 1 14.95 7.53 4.01
C MET A 1 14.25 8.67 3.30
N SER A 2 13.46 9.42 4.08
CA SER A 2 12.54 10.42 3.55
C SER A 2 11.41 9.72 2.81
N LEU A 3 10.18 9.88 3.30
CA LEU A 3 9.05 9.10 2.80
C LEU A 3 8.90 9.26 1.29
N ARG A 4 8.98 8.15 0.58
CA ARG A 4 9.04 8.15 -0.87
C ARG A 4 7.68 7.92 -1.50
N TRP A 5 7.14 8.97 -2.10
CA TRP A 5 5.94 8.84 -2.92
C TRP A 5 6.32 8.98 -4.39
N TYR A 6 6.35 7.86 -5.10
CA TYR A 6 6.67 7.86 -6.52
C TYR A 6 5.46 7.39 -7.32
N PRO A 7 5.49 7.53 -8.65
CA PRO A 7 4.45 6.95 -9.50
C PRO A 7 4.55 5.44 -9.47
N TYR A 8 3.45 4.77 -9.82
CA TYR A 8 3.37 3.31 -9.75
C TYR A 8 4.61 2.62 -10.39
N PRO A 9 5.00 2.98 -11.64
CA PRO A 9 6.17 2.37 -12.29
C PRO A 9 7.46 2.51 -11.48
N GLU A 10 7.76 3.73 -11.03
CA GLU A 10 8.98 3.99 -10.27
C GLU A 10 8.91 3.25 -8.94
N ALA A 11 7.75 3.31 -8.29
CA ALA A 11 7.56 2.65 -7.01
C ALA A 11 7.88 1.17 -7.09
N LEU A 12 7.52 0.54 -8.20
CA LEU A 12 7.82 -0.88 -8.40
C LEU A 12 9.30 -1.07 -8.62
N ALA A 13 9.93 -0.14 -9.32
CA ALA A 13 11.36 -0.23 -9.61
C ALA A 13 12.17 -0.02 -8.35
N LEU A 14 11.76 0.97 -7.56
CA LEU A 14 12.37 1.25 -6.28
C LEU A 14 12.24 0.04 -5.37
N ALA A 15 11.07 -0.56 -5.34
CA ALA A 15 10.83 -1.75 -4.52
C ALA A 15 11.64 -2.92 -5.03
N GLN A 16 11.49 -3.23 -6.31
CA GLN A 16 12.12 -4.38 -6.93
C GLN A 16 13.65 -4.34 -6.81
N ALA A 17 14.23 -3.23 -7.23
CA ALA A 17 15.69 -3.12 -7.31
C ALA A 17 16.32 -2.95 -5.93
N HIS A 18 15.51 -2.65 -4.93
CA HIS A 18 16.04 -2.37 -3.60
C HIS A 18 15.54 -3.40 -2.59
N GLY A 19 14.73 -4.35 -3.05
CA GLY A 19 14.21 -5.39 -2.19
C GLY A 19 13.25 -4.87 -1.14
N ARG A 20 12.41 -3.92 -1.53
CA ARG A 20 11.40 -3.36 -0.64
C ARG A 20 9.99 -3.73 -1.08
N MET A 21 9.00 -3.28 -0.33
CA MET A 21 7.61 -3.60 -0.59
C MET A 21 6.92 -2.42 -1.27
N VAL A 22 5.81 -2.69 -1.96
CA VAL A 22 5.10 -1.66 -2.70
C VAL A 22 3.82 -1.27 -1.97
N MET A 23 3.74 -0.01 -1.61
CA MET A 23 2.53 0.55 -1.01
C MET A 23 1.74 1.29 -2.08
N VAL A 24 0.68 0.67 -2.57
CA VAL A 24 -0.13 1.27 -3.63
C VAL A 24 -1.30 2.01 -3.03
N TYR A 25 -1.23 3.33 -3.05
CA TYR A 25 -2.25 4.17 -2.44
C TYR A 25 -3.12 4.83 -3.49
N PHE A 26 -4.33 4.30 -3.66
CA PHE A 26 -5.30 4.87 -4.58
C PHE A 26 -6.02 6.04 -3.92
N HIS A 27 -5.82 7.22 -4.48
CA HIS A 27 -6.54 8.41 -4.01
C HIS A 27 -7.34 9.01 -5.17
N SER A 28 -8.35 9.79 -4.83
CA SER A 28 -9.20 10.40 -5.84
C SER A 28 -9.49 11.85 -5.46
N GLU A 29 -9.93 12.65 -6.42
CA GLU A 29 -10.31 14.04 -6.17
C GLU A 29 -11.51 14.09 -5.24
N HIS A 30 -12.62 13.51 -5.67
CA HIS A 30 -13.81 13.43 -4.82
C HIS A 30 -13.85 12.11 -4.07
N CYS A 31 -12.73 11.77 -3.45
CA CYS A 31 -12.66 10.62 -2.59
C CYS A 31 -13.32 10.94 -1.25
N PRO A 32 -13.91 9.93 -0.59
CA PRO A 32 -14.58 10.11 0.71
C PRO A 32 -13.67 10.66 1.82
N TYR A 33 -13.15 9.78 2.66
CA TYR A 33 -12.33 10.19 3.80
C TYR A 33 -10.86 10.31 3.42
N CYS A 34 -10.50 9.70 2.29
CA CYS A 34 -9.11 9.62 1.85
C CYS A 34 -8.43 10.98 1.82
N GLN A 35 -9.15 12.02 1.41
CA GLN A 35 -8.58 13.37 1.32
C GLN A 35 -8.02 13.84 2.67
N GLN A 36 -8.61 13.40 3.76
CA GLN A 36 -8.16 13.80 5.08
C GLN A 36 -6.94 13.00 5.49
N MET A 37 -7.03 11.68 5.33
CA MET A 37 -5.95 10.80 5.75
C MET A 37 -4.73 10.99 4.85
N ASN A 38 -4.96 11.29 3.58
CA ASN A 38 -3.88 11.57 2.64
C ASN A 38 -3.06 12.76 3.13
N THR A 39 -3.70 13.63 3.88
CA THR A 39 -3.05 14.81 4.40
C THR A 39 -2.46 14.56 5.79
N PHE A 40 -3.32 14.23 6.75
CA PHE A 40 -2.89 14.08 8.14
C PHE A 40 -2.48 12.64 8.48
N VAL A 41 -3.49 11.78 8.54
CA VAL A 41 -3.33 10.42 9.09
C VAL A 41 -2.18 9.64 8.46
N LEU A 42 -2.11 9.67 7.14
CA LEU A 42 -1.16 8.82 6.43
C LEU A 42 0.24 9.44 6.42
N SER A 43 0.30 10.75 6.67
CA SER A 43 1.57 11.46 6.67
C SER A 43 2.16 11.51 8.08
N ASP A 44 1.38 11.04 9.05
CA ASP A 44 1.83 10.91 10.44
C ASP A 44 3.21 10.26 10.53
N PRO A 45 4.09 10.82 11.38
CA PRO A 45 5.47 10.33 11.55
C PRO A 45 5.56 8.86 11.95
N GLY A 46 4.61 8.39 12.75
CA GLY A 46 4.64 7.01 13.21
C GLY A 46 4.13 6.05 12.17
N VAL A 47 3.32 6.56 11.27
CA VAL A 47 2.86 5.80 10.12
C VAL A 47 3.96 5.80 9.06
N SER A 48 4.54 6.97 8.87
CA SER A 48 5.62 7.15 7.90
C SER A 48 6.84 6.32 8.30
N ARG A 49 7.07 6.16 9.59
CA ARG A 49 8.24 5.41 10.05
C ARG A 49 8.12 3.92 9.71
N LEU A 50 6.89 3.45 9.55
CA LEU A 50 6.65 2.10 9.06
C LEU A 50 7.01 2.03 7.58
N LEU A 51 6.54 3.02 6.83
CA LEU A 51 6.83 3.11 5.40
C LEU A 51 8.33 3.29 5.15
N GLU A 52 8.93 4.17 5.96
CA GLU A 52 10.34 4.58 5.82
C GLU A 52 11.32 3.41 5.74
N ALA A 53 10.99 2.30 6.38
CA ALA A 53 11.92 1.21 6.51
C ALA A 53 11.94 0.30 5.29
N ARG A 54 10.78 -0.23 4.88
CA ARG A 54 10.76 -1.25 3.85
C ARG A 54 9.68 -1.03 2.80
N PHE A 55 9.06 0.14 2.78
CA PHE A 55 7.97 0.38 1.84
C PHE A 55 8.29 1.52 0.88
N VAL A 56 7.92 1.29 -0.38
CA VAL A 56 7.96 2.32 -1.39
C VAL A 56 6.53 2.71 -1.73
N VAL A 57 6.16 3.95 -1.47
CA VAL A 57 4.78 4.36 -1.63
C VAL A 57 4.52 4.85 -3.05
N ALA A 58 3.50 4.29 -3.68
CA ALA A 58 3.10 4.69 -5.01
C ALA A 58 1.91 5.65 -4.91
N SER A 59 2.11 6.87 -5.39
CA SER A 59 1.04 7.84 -5.43
C SER A 59 0.16 7.58 -6.64
N VAL A 60 -0.98 6.95 -6.43
CA VAL A 60 -1.86 6.59 -7.52
C VAL A 60 -3.08 7.50 -7.55
N SER A 61 -3.26 8.20 -8.65
CA SER A 61 -4.41 9.05 -8.80
C SER A 61 -5.45 8.37 -9.67
N VAL A 62 -6.55 7.95 -9.05
CA VAL A 62 -7.59 7.19 -9.75
C VAL A 62 -8.31 8.09 -10.77
N ASP A 63 -8.07 9.38 -10.65
CA ASP A 63 -8.71 10.38 -11.47
C ASP A 63 -8.04 10.47 -12.84
N THR A 64 -6.75 10.17 -12.86
CA THR A 64 -5.95 10.30 -14.07
C THR A 64 -5.65 8.94 -14.71
N PRO A 65 -5.18 8.92 -15.98
CA PRO A 65 -5.02 7.69 -16.79
C PRO A 65 -4.29 6.56 -16.08
N GLU A 66 -3.11 6.84 -15.54
CA GLU A 66 -2.33 5.80 -14.86
C GLU A 66 -3.10 5.20 -13.67
N GLY A 67 -3.82 6.03 -12.93
CA GLY A 67 -4.65 5.54 -11.85
C GLY A 67 -5.91 4.87 -12.37
N GLN A 68 -6.45 5.42 -13.45
CA GLN A 68 -7.59 4.85 -14.14
C GLN A 68 -7.24 3.46 -14.68
N GLU A 69 -6.00 3.34 -15.11
CA GLU A 69 -5.45 2.10 -15.62
C GLU A 69 -5.35 1.09 -14.49
N LEU A 70 -4.82 1.55 -13.36
CA LEU A 70 -4.73 0.71 -12.19
C LEU A 70 -6.12 0.39 -11.64
N ALA A 71 -7.06 1.32 -11.82
CA ALA A 71 -8.42 1.13 -11.38
C ALA A 71 -9.10 -0.01 -12.14
N ARG A 72 -8.75 -0.18 -13.41
CA ARG A 72 -9.30 -1.28 -14.19
C ARG A 72 -8.48 -2.55 -13.98
N ARG A 73 -7.19 -2.37 -13.68
CA ARG A 73 -6.31 -3.51 -13.39
C ARG A 73 -6.71 -4.17 -12.07
N TYR A 74 -6.85 -3.36 -11.02
CA TYR A 74 -7.23 -3.86 -9.71
C TYR A 74 -8.75 -3.98 -9.61
N ARG A 75 -9.45 -3.24 -10.47
CA ARG A 75 -10.91 -3.19 -10.45
C ARG A 75 -11.42 -2.73 -9.08
N VAL A 76 -11.07 -1.49 -8.72
CA VAL A 76 -11.46 -0.95 -7.41
C VAL A 76 -11.92 0.50 -7.52
N PRO A 77 -13.24 0.72 -7.50
CA PRO A 77 -13.82 2.06 -7.34
C PRO A 77 -14.19 2.33 -5.88
N GLY A 78 -13.74 3.45 -5.33
CA GLY A 78 -13.99 3.71 -3.92
C GLY A 78 -12.71 3.98 -3.17
N THR A 79 -12.53 5.23 -2.80
CA THR A 79 -11.34 5.66 -2.09
C THR A 79 -11.58 5.60 -0.58
N PRO A 80 -10.55 5.31 0.23
CA PRO A 80 -9.20 5.03 -0.23
C PRO A 80 -8.98 3.56 -0.54
N THR A 81 -8.04 3.28 -1.41
CA THR A 81 -7.68 1.89 -1.70
C THR A 81 -6.22 1.64 -1.36
N PHE A 82 -5.97 0.78 -0.39
CA PHE A 82 -4.62 0.45 0.02
C PHE A 82 -4.27 -0.95 -0.46
N VAL A 83 -3.35 -1.05 -1.40
CA VAL A 83 -2.93 -2.36 -1.90
C VAL A 83 -1.45 -2.56 -1.61
N PHE A 84 -1.10 -3.69 -1.02
CA PHE A 84 0.29 -3.95 -0.68
C PHE A 84 0.86 -5.07 -1.55
N LEU A 85 1.95 -4.76 -2.26
CA LEU A 85 2.59 -5.74 -3.12
C LEU A 85 3.97 -6.11 -2.57
N VAL A 86 4.25 -7.40 -2.49
CA VAL A 86 5.55 -7.86 -2.04
C VAL A 86 6.28 -8.58 -3.16
N PRO A 87 7.38 -8.03 -3.65
CA PRO A 87 8.24 -8.74 -4.57
C PRO A 87 9.10 -9.75 -3.83
N LYS A 88 8.90 -11.02 -4.14
CA LYS A 88 9.66 -12.08 -3.50
C LYS A 88 9.64 -13.33 -4.35
N ALA A 89 10.70 -14.12 -4.25
CA ALA A 89 10.90 -15.33 -5.07
C ALA A 89 11.19 -14.96 -6.52
N GLY A 90 10.22 -14.36 -7.18
CA GLY A 90 10.41 -13.92 -8.54
C GLY A 90 9.17 -13.28 -9.13
N ALA A 91 8.30 -12.77 -8.26
CA ALA A 91 7.05 -12.17 -8.71
C ALA A 91 6.51 -11.19 -7.67
N TRP A 92 5.47 -10.47 -8.05
CA TRP A 92 4.83 -9.52 -7.15
C TRP A 92 3.63 -10.16 -6.47
N GLU A 93 3.62 -10.11 -5.16
CA GLU A 93 2.52 -10.68 -4.40
C GLU A 93 1.58 -9.59 -3.89
N GLU A 94 0.37 -9.59 -4.42
CA GLU A 94 -0.69 -8.72 -3.93
C GLU A 94 -1.26 -9.33 -2.65
N VAL A 95 -0.79 -8.85 -1.50
CA VAL A 95 -1.09 -9.50 -0.22
C VAL A 95 -2.45 -9.10 0.32
N GLY A 96 -3.10 -8.16 -0.35
CA GLY A 96 -4.40 -7.74 0.09
C GLY A 96 -4.66 -6.26 -0.14
N ARG A 97 -5.91 -5.87 0.09
CA ARG A 97 -6.35 -4.51 -0.13
C ARG A 97 -7.17 -4.04 1.08
N LEU A 98 -6.94 -2.81 1.50
CA LEU A 98 -7.70 -2.23 2.59
C LEU A 98 -8.65 -1.16 2.05
N PHE A 99 -9.92 -1.28 2.41
CA PHE A 99 -10.94 -0.35 1.96
C PHE A 99 -11.88 0.00 3.11
N GLY A 100 -12.34 1.24 3.15
CA GLY A 100 -13.31 1.62 4.16
C GLY A 100 -12.90 2.83 4.97
N SER A 101 -11.69 3.34 4.71
CA SER A 101 -11.13 4.48 5.44
C SER A 101 -10.75 4.07 6.86
N ARG A 102 -9.51 4.38 7.25
CA ARG A 102 -9.00 3.93 8.53
C ARG A 102 -8.35 5.09 9.28
N PRO A 103 -8.72 5.29 10.55
CA PRO A 103 -8.00 6.21 11.44
C PRO A 103 -6.58 5.72 11.66
N ARG A 104 -5.72 6.58 12.20
CA ARG A 104 -4.31 6.24 12.38
C ARG A 104 -4.14 4.95 13.18
N ALA A 105 -4.90 4.81 14.26
CA ALA A 105 -4.82 3.63 15.11
C ALA A 105 -5.14 2.37 14.32
N GLU A 106 -6.15 2.45 13.45
CA GLU A 106 -6.56 1.32 12.65
C GLU A 106 -5.46 0.96 11.66
N PHE A 107 -5.06 1.96 10.88
CA PHE A 107 -4.07 1.77 9.83
C PHE A 107 -2.77 1.22 10.40
N LEU A 108 -2.34 1.76 11.55
CA LEU A 108 -1.12 1.31 12.19
C LEU A 108 -1.18 -0.18 12.53
N LYS A 109 -2.32 -0.62 13.05
CA LYS A 109 -2.48 -2.03 13.43
C LYS A 109 -2.40 -2.94 12.22
N GLU A 110 -3.15 -2.64 11.18
CA GLU A 110 -3.22 -3.51 10.01
C GLU A 110 -1.97 -3.40 9.15
N LEU A 111 -1.36 -2.20 9.09
CA LEU A 111 -0.10 -2.03 8.36
C LEU A 111 0.95 -2.95 8.98
N ARG A 112 0.98 -3.00 10.30
CA ARG A 112 1.92 -3.85 11.02
C ARG A 112 1.63 -5.33 10.76
N GLN A 113 0.36 -5.67 10.58
CA GLN A 113 0.00 -7.04 10.20
C GLN A 113 0.44 -7.33 8.77
N VAL A 114 0.34 -6.34 7.90
CA VAL A 114 0.80 -6.48 6.52
C VAL A 114 2.31 -6.69 6.48
N CYS A 115 3.02 -6.06 7.41
CA CYS A 115 4.46 -6.25 7.53
C CYS A 115 4.78 -7.73 7.74
N VAL A 116 3.92 -8.40 8.49
CA VAL A 116 4.07 -9.83 8.75
C VAL A 116 3.71 -10.63 7.51
N LYS A 117 2.69 -10.15 6.79
CA LYS A 117 2.19 -10.84 5.59
C LYS A 117 3.19 -10.79 4.45
N GLY A 118 4.24 -9.98 4.60
CA GLY A 118 5.28 -9.92 3.60
C GLY A 118 6.01 -11.24 3.49
N GLY A 119 6.28 -11.85 4.62
CA GLY A 119 6.90 -13.16 4.66
C GLY A 119 5.89 -14.24 4.92
N ALA A 120 5.16 -14.11 6.01
CA ALA A 120 4.08 -15.02 6.34
C ALA A 120 2.75 -14.43 5.89
N CYS A 121 2.40 -14.68 4.64
CA CYS A 121 1.24 -14.05 4.03
C CYS A 121 -0.07 -14.63 4.57
N GLY A 122 0.04 -15.74 5.30
CA GLY A 122 -1.15 -16.35 5.87
C GLY A 122 -0.92 -17.80 6.25
N GLU A 123 -1.09 -18.10 7.53
CA GLU A 123 -0.94 -19.46 8.02
C GLU A 123 -2.30 -20.15 8.11
N GLY A 124 -3.24 -19.48 8.78
CA GLY A 124 -4.57 -20.02 8.95
C GLY A 124 -5.38 -19.86 7.67
N HIS A 125 -5.35 -20.87 6.83
CA HIS A 125 -5.99 -20.81 5.52
C HIS A 125 -7.50 -21.08 5.60
N HIS A 126 -8.06 -20.92 6.79
CA HIS A 126 -9.50 -21.09 6.99
C HIS A 126 -9.87 -20.81 8.45
N HIS A 127 -8.95 -21.08 9.36
CA HIS A 127 -9.18 -20.79 10.77
C HIS A 127 -7.85 -20.82 11.53
N HIS A 128 -7.71 -19.92 12.49
CA HIS A 128 -6.53 -19.87 13.35
C HIS A 128 -6.86 -19.12 14.63
N HIS A 129 -6.46 -19.69 15.76
CA HIS A 129 -6.83 -19.14 17.06
C HIS A 129 -5.73 -19.43 18.08
N HIS A 130 -5.57 -18.52 19.04
CA HIS A 130 -4.61 -18.70 20.11
C HIS A 130 -5.30 -18.56 21.46
N MET A 1 8.44 11.12 7.38
CA MET A 1 9.54 12.12 7.48
C MET A 1 10.20 12.30 6.11
N SER A 2 10.74 11.21 5.58
CA SER A 2 11.41 11.22 4.28
C SER A 2 10.76 10.19 3.37
N LEU A 3 9.51 9.84 3.72
CA LEU A 3 8.75 8.81 3.03
C LEU A 3 8.67 9.11 1.54
N ARG A 4 8.94 8.09 0.74
CA ARG A 4 9.11 8.26 -0.69
C ARG A 4 7.88 7.79 -1.45
N TRP A 5 7.23 8.74 -2.14
CA TRP A 5 6.08 8.43 -2.98
C TRP A 5 6.47 8.57 -4.45
N TYR A 6 6.22 7.53 -5.23
CA TYR A 6 6.47 7.57 -6.67
C TYR A 6 5.26 7.09 -7.46
N PRO A 7 5.28 7.25 -8.79
CA PRO A 7 4.26 6.68 -9.67
C PRO A 7 4.38 5.17 -9.72
N TYR A 8 3.36 4.50 -10.25
CA TYR A 8 3.31 3.02 -10.27
C TYR A 8 4.64 2.38 -10.71
N PRO A 9 5.22 2.76 -11.89
CA PRO A 9 6.45 2.13 -12.38
C PRO A 9 7.63 2.28 -11.42
N GLU A 10 7.90 3.52 -11.00
CA GLU A 10 9.06 3.81 -10.15
C GLU A 10 8.88 3.16 -8.78
N ALA A 11 7.64 3.15 -8.28
CA ALA A 11 7.35 2.55 -6.99
C ALA A 11 7.74 1.08 -6.97
N LEU A 12 7.41 0.37 -8.04
CA LEU A 12 7.76 -1.04 -8.16
C LEU A 12 9.26 -1.20 -8.35
N ALA A 13 9.90 -0.24 -9.01
CA ALA A 13 11.32 -0.31 -9.28
C ALA A 13 12.13 -0.01 -8.02
N LEU A 14 11.75 1.05 -7.31
CA LEU A 14 12.43 1.43 -6.08
C LEU A 14 12.36 0.29 -5.07
N ALA A 15 11.16 -0.27 -4.92
CA ALA A 15 10.97 -1.38 -3.99
C ALA A 15 11.80 -2.58 -4.42
N GLN A 16 11.75 -2.88 -5.71
CA GLN A 16 12.52 -3.99 -6.27
C GLN A 16 14.02 -3.81 -6.06
N ALA A 17 14.51 -2.60 -6.32
CA ALA A 17 15.94 -2.31 -6.24
C ALA A 17 16.42 -2.15 -4.80
N HIS A 18 15.50 -1.99 -3.87
CA HIS A 18 15.87 -1.77 -2.48
C HIS A 18 15.35 -2.89 -1.57
N GLY A 19 14.76 -3.91 -2.18
CA GLY A 19 14.23 -5.03 -1.41
C GLY A 19 13.13 -4.61 -0.45
N ARG A 20 12.30 -3.67 -0.90
CA ARG A 20 11.18 -3.20 -0.11
C ARG A 20 9.87 -3.71 -0.70
N MET A 21 8.76 -3.43 -0.03
CA MET A 21 7.46 -3.78 -0.57
C MET A 21 6.78 -2.54 -1.15
N VAL A 22 5.77 -2.75 -1.96
CA VAL A 22 5.11 -1.65 -2.66
C VAL A 22 3.75 -1.36 -2.04
N MET A 23 3.57 -0.14 -1.57
CA MET A 23 2.28 0.31 -1.10
C MET A 23 1.58 1.06 -2.21
N VAL A 24 0.62 0.42 -2.85
CA VAL A 24 -0.11 1.03 -3.94
C VAL A 24 -1.29 1.81 -3.36
N TYR A 25 -1.14 3.11 -3.27
CA TYR A 25 -2.17 3.95 -2.69
C TYR A 25 -3.09 4.46 -3.77
N PHE A 26 -4.26 3.86 -3.85
CA PHE A 26 -5.26 4.26 -4.82
C PHE A 26 -6.04 5.45 -4.31
N HIS A 27 -5.85 6.59 -4.97
CA HIS A 27 -6.56 7.80 -4.62
C HIS A 27 -7.16 8.43 -5.86
N SER A 28 -8.38 8.91 -5.74
CA SER A 28 -8.91 9.81 -6.73
C SER A 28 -8.65 11.23 -6.26
N GLU A 29 -8.56 12.16 -7.18
CA GLU A 29 -8.43 13.56 -6.81
C GLU A 29 -9.81 14.13 -6.60
N HIS A 30 -10.79 13.37 -7.03
CA HIS A 30 -12.18 13.68 -6.77
C HIS A 30 -12.73 12.75 -5.69
N CYS A 31 -11.82 12.21 -4.87
CA CYS A 31 -12.19 11.26 -3.83
C CYS A 31 -12.92 11.94 -2.68
N PRO A 32 -13.64 11.18 -1.84
CA PRO A 32 -14.41 11.74 -0.74
C PRO A 32 -13.61 11.99 0.54
N TYR A 33 -13.81 11.13 1.54
CA TYR A 33 -13.27 11.35 2.88
C TYR A 33 -11.76 11.20 2.94
N CYS A 34 -11.19 10.56 1.92
CA CYS A 34 -9.74 10.32 1.87
C CYS A 34 -8.94 11.60 2.00
N GLN A 35 -9.49 12.71 1.53
CA GLN A 35 -8.80 14.01 1.58
C GLN A 35 -8.36 14.36 3.00
N GLN A 36 -9.14 13.92 3.99
CA GLN A 36 -8.81 14.20 5.38
C GLN A 36 -7.76 13.22 5.90
N MET A 37 -8.03 11.94 5.70
CA MET A 37 -7.16 10.87 6.22
C MET A 37 -5.76 10.96 5.61
N ASN A 38 -5.73 11.10 4.29
CA ASN A 38 -4.47 11.17 3.55
C ASN A 38 -3.57 12.30 4.08
N THR A 39 -4.17 13.44 4.34
CA THR A 39 -3.44 14.61 4.78
C THR A 39 -2.87 14.42 6.20
N PHE A 40 -3.73 14.11 7.15
CA PHE A 40 -3.32 14.00 8.54
C PHE A 40 -2.90 12.58 8.90
N VAL A 41 -3.90 11.69 8.97
CA VAL A 41 -3.73 10.34 9.51
C VAL A 41 -2.64 9.55 8.80
N LEU A 42 -2.56 9.68 7.49
CA LEU A 42 -1.61 8.90 6.71
C LEU A 42 -0.20 9.50 6.79
N SER A 43 -0.15 10.82 6.97
CA SER A 43 1.13 11.51 7.05
C SER A 43 1.65 11.52 8.50
N ASP A 44 0.85 10.95 9.39
CA ASP A 44 1.23 10.77 10.80
C ASP A 44 2.65 10.24 10.95
N PRO A 45 3.46 10.89 11.81
CA PRO A 45 4.86 10.52 12.03
C PRO A 45 5.04 9.05 12.44
N GLY A 46 4.11 8.53 13.22
CA GLY A 46 4.23 7.17 13.69
C GLY A 46 3.91 6.17 12.62
N VAL A 47 2.91 6.47 11.81
CA VAL A 47 2.56 5.66 10.65
C VAL A 47 3.70 5.71 9.64
N SER A 48 4.20 6.92 9.42
CA SER A 48 5.31 7.17 8.53
C SER A 48 6.47 6.21 8.85
N ARG A 49 6.80 6.08 10.13
CA ARG A 49 7.88 5.21 10.59
C ARG A 49 7.78 3.80 10.00
N LEU A 50 6.56 3.27 9.91
CA LEU A 50 6.35 1.92 9.41
C LEU A 50 6.56 1.84 7.90
N LEU A 51 5.97 2.77 7.17
CA LEU A 51 6.12 2.79 5.72
C LEU A 51 7.54 3.17 5.32
N GLU A 52 8.12 4.07 6.11
CA GLU A 52 9.46 4.62 5.89
C GLU A 52 10.50 3.54 5.63
N ALA A 53 10.49 2.52 6.48
CA ALA A 53 11.59 1.56 6.52
C ALA A 53 11.57 0.55 5.37
N ARG A 54 10.40 0.02 5.03
CA ARG A 54 10.36 -1.11 4.10
C ARG A 54 9.28 -0.98 3.02
N PHE A 55 8.77 0.22 2.80
CA PHE A 55 7.73 0.41 1.79
C PHE A 55 8.07 1.55 0.85
N VAL A 56 7.80 1.32 -0.42
CA VAL A 56 7.83 2.38 -1.42
C VAL A 56 6.39 2.69 -1.81
N VAL A 57 5.94 3.90 -1.55
CA VAL A 57 4.55 4.23 -1.73
C VAL A 57 4.29 4.69 -3.17
N ALA A 58 3.33 4.04 -3.80
CA ALA A 58 2.92 4.40 -5.13
C ALA A 58 1.73 5.33 -5.08
N SER A 59 1.89 6.54 -5.58
CA SER A 59 0.81 7.48 -5.63
C SER A 59 0.02 7.27 -6.91
N VAL A 60 -1.12 6.60 -6.80
CA VAL A 60 -1.93 6.29 -7.96
C VAL A 60 -3.15 7.21 -8.03
N SER A 61 -3.18 8.06 -9.04
CA SER A 61 -4.29 8.95 -9.26
C SER A 61 -5.33 8.30 -10.18
N VAL A 62 -6.51 8.03 -9.62
CA VAL A 62 -7.54 7.30 -10.33
C VAL A 62 -8.22 8.15 -11.41
N ASP A 63 -8.08 9.47 -11.30
CA ASP A 63 -8.71 10.38 -12.25
C ASP A 63 -7.88 10.53 -13.53
N THR A 64 -6.68 9.97 -13.55
CA THR A 64 -5.83 10.05 -14.72
C THR A 64 -5.67 8.67 -15.37
N PRO A 65 -5.35 8.63 -16.69
CA PRO A 65 -5.41 7.40 -17.52
C PRO A 65 -4.71 6.19 -16.92
N GLU A 66 -3.43 6.32 -16.60
CA GLU A 66 -2.67 5.21 -16.03
C GLU A 66 -3.29 4.72 -14.72
N GLY A 67 -3.83 5.65 -13.93
CA GLY A 67 -4.55 5.28 -12.73
C GLY A 67 -5.93 4.74 -13.03
N GLN A 68 -6.53 5.27 -14.09
CA GLN A 68 -7.83 4.81 -14.58
C GLN A 68 -7.75 3.35 -15.01
N GLU A 69 -6.67 3.00 -15.71
CA GLU A 69 -6.44 1.61 -16.10
C GLU A 69 -6.22 0.74 -14.86
N LEU A 70 -5.46 1.27 -13.91
CA LEU A 70 -5.26 0.57 -12.64
C LEU A 70 -6.59 0.41 -11.89
N ALA A 71 -7.47 1.40 -12.02
CA ALA A 71 -8.77 1.39 -11.37
C ALA A 71 -9.64 0.24 -11.87
N ARG A 72 -9.57 -0.05 -13.16
CA ARG A 72 -10.30 -1.17 -13.72
C ARG A 72 -9.52 -2.47 -13.57
N ARG A 73 -8.20 -2.36 -13.53
CA ARG A 73 -7.32 -3.51 -13.40
C ARG A 73 -7.43 -4.14 -12.01
N TYR A 74 -7.30 -3.32 -10.97
CA TYR A 74 -7.37 -3.82 -9.60
C TYR A 74 -8.76 -3.61 -9.02
N ARG A 75 -9.64 -3.03 -9.84
CA ARG A 75 -11.03 -2.76 -9.46
C ARG A 75 -11.09 -1.95 -8.17
N VAL A 76 -10.82 -0.66 -8.27
CA VAL A 76 -10.76 0.20 -7.10
C VAL A 76 -11.63 1.45 -7.25
N PRO A 77 -12.94 1.32 -6.96
CA PRO A 77 -13.85 2.45 -6.86
C PRO A 77 -14.14 2.81 -5.39
N GLY A 78 -13.55 3.91 -4.91
CA GLY A 78 -13.72 4.26 -3.52
C GLY A 78 -12.41 4.52 -2.81
N THR A 79 -11.98 5.76 -2.83
CA THR A 79 -10.76 6.16 -2.16
C THR A 79 -11.03 6.40 -0.67
N PRO A 80 -10.08 6.05 0.23
CA PRO A 80 -8.80 5.45 -0.14
C PRO A 80 -8.84 3.92 -0.21
N THR A 81 -7.99 3.36 -1.06
CA THR A 81 -7.78 1.92 -1.09
C THR A 81 -6.29 1.61 -0.98
N PHE A 82 -5.95 0.73 -0.06
CA PHE A 82 -4.55 0.40 0.21
C PHE A 82 -4.25 -1.01 -0.27
N VAL A 83 -3.39 -1.12 -1.28
CA VAL A 83 -2.99 -2.42 -1.79
C VAL A 83 -1.48 -2.60 -1.61
N PHE A 84 -1.08 -3.72 -1.03
CA PHE A 84 0.33 -3.96 -0.74
C PHE A 84 0.86 -5.10 -1.59
N LEU A 85 1.90 -4.82 -2.38
CA LEU A 85 2.48 -5.81 -3.26
C LEU A 85 3.87 -6.21 -2.78
N VAL A 86 4.13 -7.50 -2.80
CA VAL A 86 5.42 -8.04 -2.37
C VAL A 86 6.22 -8.55 -3.56
N PRO A 87 7.51 -8.22 -3.65
CA PRO A 87 8.42 -8.79 -4.63
C PRO A 87 8.88 -10.17 -4.19
N LYS A 88 8.55 -11.18 -4.97
CA LYS A 88 8.91 -12.54 -4.62
C LYS A 88 9.49 -13.24 -5.84
N ALA A 89 10.36 -14.22 -5.60
CA ALA A 89 10.99 -14.98 -6.67
C ALA A 89 9.95 -15.58 -7.61
N GLY A 90 9.67 -14.85 -8.66
CA GLY A 90 8.71 -15.29 -9.66
C GLY A 90 7.93 -14.14 -10.24
N ALA A 91 7.42 -13.27 -9.39
CA ALA A 91 6.57 -12.15 -9.82
C ALA A 91 6.19 -11.27 -8.63
N TRP A 92 5.23 -10.38 -8.84
CA TRP A 92 4.73 -9.52 -7.79
C TRP A 92 3.44 -10.11 -7.22
N GLU A 93 3.29 -10.03 -5.91
CA GLU A 93 2.16 -10.64 -5.23
C GLU A 93 1.39 -9.62 -4.40
N GLU A 94 0.08 -9.58 -4.59
CA GLU A 94 -0.79 -8.75 -3.78
C GLU A 94 -1.05 -9.44 -2.46
N VAL A 95 -0.47 -8.92 -1.39
CA VAL A 95 -0.46 -9.62 -0.11
C VAL A 95 -1.45 -9.02 0.88
N GLY A 96 -1.97 -7.83 0.58
CA GLY A 96 -2.84 -7.16 1.52
C GLY A 96 -3.81 -6.20 0.86
N ARG A 97 -5.04 -6.19 1.38
CA ARG A 97 -6.07 -5.27 0.92
C ARG A 97 -6.65 -4.51 2.12
N LEU A 98 -6.66 -3.20 2.03
CA LEU A 98 -7.27 -2.37 3.06
C LEU A 98 -8.18 -1.33 2.42
N PHE A 99 -9.36 -1.15 2.98
CA PHE A 99 -10.32 -0.19 2.47
C PHE A 99 -10.97 0.58 3.61
N GLY A 100 -11.22 1.86 3.39
CA GLY A 100 -11.93 2.67 4.36
C GLY A 100 -11.01 3.57 5.15
N SER A 101 -11.46 4.80 5.38
CA SER A 101 -10.70 5.76 6.17
C SER A 101 -10.83 5.42 7.65
N ARG A 102 -9.70 5.25 8.31
CA ARG A 102 -9.70 4.88 9.72
C ARG A 102 -8.56 5.61 10.43
N PRO A 103 -8.62 5.73 11.78
CA PRO A 103 -7.56 6.35 12.57
C PRO A 103 -6.23 5.63 12.42
N ARG A 104 -5.14 6.31 12.75
CA ARG A 104 -3.80 5.73 12.57
C ARG A 104 -3.65 4.43 13.35
N ALA A 105 -4.37 4.31 14.46
CA ALA A 105 -4.32 3.11 15.28
C ALA A 105 -4.73 1.89 14.47
N GLU A 106 -5.81 2.04 13.71
CA GLU A 106 -6.31 0.99 12.83
C GLU A 106 -5.30 0.68 11.74
N PHE A 107 -4.78 1.73 11.12
CA PHE A 107 -3.83 1.58 10.04
C PHE A 107 -2.56 0.90 10.53
N LEU A 108 -2.05 1.36 11.67
CA LEU A 108 -0.85 0.79 12.28
C LEU A 108 -1.03 -0.70 12.55
N LYS A 109 -2.23 -1.08 12.97
CA LYS A 109 -2.55 -2.48 13.24
C LYS A 109 -2.33 -3.35 12.00
N GLU A 110 -3.10 -3.06 10.95
CA GLU A 110 -3.05 -3.88 9.74
C GLU A 110 -1.72 -3.69 9.00
N LEU A 111 -1.19 -2.47 9.03
CA LEU A 111 0.09 -2.19 8.38
C LEU A 111 1.19 -3.02 9.04
N ARG A 112 1.10 -3.15 10.36
CA ARG A 112 2.01 -4.00 11.12
C ARG A 112 1.94 -5.43 10.61
N GLN A 113 0.72 -5.94 10.45
CA GLN A 113 0.52 -7.30 9.98
C GLN A 113 1.02 -7.48 8.55
N VAL A 114 0.85 -6.45 7.73
CA VAL A 114 1.38 -6.48 6.37
C VAL A 114 2.89 -6.60 6.38
N CYS A 115 3.54 -5.93 7.34
CA CYS A 115 4.98 -6.02 7.51
C CYS A 115 5.41 -7.46 7.79
N VAL A 116 4.56 -8.18 8.52
CA VAL A 116 4.84 -9.56 8.89
C VAL A 116 4.61 -10.51 7.70
N LYS A 117 3.65 -10.16 6.86
CA LYS A 117 3.28 -11.02 5.73
C LYS A 117 4.39 -11.09 4.69
N GLY A 118 5.42 -10.27 4.82
CA GLY A 118 6.52 -10.33 3.89
C GLY A 118 7.47 -11.47 4.18
N GLY A 119 7.25 -12.14 5.32
CA GLY A 119 8.09 -13.26 5.69
C GLY A 119 7.40 -14.60 5.45
N ALA A 120 6.30 -14.57 4.70
CA ALA A 120 5.54 -15.77 4.40
C ALA A 120 4.72 -15.55 3.14
N CYS A 121 3.89 -14.52 3.17
CA CYS A 121 3.10 -14.07 2.01
C CYS A 121 1.93 -15.00 1.73
N GLY A 122 2.21 -16.27 1.52
CA GLY A 122 1.17 -17.25 1.30
C GLY A 122 1.06 -18.21 2.46
N GLU A 123 0.81 -17.66 3.64
CA GLU A 123 0.85 -18.44 4.87
C GLU A 123 -0.51 -19.08 5.19
N GLY A 124 -0.59 -20.40 4.95
CA GLY A 124 -1.74 -21.19 5.37
C GLY A 124 -3.06 -20.72 4.77
N HIS A 125 -3.16 -20.74 3.45
CA HIS A 125 -4.39 -20.32 2.80
C HIS A 125 -5.00 -21.45 1.99
N HIS A 126 -5.91 -22.19 2.62
CA HIS A 126 -6.64 -23.24 1.94
C HIS A 126 -8.14 -23.08 2.21
N HIS A 127 -8.89 -22.79 1.15
CA HIS A 127 -10.32 -22.52 1.25
C HIS A 127 -10.59 -21.30 2.13
N HIS A 128 -10.80 -21.56 3.42
CA HIS A 128 -11.07 -20.52 4.42
C HIS A 128 -11.40 -21.18 5.75
N HIS A 129 -11.79 -20.39 6.74
CA HIS A 129 -12.16 -20.95 8.03
C HIS A 129 -13.61 -20.59 8.38
N HIS A 130 -14.28 -21.53 9.04
CA HIS A 130 -15.55 -21.27 9.65
C HIS A 130 -15.52 -21.74 11.09
N MET A 1 9.96 14.67 1.79
CA MET A 1 8.72 15.27 2.32
C MET A 1 8.44 14.72 3.72
N SER A 2 7.82 13.55 3.79
CA SER A 2 7.51 12.89 5.04
C SER A 2 7.39 11.39 4.84
N LEU A 3 6.89 11.03 3.66
CA LEU A 3 6.77 9.64 3.27
C LEU A 3 7.28 9.46 1.83
N ARG A 4 7.70 8.25 1.47
CA ARG A 4 8.15 7.98 0.11
C ARG A 4 6.97 7.78 -0.83
N TRP A 5 6.64 8.79 -1.62
CA TRP A 5 5.60 8.66 -2.63
C TRP A 5 6.22 8.61 -4.02
N TYR A 6 6.25 7.42 -4.60
CA TYR A 6 6.76 7.22 -5.94
C TYR A 6 5.60 6.79 -6.85
N PRO A 7 5.59 7.20 -8.12
CA PRO A 7 4.58 6.73 -9.07
C PRO A 7 4.61 5.21 -9.22
N TYR A 8 3.59 4.66 -9.84
CA TYR A 8 3.46 3.20 -9.99
C TYR A 8 4.77 2.55 -10.51
N PRO A 9 5.37 3.06 -11.62
CA PRO A 9 6.62 2.49 -12.15
C PRO A 9 7.76 2.56 -11.13
N GLU A 10 8.03 3.77 -10.65
CA GLU A 10 9.06 4.01 -9.66
C GLU A 10 8.88 3.15 -8.41
N ALA A 11 7.65 3.06 -7.93
CA ALA A 11 7.36 2.31 -6.72
C ALA A 11 7.75 0.84 -6.88
N LEU A 12 7.34 0.25 -8.00
CA LEU A 12 7.66 -1.15 -8.27
C LEU A 12 9.16 -1.36 -8.43
N ALA A 13 9.83 -0.42 -9.09
CA ALA A 13 11.26 -0.55 -9.32
C ALA A 13 12.04 -0.26 -8.05
N LEU A 14 11.54 0.69 -7.27
CA LEU A 14 12.13 1.04 -5.99
C LEU A 14 12.11 -0.16 -5.07
N ALA A 15 10.94 -0.78 -4.96
CA ALA A 15 10.77 -1.95 -4.10
C ALA A 15 11.53 -3.15 -4.65
N GLN A 16 11.39 -3.39 -5.95
CA GLN A 16 12.01 -4.53 -6.60
C GLN A 16 13.54 -4.50 -6.48
N ALA A 17 14.13 -3.36 -6.78
CA ALA A 17 15.58 -3.25 -6.80
C ALA A 17 16.17 -3.08 -5.41
N HIS A 18 15.32 -2.79 -4.44
CA HIS A 18 15.79 -2.53 -3.08
C HIS A 18 15.25 -3.56 -2.09
N GLY A 19 14.55 -4.56 -2.61
CA GLY A 19 13.99 -5.60 -1.76
C GLY A 19 12.99 -5.06 -0.73
N ARG A 20 12.14 -4.14 -1.18
CA ARG A 20 11.11 -3.57 -0.32
C ARG A 20 9.73 -4.07 -0.75
N MET A 21 8.71 -3.61 -0.04
CA MET A 21 7.33 -3.96 -0.37
C MET A 21 6.67 -2.78 -1.09
N VAL A 22 5.64 -3.07 -1.88
CA VAL A 22 4.97 -2.05 -2.66
C VAL A 22 3.62 -1.71 -2.04
N MET A 23 3.40 -0.44 -1.74
CA MET A 23 2.10 0.02 -1.29
C MET A 23 1.44 0.83 -2.39
N VAL A 24 0.49 0.23 -3.08
CA VAL A 24 -0.22 0.92 -4.14
C VAL A 24 -1.36 1.74 -3.54
N TYR A 25 -1.17 3.05 -3.50
CA TYR A 25 -2.15 3.94 -2.90
C TYR A 25 -3.01 4.58 -3.98
N PHE A 26 -4.23 4.08 -4.12
CA PHE A 26 -5.18 4.66 -5.05
C PHE A 26 -5.85 5.87 -4.42
N HIS A 27 -5.62 7.03 -5.00
CA HIS A 27 -6.20 8.27 -4.50
C HIS A 27 -7.07 8.91 -5.58
N SER A 28 -8.10 9.63 -5.15
CA SER A 28 -8.92 10.41 -6.06
C SER A 28 -9.34 11.70 -5.37
N GLU A 29 -9.50 12.76 -6.15
CA GLU A 29 -9.98 14.03 -5.64
C GLU A 29 -11.51 14.06 -5.68
N HIS A 30 -12.08 13.30 -6.61
CA HIS A 30 -13.53 13.17 -6.71
C HIS A 30 -14.06 12.31 -5.58
N CYS A 31 -13.18 11.50 -5.00
CA CYS A 31 -13.51 10.69 -3.85
C CYS A 31 -12.90 11.32 -2.60
N PRO A 32 -13.67 12.15 -1.87
CA PRO A 32 -13.14 12.95 -0.74
C PRO A 32 -12.94 12.14 0.53
N TYR A 33 -12.79 10.83 0.39
CA TYR A 33 -12.70 9.94 1.54
C TYR A 33 -11.25 9.83 2.04
N CYS A 34 -10.29 9.98 1.13
CA CYS A 34 -8.89 9.80 1.48
C CYS A 34 -8.28 11.04 2.11
N GLN A 35 -8.76 12.21 1.68
CA GLN A 35 -8.11 13.49 2.01
C GLN A 35 -7.96 13.69 3.52
N GLN A 36 -8.93 13.20 4.29
CA GLN A 36 -8.87 13.35 5.75
C GLN A 36 -7.75 12.51 6.33
N MET A 37 -7.68 11.25 5.91
CA MET A 37 -6.69 10.32 6.44
C MET A 37 -5.30 10.61 5.89
N ASN A 38 -5.24 10.85 4.58
CA ASN A 38 -3.98 11.04 3.88
C ASN A 38 -3.16 12.18 4.47
N THR A 39 -3.82 13.30 4.72
CA THR A 39 -3.15 14.49 5.22
C THR A 39 -2.56 14.26 6.61
N PHE A 40 -3.40 13.87 7.56
CA PHE A 40 -2.96 13.71 8.95
C PHE A 40 -2.46 12.30 9.23
N VAL A 41 -3.39 11.36 9.25
CA VAL A 41 -3.14 10.00 9.72
C VAL A 41 -2.01 9.32 8.96
N LEU A 42 -1.96 9.49 7.65
CA LEU A 42 -1.01 8.76 6.83
C LEU A 42 0.38 9.43 6.87
N SER A 43 0.39 10.74 7.10
CA SER A 43 1.65 11.47 7.18
C SER A 43 2.14 11.53 8.62
N ASP A 44 1.38 10.92 9.52
CA ASP A 44 1.78 10.76 10.92
C ASP A 44 3.18 10.16 11.02
N PRO A 45 4.03 10.74 11.89
CA PRO A 45 5.42 10.30 12.07
C PRO A 45 5.56 8.80 12.34
N GLY A 46 4.66 8.24 13.14
CA GLY A 46 4.74 6.83 13.48
C GLY A 46 4.30 5.95 12.34
N VAL A 47 3.18 6.29 11.74
CA VAL A 47 2.67 5.56 10.59
C VAL A 47 3.69 5.58 9.46
N SER A 48 4.17 6.77 9.12
CA SER A 48 5.13 6.94 8.06
C SER A 48 6.41 6.16 8.34
N ARG A 49 6.84 6.12 9.59
CA ARG A 49 8.10 5.46 9.94
C ARG A 49 8.05 3.95 9.66
N LEU A 50 6.92 3.32 9.94
CA LEU A 50 6.73 1.92 9.59
C LEU A 50 6.76 1.73 8.08
N LEU A 51 6.19 2.69 7.37
CA LEU A 51 6.14 2.65 5.92
C LEU A 51 7.53 2.86 5.30
N GLU A 52 8.17 3.99 5.65
CA GLU A 52 9.47 4.38 5.10
C GLU A 52 10.48 3.23 5.08
N ALA A 53 10.48 2.45 6.15
CA ALA A 53 11.50 1.43 6.37
C ALA A 53 11.54 0.37 5.28
N ARG A 54 10.39 -0.22 4.95
CA ARG A 54 10.37 -1.33 4.01
C ARG A 54 9.26 -1.21 2.97
N PHE A 55 8.59 -0.08 2.93
CA PHE A 55 7.50 0.11 1.97
C PHE A 55 7.79 1.25 1.03
N VAL A 56 7.46 1.04 -0.23
CA VAL A 56 7.51 2.10 -1.23
C VAL A 56 6.08 2.46 -1.61
N VAL A 57 5.66 3.68 -1.33
CA VAL A 57 4.29 4.06 -1.55
C VAL A 57 4.09 4.55 -2.97
N ALA A 58 3.24 3.86 -3.70
CA ALA A 58 2.93 4.24 -5.07
C ALA A 58 1.77 5.21 -5.09
N SER A 59 2.03 6.40 -5.57
CA SER A 59 0.99 7.40 -5.68
C SER A 59 0.20 7.17 -6.98
N VAL A 60 -0.96 6.55 -6.85
CA VAL A 60 -1.78 6.23 -8.00
C VAL A 60 -3.05 7.06 -8.02
N SER A 61 -3.26 7.76 -9.11
CA SER A 61 -4.40 8.63 -9.24
C SER A 61 -5.55 7.93 -9.97
N VAL A 62 -6.68 7.79 -9.28
CA VAL A 62 -7.89 7.25 -9.88
C VAL A 62 -8.67 8.40 -10.51
N ASP A 63 -7.99 9.54 -10.56
CA ASP A 63 -8.51 10.73 -11.20
C ASP A 63 -7.98 10.84 -12.62
N THR A 64 -6.83 10.23 -12.86
CA THR A 64 -6.21 10.24 -14.18
C THR A 64 -6.31 8.87 -14.86
N PRO A 65 -6.31 8.86 -16.21
CA PRO A 65 -6.64 7.68 -17.04
C PRO A 65 -5.80 6.45 -16.74
N GLU A 66 -4.48 6.59 -16.75
CA GLU A 66 -3.60 5.44 -16.53
C GLU A 66 -3.78 4.85 -15.12
N GLY A 67 -4.01 5.71 -14.13
CA GLY A 67 -4.32 5.22 -12.80
C GLY A 67 -5.74 4.66 -12.74
N GLN A 68 -6.65 5.31 -13.46
CA GLN A 68 -8.02 4.84 -13.62
C GLN A 68 -8.04 3.48 -14.32
N GLU A 69 -7.07 3.28 -15.20
CA GLU A 69 -6.88 2.02 -15.88
C GLU A 69 -6.42 0.96 -14.89
N LEU A 70 -5.48 1.34 -14.02
CA LEU A 70 -4.99 0.47 -13.00
C LEU A 70 -6.12 0.11 -12.03
N ALA A 71 -7.05 1.05 -11.86
CA ALA A 71 -8.25 0.82 -11.07
C ALA A 71 -9.14 -0.23 -11.72
N ARG A 72 -9.19 -0.22 -13.05
CA ARG A 72 -9.96 -1.24 -13.78
C ARG A 72 -9.33 -2.61 -13.57
N ARG A 73 -8.01 -2.63 -13.42
CA ARG A 73 -7.27 -3.87 -13.23
C ARG A 73 -7.62 -4.53 -11.89
N TYR A 74 -7.51 -3.76 -10.81
CA TYR A 74 -7.71 -4.31 -9.47
C TYR A 74 -9.16 -4.16 -8.99
N ARG A 75 -10.01 -3.61 -9.85
CA ARG A 75 -11.42 -3.38 -9.50
C ARG A 75 -11.51 -2.40 -8.33
N VAL A 76 -10.90 -1.23 -8.51
CA VAL A 76 -10.77 -0.25 -7.45
C VAL A 76 -11.74 0.91 -7.65
N PRO A 77 -12.40 1.34 -6.55
CA PRO A 77 -13.21 2.55 -6.52
C PRO A 77 -12.34 3.82 -6.53
N GLY A 78 -12.77 4.84 -5.80
CA GLY A 78 -12.03 6.08 -5.78
C GLY A 78 -10.83 6.04 -4.86
N THR A 79 -11.10 6.04 -3.55
CA THR A 79 -10.04 6.12 -2.56
C THR A 79 -10.66 6.18 -1.16
N PRO A 80 -9.89 5.82 -0.10
CA PRO A 80 -8.52 5.35 -0.21
C PRO A 80 -8.43 3.85 -0.41
N THR A 81 -7.71 3.44 -1.44
CA THR A 81 -7.53 2.03 -1.71
C THR A 81 -6.07 1.65 -1.57
N PHE A 82 -5.79 0.73 -0.65
CA PHE A 82 -4.44 0.31 -0.37
C PHE A 82 -4.21 -1.10 -0.90
N VAL A 83 -3.37 -1.22 -1.91
CA VAL A 83 -3.02 -2.52 -2.46
C VAL A 83 -1.55 -2.81 -2.21
N PHE A 84 -1.28 -3.71 -1.29
CA PHE A 84 0.08 -4.04 -0.91
C PHE A 84 0.59 -5.23 -1.71
N LEU A 85 1.70 -5.02 -2.40
CA LEU A 85 2.27 -6.08 -3.23
C LEU A 85 3.63 -6.51 -2.70
N VAL A 86 3.87 -7.81 -2.74
CA VAL A 86 5.13 -8.40 -2.34
C VAL A 86 5.90 -8.91 -3.55
N PRO A 87 7.13 -8.43 -3.75
CA PRO A 87 8.02 -8.98 -4.77
C PRO A 87 8.64 -10.28 -4.28
N LYS A 88 8.37 -11.37 -4.99
CA LYS A 88 8.83 -12.67 -4.55
C LYS A 88 9.56 -13.39 -5.68
N ALA A 89 10.87 -13.56 -5.49
CA ALA A 89 11.75 -14.23 -6.46
C ALA A 89 11.87 -13.42 -7.75
N GLY A 90 10.88 -13.56 -8.61
CA GLY A 90 10.86 -12.83 -9.87
C GLY A 90 9.46 -12.51 -10.30
N ALA A 91 8.54 -12.49 -9.34
CA ALA A 91 7.14 -12.23 -9.63
C ALA A 91 6.51 -11.42 -8.50
N TRP A 92 5.45 -10.69 -8.82
CA TRP A 92 4.77 -9.87 -7.83
C TRP A 92 3.66 -10.67 -7.16
N GLU A 93 3.18 -10.18 -6.03
CA GLU A 93 2.07 -10.80 -5.34
C GLU A 93 1.24 -9.76 -4.61
N GLU A 94 -0.06 -9.95 -4.64
CA GLU A 94 -0.98 -9.08 -3.92
C GLU A 94 -1.28 -9.69 -2.55
N VAL A 95 -0.68 -9.12 -1.52
CA VAL A 95 -0.72 -9.73 -0.20
C VAL A 95 -1.92 -9.24 0.61
N GLY A 96 -2.59 -8.20 0.14
CA GLY A 96 -3.77 -7.70 0.82
C GLY A 96 -4.34 -6.44 0.22
N ARG A 97 -5.67 -6.33 0.25
CA ARG A 97 -6.36 -5.13 -0.20
C ARG A 97 -7.04 -4.45 0.96
N LEU A 98 -6.79 -3.17 1.14
CA LEU A 98 -7.45 -2.39 2.18
C LEU A 98 -8.19 -1.22 1.56
N PHE A 99 -9.36 -0.92 2.09
CA PHE A 99 -10.14 0.21 1.61
C PHE A 99 -10.74 0.98 2.79
N GLY A 100 -10.80 2.30 2.65
CA GLY A 100 -11.42 3.13 3.65
C GLY A 100 -10.41 3.87 4.50
N SER A 101 -10.72 5.12 4.84
CA SER A 101 -9.84 5.91 5.68
C SER A 101 -9.85 5.39 7.11
N ARG A 102 -8.67 5.03 7.60
CA ARG A 102 -8.56 4.43 8.92
C ARG A 102 -7.94 5.41 9.90
N PRO A 103 -8.42 5.41 11.15
CA PRO A 103 -7.74 6.12 12.24
C PRO A 103 -6.32 5.59 12.41
N ARG A 104 -5.44 6.38 13.02
CA ARG A 104 -4.03 6.00 13.11
C ARG A 104 -3.86 4.63 13.74
N ALA A 105 -4.52 4.40 14.88
CA ALA A 105 -4.42 3.12 15.57
C ALA A 105 -4.97 1.97 14.71
N GLU A 106 -5.95 2.29 13.89
CA GLU A 106 -6.60 1.28 13.06
C GLU A 106 -5.69 0.92 11.90
N PHE A 107 -5.17 1.95 11.23
CA PHE A 107 -4.28 1.76 10.09
C PHE A 107 -2.97 1.13 10.55
N LEU A 108 -2.50 1.53 11.74
CA LEU A 108 -1.29 0.95 12.31
C LEU A 108 -1.49 -0.54 12.57
N LYS A 109 -2.69 -0.93 12.96
CA LYS A 109 -3.03 -2.34 13.14
C LYS A 109 -2.85 -3.08 11.82
N GLU A 110 -3.43 -2.53 10.76
CA GLU A 110 -3.35 -3.14 9.43
C GLU A 110 -1.91 -3.15 8.95
N LEU A 111 -1.24 -2.02 9.10
CA LEU A 111 0.16 -1.88 8.69
C LEU A 111 1.06 -2.83 9.49
N ARG A 112 0.75 -2.97 10.78
CA ARG A 112 1.48 -3.89 11.65
C ARG A 112 1.41 -5.30 11.10
N GLN A 113 0.24 -5.69 10.63
CA GLN A 113 0.03 -6.96 10.01
C GLN A 113 0.80 -7.07 8.69
N VAL A 114 0.54 -6.13 7.78
CA VAL A 114 1.11 -6.17 6.44
C VAL A 114 2.64 -6.17 6.45
N CYS A 115 3.23 -5.40 7.35
CA CYS A 115 4.69 -5.30 7.42
C CYS A 115 5.31 -6.65 7.77
N VAL A 116 4.53 -7.50 8.43
CA VAL A 116 4.98 -8.83 8.77
C VAL A 116 4.74 -9.79 7.60
N LYS A 117 3.66 -9.54 6.86
CA LYS A 117 3.24 -10.41 5.76
C LYS A 117 4.27 -10.48 4.64
N GLY A 118 5.14 -9.47 4.58
CA GLY A 118 6.17 -9.44 3.56
C GLY A 118 7.27 -10.46 3.79
N GLY A 119 7.34 -10.96 5.02
CA GLY A 119 8.34 -11.97 5.35
C GLY A 119 7.70 -13.16 6.03
N ALA A 120 7.22 -12.95 7.24
CA ALA A 120 6.53 -13.99 7.98
C ALA A 120 5.06 -14.00 7.61
N CYS A 121 4.77 -14.49 6.41
CA CYS A 121 3.41 -14.52 5.90
C CYS A 121 2.56 -15.54 6.65
N GLY A 122 3.23 -16.47 7.33
CA GLY A 122 2.53 -17.48 8.10
C GLY A 122 2.82 -18.89 7.61
N GLU A 123 3.70 -18.99 6.61
CA GLU A 123 4.13 -20.27 6.04
C GLU A 123 3.04 -20.93 5.20
N GLY A 124 1.79 -20.76 5.61
CA GLY A 124 0.68 -21.34 4.88
C GLY A 124 0.35 -22.74 5.36
N HIS A 125 1.17 -23.25 6.27
CA HIS A 125 1.00 -24.60 6.77
C HIS A 125 1.72 -24.79 8.11
N HIS A 126 1.85 -23.70 8.86
CA HIS A 126 2.54 -23.74 10.15
C HIS A 126 1.67 -24.45 11.19
N HIS A 127 1.90 -25.75 11.35
CA HIS A 127 1.14 -26.56 12.31
C HIS A 127 2.06 -27.47 13.10
N HIS A 128 2.38 -27.09 14.32
CA HIS A 128 3.24 -27.89 15.18
C HIS A 128 2.44 -28.98 15.88
N HIS A 129 2.37 -30.15 15.26
CA HIS A 129 1.72 -31.30 15.87
C HIS A 129 2.75 -32.30 16.38
N HIS A 130 3.99 -31.84 16.41
CA HIS A 130 5.10 -32.60 16.99
C HIS A 130 6.29 -31.66 17.11
N MET A 1 6.93 11.52 8.07
CA MET A 1 8.11 12.19 7.48
C MET A 1 7.86 12.52 6.02
N SER A 2 8.91 12.84 5.29
CA SER A 2 8.81 13.05 3.86
C SER A 2 8.70 11.69 3.17
N LEU A 3 7.50 11.12 3.25
CA LEU A 3 7.25 9.77 2.77
C LEU A 3 7.63 9.61 1.30
N ARG A 4 8.19 8.47 0.97
CA ARG A 4 8.63 8.20 -0.38
C ARG A 4 7.47 7.81 -1.29
N TRP A 5 7.03 8.77 -2.10
CA TRP A 5 5.96 8.54 -3.06
C TRP A 5 6.53 8.47 -4.47
N TYR A 6 6.23 7.39 -5.17
CA TYR A 6 6.63 7.23 -6.56
C TYR A 6 5.42 6.80 -7.37
N PRO A 7 5.39 7.11 -8.68
CA PRO A 7 4.33 6.63 -9.56
C PRO A 7 4.32 5.11 -9.61
N TYR A 8 3.21 4.53 -10.05
CA TYR A 8 3.06 3.08 -10.09
C TYR A 8 4.28 2.37 -10.73
N PRO A 9 4.75 2.79 -11.93
CA PRO A 9 5.92 2.16 -12.56
C PRO A 9 7.17 2.24 -11.68
N GLU A 10 7.50 3.45 -11.23
CA GLU A 10 8.67 3.67 -10.40
C GLU A 10 8.56 2.92 -9.08
N ALA A 11 7.37 2.88 -8.50
CA ALA A 11 7.16 2.21 -7.23
C ALA A 11 7.55 0.74 -7.29
N LEU A 12 7.06 0.04 -8.32
CA LEU A 12 7.38 -1.37 -8.49
C LEU A 12 8.87 -1.58 -8.72
N ALA A 13 9.49 -0.69 -9.50
CA ALA A 13 10.90 -0.83 -9.81
C ALA A 13 11.76 -0.44 -8.61
N LEU A 14 11.30 0.57 -7.89
CA LEU A 14 11.96 1.05 -6.69
C LEU A 14 12.02 -0.07 -5.66
N ALA A 15 10.88 -0.69 -5.42
CA ALA A 15 10.78 -1.77 -4.44
C ALA A 15 11.61 -2.97 -4.87
N GLN A 16 11.49 -3.33 -6.15
CA GLN A 16 12.18 -4.50 -6.68
C GLN A 16 13.68 -4.37 -6.59
N ALA A 17 14.20 -3.21 -7.00
CA ALA A 17 15.63 -2.99 -7.06
C ALA A 17 16.22 -2.66 -5.68
N HIS A 18 15.36 -2.35 -4.72
CA HIS A 18 15.84 -1.94 -3.41
C HIS A 18 15.43 -2.94 -2.34
N GLY A 19 14.80 -4.02 -2.76
CA GLY A 19 14.37 -5.05 -1.83
C GLY A 19 13.37 -4.53 -0.80
N ARG A 20 12.46 -3.67 -1.25
CA ARG A 20 11.43 -3.13 -0.40
C ARG A 20 10.08 -3.73 -0.76
N MET A 21 9.05 -3.37 -0.01
CA MET A 21 7.70 -3.84 -0.28
C MET A 21 6.92 -2.77 -1.01
N VAL A 22 5.84 -3.15 -1.66
CA VAL A 22 5.10 -2.20 -2.49
C VAL A 22 3.80 -1.80 -1.82
N MET A 23 3.62 -0.50 -1.66
CA MET A 23 2.39 0.05 -1.14
C MET A 23 1.70 0.84 -2.23
N VAL A 24 0.67 0.27 -2.83
CA VAL A 24 -0.04 0.94 -3.92
C VAL A 24 -1.20 1.75 -3.37
N TYR A 25 -1.05 3.07 -3.41
CA TYR A 25 -2.04 3.96 -2.87
C TYR A 25 -2.88 4.59 -3.97
N PHE A 26 -4.10 4.10 -4.11
CA PHE A 26 -5.05 4.64 -5.07
C PHE A 26 -5.76 5.82 -4.45
N HIS A 27 -5.58 6.99 -5.01
CA HIS A 27 -6.22 8.18 -4.48
C HIS A 27 -7.04 8.88 -5.55
N SER A 28 -8.21 9.33 -5.17
CA SER A 28 -8.97 10.23 -6.00
C SER A 28 -8.81 11.64 -5.47
N GLU A 29 -8.72 12.60 -6.37
CA GLU A 29 -8.73 14.02 -6.01
C GLU A 29 -10.09 14.35 -5.39
N HIS A 30 -11.07 13.56 -5.77
CA HIS A 30 -12.44 13.76 -5.33
C HIS A 30 -12.78 12.75 -4.23
N CYS A 31 -11.75 12.14 -3.66
CA CYS A 31 -11.92 11.19 -2.58
C CYS A 31 -12.34 11.92 -1.30
N PRO A 32 -13.58 11.68 -0.85
CA PRO A 32 -14.19 12.41 0.27
C PRO A 32 -13.38 12.37 1.58
N TYR A 33 -13.26 11.20 2.18
CA TYR A 33 -12.75 11.08 3.55
C TYR A 33 -11.22 10.99 3.62
N CYS A 34 -10.58 10.63 2.52
CA CYS A 34 -9.15 10.31 2.56
C CYS A 34 -8.28 11.54 2.77
N GLN A 35 -8.81 12.72 2.44
CA GLN A 35 -8.07 13.97 2.64
C GLN A 35 -7.63 14.11 4.11
N GLN A 36 -8.43 13.54 5.01
CA GLN A 36 -8.10 13.54 6.43
C GLN A 36 -6.93 12.59 6.69
N MET A 37 -7.00 11.41 6.09
CA MET A 37 -5.95 10.40 6.26
C MET A 37 -4.65 10.89 5.62
N ASN A 38 -4.75 11.35 4.39
CA ASN A 38 -3.59 11.80 3.63
C ASN A 38 -2.80 12.86 4.40
N THR A 39 -3.52 13.81 4.98
CA THR A 39 -2.89 14.90 5.72
C THR A 39 -2.33 14.42 7.06
N PHE A 40 -3.19 13.89 7.92
CA PHE A 40 -2.79 13.52 9.27
C PHE A 40 -2.30 12.06 9.34
N VAL A 41 -3.23 11.15 9.14
CA VAL A 41 -3.00 9.72 9.40
C VAL A 41 -1.79 9.15 8.66
N LEU A 42 -1.73 9.38 7.36
CA LEU A 42 -0.74 8.72 6.52
C LEU A 42 0.61 9.41 6.59
N SER A 43 0.61 10.68 6.97
CA SER A 43 1.83 11.46 7.05
C SER A 43 2.43 11.40 8.45
N ASP A 44 1.65 10.87 9.39
CA ASP A 44 2.09 10.66 10.78
C ASP A 44 3.47 10.02 10.85
N PRO A 45 4.37 10.55 11.69
CA PRO A 45 5.73 10.03 11.85
C PRO A 45 5.78 8.52 12.14
N GLY A 46 4.78 8.02 12.87
CA GLY A 46 4.75 6.60 13.20
C GLY A 46 4.35 5.76 12.02
N VAL A 47 3.23 6.12 11.42
CA VAL A 47 2.75 5.47 10.21
C VAL A 47 3.80 5.57 9.09
N SER A 48 4.25 6.80 8.87
CA SER A 48 5.26 7.10 7.87
C SER A 48 6.48 6.22 8.03
N ARG A 49 6.93 6.06 9.28
CA ARG A 49 8.12 5.29 9.58
C ARG A 49 8.02 3.85 9.10
N LEU A 50 6.83 3.26 9.24
CA LEU A 50 6.61 1.90 8.78
C LEU A 50 6.75 1.83 7.26
N LEU A 51 6.24 2.85 6.56
CA LEU A 51 6.39 2.90 5.11
C LEU A 51 7.85 3.22 4.71
N GLU A 52 8.38 4.31 5.27
CA GLU A 52 9.73 4.80 4.94
C GLU A 52 10.78 3.68 5.01
N ALA A 53 10.69 2.86 6.04
CA ALA A 53 11.69 1.85 6.31
C ALA A 53 11.82 0.82 5.18
N ARG A 54 10.74 0.14 4.85
CA ARG A 54 10.82 -0.98 3.92
C ARG A 54 9.71 -0.98 2.87
N PHE A 55 9.13 0.17 2.61
CA PHE A 55 8.01 0.24 1.67
C PHE A 55 8.18 1.39 0.67
N VAL A 56 7.79 1.12 -0.56
CA VAL A 56 7.75 2.14 -1.60
C VAL A 56 6.29 2.49 -1.88
N VAL A 57 5.93 3.74 -1.67
CA VAL A 57 4.53 4.13 -1.78
C VAL A 57 4.22 4.63 -3.19
N ALA A 58 3.27 3.96 -3.84
CA ALA A 58 2.89 4.30 -5.20
C ALA A 58 1.75 5.32 -5.18
N SER A 59 2.01 6.48 -5.74
CA SER A 59 1.01 7.52 -5.82
C SER A 59 0.22 7.38 -7.12
N VAL A 60 -0.98 6.81 -7.02
CA VAL A 60 -1.81 6.61 -8.20
C VAL A 60 -3.04 7.51 -8.15
N SER A 61 -3.17 8.38 -9.14
CA SER A 61 -4.34 9.23 -9.25
C SER A 61 -5.42 8.51 -10.05
N VAL A 62 -6.48 8.09 -9.36
CA VAL A 62 -7.48 7.21 -9.95
C VAL A 62 -8.55 8.01 -10.71
N ASP A 63 -8.33 9.31 -10.82
CA ASP A 63 -9.25 10.18 -11.54
C ASP A 63 -8.86 10.28 -13.01
N THR A 64 -7.56 10.15 -13.26
CA THR A 64 -7.01 10.31 -14.60
C THR A 64 -6.92 8.96 -15.32
N PRO A 65 -6.72 8.96 -16.65
CA PRO A 65 -6.79 7.74 -17.49
C PRO A 65 -5.97 6.58 -16.98
N GLU A 66 -4.70 6.82 -16.69
CA GLU A 66 -3.79 5.76 -16.23
C GLU A 66 -4.14 5.32 -14.81
N GLY A 67 -4.67 6.22 -14.00
CA GLY A 67 -5.16 5.83 -12.68
C GLY A 67 -6.50 5.13 -12.80
N GLN A 68 -7.27 5.56 -13.77
CA GLN A 68 -8.51 4.91 -14.14
C GLN A 68 -8.20 3.50 -14.65
N GLU A 69 -7.09 3.41 -15.37
CA GLU A 69 -6.52 2.13 -15.79
C GLU A 69 -6.31 1.24 -14.57
N LEU A 70 -5.61 1.80 -13.59
CA LEU A 70 -5.35 1.11 -12.33
C LEU A 70 -6.65 0.62 -11.69
N ALA A 71 -7.70 1.43 -11.80
CA ALA A 71 -9.00 1.08 -11.26
C ALA A 71 -9.67 -0.03 -12.06
N ARG A 72 -9.45 -0.06 -13.37
CA ARG A 72 -9.93 -1.14 -14.22
C ARG A 72 -9.12 -2.40 -13.98
N ARG A 73 -7.82 -2.22 -13.82
CA ARG A 73 -6.88 -3.31 -13.61
C ARG A 73 -7.16 -4.04 -12.30
N TYR A 74 -7.18 -3.29 -11.21
CA TYR A 74 -7.42 -3.87 -9.89
C TYR A 74 -8.90 -3.99 -9.60
N ARG A 75 -9.71 -3.28 -10.38
CA ARG A 75 -11.17 -3.33 -10.28
C ARG A 75 -11.64 -2.72 -8.96
N VAL A 76 -10.96 -1.65 -8.56
CA VAL A 76 -11.25 -0.95 -7.30
C VAL A 76 -11.27 0.56 -7.55
N PRO A 77 -12.10 1.30 -6.82
CA PRO A 77 -11.99 2.76 -6.75
C PRO A 77 -10.69 3.17 -6.04
N GLY A 78 -10.72 4.32 -5.39
CA GLY A 78 -9.55 4.80 -4.68
C GLY A 78 -9.95 5.81 -3.64
N THR A 79 -10.83 5.40 -2.75
CA THR A 79 -11.48 6.34 -1.86
C THR A 79 -11.45 5.98 -0.37
N PRO A 80 -10.29 5.58 0.22
CA PRO A 80 -9.01 5.32 -0.44
C PRO A 80 -8.86 3.84 -0.81
N THR A 81 -7.82 3.51 -1.54
CA THR A 81 -7.49 2.11 -1.79
C THR A 81 -6.01 1.85 -1.55
N PHE A 82 -5.70 0.83 -0.75
CA PHE A 82 -4.33 0.47 -0.44
C PHE A 82 -4.08 -0.99 -0.79
N VAL A 83 -3.23 -1.23 -1.77
CA VAL A 83 -2.86 -2.60 -2.13
C VAL A 83 -1.39 -2.84 -1.85
N PHE A 84 -1.11 -3.79 -0.98
CA PHE A 84 0.25 -4.09 -0.58
C PHE A 84 0.78 -5.31 -1.34
N LEU A 85 1.93 -5.15 -2.00
CA LEU A 85 2.51 -6.24 -2.76
C LEU A 85 3.86 -6.66 -2.19
N VAL A 86 4.12 -7.96 -2.26
CA VAL A 86 5.38 -8.52 -1.79
C VAL A 86 6.24 -8.98 -2.97
N PRO A 87 7.49 -8.50 -3.05
CA PRO A 87 8.45 -9.00 -4.03
C PRO A 87 9.04 -10.33 -3.57
N LYS A 88 8.81 -11.38 -4.34
CA LYS A 88 9.30 -12.69 -3.96
C LYS A 88 10.05 -13.35 -5.12
N ALA A 89 11.37 -13.45 -4.96
CA ALA A 89 12.27 -14.05 -5.94
C ALA A 89 12.34 -13.21 -7.22
N GLY A 90 11.36 -13.37 -8.09
CA GLY A 90 11.32 -12.64 -9.34
C GLY A 90 9.90 -12.35 -9.76
N ALA A 91 9.00 -12.40 -8.80
CA ALA A 91 7.59 -12.15 -9.07
C ALA A 91 6.96 -11.43 -7.89
N TRP A 92 5.85 -10.75 -8.15
CA TRP A 92 5.17 -9.99 -7.12
C TRP A 92 4.10 -10.84 -6.45
N GLU A 93 3.55 -10.32 -5.36
CA GLU A 93 2.45 -10.98 -4.67
C GLU A 93 1.51 -9.94 -4.10
N GLU A 94 0.21 -10.20 -4.20
CA GLU A 94 -0.79 -9.31 -3.63
C GLU A 94 -1.17 -9.84 -2.25
N VAL A 95 -0.64 -9.19 -1.22
CA VAL A 95 -0.73 -9.72 0.13
C VAL A 95 -1.86 -9.08 0.93
N GLY A 96 -2.69 -8.29 0.27
CA GLY A 96 -3.84 -7.70 0.93
C GLY A 96 -4.31 -6.41 0.30
N ARG A 97 -5.62 -6.19 0.35
CA ARG A 97 -6.22 -4.97 -0.14
C ARG A 97 -6.97 -4.28 0.98
N LEU A 98 -6.68 -3.01 1.21
CA LEU A 98 -7.40 -2.21 2.18
C LEU A 98 -8.22 -1.16 1.47
N PHE A 99 -9.51 -1.08 1.80
CA PHE A 99 -10.39 -0.08 1.20
C PHE A 99 -11.28 0.54 2.26
N GLY A 100 -11.54 1.82 2.11
CA GLY A 100 -12.35 2.53 3.08
C GLY A 100 -11.50 3.31 4.05
N SER A 101 -12.00 4.45 4.50
CA SER A 101 -11.24 5.29 5.41
C SER A 101 -11.42 4.83 6.83
N ARG A 102 -10.37 4.23 7.35
CA ARG A 102 -10.35 3.74 8.72
C ARG A 102 -9.43 4.62 9.57
N PRO A 103 -9.70 4.71 10.89
CA PRO A 103 -8.87 5.48 11.82
C PRO A 103 -7.40 5.05 11.78
N ARG A 104 -6.52 5.94 12.22
CA ARG A 104 -5.10 5.66 12.19
C ARG A 104 -4.73 4.44 13.03
N ALA A 105 -5.48 4.21 14.10
CA ALA A 105 -5.29 3.01 14.92
C ALA A 105 -5.57 1.77 14.08
N GLU A 106 -6.67 1.81 13.34
CA GLU A 106 -7.05 0.74 12.44
C GLU A 106 -6.03 0.58 11.32
N PHE A 107 -5.59 1.70 10.76
CA PHE A 107 -4.63 1.68 9.66
C PHE A 107 -3.30 1.10 10.11
N LEU A 108 -2.80 1.56 11.26
CA LEU A 108 -1.55 1.03 11.82
C LEU A 108 -1.68 -0.45 12.13
N LYS A 109 -2.86 -0.84 12.62
CA LYS A 109 -3.16 -2.24 12.88
C LYS A 109 -2.97 -3.07 11.62
N GLU A 110 -3.67 -2.69 10.56
CA GLU A 110 -3.58 -3.40 9.29
C GLU A 110 -2.18 -3.31 8.70
N LEU A 111 -1.62 -2.11 8.74
CA LEU A 111 -0.27 -1.86 8.23
C LEU A 111 0.73 -2.80 8.91
N ARG A 112 0.64 -2.88 10.24
CA ARG A 112 1.50 -3.75 11.02
C ARG A 112 1.24 -5.22 10.67
N GLN A 113 -0.04 -5.56 10.48
CA GLN A 113 -0.41 -6.93 10.16
C GLN A 113 0.03 -7.30 8.74
N VAL A 114 0.20 -6.30 7.88
CA VAL A 114 0.77 -6.52 6.56
C VAL A 114 2.26 -6.80 6.67
N CYS A 115 2.94 -6.06 7.54
CA CYS A 115 4.36 -6.23 7.77
C CYS A 115 4.66 -7.65 8.23
N VAL A 116 3.77 -8.19 9.06
CA VAL A 116 3.91 -9.56 9.56
C VAL A 116 3.84 -10.57 8.41
N LYS A 117 2.94 -10.32 7.47
CA LYS A 117 2.73 -11.24 6.34
C LYS A 117 3.98 -11.33 5.47
N GLY A 118 4.62 -10.20 5.22
CA GLY A 118 5.79 -10.18 4.37
C GLY A 118 7.04 -10.68 5.09
N GLY A 119 6.96 -10.79 6.40
CA GLY A 119 8.11 -11.23 7.18
C GLY A 119 8.02 -12.69 7.58
N ALA A 120 6.81 -13.16 7.86
CA ALA A 120 6.62 -14.54 8.30
C ALA A 120 5.25 -15.07 7.90
N CYS A 121 4.26 -14.17 7.84
CA CYS A 121 2.89 -14.51 7.47
C CYS A 121 2.19 -15.31 8.57
N GLY A 122 2.72 -16.50 8.85
CA GLY A 122 2.12 -17.36 9.85
C GLY A 122 1.63 -18.65 9.24
N GLU A 123 2.42 -19.19 8.31
CA GLU A 123 2.05 -20.39 7.56
C GLU A 123 1.78 -21.58 8.48
N GLY A 124 1.15 -22.60 7.92
CA GLY A 124 0.76 -23.77 8.68
C GLY A 124 -0.55 -23.57 9.41
N HIS A 125 -0.71 -22.39 10.02
CA HIS A 125 -1.89 -22.10 10.82
C HIS A 125 -3.13 -21.96 9.94
N HIS A 126 -2.95 -21.48 8.72
CA HIS A 126 -4.09 -21.26 7.83
C HIS A 126 -4.45 -22.55 7.08
N HIS A 127 -4.22 -23.69 7.73
CA HIS A 127 -4.61 -24.98 7.18
C HIS A 127 -6.07 -25.27 7.51
N HIS A 128 -6.60 -24.51 8.47
CA HIS A 128 -7.99 -24.68 8.87
C HIS A 128 -8.72 -23.33 8.79
N HIS A 129 -8.11 -22.38 8.11
CA HIS A 129 -8.67 -21.04 7.98
C HIS A 129 -8.06 -20.31 6.80
N HIS A 130 -8.86 -19.52 6.12
CA HIS A 130 -8.36 -18.58 5.14
C HIS A 130 -8.85 -17.19 5.52
N MET A 1 9.65 10.46 8.08
CA MET A 1 10.44 11.71 7.99
C MET A 1 10.14 12.42 6.67
N SER A 2 10.29 11.69 5.58
CA SER A 2 10.00 12.22 4.26
C SER A 2 9.43 11.11 3.40
N LEU A 3 8.12 10.88 3.54
CA LEU A 3 7.47 9.76 2.89
C LEU A 3 7.70 9.78 1.39
N ARG A 4 8.25 8.69 0.87
CA ARG A 4 8.66 8.63 -0.51
C ARG A 4 7.54 8.11 -1.40
N TRP A 5 6.91 9.02 -2.14
CA TRP A 5 5.86 8.69 -3.09
C TRP A 5 6.42 8.64 -4.51
N TYR A 6 6.14 7.55 -5.22
CA TYR A 6 6.45 7.45 -6.64
C TYR A 6 5.23 6.95 -7.41
N PRO A 7 5.23 7.04 -8.74
CA PRO A 7 4.17 6.45 -9.56
C PRO A 7 4.21 4.93 -9.50
N TYR A 8 3.12 4.29 -9.90
CA TYR A 8 3.00 2.82 -9.85
C TYR A 8 4.23 2.11 -10.44
N PRO A 9 4.66 2.43 -11.68
CA PRO A 9 5.82 1.77 -12.31
C PRO A 9 7.09 1.90 -11.47
N GLU A 10 7.41 3.13 -11.06
CA GLU A 10 8.63 3.38 -10.30
C GLU A 10 8.56 2.71 -8.94
N ALA A 11 7.40 2.80 -8.29
CA ALA A 11 7.22 2.21 -6.97
C ALA A 11 7.55 0.73 -6.97
N LEU A 12 7.13 0.03 -8.00
CA LEU A 12 7.43 -1.40 -8.13
C LEU A 12 8.91 -1.61 -8.40
N ALA A 13 9.51 -0.74 -9.20
CA ALA A 13 10.91 -0.87 -9.57
C ALA A 13 11.81 -0.55 -8.39
N LEU A 14 11.48 0.54 -7.68
CA LEU A 14 12.24 0.93 -6.51
C LEU A 14 12.21 -0.18 -5.47
N ALA A 15 11.02 -0.74 -5.25
CA ALA A 15 10.87 -1.82 -4.30
C ALA A 15 11.66 -3.05 -4.74
N GLN A 16 11.50 -3.40 -6.01
CA GLN A 16 12.15 -4.57 -6.58
C GLN A 16 13.67 -4.44 -6.56
N ALA A 17 14.18 -3.26 -6.92
CA ALA A 17 15.61 -3.04 -7.03
C ALA A 17 16.25 -2.74 -5.67
N HIS A 18 15.43 -2.43 -4.67
CA HIS A 18 15.97 -2.07 -3.36
C HIS A 18 15.51 -3.05 -2.28
N GLY A 19 14.84 -4.12 -2.68
CA GLY A 19 14.37 -5.12 -1.74
C GLY A 19 13.36 -4.57 -0.75
N ARG A 20 12.47 -3.72 -1.24
CA ARG A 20 11.41 -3.14 -0.41
C ARG A 20 10.05 -3.70 -0.83
N MET A 21 9.00 -3.25 -0.16
CA MET A 21 7.65 -3.63 -0.52
C MET A 21 6.90 -2.44 -1.10
N VAL A 22 5.83 -2.69 -1.83
CA VAL A 22 5.11 -1.64 -2.53
C VAL A 22 3.79 -1.33 -1.84
N MET A 23 3.56 -0.06 -1.54
CA MET A 23 2.27 0.38 -1.05
C MET A 23 1.55 1.14 -2.15
N VAL A 24 0.58 0.49 -2.79
CA VAL A 24 -0.18 1.13 -3.84
C VAL A 24 -1.35 1.89 -3.25
N TYR A 25 -1.25 3.22 -3.25
CA TYR A 25 -2.28 4.06 -2.68
C TYR A 25 -3.20 4.59 -3.78
N PHE A 26 -4.38 4.01 -3.86
CA PHE A 26 -5.38 4.45 -4.82
C PHE A 26 -6.14 5.66 -4.27
N HIS A 27 -5.99 6.80 -4.92
CA HIS A 27 -6.79 7.97 -4.58
C HIS A 27 -7.54 8.44 -5.82
N SER A 28 -8.78 8.82 -5.63
CA SER A 28 -9.65 9.23 -6.72
C SER A 28 -10.08 10.67 -6.53
N GLU A 29 -10.58 11.27 -7.60
CA GLU A 29 -11.13 12.61 -7.55
C GLU A 29 -12.52 12.58 -6.90
N HIS A 30 -12.97 11.37 -6.57
CA HIS A 30 -14.27 11.18 -5.94
C HIS A 30 -14.09 10.69 -4.51
N CYS A 31 -12.88 10.83 -3.98
CA CYS A 31 -12.57 10.30 -2.66
C CYS A 31 -13.13 11.21 -1.56
N PRO A 32 -13.85 10.62 -0.59
CA PRO A 32 -14.45 11.38 0.52
C PRO A 32 -13.46 11.73 1.63
N TYR A 33 -13.16 10.76 2.49
CA TYR A 33 -12.31 11.00 3.66
C TYR A 33 -10.83 10.87 3.33
N CYS A 34 -10.55 10.24 2.19
CA CYS A 34 -9.17 9.98 1.76
C CYS A 34 -8.29 11.22 1.86
N GLN A 35 -8.81 12.35 1.41
CA GLN A 35 -8.06 13.60 1.37
C GLN A 35 -7.52 14.02 2.74
N GLN A 36 -8.25 13.71 3.81
CA GLN A 36 -7.83 14.11 5.14
C GLN A 36 -6.83 13.13 5.72
N MET A 37 -7.12 11.84 5.57
CA MET A 37 -6.26 10.78 6.09
C MET A 37 -4.92 10.80 5.37
N ASN A 38 -4.97 11.00 4.06
CA ASN A 38 -3.77 11.04 3.23
C ASN A 38 -2.82 12.14 3.68
N THR A 39 -3.39 13.30 4.01
CA THR A 39 -2.59 14.46 4.37
C THR A 39 -2.02 14.36 5.78
N PHE A 40 -2.91 14.18 6.77
CA PHE A 40 -2.48 14.20 8.16
C PHE A 40 -2.10 12.81 8.65
N VAL A 41 -3.10 11.91 8.68
CA VAL A 41 -2.94 10.59 9.26
C VAL A 41 -1.79 9.81 8.64
N LEU A 42 -1.69 9.86 7.32
CA LEU A 42 -0.74 9.04 6.61
C LEU A 42 0.66 9.67 6.63
N SER A 43 0.74 10.94 7.02
CA SER A 43 2.01 11.64 7.07
C SER A 43 2.54 11.69 8.50
N ASP A 44 1.71 11.23 9.44
CA ASP A 44 2.12 11.12 10.85
C ASP A 44 3.48 10.43 11.01
N PRO A 45 4.36 10.99 11.86
CA PRO A 45 5.70 10.43 12.12
C PRO A 45 5.69 8.93 12.42
N GLY A 46 4.78 8.49 13.26
CA GLY A 46 4.73 7.09 13.64
C GLY A 46 4.29 6.21 12.49
N VAL A 47 3.25 6.64 11.80
CA VAL A 47 2.79 5.95 10.60
C VAL A 47 3.92 5.93 9.56
N SER A 48 4.53 7.10 9.36
CA SER A 48 5.64 7.25 8.45
C SER A 48 6.74 6.23 8.76
N ARG A 49 7.03 6.05 10.05
CA ARG A 49 8.09 5.14 10.48
C ARG A 49 7.82 3.69 10.07
N LEU A 50 6.56 3.36 9.81
CA LEU A 50 6.24 2.04 9.30
C LEU A 50 6.49 1.97 7.80
N LEU A 51 6.19 3.05 7.09
CA LEU A 51 6.40 3.07 5.62
C LEU A 51 7.87 3.30 5.26
N GLU A 52 8.47 4.34 5.85
CA GLU A 52 9.80 4.84 5.46
C GLU A 52 10.83 3.73 5.24
N ALA A 53 10.90 2.80 6.17
CA ALA A 53 11.99 1.84 6.21
C ALA A 53 11.97 0.85 5.04
N ARG A 54 10.81 0.25 4.76
CA ARG A 54 10.79 -0.88 3.84
C ARG A 54 9.65 -0.79 2.82
N PHE A 55 9.06 0.38 2.65
CA PHE A 55 7.97 0.52 1.69
C PHE A 55 8.25 1.63 0.69
N VAL A 56 7.89 1.38 -0.55
CA VAL A 56 7.88 2.38 -1.59
C VAL A 56 6.42 2.75 -1.88
N VAL A 57 6.04 3.99 -1.59
CA VAL A 57 4.65 4.36 -1.68
C VAL A 57 4.31 4.81 -3.10
N ALA A 58 3.34 4.13 -3.69
CA ALA A 58 2.91 4.44 -5.03
C ALA A 58 1.69 5.36 -5.00
N SER A 59 1.86 6.55 -5.54
CA SER A 59 0.76 7.48 -5.64
C SER A 59 -0.05 7.21 -6.89
N VAL A 60 -1.18 6.54 -6.73
CA VAL A 60 -2.05 6.23 -7.85
C VAL A 60 -3.19 7.24 -7.94
N SER A 61 -3.12 8.09 -8.94
CA SER A 61 -4.13 9.10 -9.15
C SER A 61 -5.20 8.62 -10.12
N VAL A 62 -6.39 8.33 -9.60
CA VAL A 62 -7.51 7.96 -10.45
C VAL A 62 -8.05 9.20 -11.14
N ASP A 63 -7.51 10.33 -10.70
CA ASP A 63 -7.81 11.64 -11.26
C ASP A 63 -7.30 11.70 -12.71
N THR A 64 -6.22 10.99 -12.98
CA THR A 64 -5.56 11.03 -14.27
C THR A 64 -5.40 9.64 -14.90
N PRO A 65 -5.13 9.57 -16.22
CA PRO A 65 -5.17 8.33 -17.03
C PRO A 65 -4.41 7.15 -16.44
N GLU A 66 -3.17 7.39 -16.03
CA GLU A 66 -2.33 6.32 -15.51
C GLU A 66 -2.93 5.68 -14.26
N GLY A 67 -3.56 6.50 -13.42
CA GLY A 67 -4.24 5.97 -12.25
C GLY A 67 -5.62 5.45 -12.60
N GLN A 68 -6.25 6.09 -13.58
CA GLN A 68 -7.50 5.60 -14.15
C GLN A 68 -7.30 4.19 -14.70
N GLU A 69 -6.13 3.99 -15.30
CA GLU A 69 -5.68 2.69 -15.75
C GLU A 69 -5.57 1.73 -14.57
N LEU A 70 -4.88 2.16 -13.52
CA LEU A 70 -4.73 1.36 -12.31
C LEU A 70 -6.08 1.01 -11.70
N ALA A 71 -6.99 1.97 -11.70
CA ALA A 71 -8.33 1.78 -11.14
C ALA A 71 -9.09 0.68 -11.86
N ARG A 72 -9.12 0.76 -13.19
CA ARG A 72 -9.80 -0.25 -13.99
C ARG A 72 -9.02 -1.57 -13.95
N ARG A 73 -7.71 -1.45 -13.79
CA ARG A 73 -6.81 -2.61 -13.79
C ARG A 73 -7.08 -3.51 -12.60
N TYR A 74 -7.02 -2.94 -11.40
CA TYR A 74 -7.18 -3.70 -10.17
C TYR A 74 -8.64 -3.72 -9.73
N ARG A 75 -9.51 -3.11 -10.53
CA ARG A 75 -10.94 -3.00 -10.22
C ARG A 75 -11.13 -2.28 -8.88
N VAL A 76 -10.74 -1.02 -8.83
CA VAL A 76 -10.75 -0.26 -7.58
C VAL A 76 -11.63 0.99 -7.66
N PRO A 77 -12.91 0.87 -7.26
CA PRO A 77 -13.79 2.00 -7.06
C PRO A 77 -13.97 2.33 -5.57
N GLY A 78 -13.78 3.59 -5.21
CA GLY A 78 -14.00 3.99 -3.83
C GLY A 78 -12.97 4.98 -3.34
N THR A 79 -11.82 4.46 -2.87
CA THR A 79 -10.75 5.30 -2.31
C THR A 79 -11.11 5.80 -0.91
N PRO A 80 -10.16 5.77 0.05
CA PRO A 80 -8.80 5.29 -0.18
C PRO A 80 -8.70 3.78 -0.24
N THR A 81 -7.93 3.28 -1.19
CA THR A 81 -7.70 1.87 -1.32
C THR A 81 -6.20 1.57 -1.30
N PHE A 82 -5.81 0.63 -0.44
CA PHE A 82 -4.40 0.33 -0.23
C PHE A 82 -4.11 -1.08 -0.70
N VAL A 83 -3.18 -1.22 -1.63
CA VAL A 83 -2.78 -2.51 -2.11
C VAL A 83 -1.28 -2.71 -1.89
N PHE A 84 -0.92 -3.56 -0.94
CA PHE A 84 0.48 -3.81 -0.64
C PHE A 84 0.97 -5.01 -1.42
N LEU A 85 1.98 -4.81 -2.25
CA LEU A 85 2.52 -5.86 -3.07
C LEU A 85 3.91 -6.27 -2.57
N VAL A 86 4.10 -7.56 -2.39
CA VAL A 86 5.38 -8.09 -1.94
C VAL A 86 6.08 -8.82 -3.07
N PRO A 87 7.32 -8.42 -3.40
CA PRO A 87 8.14 -9.16 -4.35
C PRO A 87 8.73 -10.40 -3.71
N LYS A 88 8.37 -11.57 -4.23
CA LYS A 88 8.80 -12.82 -3.62
C LYS A 88 8.74 -13.96 -4.64
N ALA A 89 9.72 -14.86 -4.55
CA ALA A 89 9.84 -16.01 -5.45
C ALA A 89 10.18 -15.58 -6.87
N GLY A 90 9.19 -15.09 -7.59
CA GLY A 90 9.40 -14.62 -8.94
C GLY A 90 8.22 -13.83 -9.46
N ALA A 91 7.45 -13.25 -8.54
CA ALA A 91 6.27 -12.49 -8.90
C ALA A 91 5.90 -11.54 -7.78
N TRP A 92 4.80 -10.82 -7.96
CA TRP A 92 4.31 -9.89 -6.96
C TRP A 92 3.09 -10.48 -6.26
N GLU A 93 3.11 -10.41 -4.95
CA GLU A 93 2.04 -10.93 -4.12
C GLU A 93 1.22 -9.79 -3.53
N GLU A 94 -0.06 -9.74 -3.85
CA GLU A 94 -0.94 -8.80 -3.18
C GLU A 94 -1.27 -9.34 -1.80
N VAL A 95 -0.51 -8.87 -0.82
CA VAL A 95 -0.52 -9.44 0.51
C VAL A 95 -1.61 -8.80 1.37
N GLY A 96 -2.24 -7.77 0.85
CA GLY A 96 -3.29 -7.10 1.57
C GLY A 96 -3.90 -5.96 0.80
N ARG A 97 -5.19 -6.08 0.52
CA ARG A 97 -5.95 -5.00 -0.08
C ARG A 97 -6.90 -4.42 0.95
N LEU A 98 -6.83 -3.13 1.14
CA LEU A 98 -7.58 -2.47 2.20
C LEU A 98 -8.47 -1.36 1.66
N PHE A 99 -9.68 -1.28 2.19
CA PHE A 99 -10.50 -0.10 2.03
C PHE A 99 -10.44 0.69 3.33
N GLY A 100 -9.91 1.90 3.24
CA GLY A 100 -9.55 2.62 4.44
C GLY A 100 -10.63 3.50 4.99
N SER A 101 -10.25 4.73 5.34
CA SER A 101 -11.12 5.69 6.02
C SER A 101 -11.26 5.32 7.50
N ARG A 102 -10.82 4.12 7.84
CA ARG A 102 -10.75 3.65 9.21
C ARG A 102 -9.74 4.48 10.00
N PRO A 103 -9.87 4.53 11.34
CA PRO A 103 -8.91 5.21 12.21
C PRO A 103 -7.50 4.67 12.02
N ARG A 104 -6.50 5.48 12.34
CA ARG A 104 -5.11 5.09 12.09
C ARG A 104 -4.69 3.93 12.96
N ALA A 105 -5.35 3.78 14.12
CA ALA A 105 -5.14 2.62 14.97
C ALA A 105 -5.38 1.34 14.18
N GLU A 106 -6.44 1.35 13.38
CA GLU A 106 -6.77 0.22 12.53
C GLU A 106 -5.83 0.17 11.33
N PHE A 107 -5.50 1.34 10.81
CA PHE A 107 -4.59 1.43 9.67
C PHE A 107 -3.22 0.85 10.02
N LEU A 108 -2.69 1.24 11.18
CA LEU A 108 -1.40 0.76 11.65
C LEU A 108 -1.47 -0.71 12.00
N LYS A 109 -2.64 -1.15 12.47
CA LYS A 109 -2.87 -2.56 12.77
C LYS A 109 -2.75 -3.39 11.49
N GLU A 110 -3.41 -2.94 10.43
CA GLU A 110 -3.39 -3.63 9.15
C GLU A 110 -2.02 -3.53 8.50
N LEU A 111 -1.43 -2.34 8.59
CA LEU A 111 -0.09 -2.11 8.06
C LEU A 111 0.90 -3.03 8.77
N ARG A 112 0.66 -3.23 10.06
CA ARG A 112 1.50 -4.10 10.87
C ARG A 112 1.45 -5.55 10.37
N GLN A 113 0.24 -6.05 10.09
CA GLN A 113 0.12 -7.42 9.61
C GLN A 113 0.84 -7.57 8.27
N VAL A 114 0.74 -6.55 7.42
CA VAL A 114 1.40 -6.55 6.12
C VAL A 114 2.92 -6.53 6.30
N CYS A 115 3.39 -5.69 7.22
CA CYS A 115 4.81 -5.58 7.53
C CYS A 115 5.38 -6.93 7.93
N VAL A 116 4.55 -7.76 8.54
CA VAL A 116 4.95 -9.10 8.95
C VAL A 116 4.81 -10.08 7.78
N LYS A 117 3.63 -10.12 7.18
CA LYS A 117 3.30 -11.08 6.14
C LYS A 117 4.21 -11.00 4.92
N GLY A 118 4.76 -9.82 4.67
CA GLY A 118 5.65 -9.64 3.55
C GLY A 118 6.91 -10.49 3.67
N GLY A 119 7.46 -10.55 4.87
CA GLY A 119 8.66 -11.34 5.09
C GLY A 119 8.33 -12.71 5.62
N ALA A 120 7.31 -12.77 6.48
CA ALA A 120 6.87 -14.04 7.04
C ALA A 120 5.36 -14.17 6.88
N CYS A 121 4.94 -14.90 5.86
CA CYS A 121 3.55 -15.02 5.53
C CYS A 121 2.88 -16.13 6.35
N GLY A 122 3.65 -17.16 6.67
CA GLY A 122 3.14 -18.24 7.49
C GLY A 122 4.22 -19.21 7.87
N GLU A 123 5.42 -18.69 8.10
CA GLU A 123 6.58 -19.51 8.38
C GLU A 123 6.45 -20.18 9.75
N GLY A 124 6.60 -19.40 10.80
CA GLY A 124 6.39 -19.88 12.16
C GLY A 124 7.20 -21.11 12.50
N HIS A 125 8.47 -21.11 12.11
CA HIS A 125 9.35 -22.25 12.38
C HIS A 125 10.77 -21.77 12.67
N HIS A 126 11.48 -22.56 13.47
CA HIS A 126 12.86 -22.27 13.81
C HIS A 126 13.54 -23.54 14.28
N HIS A 127 14.87 -23.57 14.26
CA HIS A 127 15.61 -24.73 14.74
C HIS A 127 15.29 -24.96 16.21
N HIS A 128 14.73 -26.12 16.52
CA HIS A 128 14.25 -26.41 17.85
C HIS A 128 15.38 -26.87 18.77
N HIS A 129 15.96 -25.92 19.49
CA HIS A 129 16.81 -26.26 20.64
C HIS A 129 16.04 -25.93 21.91
N HIS A 130 14.89 -25.30 21.70
CA HIS A 130 13.96 -24.96 22.75
C HIS A 130 12.65 -24.54 22.09
N MET A 1 7.24 16.30 4.80
CA MET A 1 7.27 15.27 3.75
C MET A 1 8.43 14.31 4.00
N SER A 2 8.15 13.25 4.74
CA SER A 2 9.17 12.27 5.07
C SER A 2 8.99 10.99 4.26
N LEU A 3 7.74 10.67 3.93
CA LEU A 3 7.41 9.39 3.31
C LEU A 3 7.73 9.39 1.81
N ARG A 4 8.08 8.23 1.28
CA ARG A 4 8.42 8.10 -0.14
C ARG A 4 7.18 7.82 -0.98
N TRP A 5 6.73 8.84 -1.69
CA TRP A 5 5.63 8.70 -2.62
C TRP A 5 6.14 8.74 -4.06
N TYR A 6 6.19 7.58 -4.67
CA TYR A 6 6.63 7.45 -6.05
C TYR A 6 5.44 7.07 -6.94
N PRO A 7 5.51 7.34 -8.26
CA PRO A 7 4.48 6.88 -9.19
C PRO A 7 4.45 5.36 -9.26
N TYR A 8 3.35 4.81 -9.77
CA TYR A 8 3.17 3.35 -9.86
C TYR A 8 4.41 2.62 -10.40
N PRO A 9 4.93 2.99 -11.61
CA PRO A 9 6.08 2.27 -12.20
C PRO A 9 7.35 2.46 -11.37
N GLU A 10 7.56 3.67 -10.88
CA GLU A 10 8.75 4.01 -10.13
C GLU A 10 8.73 3.35 -8.75
N ALA A 11 7.55 3.25 -8.16
CA ALA A 11 7.38 2.62 -6.86
C ALA A 11 7.75 1.14 -6.92
N LEU A 12 7.24 0.45 -7.94
CA LEU A 12 7.54 -0.96 -8.12
C LEU A 12 9.04 -1.16 -8.36
N ALA A 13 9.65 -0.27 -9.12
CA ALA A 13 11.07 -0.37 -9.43
C ALA A 13 11.91 -0.06 -8.20
N LEU A 14 11.47 0.91 -7.42
CA LEU A 14 12.14 1.27 -6.18
C LEU A 14 12.16 0.06 -5.25
N ALA A 15 11.00 -0.54 -5.07
CA ALA A 15 10.88 -1.70 -4.20
C ALA A 15 11.65 -2.89 -4.77
N GLN A 16 11.49 -3.12 -6.06
CA GLN A 16 12.15 -4.24 -6.74
C GLN A 16 13.66 -4.17 -6.61
N ALA A 17 14.23 -2.99 -6.85
CA ALA A 17 15.67 -2.82 -6.85
C ALA A 17 16.24 -2.70 -5.44
N HIS A 18 15.37 -2.48 -4.46
CA HIS A 18 15.82 -2.26 -3.09
C HIS A 18 15.35 -3.37 -2.16
N GLY A 19 14.63 -4.34 -2.71
CA GLY A 19 14.12 -5.44 -1.90
C GLY A 19 13.10 -4.97 -0.87
N ARG A 20 12.23 -4.07 -1.28
CA ARG A 20 11.19 -3.55 -0.40
C ARG A 20 9.81 -3.97 -0.85
N MET A 21 8.80 -3.57 -0.08
CA MET A 21 7.41 -3.88 -0.37
C MET A 21 6.75 -2.65 -1.00
N VAL A 22 5.71 -2.87 -1.78
CA VAL A 22 5.04 -1.77 -2.48
C VAL A 22 3.70 -1.47 -1.83
N MET A 23 3.43 -0.19 -1.62
CA MET A 23 2.13 0.23 -1.14
C MET A 23 1.47 1.13 -2.19
N VAL A 24 0.52 0.58 -2.91
CA VAL A 24 -0.19 1.34 -3.92
C VAL A 24 -1.41 1.99 -3.29
N TYR A 25 -1.39 3.31 -3.18
CA TYR A 25 -2.47 4.04 -2.55
C TYR A 25 -3.36 4.69 -3.60
N PHE A 26 -4.55 4.14 -3.74
CA PHE A 26 -5.55 4.68 -4.66
C PHE A 26 -6.35 5.79 -4.00
N HIS A 27 -6.24 6.97 -4.59
CA HIS A 27 -7.02 8.13 -4.16
C HIS A 27 -7.61 8.81 -5.40
N SER A 28 -8.60 9.66 -5.20
CA SER A 28 -9.14 10.44 -6.30
C SER A 28 -9.50 11.84 -5.83
N GLU A 29 -9.40 12.80 -6.75
CA GLU A 29 -9.87 14.15 -6.49
C GLU A 29 -11.38 14.14 -6.34
N HIS A 30 -12.02 13.34 -7.19
CA HIS A 30 -13.47 13.23 -7.20
C HIS A 30 -13.93 12.21 -6.14
N CYS A 31 -12.96 11.71 -5.38
CA CYS A 31 -13.22 10.86 -4.24
C CYS A 31 -12.36 11.34 -3.07
N PRO A 32 -12.62 12.57 -2.57
CA PRO A 32 -11.71 13.29 -1.69
C PRO A 32 -11.87 12.93 -0.20
N TYR A 33 -12.24 11.69 0.09
CA TYR A 33 -12.44 11.29 1.48
C TYR A 33 -11.12 10.91 2.14
N CYS A 34 -10.43 9.94 1.56
CA CYS A 34 -9.22 9.39 2.17
C CYS A 34 -8.04 10.33 2.04
N GLN A 35 -8.06 11.24 1.07
CA GLN A 35 -6.94 12.16 0.91
C GLN A 35 -6.88 13.12 2.11
N GLN A 36 -7.99 13.24 2.82
CA GLN A 36 -8.01 13.93 4.10
C GLN A 36 -7.24 13.10 5.13
N MET A 37 -7.56 11.81 5.17
CA MET A 37 -6.85 10.87 6.03
C MET A 37 -5.39 10.78 5.62
N ASN A 38 -5.14 10.88 4.32
CA ASN A 38 -3.79 10.87 3.77
C ASN A 38 -2.94 11.96 4.40
N THR A 39 -3.52 13.14 4.54
CA THR A 39 -2.81 14.29 5.08
C THR A 39 -2.44 14.08 6.55
N PHE A 40 -3.41 13.67 7.36
CA PHE A 40 -3.15 13.48 8.78
C PHE A 40 -2.71 12.05 9.08
N VAL A 41 -3.66 11.12 8.96
CA VAL A 41 -3.48 9.72 9.32
C VAL A 41 -2.28 9.08 8.61
N LEU A 42 -2.24 9.21 7.30
CA LEU A 42 -1.27 8.46 6.51
C LEU A 42 0.10 9.15 6.49
N SER A 43 0.12 10.45 6.75
CA SER A 43 1.37 11.21 6.78
C SER A 43 1.92 11.29 8.20
N ASP A 44 1.17 10.75 9.16
CA ASP A 44 1.62 10.63 10.54
C ASP A 44 3.02 10.03 10.60
N PRO A 45 3.94 10.68 11.33
CA PRO A 45 5.34 10.23 11.47
C PRO A 45 5.45 8.78 11.92
N GLY A 46 4.56 8.35 12.80
CA GLY A 46 4.61 6.99 13.32
C GLY A 46 4.23 5.98 12.26
N VAL A 47 3.29 6.37 11.41
CA VAL A 47 2.86 5.52 10.31
C VAL A 47 3.92 5.52 9.21
N SER A 48 4.36 6.72 8.85
CA SER A 48 5.37 6.91 7.83
C SER A 48 6.62 6.10 8.15
N ARG A 49 6.96 6.02 9.43
CA ARG A 49 8.16 5.31 9.85
C ARG A 49 8.06 3.81 9.53
N LEU A 50 6.84 3.28 9.54
CA LEU A 50 6.62 1.90 9.14
C LEU A 50 6.86 1.73 7.66
N LEU A 51 6.31 2.64 6.85
CA LEU A 51 6.49 2.56 5.41
C LEU A 51 7.95 2.83 5.02
N GLU A 52 8.53 3.89 5.59
CA GLU A 52 9.89 4.33 5.26
C GLU A 52 10.91 3.20 5.21
N ALA A 53 10.82 2.28 6.15
CA ALA A 53 11.84 1.26 6.31
C ALA A 53 11.82 0.22 5.19
N ARG A 54 10.65 -0.33 4.89
CA ARG A 54 10.58 -1.45 3.96
C ARG A 54 9.44 -1.31 2.95
N PHE A 55 8.88 -0.12 2.81
CA PHE A 55 7.79 0.10 1.88
C PHE A 55 8.07 1.24 0.93
N VAL A 56 7.63 1.09 -0.30
CA VAL A 56 7.65 2.14 -1.29
C VAL A 56 6.22 2.50 -1.66
N VAL A 57 5.80 3.73 -1.39
CA VAL A 57 4.41 4.09 -1.57
C VAL A 57 4.18 4.65 -2.97
N ALA A 58 3.15 4.15 -3.62
CA ALA A 58 2.78 4.60 -4.96
C ALA A 58 1.61 5.56 -4.90
N SER A 59 1.83 6.77 -5.37
CA SER A 59 0.79 7.78 -5.39
C SER A 59 -0.05 7.64 -6.66
N VAL A 60 -1.24 7.05 -6.52
CA VAL A 60 -2.10 6.80 -7.66
C VAL A 60 -3.42 7.57 -7.55
N SER A 61 -3.74 8.34 -8.58
CA SER A 61 -5.01 9.03 -8.64
C SER A 61 -5.87 8.39 -9.71
N VAL A 62 -7.04 7.91 -9.32
CA VAL A 62 -7.95 7.21 -10.22
C VAL A 62 -8.53 8.17 -11.26
N ASP A 63 -8.42 9.46 -11.00
CA ASP A 63 -8.93 10.49 -11.90
C ASP A 63 -8.15 10.51 -13.21
N THR A 64 -6.86 10.22 -13.12
CA THR A 64 -5.97 10.32 -14.26
C THR A 64 -5.77 8.96 -14.91
N PRO A 65 -5.37 8.92 -16.20
CA PRO A 65 -5.24 7.67 -16.98
C PRO A 65 -4.42 6.61 -16.28
N GLU A 66 -3.32 7.02 -15.64
CA GLU A 66 -2.50 6.09 -14.85
C GLU A 66 -3.38 5.34 -13.85
N GLY A 67 -4.07 6.10 -13.00
CA GLY A 67 -4.94 5.50 -12.00
C GLY A 67 -6.17 4.89 -12.61
N GLN A 68 -6.66 5.49 -13.67
CA GLN A 68 -7.83 5.01 -14.40
C GLN A 68 -7.63 3.57 -14.85
N GLU A 69 -6.52 3.29 -15.50
CA GLU A 69 -6.27 1.96 -16.04
C GLU A 69 -5.86 1.00 -14.92
N LEU A 70 -5.21 1.52 -13.89
CA LEU A 70 -4.93 0.74 -12.68
C LEU A 70 -6.24 0.30 -12.03
N ALA A 71 -7.21 1.20 -11.97
CA ALA A 71 -8.52 0.90 -11.39
C ALA A 71 -9.22 -0.18 -12.21
N ARG A 72 -9.01 -0.16 -13.52
CA ARG A 72 -9.56 -1.18 -14.41
C ARG A 72 -8.84 -2.51 -14.20
N ARG A 73 -7.58 -2.42 -13.78
CA ARG A 73 -6.75 -3.60 -13.56
C ARG A 73 -7.05 -4.24 -12.21
N TYR A 74 -7.01 -3.44 -11.15
CA TYR A 74 -7.17 -3.95 -9.80
C TYR A 74 -8.65 -4.03 -9.41
N ARG A 75 -9.51 -3.40 -10.20
CA ARG A 75 -10.93 -3.30 -9.87
C ARG A 75 -11.09 -2.46 -8.60
N VAL A 76 -10.98 -1.15 -8.77
CA VAL A 76 -10.93 -0.22 -7.64
C VAL A 76 -11.83 1.00 -7.87
N PRO A 77 -12.50 1.47 -6.80
CA PRO A 77 -13.21 2.75 -6.80
C PRO A 77 -12.24 3.93 -6.78
N GLY A 78 -12.60 5.00 -6.07
CA GLY A 78 -11.73 6.15 -5.99
C GLY A 78 -10.79 6.07 -4.80
N THR A 79 -11.36 5.79 -3.63
CA THR A 79 -10.58 5.72 -2.40
C THR A 79 -11.52 5.37 -1.24
N PRO A 80 -11.00 4.87 -0.11
CA PRO A 80 -9.58 4.59 0.09
C PRO A 80 -9.22 3.19 -0.35
N THR A 81 -8.23 3.06 -1.21
CA THR A 81 -7.76 1.73 -1.57
C THR A 81 -6.28 1.58 -1.33
N PHE A 82 -5.93 0.81 -0.30
CA PHE A 82 -4.54 0.57 0.03
C PHE A 82 -4.14 -0.81 -0.45
N VAL A 83 -3.27 -0.86 -1.44
CA VAL A 83 -2.85 -2.11 -2.04
C VAL A 83 -1.40 -2.42 -1.70
N PHE A 84 -1.19 -3.41 -0.85
CA PHE A 84 0.16 -3.79 -0.44
C PHE A 84 0.67 -4.95 -1.28
N LEU A 85 1.76 -4.72 -2.01
CA LEU A 85 2.32 -5.72 -2.90
C LEU A 85 3.70 -6.16 -2.41
N VAL A 86 3.91 -7.46 -2.35
CA VAL A 86 5.18 -8.03 -1.92
C VAL A 86 5.87 -8.69 -3.10
N PRO A 87 7.12 -8.29 -3.40
CA PRO A 87 7.94 -8.99 -4.39
C PRO A 87 8.57 -10.23 -3.78
N LYS A 88 8.21 -11.40 -4.30
CA LYS A 88 8.70 -12.65 -3.75
C LYS A 88 8.90 -13.67 -4.86
N ALA A 89 10.05 -14.34 -4.82
CA ALA A 89 10.46 -15.32 -5.83
C ALA A 89 10.71 -14.65 -7.18
N GLY A 90 9.64 -14.28 -7.87
CA GLY A 90 9.75 -13.63 -9.15
C GLY A 90 8.44 -13.07 -9.62
N ALA A 91 7.60 -12.68 -8.67
CA ALA A 91 6.29 -12.15 -8.98
C ALA A 91 5.84 -11.18 -7.90
N TRP A 92 4.80 -10.41 -8.20
CA TRP A 92 4.25 -9.47 -7.24
C TRP A 92 3.02 -10.07 -6.59
N GLU A 93 3.01 -10.10 -5.28
CA GLU A 93 1.91 -10.64 -4.51
C GLU A 93 1.11 -9.52 -3.86
N GLU A 94 -0.17 -9.44 -4.16
CA GLU A 94 -1.05 -8.56 -3.41
C GLU A 94 -1.35 -9.20 -2.07
N VAL A 95 -0.59 -8.80 -1.08
CA VAL A 95 -0.59 -9.46 0.21
C VAL A 95 -1.74 -8.98 1.08
N GLY A 96 -2.35 -7.87 0.67
CA GLY A 96 -3.47 -7.32 1.39
C GLY A 96 -3.96 -6.03 0.79
N ARG A 97 -5.26 -5.95 0.56
CA ARG A 97 -5.88 -4.73 0.09
C ARG A 97 -6.85 -4.21 1.14
N LEU A 98 -6.70 -2.97 1.53
CA LEU A 98 -7.55 -2.38 2.55
C LEU A 98 -8.50 -1.36 1.95
N PHE A 99 -9.76 -1.45 2.33
CA PHE A 99 -10.77 -0.50 1.89
C PHE A 99 -11.65 -0.10 3.07
N GLY A 100 -11.61 1.16 3.42
CA GLY A 100 -12.42 1.65 4.52
C GLY A 100 -11.75 2.80 5.26
N SER A 101 -12.48 3.39 6.19
CA SER A 101 -11.96 4.53 6.95
C SER A 101 -11.70 4.12 8.39
N ARG A 102 -10.45 4.26 8.82
CA ARG A 102 -10.04 3.85 10.15
C ARG A 102 -8.95 4.79 10.66
N PRO A 103 -8.89 5.03 11.98
CA PRO A 103 -7.88 5.90 12.60
C PRO A 103 -6.45 5.40 12.33
N ARG A 104 -5.46 6.26 12.53
CA ARG A 104 -4.07 5.89 12.23
C ARG A 104 -3.62 4.76 13.14
N ALA A 105 -4.23 4.65 14.31
CA ALA A 105 -3.95 3.54 15.23
C ALA A 105 -4.38 2.21 14.59
N GLU A 106 -5.55 2.23 13.97
CA GLU A 106 -6.08 1.07 13.28
C GLU A 106 -5.19 0.70 12.10
N PHE A 107 -4.81 1.72 11.33
CA PHE A 107 -3.96 1.51 10.16
C PHE A 107 -2.61 0.92 10.57
N LEU A 108 -2.08 1.38 11.70
CA LEU A 108 -0.81 0.86 12.23
C LEU A 108 -0.92 -0.62 12.54
N LYS A 109 -2.05 -1.02 13.13
CA LYS A 109 -2.31 -2.42 13.46
C LYS A 109 -2.24 -3.28 12.22
N GLU A 110 -3.02 -2.91 11.21
CA GLU A 110 -3.11 -3.68 9.98
C GLU A 110 -1.77 -3.66 9.25
N LEU A 111 -1.14 -2.48 9.23
CA LEU A 111 0.16 -2.32 8.60
C LEU A 111 1.18 -3.22 9.29
N ARG A 112 1.08 -3.31 10.61
CA ARG A 112 1.97 -4.17 11.39
C ARG A 112 1.84 -5.62 10.93
N GLN A 113 0.60 -6.03 10.67
CA GLN A 113 0.33 -7.38 10.17
C GLN A 113 0.86 -7.52 8.74
N VAL A 114 0.62 -6.52 7.91
CA VAL A 114 1.12 -6.52 6.53
C VAL A 114 2.64 -6.62 6.50
N CYS A 115 3.28 -5.93 7.43
CA CYS A 115 4.74 -5.98 7.56
C CYS A 115 5.20 -7.40 7.86
N VAL A 116 4.44 -8.10 8.70
CA VAL A 116 4.72 -9.50 9.02
C VAL A 116 4.50 -10.37 7.78
N LYS A 117 3.48 -10.01 7.02
CA LYS A 117 3.14 -10.72 5.79
C LYS A 117 4.15 -10.44 4.68
N GLY A 118 5.04 -9.48 4.91
CA GLY A 118 6.05 -9.18 3.93
C GLY A 118 7.35 -9.92 4.19
N GLY A 119 7.60 -10.25 5.45
CA GLY A 119 8.75 -11.07 5.79
C GLY A 119 8.61 -12.46 5.23
N ALA A 120 7.36 -12.87 5.06
CA ALA A 120 7.02 -14.11 4.40
C ALA A 120 5.65 -13.94 3.74
N CYS A 121 4.61 -14.05 4.58
CA CYS A 121 3.22 -13.77 4.20
C CYS A 121 2.30 -14.50 5.16
N GLY A 122 2.63 -15.73 5.44
CA GLY A 122 1.82 -16.54 6.31
C GLY A 122 1.12 -17.63 5.53
N GLU A 123 1.78 -18.08 4.48
CA GLU A 123 1.26 -19.11 3.60
C GLU A 123 1.52 -20.49 4.19
N GLY A 124 2.44 -20.55 5.15
CA GLY A 124 2.80 -21.81 5.76
C GLY A 124 1.70 -22.38 6.63
N HIS A 125 0.82 -23.18 6.03
CA HIS A 125 -0.22 -23.88 6.78
C HIS A 125 -0.34 -25.30 6.27
N HIS A 126 -0.56 -26.24 7.19
CA HIS A 126 -0.76 -27.64 6.82
C HIS A 126 -1.98 -28.21 7.51
N HIS A 127 -3.04 -28.45 6.74
CA HIS A 127 -4.26 -29.03 7.29
C HIS A 127 -4.21 -30.55 7.14
N HIS A 128 -3.89 -31.22 8.24
CA HIS A 128 -3.75 -32.68 8.22
C HIS A 128 -5.12 -33.36 8.16
N HIS A 129 -5.57 -33.64 6.95
CA HIS A 129 -6.83 -34.35 6.74
C HIS A 129 -6.82 -35.00 5.36
N HIS A 130 -7.44 -36.17 5.26
CA HIS A 130 -7.53 -36.87 3.98
C HIS A 130 -8.98 -36.92 3.52
N MET A 1 7.39 15.26 9.33
CA MET A 1 7.35 13.86 8.85
C MET A 1 7.64 13.82 7.36
N SER A 2 8.11 12.68 6.88
CA SER A 2 8.47 12.53 5.48
C SER A 2 8.03 11.16 4.99
N LEU A 3 7.39 11.12 3.82
CA LEU A 3 6.95 9.86 3.25
C LEU A 3 7.35 9.82 1.77
N ARG A 4 7.76 8.65 1.28
CA ARG A 4 8.17 8.51 -0.10
C ARG A 4 7.01 8.09 -0.98
N TRP A 5 6.48 9.06 -1.73
CA TRP A 5 5.45 8.79 -2.72
C TRP A 5 6.07 8.80 -4.11
N TYR A 6 6.09 7.65 -4.75
CA TYR A 6 6.63 7.53 -6.10
C TYR A 6 5.54 7.07 -7.05
N PRO A 7 5.73 7.26 -8.37
CA PRO A 7 4.79 6.78 -9.38
C PRO A 7 4.75 5.26 -9.41
N TYR A 8 3.68 4.70 -9.98
CA TYR A 8 3.49 3.25 -10.04
C TYR A 8 4.75 2.51 -10.53
N PRO A 9 5.32 2.88 -11.71
CA PRO A 9 6.51 2.17 -12.23
C PRO A 9 7.71 2.26 -11.30
N GLU A 10 7.98 3.48 -10.82
CA GLU A 10 9.13 3.70 -9.95
C GLU A 10 8.94 2.97 -8.63
N ALA A 11 7.74 3.04 -8.06
CA ALA A 11 7.45 2.38 -6.79
C ALA A 11 7.77 0.89 -6.84
N LEU A 12 7.42 0.25 -7.94
CA LEU A 12 7.70 -1.16 -8.12
C LEU A 12 9.21 -1.41 -8.25
N ALA A 13 9.89 -0.52 -8.95
CA ALA A 13 11.34 -0.66 -9.15
C ALA A 13 12.08 -0.33 -7.86
N LEU A 14 11.64 0.71 -7.18
CA LEU A 14 12.20 1.09 -5.89
C LEU A 14 12.07 -0.09 -4.91
N ALA A 15 10.95 -0.76 -4.97
CA ALA A 15 10.73 -1.92 -4.12
C ALA A 15 11.60 -3.10 -4.58
N GLN A 16 11.44 -3.47 -5.84
CA GLN A 16 12.12 -4.64 -6.40
C GLN A 16 13.63 -4.52 -6.33
N ALA A 17 14.17 -3.40 -6.78
CA ALA A 17 15.61 -3.23 -6.88
C ALA A 17 16.25 -2.91 -5.53
N HIS A 18 15.43 -2.54 -4.54
CA HIS A 18 15.98 -2.14 -3.24
C HIS A 18 15.51 -3.07 -2.13
N GLY A 19 14.79 -4.12 -2.50
CA GLY A 19 14.35 -5.11 -1.53
C GLY A 19 13.30 -4.58 -0.58
N ARG A 20 12.42 -3.71 -1.07
CA ARG A 20 11.32 -3.18 -0.28
C ARG A 20 10.00 -3.76 -0.79
N MET A 21 8.90 -3.39 -0.14
CA MET A 21 7.57 -3.78 -0.63
C MET A 21 6.85 -2.57 -1.22
N VAL A 22 5.78 -2.82 -1.95
CA VAL A 22 5.07 -1.75 -2.64
C VAL A 22 3.76 -1.44 -1.92
N MET A 23 3.59 -0.18 -1.58
CA MET A 23 2.33 0.30 -1.02
C MET A 23 1.66 1.18 -2.06
N VAL A 24 0.66 0.65 -2.73
CA VAL A 24 -0.04 1.39 -3.76
C VAL A 24 -1.21 2.15 -3.17
N TYR A 25 -1.10 3.47 -3.15
CA TYR A 25 -2.14 4.30 -2.60
C TYR A 25 -2.99 4.87 -3.72
N PHE A 26 -4.18 4.31 -3.88
CA PHE A 26 -5.12 4.79 -4.88
C PHE A 26 -5.88 5.99 -4.35
N HIS A 27 -5.76 7.09 -5.08
CA HIS A 27 -6.47 8.32 -4.74
C HIS A 27 -7.07 8.92 -5.99
N SER A 28 -8.29 9.42 -5.86
CA SER A 28 -9.00 10.07 -6.95
C SER A 28 -8.89 11.59 -6.80
N GLU A 29 -9.27 12.33 -7.82
CA GLU A 29 -9.25 13.79 -7.75
C GLU A 29 -10.35 14.34 -6.83
N HIS A 30 -11.23 13.46 -6.35
CA HIS A 30 -12.25 13.85 -5.38
C HIS A 30 -12.01 13.16 -4.04
N CYS A 31 -12.43 11.89 -3.94
CA CYS A 31 -12.36 11.10 -2.73
C CYS A 31 -13.17 11.71 -1.58
N PRO A 32 -13.65 10.86 -0.65
CA PRO A 32 -14.33 11.32 0.55
C PRO A 32 -13.37 11.53 1.73
N TYR A 33 -13.16 10.47 2.52
CA TYR A 33 -12.35 10.57 3.73
C TYR A 33 -10.86 10.53 3.43
N CYS A 34 -10.53 10.07 2.22
CA CYS A 34 -9.13 9.90 1.80
C CYS A 34 -8.30 11.15 2.07
N GLN A 35 -8.77 12.30 1.60
CA GLN A 35 -8.06 13.56 1.79
C GLN A 35 -7.83 13.87 3.28
N GLN A 36 -8.81 13.57 4.10
CA GLN A 36 -8.70 13.78 5.54
C GLN A 36 -7.65 12.86 6.14
N MET A 37 -7.76 11.57 5.83
CA MET A 37 -6.84 10.56 6.36
C MET A 37 -5.42 10.83 5.90
N ASN A 38 -5.28 11.12 4.62
CA ASN A 38 -3.96 11.33 4.01
C ASN A 38 -3.21 12.46 4.70
N THR A 39 -3.92 13.55 4.98
CA THR A 39 -3.31 14.71 5.59
C THR A 39 -2.82 14.43 7.01
N PHE A 40 -3.72 13.98 7.87
CA PHE A 40 -3.38 13.74 9.28
C PHE A 40 -2.93 12.30 9.52
N VAL A 41 -3.89 11.39 9.43
CA VAL A 41 -3.70 9.99 9.80
C VAL A 41 -2.51 9.34 9.12
N LEU A 42 -2.40 9.50 7.81
CA LEU A 42 -1.38 8.82 7.05
C LEU A 42 -0.04 9.53 7.15
N SER A 43 -0.07 10.77 7.62
CA SER A 43 1.16 11.54 7.79
C SER A 43 1.66 11.43 9.23
N ASP A 44 0.91 10.71 10.05
CA ASP A 44 1.35 10.36 11.41
C ASP A 44 2.78 9.85 11.40
N PRO A 45 3.65 10.41 12.26
CA PRO A 45 5.07 10.06 12.32
C PRO A 45 5.31 8.56 12.49
N GLY A 46 4.47 7.92 13.28
CA GLY A 46 4.65 6.50 13.55
C GLY A 46 4.25 5.65 12.37
N VAL A 47 3.13 5.99 11.75
CA VAL A 47 2.66 5.25 10.60
C VAL A 47 3.64 5.45 9.44
N SER A 48 4.05 6.72 9.27
CA SER A 48 5.00 7.10 8.23
C SER A 48 6.28 6.29 8.36
N ARG A 49 6.73 6.07 9.58
CA ARG A 49 7.97 5.33 9.83
C ARG A 49 7.82 3.84 9.49
N LEU A 50 6.59 3.35 9.47
CA LEU A 50 6.33 2.00 9.03
C LEU A 50 6.56 1.89 7.53
N LEU A 51 6.04 2.87 6.79
CA LEU A 51 6.21 2.89 5.34
C LEU A 51 7.68 3.09 4.95
N GLU A 52 8.25 4.22 5.36
CA GLU A 52 9.59 4.62 4.93
C GLU A 52 10.64 3.52 5.08
N ALA A 53 10.49 2.72 6.13
CA ALA A 53 11.48 1.70 6.46
C ALA A 53 11.59 0.62 5.38
N ARG A 54 10.48 0.01 5.00
CA ARG A 54 10.53 -1.13 4.09
C ARG A 54 9.44 -1.06 3.01
N PHE A 55 8.78 0.06 2.87
CA PHE A 55 7.72 0.20 1.88
C PHE A 55 8.01 1.37 0.94
N VAL A 56 7.60 1.21 -0.31
CA VAL A 56 7.61 2.30 -1.26
C VAL A 56 6.18 2.73 -1.52
N VAL A 57 5.84 3.96 -1.21
CA VAL A 57 4.47 4.42 -1.34
C VAL A 57 4.22 4.92 -2.76
N ALA A 58 3.33 4.26 -3.47
CA ALA A 58 3.00 4.66 -4.81
C ALA A 58 1.82 5.60 -4.81
N SER A 59 2.04 6.82 -5.28
CA SER A 59 0.96 7.77 -5.40
C SER A 59 0.31 7.60 -6.76
N VAL A 60 -0.81 6.91 -6.78
CA VAL A 60 -1.51 6.63 -8.02
C VAL A 60 -2.84 7.36 -8.06
N SER A 61 -3.02 8.17 -9.07
CA SER A 61 -4.28 8.87 -9.26
C SER A 61 -5.24 7.98 -10.03
N VAL A 62 -6.26 7.51 -9.33
CA VAL A 62 -7.24 6.63 -9.93
C VAL A 62 -8.36 7.47 -10.55
N ASP A 63 -7.95 8.21 -11.56
CA ASP A 63 -8.80 9.16 -12.25
C ASP A 63 -8.24 9.42 -13.64
N THR A 64 -6.92 9.49 -13.70
CA THR A 64 -6.21 9.61 -14.96
C THR A 64 -6.05 8.24 -15.63
N PRO A 65 -5.70 8.19 -16.93
CA PRO A 65 -5.71 6.94 -17.74
C PRO A 65 -4.95 5.78 -17.10
N GLU A 66 -3.69 5.99 -16.77
CA GLU A 66 -2.86 4.92 -16.19
C GLU A 66 -3.41 4.47 -14.83
N GLY A 67 -3.94 5.41 -14.05
CA GLY A 67 -4.59 5.06 -12.81
C GLY A 67 -5.93 4.37 -13.05
N GLN A 68 -6.60 4.80 -14.12
CA GLN A 68 -7.86 4.20 -14.54
C GLN A 68 -7.63 2.81 -15.12
N GLU A 69 -6.45 2.61 -15.68
CA GLU A 69 -5.99 1.29 -16.10
C GLU A 69 -5.89 0.39 -14.88
N LEU A 70 -5.30 0.92 -13.82
CA LEU A 70 -5.24 0.20 -12.55
C LEU A 70 -6.64 0.02 -11.96
N ALA A 71 -7.52 0.96 -12.24
CA ALA A 71 -8.90 0.91 -11.75
C ALA A 71 -9.67 -0.24 -12.38
N ARG A 72 -9.39 -0.53 -13.65
CA ARG A 72 -10.05 -1.64 -14.32
C ARG A 72 -9.33 -2.95 -14.00
N ARG A 73 -8.01 -2.87 -13.82
CA ARG A 73 -7.21 -4.05 -13.54
C ARG A 73 -7.43 -4.56 -12.13
N TYR A 74 -7.21 -3.69 -11.16
CA TYR A 74 -7.27 -4.07 -9.75
C TYR A 74 -8.67 -3.84 -9.18
N ARG A 75 -9.51 -3.13 -9.95
CA ARG A 75 -10.85 -2.77 -9.51
C ARG A 75 -10.78 -1.83 -8.30
N VAL A 76 -10.76 -0.53 -8.57
CA VAL A 76 -10.57 0.46 -7.51
C VAL A 76 -11.63 1.56 -7.55
N PRO A 77 -12.79 1.33 -6.91
CA PRO A 77 -13.83 2.33 -6.74
C PRO A 77 -13.91 2.89 -5.31
N GLY A 78 -13.83 4.20 -5.16
CA GLY A 78 -14.08 4.80 -3.86
C GLY A 78 -12.95 5.68 -3.37
N THR A 79 -11.81 5.06 -3.07
CA THR A 79 -10.67 5.75 -2.46
C THR A 79 -10.96 6.12 -1.00
N PRO A 80 -9.98 5.96 -0.08
CA PRO A 80 -8.64 5.47 -0.41
C PRO A 80 -8.60 3.95 -0.58
N THR A 81 -7.79 3.50 -1.51
CA THR A 81 -7.61 2.07 -1.72
C THR A 81 -6.14 1.70 -1.58
N PHE A 82 -5.86 0.79 -0.66
CA PHE A 82 -4.50 0.41 -0.35
C PHE A 82 -4.18 -0.96 -0.91
N VAL A 83 -3.15 -1.03 -1.74
CA VAL A 83 -2.74 -2.27 -2.35
C VAL A 83 -1.27 -2.55 -2.04
N PHE A 84 -1.03 -3.49 -1.14
CA PHE A 84 0.33 -3.85 -0.75
C PHE A 84 0.82 -5.03 -1.58
N LEU A 85 1.89 -4.79 -2.33
CA LEU A 85 2.44 -5.83 -3.20
C LEU A 85 3.82 -6.25 -2.71
N VAL A 86 4.07 -7.55 -2.73
CA VAL A 86 5.36 -8.09 -2.30
C VAL A 86 6.13 -8.59 -3.51
N PRO A 87 7.44 -8.29 -3.60
CA PRO A 87 8.31 -8.96 -4.54
C PRO A 87 8.51 -10.40 -4.09
N LYS A 88 8.03 -11.34 -4.88
CA LYS A 88 7.95 -12.72 -4.45
C LYS A 88 8.22 -13.66 -5.60
N ALA A 89 9.37 -14.35 -5.52
CA ALA A 89 9.81 -15.28 -6.56
C ALA A 89 10.08 -14.56 -7.88
N GLY A 90 10.25 -13.24 -7.80
CA GLY A 90 10.50 -12.44 -8.99
C GLY A 90 9.24 -11.73 -9.46
N ALA A 91 8.10 -12.27 -9.09
CA ALA A 91 6.81 -11.70 -9.46
C ALA A 91 6.28 -10.80 -8.35
N TRP A 92 5.07 -10.30 -8.54
CA TRP A 92 4.44 -9.44 -7.55
C TRP A 92 3.19 -10.10 -6.99
N GLU A 93 3.03 -10.01 -5.69
CA GLU A 93 1.87 -10.60 -5.02
C GLU A 93 1.10 -9.54 -4.25
N GLU A 94 -0.19 -9.42 -4.53
CA GLU A 94 -1.07 -8.56 -3.76
C GLU A 94 -1.43 -9.26 -2.46
N VAL A 95 -0.69 -8.93 -1.43
CA VAL A 95 -0.78 -9.65 -0.16
C VAL A 95 -1.59 -8.85 0.86
N GLY A 96 -1.85 -7.61 0.53
CA GLY A 96 -2.55 -6.74 1.45
C GLY A 96 -3.50 -5.82 0.74
N ARG A 97 -4.77 -6.11 0.82
CA ARG A 97 -5.78 -5.29 0.18
C ARG A 97 -6.62 -4.59 1.24
N LEU A 98 -6.69 -3.27 1.17
CA LEU A 98 -7.42 -2.49 2.16
C LEU A 98 -8.22 -1.39 1.48
N PHE A 99 -9.40 -1.11 2.01
CA PHE A 99 -10.25 -0.04 1.49
C PHE A 99 -10.87 0.75 2.63
N GLY A 100 -10.81 2.07 2.53
CA GLY A 100 -11.44 2.92 3.52
C GLY A 100 -10.43 3.59 4.44
N SER A 101 -10.76 4.78 4.92
CA SER A 101 -9.88 5.52 5.80
C SER A 101 -9.92 4.93 7.21
N ARG A 102 -8.82 5.07 7.94
CA ARG A 102 -8.71 4.52 9.29
C ARG A 102 -8.18 5.55 10.26
N PRO A 103 -8.30 5.30 11.57
CA PRO A 103 -7.52 6.02 12.58
C PRO A 103 -6.05 5.66 12.47
N ARG A 104 -5.16 6.55 12.91
CA ARG A 104 -3.72 6.37 12.65
C ARG A 104 -3.20 5.04 13.20
N ALA A 105 -3.63 4.68 14.40
CA ALA A 105 -3.12 3.48 15.04
C ALA A 105 -3.79 2.23 14.50
N GLU A 106 -5.02 2.38 14.03
CA GLU A 106 -5.73 1.24 13.47
C GLU A 106 -5.22 0.94 12.07
N PHE A 107 -4.91 2.00 11.33
CA PHE A 107 -4.34 1.85 10.00
C PHE A 107 -2.96 1.21 10.11
N LEU A 108 -2.13 1.71 11.02
CA LEU A 108 -0.80 1.14 11.21
C LEU A 108 -0.89 -0.27 11.79
N LYS A 109 -2.01 -0.55 12.44
CA LYS A 109 -2.27 -1.88 13.01
C LYS A 109 -2.44 -2.91 11.90
N GLU A 110 -3.36 -2.64 10.97
CA GLU A 110 -3.58 -3.55 9.85
C GLU A 110 -2.40 -3.49 8.88
N LEU A 111 -1.78 -2.33 8.78
CA LEU A 111 -0.55 -2.18 8.02
C LEU A 111 0.52 -3.10 8.60
N ARG A 112 0.57 -3.15 9.93
CA ARG A 112 1.52 -4.00 10.64
C ARG A 112 1.29 -5.47 10.30
N GLN A 113 0.03 -5.89 10.27
CA GLN A 113 -0.30 -7.28 9.96
C GLN A 113 0.04 -7.60 8.51
N VAL A 114 0.09 -6.58 7.66
CA VAL A 114 0.55 -6.74 6.29
C VAL A 114 2.07 -6.72 6.24
N CYS A 115 2.68 -5.89 7.08
CA CYS A 115 4.14 -5.82 7.20
C CYS A 115 4.72 -7.19 7.54
N VAL A 116 4.00 -7.95 8.36
CA VAL A 116 4.43 -9.30 8.74
C VAL A 116 4.44 -10.23 7.53
N LYS A 117 3.54 -9.96 6.58
CA LYS A 117 3.39 -10.82 5.41
C LYS A 117 4.59 -10.71 4.48
N GLY A 118 5.38 -9.65 4.65
CA GLY A 118 6.61 -9.51 3.88
C GLY A 118 7.62 -10.57 4.23
N GLY A 119 7.43 -11.19 5.38
CA GLY A 119 8.28 -12.29 5.79
C GLY A 119 7.46 -13.53 6.08
N ALA A 120 6.21 -13.51 5.63
CA ALA A 120 5.30 -14.63 5.82
C ALA A 120 4.09 -14.48 4.92
N CYS A 121 4.25 -14.93 3.68
CA CYS A 121 3.20 -14.80 2.68
C CYS A 121 2.85 -16.17 2.11
N GLY A 122 3.29 -17.21 2.80
CA GLY A 122 3.02 -18.56 2.35
C GLY A 122 4.15 -19.10 1.50
N GLU A 123 5.34 -18.58 1.71
CA GLU A 123 6.52 -19.05 1.00
C GLU A 123 7.11 -20.28 1.68
N GLY A 124 8.24 -20.75 1.18
CA GLY A 124 8.89 -21.91 1.76
C GLY A 124 9.60 -21.58 3.06
N HIS A 125 8.88 -20.95 3.97
CA HIS A 125 9.43 -20.52 5.25
C HIS A 125 9.71 -21.70 6.15
N HIS A 126 8.98 -22.80 5.91
CA HIS A 126 9.07 -24.02 6.70
C HIS A 126 8.46 -23.83 8.09
N HIS A 127 8.30 -24.92 8.81
CA HIS A 127 7.79 -24.88 10.18
C HIS A 127 8.47 -25.94 11.02
N HIS A 128 9.27 -25.51 12.00
CA HIS A 128 9.97 -26.45 12.86
C HIS A 128 9.03 -26.96 13.95
N HIS A 129 7.85 -26.37 14.02
CA HIS A 129 6.83 -26.81 14.95
C HIS A 129 5.48 -26.89 14.25
N HIS A 130 4.70 -27.89 14.64
CA HIS A 130 3.32 -28.00 14.25
C HIS A 130 2.50 -28.38 15.47
N MET A 1 12.91 12.14 7.11
CA MET A 1 12.30 12.44 5.79
C MET A 1 10.85 12.03 5.80
N SER A 2 10.09 12.53 4.84
CA SER A 2 8.72 12.12 4.67
C SER A 2 8.67 10.90 3.76
N LEU A 3 7.51 10.24 3.72
CA LEU A 3 7.35 8.99 2.99
C LEU A 3 7.76 9.10 1.52
N ARG A 4 8.13 7.97 0.95
CA ARG A 4 8.51 7.89 -0.45
C ARG A 4 7.30 7.66 -1.34
N TRP A 5 6.91 8.68 -2.08
CA TRP A 5 5.79 8.56 -3.00
C TRP A 5 6.28 8.61 -4.43
N TYR A 6 6.22 7.49 -5.12
CA TYR A 6 6.64 7.41 -6.52
C TYR A 6 5.50 6.85 -7.36
N PRO A 7 5.47 7.13 -8.67
CA PRO A 7 4.43 6.61 -9.56
C PRO A 7 4.43 5.09 -9.54
N TYR A 8 3.30 4.50 -9.96
CA TYR A 8 3.15 3.04 -9.95
C TYR A 8 4.38 2.30 -10.51
N PRO A 9 4.85 2.62 -11.73
CA PRO A 9 6.00 1.92 -12.33
C PRO A 9 7.29 2.14 -11.52
N GLU A 10 7.47 3.36 -11.06
CA GLU A 10 8.67 3.74 -10.32
C GLU A 10 8.69 3.11 -8.93
N ALA A 11 7.51 3.03 -8.32
CA ALA A 11 7.39 2.42 -6.99
C ALA A 11 7.68 0.92 -7.04
N LEU A 12 7.07 0.25 -8.02
CA LEU A 12 7.28 -1.18 -8.22
C LEU A 12 8.77 -1.47 -8.42
N ALA A 13 9.43 -0.64 -9.22
CA ALA A 13 10.82 -0.86 -9.55
C ALA A 13 11.73 -0.53 -8.39
N LEU A 14 11.38 0.52 -7.64
CA LEU A 14 12.19 0.92 -6.49
C LEU A 14 12.23 -0.22 -5.48
N ALA A 15 11.06 -0.73 -5.13
CA ALA A 15 10.95 -1.79 -4.15
C ALA A 15 11.63 -3.05 -4.67
N GLN A 16 11.47 -3.31 -5.95
CA GLN A 16 12.03 -4.49 -6.58
C GLN A 16 13.55 -4.47 -6.58
N ALA A 17 14.13 -3.32 -6.89
CA ALA A 17 15.58 -3.21 -6.97
C ALA A 17 16.21 -2.96 -5.60
N HIS A 18 15.39 -2.56 -4.63
CA HIS A 18 15.92 -2.21 -3.31
C HIS A 18 15.50 -3.22 -2.24
N GLY A 19 14.77 -4.25 -2.66
CA GLY A 19 14.31 -5.26 -1.71
C GLY A 19 13.32 -4.69 -0.71
N ARG A 20 12.43 -3.82 -1.19
CA ARG A 20 11.41 -3.23 -0.34
C ARG A 20 10.04 -3.80 -0.69
N MET A 21 9.02 -3.35 0.02
CA MET A 21 7.65 -3.74 -0.26
C MET A 21 6.93 -2.60 -0.95
N VAL A 22 5.89 -2.91 -1.72
CA VAL A 22 5.18 -1.88 -2.46
C VAL A 22 3.82 -1.59 -1.83
N MET A 23 3.54 -0.32 -1.63
CA MET A 23 2.24 0.12 -1.15
C MET A 23 1.55 0.92 -2.25
N VAL A 24 0.59 0.30 -2.92
CA VAL A 24 -0.14 0.99 -3.98
C VAL A 24 -1.28 1.79 -3.36
N TYR A 25 -1.19 3.10 -3.47
CA TYR A 25 -2.13 4.00 -2.85
C TYR A 25 -3.10 4.58 -3.87
N PHE A 26 -4.33 4.09 -3.84
CA PHE A 26 -5.37 4.59 -4.74
C PHE A 26 -6.17 5.71 -4.10
N HIS A 27 -6.23 6.84 -4.79
CA HIS A 27 -7.01 7.99 -4.35
C HIS A 27 -7.67 8.65 -5.56
N SER A 28 -8.70 9.45 -5.31
CA SER A 28 -9.31 10.24 -6.36
C SER A 28 -9.71 11.62 -5.83
N GLU A 29 -9.70 12.61 -6.69
CA GLU A 29 -10.22 13.93 -6.35
C GLU A 29 -11.72 13.85 -6.16
N HIS A 30 -12.36 13.08 -7.04
CA HIS A 30 -13.80 12.91 -7.03
C HIS A 30 -14.22 11.86 -5.99
N CYS A 31 -13.23 11.33 -5.29
CA CYS A 31 -13.45 10.43 -4.19
C CYS A 31 -12.58 10.86 -3.00
N PRO A 32 -12.90 12.02 -2.40
CA PRO A 32 -12.03 12.69 -1.44
C PRO A 32 -12.10 12.12 -0.02
N TYR A 33 -12.22 10.82 0.10
CA TYR A 33 -12.30 10.18 1.40
C TYR A 33 -10.95 10.18 2.10
N CYS A 34 -9.91 9.86 1.34
CA CYS A 34 -8.58 9.74 1.89
C CYS A 34 -7.95 11.11 2.13
N GLN A 35 -8.48 12.13 1.47
CA GLN A 35 -7.93 13.49 1.57
C GLN A 35 -7.81 13.97 3.01
N GLN A 36 -8.66 13.42 3.89
CA GLN A 36 -8.58 13.73 5.31
C GLN A 36 -7.51 12.88 5.99
N MET A 37 -7.32 11.68 5.47
CA MET A 37 -6.39 10.72 6.05
C MET A 37 -4.94 11.03 5.64
N ASN A 38 -4.73 11.30 4.36
CA ASN A 38 -3.38 11.44 3.82
C ASN A 38 -2.67 12.67 4.38
N THR A 39 -3.44 13.63 4.88
CA THR A 39 -2.87 14.81 5.48
C THR A 39 -2.38 14.54 6.90
N PHE A 40 -3.27 14.10 7.77
CA PHE A 40 -2.92 13.84 9.16
C PHE A 40 -2.49 12.39 9.38
N VAL A 41 -3.45 11.49 9.28
CA VAL A 41 -3.27 10.09 9.66
C VAL A 41 -2.10 9.43 8.95
N LEU A 42 -2.04 9.57 7.63
CA LEU A 42 -1.06 8.84 6.83
C LEU A 42 0.30 9.53 6.86
N SER A 43 0.32 10.81 7.18
CA SER A 43 1.57 11.56 7.23
C SER A 43 2.12 11.61 8.65
N ASP A 44 1.38 11.01 9.59
CA ASP A 44 1.83 10.88 10.97
C ASP A 44 3.24 10.28 11.04
N PRO A 45 4.12 10.88 11.86
CA PRO A 45 5.50 10.41 12.03
C PRO A 45 5.61 8.92 12.33
N GLY A 46 4.76 8.43 13.22
CA GLY A 46 4.82 7.02 13.60
C GLY A 46 4.40 6.12 12.47
N VAL A 47 3.30 6.48 11.82
CA VAL A 47 2.85 5.78 10.63
C VAL A 47 3.94 5.80 9.56
N SER A 48 4.48 6.99 9.34
CA SER A 48 5.55 7.20 8.38
C SER A 48 6.71 6.26 8.64
N ARG A 49 7.18 6.22 9.88
CA ARG A 49 8.35 5.41 10.24
C ARG A 49 8.19 3.94 9.84
N LEU A 50 6.96 3.44 9.81
CA LEU A 50 6.70 2.08 9.35
C LEU A 50 6.84 1.96 7.85
N LEU A 51 6.12 2.81 7.11
CA LEU A 51 6.15 2.76 5.65
C LEU A 51 7.51 3.19 5.11
N GLU A 52 8.07 4.21 5.74
CA GLU A 52 9.35 4.79 5.36
C GLU A 52 10.47 3.75 5.38
N ALA A 53 10.38 2.80 6.30
CA ALA A 53 11.45 1.86 6.54
C ALA A 53 11.62 0.83 5.42
N ARG A 54 10.53 0.20 5.00
CA ARG A 54 10.64 -0.89 4.03
C ARG A 54 9.60 -0.83 2.93
N PHE A 55 8.92 0.29 2.76
CA PHE A 55 7.86 0.40 1.76
C PHE A 55 8.13 1.49 0.75
N VAL A 56 7.76 1.22 -0.49
CA VAL A 56 7.74 2.21 -1.54
C VAL A 56 6.29 2.48 -1.93
N VAL A 57 5.81 3.68 -1.66
CA VAL A 57 4.42 4.00 -1.88
C VAL A 57 4.18 4.47 -3.32
N ALA A 58 3.24 3.83 -3.98
CA ALA A 58 2.88 4.20 -5.33
C ALA A 58 1.72 5.20 -5.32
N SER A 59 1.98 6.39 -5.82
CA SER A 59 0.97 7.42 -5.88
C SER A 59 0.10 7.24 -7.12
N VAL A 60 -1.09 6.69 -6.94
CA VAL A 60 -1.99 6.43 -8.06
C VAL A 60 -3.27 7.25 -7.92
N SER A 61 -3.60 8.00 -8.95
CA SER A 61 -4.82 8.78 -8.96
C SER A 61 -5.78 8.23 -10.01
N VAL A 62 -7.03 8.05 -9.65
CA VAL A 62 -8.02 7.45 -10.55
C VAL A 62 -8.54 8.49 -11.56
N ASP A 63 -8.31 9.75 -11.25
CA ASP A 63 -8.84 10.86 -12.06
C ASP A 63 -8.05 11.05 -13.35
N THR A 64 -6.92 10.37 -13.44
CA THR A 64 -6.01 10.50 -14.57
C THR A 64 -5.96 9.19 -15.35
N PRO A 65 -5.74 9.25 -16.68
CA PRO A 65 -5.88 8.08 -17.58
C PRO A 65 -5.10 6.85 -17.15
N GLU A 66 -3.81 7.02 -16.86
CA GLU A 66 -2.97 5.86 -16.56
C GLU A 66 -3.27 5.35 -15.16
N GLY A 67 -3.65 6.25 -14.27
CA GLY A 67 -4.09 5.85 -12.94
C GLY A 67 -5.47 5.24 -12.98
N GLN A 68 -6.29 5.70 -13.92
CA GLN A 68 -7.62 5.16 -14.11
C GLN A 68 -7.51 3.76 -14.68
N GLU A 69 -6.52 3.57 -15.55
CA GLU A 69 -6.15 2.26 -16.05
C GLU A 69 -5.87 1.34 -14.86
N LEU A 70 -5.06 1.83 -13.94
CA LEU A 70 -4.77 1.12 -12.70
C LEU A 70 -6.04 0.85 -11.89
N ALA A 71 -6.90 1.86 -11.82
CA ALA A 71 -8.13 1.78 -11.04
C ALA A 71 -9.02 0.63 -11.47
N ARG A 72 -9.27 0.51 -12.77
CA ARG A 72 -10.11 -0.57 -13.28
C ARG A 72 -9.32 -1.88 -13.40
N ARG A 73 -8.00 -1.77 -13.46
CA ARG A 73 -7.13 -2.95 -13.50
C ARG A 73 -7.30 -3.75 -12.21
N TYR A 74 -7.23 -3.06 -11.08
CA TYR A 74 -7.38 -3.69 -9.78
C TYR A 74 -8.84 -3.65 -9.34
N ARG A 75 -9.63 -2.81 -10.00
CA ARG A 75 -11.03 -2.57 -9.63
C ARG A 75 -11.10 -1.91 -8.25
N VAL A 76 -10.86 -0.60 -8.25
CA VAL A 76 -10.82 0.18 -7.01
C VAL A 76 -11.83 1.33 -7.05
N PRO A 77 -13.00 1.13 -6.44
CA PRO A 77 -14.03 2.16 -6.34
C PRO A 77 -14.07 2.83 -4.96
N GLY A 78 -14.09 4.16 -4.94
CA GLY A 78 -14.36 4.87 -3.71
C GLY A 78 -13.14 5.46 -3.07
N THR A 79 -12.15 4.62 -2.78
CA THR A 79 -10.90 5.01 -2.09
C THR A 79 -11.19 5.58 -0.68
N PRO A 80 -10.19 5.62 0.21
CA PRO A 80 -8.82 5.16 -0.06
C PRO A 80 -8.74 3.65 -0.21
N THR A 81 -7.85 3.20 -1.07
CA THR A 81 -7.62 1.77 -1.22
C THR A 81 -6.13 1.50 -1.26
N PHE A 82 -5.67 0.76 -0.28
CA PHE A 82 -4.25 0.48 -0.13
C PHE A 82 -3.98 -0.96 -0.51
N VAL A 83 -3.26 -1.14 -1.60
CA VAL A 83 -2.93 -2.46 -2.11
C VAL A 83 -1.45 -2.75 -1.89
N PHE A 84 -1.14 -3.70 -1.04
CA PHE A 84 0.25 -3.98 -0.68
C PHE A 84 0.78 -5.13 -1.51
N LEU A 85 1.92 -4.91 -2.16
CA LEU A 85 2.53 -5.94 -2.97
C LEU A 85 3.89 -6.35 -2.41
N VAL A 86 4.10 -7.65 -2.29
CA VAL A 86 5.36 -8.19 -1.77
C VAL A 86 6.15 -8.87 -2.87
N PRO A 87 7.43 -8.53 -3.02
CA PRO A 87 8.32 -9.27 -3.89
C PRO A 87 8.85 -10.52 -3.20
N LYS A 88 8.52 -11.68 -3.75
CA LYS A 88 9.02 -12.92 -3.21
C LYS A 88 9.60 -13.77 -4.33
N ALA A 89 10.87 -14.16 -4.17
CA ALA A 89 11.62 -14.87 -5.21
C ALA A 89 11.83 -13.98 -6.43
N GLY A 90 10.80 -13.90 -7.28
CA GLY A 90 10.87 -13.08 -8.46
C GLY A 90 9.51 -12.65 -8.94
N ALA A 91 8.54 -12.61 -8.02
CA ALA A 91 7.18 -12.23 -8.36
C ALA A 91 6.55 -11.42 -7.24
N TRP A 92 5.42 -10.79 -7.54
CA TRP A 92 4.71 -9.97 -6.56
C TRP A 92 3.50 -10.70 -6.00
N GLU A 93 3.13 -10.34 -4.78
CA GLU A 93 1.84 -10.75 -4.21
C GLU A 93 1.01 -9.55 -3.88
N GLU A 94 -0.25 -9.59 -4.26
CA GLU A 94 -1.21 -8.67 -3.69
C GLU A 94 -1.63 -9.26 -2.36
N VAL A 95 -0.97 -8.83 -1.30
CA VAL A 95 -1.06 -9.50 -0.02
C VAL A 95 -2.28 -9.04 0.78
N GLY A 96 -2.98 -8.04 0.26
CA GLY A 96 -4.14 -7.54 0.94
C GLY A 96 -4.51 -6.15 0.49
N ARG A 97 -5.78 -5.78 0.72
CA ARG A 97 -6.28 -4.47 0.35
C ARG A 97 -6.99 -3.85 1.55
N LEU A 98 -6.66 -2.61 1.86
CA LEU A 98 -7.37 -1.87 2.89
C LEU A 98 -8.20 -0.79 2.24
N PHE A 99 -9.46 -0.66 2.67
CA PHE A 99 -10.36 0.30 2.08
C PHE A 99 -11.18 1.01 3.16
N GLY A 100 -11.43 2.30 2.95
CA GLY A 100 -12.27 3.04 3.86
C GLY A 100 -11.46 3.93 4.77
N SER A 101 -12.13 4.90 5.38
CA SER A 101 -11.48 5.78 6.31
C SER A 101 -11.24 5.06 7.63
N ARG A 102 -9.99 4.90 7.98
CA ARG A 102 -9.61 4.17 9.18
C ARG A 102 -8.73 5.05 10.05
N PRO A 103 -8.87 4.96 11.39
CA PRO A 103 -7.94 5.58 12.32
C PRO A 103 -6.55 4.98 12.16
N ARG A 104 -5.51 5.70 12.58
CA ARG A 104 -4.15 5.18 12.42
C ARG A 104 -3.96 3.90 13.21
N ALA A 105 -4.73 3.75 14.28
CA ALA A 105 -4.70 2.53 15.07
C ALA A 105 -5.11 1.32 14.22
N GLU A 106 -6.16 1.51 13.43
CA GLU A 106 -6.65 0.48 12.53
C GLU A 106 -5.66 0.25 11.40
N PHE A 107 -5.22 1.34 10.79
CA PHE A 107 -4.30 1.28 9.67
C PHE A 107 -3.01 0.58 10.08
N LEU A 108 -2.39 1.04 11.17
CA LEU A 108 -1.11 0.50 11.61
C LEU A 108 -1.26 -0.95 12.06
N LYS A 109 -2.44 -1.31 12.57
CA LYS A 109 -2.73 -2.68 12.93
C LYS A 109 -2.51 -3.61 11.74
N GLU A 110 -3.28 -3.38 10.69
CA GLU A 110 -3.20 -4.21 9.50
C GLU A 110 -1.90 -3.96 8.73
N LEU A 111 -1.40 -2.72 8.77
CA LEU A 111 -0.15 -2.37 8.11
C LEU A 111 1.01 -3.17 8.73
N ARG A 112 1.00 -3.30 10.04
CA ARG A 112 2.03 -4.08 10.73
C ARG A 112 1.90 -5.56 10.43
N GLN A 113 0.67 -6.03 10.22
CA GLN A 113 0.46 -7.42 9.80
C GLN A 113 1.00 -7.65 8.39
N VAL A 114 0.87 -6.64 7.54
CA VAL A 114 1.45 -6.69 6.20
C VAL A 114 2.97 -6.70 6.30
N CYS A 115 3.50 -5.96 7.27
CA CYS A 115 4.94 -5.96 7.54
C CYS A 115 5.41 -7.38 7.87
N VAL A 116 4.55 -8.14 8.53
CA VAL A 116 4.83 -9.53 8.83
C VAL A 116 4.79 -10.36 7.55
N LYS A 117 3.70 -10.21 6.78
CA LYS A 117 3.53 -10.96 5.54
C LYS A 117 4.64 -10.67 4.53
N GLY A 118 5.28 -9.51 4.65
CA GLY A 118 6.39 -9.18 3.78
C GLY A 118 7.46 -10.25 3.77
N GLY A 119 7.62 -10.92 4.90
CA GLY A 119 8.53 -12.04 4.98
C GLY A 119 7.83 -13.30 5.42
N ALA A 120 6.51 -13.32 5.25
CA ALA A 120 5.70 -14.45 5.66
C ALA A 120 4.71 -14.85 4.56
N CYS A 121 4.96 -14.38 3.35
CA CYS A 121 4.16 -14.80 2.21
C CYS A 121 4.54 -16.22 1.80
N GLY A 122 3.63 -17.14 2.05
CA GLY A 122 3.92 -18.55 1.90
C GLY A 122 4.04 -19.21 3.26
N GLU A 123 4.39 -18.39 4.24
CA GLU A 123 4.51 -18.81 5.62
C GLU A 123 3.14 -18.65 6.31
N GLY A 124 3.14 -18.19 7.56
CA GLY A 124 1.90 -18.08 8.30
C GLY A 124 1.62 -19.33 9.09
N HIS A 125 2.56 -20.27 9.02
CA HIS A 125 2.43 -21.53 9.71
C HIS A 125 3.18 -21.43 11.03
N HIS A 126 2.43 -21.57 12.13
CA HIS A 126 2.97 -21.30 13.46
C HIS A 126 4.18 -22.16 13.80
N HIS A 127 4.22 -23.37 13.26
CA HIS A 127 5.40 -24.20 13.41
C HIS A 127 5.43 -25.29 12.34
N HIS A 128 6.63 -25.78 12.09
CA HIS A 128 6.88 -26.82 11.08
C HIS A 128 8.31 -27.31 11.25
N HIS A 129 8.81 -28.10 10.31
CA HIS A 129 10.21 -28.53 10.36
C HIS A 129 11.11 -27.38 9.93
N HIS A 130 11.24 -26.42 10.85
CA HIS A 130 11.95 -25.18 10.63
C HIS A 130 11.70 -24.30 11.85
N MET A 1 13.00 10.12 6.91
CA MET A 1 12.07 11.20 7.29
C MET A 1 11.19 11.55 6.11
N SER A 2 9.99 12.08 6.40
CA SER A 2 8.97 12.27 5.39
C SER A 2 8.50 10.91 4.87
N LEU A 3 7.83 10.86 3.74
CA LEU A 3 7.40 9.59 3.17
C LEU A 3 7.72 9.53 1.68
N ARG A 4 8.04 8.34 1.19
CA ARG A 4 8.36 8.16 -0.22
C ARG A 4 7.11 7.91 -1.04
N TRP A 5 6.66 8.93 -1.74
CA TRP A 5 5.53 8.80 -2.66
C TRP A 5 6.05 8.81 -4.09
N TYR A 6 6.10 7.63 -4.70
CA TYR A 6 6.56 7.50 -6.07
C TYR A 6 5.44 6.94 -6.92
N PRO A 7 5.39 7.30 -8.22
CA PRO A 7 4.39 6.77 -9.15
C PRO A 7 4.49 5.25 -9.26
N TYR A 8 3.47 4.65 -9.85
CA TYR A 8 3.41 3.19 -9.98
C TYR A 8 4.72 2.60 -10.54
N PRO A 9 5.27 3.12 -11.67
CA PRO A 9 6.53 2.60 -12.23
C PRO A 9 7.69 2.68 -11.24
N GLU A 10 7.86 3.87 -10.64
CA GLU A 10 8.93 4.10 -9.69
C GLU A 10 8.78 3.23 -8.44
N ALA A 11 7.56 3.12 -7.94
CA ALA A 11 7.31 2.36 -6.73
C ALA A 11 7.71 0.89 -6.90
N LEU A 12 7.27 0.30 -8.00
CA LEU A 12 7.59 -1.10 -8.28
C LEU A 12 9.09 -1.30 -8.44
N ALA A 13 9.74 -0.35 -9.11
CA ALA A 13 11.17 -0.47 -9.39
C ALA A 13 12.00 -0.15 -8.16
N LEU A 14 11.56 0.84 -7.39
CA LEU A 14 12.27 1.24 -6.19
C LEU A 14 12.27 0.10 -5.19
N ALA A 15 11.11 -0.50 -4.99
CA ALA A 15 10.97 -1.62 -4.08
C ALA A 15 11.77 -2.80 -4.57
N GLN A 16 11.71 -3.04 -5.87
CA GLN A 16 12.44 -4.15 -6.49
C GLN A 16 13.95 -3.97 -6.36
N ALA A 17 14.42 -2.76 -6.65
CA ALA A 17 15.86 -2.48 -6.64
C ALA A 17 16.40 -2.28 -5.23
N HIS A 18 15.52 -2.09 -4.27
CA HIS A 18 15.95 -1.83 -2.89
C HIS A 18 15.49 -2.95 -1.95
N GLY A 19 14.84 -3.97 -2.50
CA GLY A 19 14.36 -5.07 -1.69
C GLY A 19 13.31 -4.64 -0.68
N ARG A 20 12.46 -3.70 -1.08
CA ARG A 20 11.39 -3.22 -0.22
C ARG A 20 10.04 -3.74 -0.71
N MET A 21 8.98 -3.42 0.01
CA MET A 21 7.64 -3.81 -0.39
C MET A 21 6.90 -2.62 -0.98
N VAL A 22 5.87 -2.88 -1.77
CA VAL A 22 5.15 -1.82 -2.47
C VAL A 22 3.80 -1.57 -1.85
N MET A 23 3.56 -0.33 -1.44
CA MET A 23 2.26 0.06 -0.96
C MET A 23 1.54 0.86 -2.04
N VAL A 24 0.59 0.23 -2.71
CA VAL A 24 -0.17 0.88 -3.75
C VAL A 24 -1.34 1.63 -3.14
N TYR A 25 -1.26 2.95 -3.14
CA TYR A 25 -2.27 3.78 -2.54
C TYR A 25 -3.13 4.46 -3.59
N PHE A 26 -4.33 3.93 -3.78
CA PHE A 26 -5.29 4.52 -4.70
C PHE A 26 -6.00 5.70 -4.05
N HIS A 27 -5.86 6.87 -4.67
CA HIS A 27 -6.55 8.07 -4.24
C HIS A 27 -7.26 8.71 -5.43
N SER A 28 -8.30 9.48 -5.18
CA SER A 28 -9.06 10.13 -6.26
C SER A 28 -9.37 11.58 -5.88
N GLU A 29 -9.80 12.36 -6.86
CA GLU A 29 -10.16 13.75 -6.61
C GLU A 29 -11.55 13.87 -5.96
N HIS A 30 -12.24 12.75 -5.84
CA HIS A 30 -13.55 12.73 -5.18
C HIS A 30 -13.55 11.81 -3.97
N CYS A 31 -12.42 11.17 -3.70
CA CYS A 31 -12.27 10.32 -2.53
C CYS A 31 -12.57 11.10 -1.24
N PRO A 32 -13.42 10.57 -0.37
CA PRO A 32 -13.85 11.28 0.85
C PRO A 32 -12.79 11.28 1.97
N TYR A 33 -12.79 10.23 2.79
CA TYR A 33 -11.91 10.17 3.96
C TYR A 33 -10.45 10.02 3.53
N CYS A 34 -10.26 9.59 2.29
CA CYS A 34 -8.93 9.36 1.75
C CYS A 34 -8.11 10.65 1.70
N GLN A 35 -8.74 11.75 1.28
CA GLN A 35 -8.03 13.02 1.18
C GLN A 35 -7.63 13.52 2.57
N GLN A 36 -8.35 13.06 3.58
CA GLN A 36 -8.06 13.42 4.96
C GLN A 36 -6.89 12.58 5.48
N MET A 37 -6.94 11.27 5.28
CA MET A 37 -5.88 10.39 5.73
C MET A 37 -4.60 10.64 4.96
N ASN A 38 -4.73 10.88 3.66
CA ASN A 38 -3.58 11.15 2.79
C ASN A 38 -2.78 12.34 3.31
N THR A 39 -3.47 13.31 3.89
CA THR A 39 -2.85 14.51 4.40
C THR A 39 -2.29 14.28 5.81
N PHE A 40 -3.16 13.97 6.76
CA PHE A 40 -2.75 13.84 8.15
C PHE A 40 -2.33 12.41 8.51
N VAL A 41 -3.33 11.53 8.56
CA VAL A 41 -3.17 10.17 9.09
C VAL A 41 -1.97 9.43 8.50
N LEU A 42 -1.93 9.34 7.20
CA LEU A 42 -0.97 8.49 6.52
C LEU A 42 0.38 9.18 6.36
N SER A 43 0.37 10.51 6.31
CA SER A 43 1.59 11.26 6.07
C SER A 43 2.31 11.57 7.38
N ASP A 44 1.70 11.21 8.50
CA ASP A 44 2.32 11.34 9.81
C ASP A 44 3.71 10.69 9.81
N PRO A 45 4.73 11.40 10.30
CA PRO A 45 6.11 10.91 10.31
C PRO A 45 6.30 9.64 11.16
N GLY A 46 5.39 9.37 12.08
CA GLY A 46 5.48 8.16 12.86
C GLY A 46 4.99 6.97 12.06
N VAL A 47 3.99 7.21 11.24
CA VAL A 47 3.47 6.20 10.34
C VAL A 47 4.43 6.03 9.17
N SER A 48 4.93 7.16 8.70
CA SER A 48 5.88 7.19 7.60
C SER A 48 7.12 6.38 7.97
N ARG A 49 7.50 6.39 9.25
CA ARG A 49 8.62 5.58 9.73
C ARG A 49 8.42 4.10 9.41
N LEU A 50 7.18 3.65 9.48
CA LEU A 50 6.85 2.27 9.13
C LEU A 50 7.08 2.03 7.65
N LEU A 51 6.65 2.98 6.82
CA LEU A 51 6.82 2.85 5.38
C LEU A 51 8.29 3.09 4.95
N GLU A 52 8.89 4.14 5.50
CA GLU A 52 10.26 4.58 5.12
C GLU A 52 11.25 3.41 5.03
N ALA A 53 11.26 2.58 6.05
CA ALA A 53 12.29 1.56 6.18
C ALA A 53 12.21 0.48 5.10
N ARG A 54 11.02 -0.07 4.86
CA ARG A 54 10.91 -1.24 4.00
C ARG A 54 9.76 -1.15 3.01
N PHE A 55 9.22 0.04 2.80
CA PHE A 55 8.12 0.21 1.87
C PHE A 55 8.38 1.35 0.90
N VAL A 56 7.90 1.17 -0.31
CA VAL A 56 7.86 2.23 -1.29
C VAL A 56 6.40 2.55 -1.59
N VAL A 57 5.97 3.77 -1.29
CA VAL A 57 4.57 4.10 -1.44
C VAL A 57 4.27 4.56 -2.86
N ALA A 58 3.36 3.85 -3.51
CA ALA A 58 2.97 4.19 -4.86
C ALA A 58 1.81 5.15 -4.83
N SER A 59 2.04 6.34 -5.35
CA SER A 59 0.99 7.33 -5.43
C SER A 59 0.17 7.09 -6.70
N VAL A 60 -0.97 6.45 -6.53
CA VAL A 60 -1.82 6.13 -7.66
C VAL A 60 -3.01 7.08 -7.69
N SER A 61 -2.98 7.99 -8.64
CA SER A 61 -4.04 8.95 -8.80
C SER A 61 -5.10 8.40 -9.75
N VAL A 62 -6.26 8.06 -9.19
CA VAL A 62 -7.36 7.52 -9.97
C VAL A 62 -8.02 8.65 -10.76
N ASP A 63 -7.56 9.87 -10.47
CA ASP A 63 -7.98 11.05 -11.17
C ASP A 63 -7.28 11.15 -12.53
N THR A 64 -6.05 10.67 -12.59
CA THR A 64 -5.27 10.73 -13.82
C THR A 64 -5.30 9.41 -14.59
N PRO A 65 -4.99 9.44 -15.90
CA PRO A 65 -5.17 8.30 -16.83
C PRO A 65 -4.57 6.98 -16.38
N GLU A 66 -3.28 6.99 -16.04
CA GLU A 66 -2.61 5.76 -15.62
C GLU A 66 -3.22 5.22 -14.33
N GLY A 67 -3.64 6.11 -13.44
CA GLY A 67 -4.35 5.69 -12.24
C GLY A 67 -5.76 5.23 -12.56
N GLN A 68 -6.39 5.96 -13.48
CA GLN A 68 -7.69 5.58 -14.02
C GLN A 68 -7.62 4.18 -14.63
N GLU A 69 -6.51 3.92 -15.30
CA GLU A 69 -6.23 2.67 -15.93
C GLU A 69 -6.07 1.58 -14.88
N LEU A 70 -5.31 1.89 -13.85
CA LEU A 70 -5.11 0.96 -12.75
C LEU A 70 -6.41 0.69 -12.01
N ALA A 71 -7.26 1.70 -11.91
CA ALA A 71 -8.53 1.57 -11.23
C ALA A 71 -9.44 0.59 -11.96
N ARG A 72 -9.41 0.61 -13.28
CA ARG A 72 -10.21 -0.31 -14.07
C ARG A 72 -9.49 -1.65 -14.22
N ARG A 73 -8.18 -1.64 -14.02
CA ARG A 73 -7.38 -2.86 -14.12
C ARG A 73 -7.47 -3.68 -12.83
N TYR A 74 -7.28 -3.01 -11.69
CA TYR A 74 -7.36 -3.68 -10.38
C TYR A 74 -8.79 -3.71 -9.88
N ARG A 75 -9.67 -2.97 -10.55
CA ARG A 75 -11.08 -2.84 -10.16
C ARG A 75 -11.18 -2.12 -8.82
N VAL A 76 -10.95 -0.82 -8.84
CA VAL A 76 -10.89 -0.02 -7.63
C VAL A 76 -11.80 1.22 -7.72
N PRO A 77 -13.08 1.06 -7.37
CA PRO A 77 -14.05 2.15 -7.29
C PRO A 77 -14.32 2.60 -5.85
N GLY A 78 -14.09 3.86 -5.53
CA GLY A 78 -14.42 4.35 -4.22
C GLY A 78 -13.31 5.18 -3.61
N THR A 79 -12.24 4.50 -3.17
CA THR A 79 -11.11 5.16 -2.53
C THR A 79 -11.48 5.63 -1.11
N PRO A 80 -10.55 5.54 -0.14
CA PRO A 80 -9.18 5.03 -0.32
C PRO A 80 -9.12 3.54 -0.62
N THR A 81 -8.07 3.14 -1.30
CA THR A 81 -7.83 1.72 -1.53
C THR A 81 -6.35 1.41 -1.37
N PHE A 82 -6.07 0.47 -0.48
CA PHE A 82 -4.70 0.15 -0.09
C PHE A 82 -4.34 -1.25 -0.59
N VAL A 83 -3.43 -1.33 -1.54
CA VAL A 83 -3.02 -2.61 -2.09
C VAL A 83 -1.54 -2.84 -1.84
N PHE A 84 -1.21 -3.85 -1.04
CA PHE A 84 0.18 -4.09 -0.68
C PHE A 84 0.77 -5.25 -1.48
N LEU A 85 1.87 -4.98 -2.17
CA LEU A 85 2.50 -5.98 -3.03
C LEU A 85 3.92 -6.31 -2.54
N VAL A 86 4.23 -7.59 -2.43
CA VAL A 86 5.56 -8.04 -2.02
C VAL A 86 6.29 -8.68 -3.19
N PRO A 87 7.55 -8.31 -3.43
CA PRO A 87 8.38 -9.01 -4.39
C PRO A 87 8.96 -10.28 -3.78
N LYS A 88 8.56 -11.42 -4.29
CA LYS A 88 9.05 -12.70 -3.79
C LYS A 88 8.64 -13.82 -4.73
N ALA A 89 9.55 -14.79 -4.92
CA ALA A 89 9.35 -15.92 -5.82
C ALA A 89 9.35 -15.47 -7.28
N GLY A 90 9.75 -14.23 -7.51
CA GLY A 90 9.86 -13.72 -8.87
C GLY A 90 8.74 -12.76 -9.21
N ALA A 91 7.63 -12.89 -8.53
CA ALA A 91 6.46 -12.06 -8.81
C ALA A 91 6.08 -11.22 -7.60
N TRP A 92 4.99 -10.48 -7.74
CA TRP A 92 4.49 -9.65 -6.66
C TRP A 92 3.24 -10.28 -6.04
N GLU A 93 3.22 -10.38 -4.73
CA GLU A 93 2.06 -10.90 -4.04
C GLU A 93 1.19 -9.76 -3.53
N GLU A 94 -0.04 -9.70 -3.98
CA GLU A 94 -1.02 -8.83 -3.37
C GLU A 94 -1.44 -9.45 -2.05
N VAL A 95 -0.81 -9.01 -0.97
CA VAL A 95 -1.00 -9.61 0.34
C VAL A 95 -2.36 -9.22 0.91
N GLY A 96 -2.98 -8.26 0.27
CA GLY A 96 -4.27 -7.79 0.71
C GLY A 96 -4.62 -6.46 0.11
N ARG A 97 -5.90 -6.30 -0.23
CA ARG A 97 -6.40 -5.02 -0.69
C ARG A 97 -7.44 -4.51 0.29
N LEU A 98 -7.27 -3.29 0.72
CA LEU A 98 -8.15 -2.68 1.69
C LEU A 98 -9.01 -1.61 1.01
N PHE A 99 -10.30 -1.67 1.27
CA PHE A 99 -11.21 -0.67 0.76
C PHE A 99 -12.11 -0.17 1.89
N GLY A 100 -12.08 1.13 2.10
CA GLY A 100 -12.87 1.72 3.16
C GLY A 100 -12.05 2.69 3.97
N SER A 101 -12.67 3.32 4.94
CA SER A 101 -11.98 4.28 5.78
C SER A 101 -11.84 3.77 7.20
N ARG A 102 -10.63 3.75 7.71
CA ARG A 102 -10.36 3.29 9.07
C ARG A 102 -9.56 4.34 9.82
N PRO A 103 -9.71 4.41 11.15
CA PRO A 103 -8.89 5.29 11.99
C PRO A 103 -7.43 4.91 11.93
N ARG A 104 -6.56 5.85 12.27
CA ARG A 104 -5.12 5.61 12.20
C ARG A 104 -4.71 4.43 13.09
N ALA A 105 -5.39 4.27 14.22
CA ALA A 105 -5.10 3.16 15.13
C ALA A 105 -5.30 1.82 14.42
N GLU A 106 -6.32 1.77 13.57
CA GLU A 106 -6.63 0.57 12.82
C GLU A 106 -5.52 0.29 11.82
N PHE A 107 -5.16 1.34 11.08
CA PHE A 107 -4.15 1.23 10.04
C PHE A 107 -2.78 0.93 10.64
N LEU A 108 -2.49 1.51 11.79
CA LEU A 108 -1.22 1.25 12.46
C LEU A 108 -1.07 -0.24 12.78
N LYS A 109 -2.13 -0.84 13.28
CA LYS A 109 -2.14 -2.27 13.55
C LYS A 109 -2.00 -3.06 12.25
N GLU A 110 -2.81 -2.68 11.27
CA GLU A 110 -2.86 -3.34 9.97
C GLU A 110 -1.50 -3.28 9.28
N LEU A 111 -0.97 -2.08 9.11
CA LEU A 111 0.30 -1.87 8.41
C LEU A 111 1.41 -2.60 9.16
N ARG A 112 1.29 -2.67 10.48
CA ARG A 112 2.22 -3.41 11.31
C ARG A 112 2.14 -4.91 11.00
N GLN A 113 0.93 -5.40 10.74
CA GLN A 113 0.72 -6.81 10.42
C GLN A 113 1.19 -7.12 9.01
N VAL A 114 0.86 -6.25 8.06
CA VAL A 114 1.31 -6.41 6.68
C VAL A 114 2.83 -6.35 6.61
N CYS A 115 3.42 -5.49 7.44
CA CYS A 115 4.86 -5.44 7.58
C CYS A 115 5.43 -6.80 7.94
N VAL A 116 4.62 -7.60 8.63
CA VAL A 116 5.01 -8.95 9.03
C VAL A 116 4.71 -9.96 7.91
N LYS A 117 3.45 -9.97 7.45
CA LYS A 117 2.98 -11.02 6.55
C LYS A 117 3.58 -10.88 5.15
N GLY A 118 4.23 -9.74 4.89
CA GLY A 118 4.92 -9.57 3.63
C GLY A 118 5.93 -10.68 3.40
N GLY A 119 6.64 -11.04 4.46
CA GLY A 119 7.53 -12.15 4.41
C GLY A 119 6.93 -13.37 5.07
N ALA A 120 6.13 -13.14 6.10
CA ALA A 120 5.49 -14.22 6.85
C ALA A 120 4.02 -14.36 6.46
N CYS A 121 3.78 -14.74 5.22
CA CYS A 121 2.42 -15.00 4.75
C CYS A 121 1.92 -16.29 5.38
N GLY A 122 0.81 -16.19 6.09
CA GLY A 122 0.37 -17.26 6.97
C GLY A 122 0.42 -16.77 8.39
N GLU A 123 -0.02 -15.53 8.55
CA GLU A 123 0.10 -14.73 9.77
C GLU A 123 -0.23 -15.52 11.03
N GLY A 124 0.82 -15.88 11.77
CA GLY A 124 0.66 -16.55 13.05
C GLY A 124 0.05 -17.93 12.93
N HIS A 125 -0.29 -18.33 11.71
CA HIS A 125 -1.00 -19.58 11.46
C HIS A 125 -2.33 -19.60 12.18
N HIS A 126 -2.86 -18.41 12.46
CA HIS A 126 -4.12 -18.26 13.17
C HIS A 126 -4.94 -17.10 12.62
N HIS A 127 -6.00 -17.43 11.91
CA HIS A 127 -6.93 -16.42 11.42
C HIS A 127 -8.18 -16.43 12.28
N HIS A 128 -8.93 -15.34 12.25
CA HIS A 128 -10.13 -15.22 13.09
C HIS A 128 -11.24 -16.14 12.58
N HIS A 129 -11.63 -17.08 13.43
CA HIS A 129 -12.68 -18.03 13.10
C HIS A 129 -14.03 -17.33 12.89
N HIS A 130 -14.82 -17.89 11.99
CA HIS A 130 -16.20 -17.48 11.81
C HIS A 130 -17.10 -18.69 12.07
N MET A 1 10.80 10.83 8.60
CA MET A 1 9.51 11.55 8.72
C MET A 1 9.01 11.93 7.34
N SER A 2 7.70 12.14 7.22
CA SER A 2 7.04 12.30 5.93
C SER A 2 7.07 10.95 5.22
N LEU A 3 6.68 10.90 3.96
CA LEU A 3 6.62 9.63 3.27
C LEU A 3 7.25 9.72 1.89
N ARG A 4 7.70 8.58 1.38
CA ARG A 4 8.38 8.53 0.10
C ARG A 4 7.44 7.99 -0.98
N TRP A 5 6.94 8.91 -1.81
CA TRP A 5 6.01 8.58 -2.87
C TRP A 5 6.71 8.57 -4.23
N TYR A 6 6.35 7.61 -5.06
CA TYR A 6 6.80 7.56 -6.45
C TYR A 6 5.63 7.12 -7.33
N PRO A 7 5.73 7.27 -8.66
CA PRO A 7 4.71 6.74 -9.56
C PRO A 7 4.65 5.22 -9.49
N TYR A 8 3.52 4.65 -9.91
CA TYR A 8 3.34 3.19 -9.84
C TYR A 8 4.51 2.41 -10.47
N PRO A 9 4.93 2.73 -11.72
CA PRO A 9 6.05 2.02 -12.37
C PRO A 9 7.35 2.14 -11.59
N GLU A 10 7.64 3.35 -11.12
CA GLU A 10 8.87 3.62 -10.39
C GLU A 10 8.87 2.86 -9.07
N ALA A 11 7.75 2.93 -8.36
CA ALA A 11 7.61 2.26 -7.07
C ALA A 11 7.92 0.77 -7.17
N LEU A 12 7.43 0.15 -8.23
CA LEU A 12 7.71 -1.26 -8.47
C LEU A 12 9.19 -1.49 -8.76
N ALA A 13 9.81 -0.57 -9.48
CA ALA A 13 11.24 -0.69 -9.80
C ALA A 13 12.08 -0.46 -8.56
N LEU A 14 11.76 0.61 -7.84
CA LEU A 14 12.43 0.94 -6.58
C LEU A 14 12.37 -0.25 -5.64
N ALA A 15 11.18 -0.79 -5.43
CA ALA A 15 10.98 -1.90 -4.52
C ALA A 15 11.73 -3.14 -4.99
N GLN A 16 11.64 -3.42 -6.28
CA GLN A 16 12.25 -4.62 -6.85
C GLN A 16 13.78 -4.60 -6.68
N ALA A 17 14.39 -3.46 -7.02
CA ALA A 17 15.83 -3.35 -6.99
C ALA A 17 16.37 -3.14 -5.58
N HIS A 18 15.50 -2.77 -4.66
CA HIS A 18 15.92 -2.44 -3.30
C HIS A 18 15.41 -3.46 -2.29
N GLY A 19 14.66 -4.44 -2.76
CA GLY A 19 14.12 -5.46 -1.89
C GLY A 19 13.09 -4.88 -0.91
N ARG A 20 12.37 -3.87 -1.36
CA ARG A 20 11.35 -3.23 -0.54
C ARG A 20 9.97 -3.78 -0.87
N MET A 21 8.97 -3.31 -0.15
CA MET A 21 7.60 -3.68 -0.40
C MET A 21 6.88 -2.54 -1.11
N VAL A 22 5.82 -2.85 -1.82
CA VAL A 22 5.12 -1.85 -2.62
C VAL A 22 3.81 -1.46 -1.97
N MET A 23 3.63 -0.17 -1.73
CA MET A 23 2.37 0.34 -1.25
C MET A 23 1.64 1.04 -2.39
N VAL A 24 0.65 0.37 -2.93
CA VAL A 24 -0.12 0.93 -4.04
C VAL A 24 -1.22 1.83 -3.51
N TYR A 25 -1.01 3.13 -3.64
CA TYR A 25 -1.93 4.11 -3.12
C TYR A 25 -2.79 4.69 -4.22
N PHE A 26 -4.06 4.33 -4.22
CA PHE A 26 -5.03 4.87 -5.16
C PHE A 26 -5.68 6.12 -4.58
N HIS A 27 -5.60 7.22 -5.32
CA HIS A 27 -6.23 8.46 -4.91
C HIS A 27 -7.12 9.01 -6.01
N SER A 28 -8.08 9.81 -5.62
CA SER A 28 -8.92 10.53 -6.56
C SER A 28 -9.23 11.90 -5.98
N GLU A 29 -9.62 12.84 -6.82
CA GLU A 29 -10.09 14.14 -6.34
C GLU A 29 -11.50 13.99 -5.77
N HIS A 30 -12.09 12.82 -5.99
CA HIS A 30 -13.42 12.52 -5.48
C HIS A 30 -13.35 11.72 -4.18
N CYS A 31 -12.18 11.71 -3.55
CA CYS A 31 -11.99 10.96 -2.31
C CYS A 31 -12.45 11.79 -1.10
N PRO A 32 -13.51 11.33 -0.40
CA PRO A 32 -14.12 12.09 0.69
C PRO A 32 -13.21 12.22 1.93
N TYR A 33 -13.00 11.12 2.63
CA TYR A 33 -12.22 11.14 3.88
C TYR A 33 -10.73 11.03 3.62
N CYS A 34 -10.37 10.57 2.43
CA CYS A 34 -8.97 10.35 2.08
C CYS A 34 -8.13 11.59 2.28
N GLN A 35 -8.62 12.73 1.81
CA GLN A 35 -7.89 14.00 1.96
C GLN A 35 -7.60 14.31 3.43
N GLN A 36 -8.55 14.00 4.30
CA GLN A 36 -8.38 14.21 5.73
C GLN A 36 -7.39 13.20 6.30
N MET A 37 -7.48 11.97 5.80
CA MET A 37 -6.61 10.89 6.25
C MET A 37 -5.16 11.17 5.86
N ASN A 38 -4.94 11.53 4.60
CA ASN A 38 -3.61 11.79 4.08
C ASN A 38 -2.87 12.81 4.95
N THR A 39 -3.56 13.91 5.23
CA THR A 39 -2.98 15.02 5.97
C THR A 39 -2.50 14.58 7.36
N PHE A 40 -3.42 14.09 8.18
CA PHE A 40 -3.10 13.73 9.56
C PHE A 40 -2.68 12.27 9.68
N VAL A 41 -3.63 11.38 9.46
CA VAL A 41 -3.46 9.95 9.73
C VAL A 41 -2.30 9.33 8.94
N LEU A 42 -2.21 9.67 7.67
CA LEU A 42 -1.24 9.03 6.79
C LEU A 42 0.14 9.67 6.94
N SER A 43 0.17 10.98 7.17
CA SER A 43 1.43 11.70 7.34
C SER A 43 1.92 11.61 8.78
N ASP A 44 1.13 10.95 9.62
CA ASP A 44 1.52 10.67 11.01
C ASP A 44 2.92 10.08 11.08
N PRO A 45 3.79 10.66 11.92
CA PRO A 45 5.18 10.19 12.08
C PRO A 45 5.30 8.70 12.34
N GLY A 46 4.35 8.15 13.10
CA GLY A 46 4.38 6.74 13.41
C GLY A 46 4.03 5.89 12.21
N VAL A 47 2.96 6.25 11.54
CA VAL A 47 2.53 5.58 10.32
C VAL A 47 3.60 5.68 9.24
N SER A 48 3.95 6.92 8.90
CA SER A 48 4.90 7.19 7.84
C SER A 48 6.18 6.40 8.04
N ARG A 49 6.72 6.43 9.26
CA ARG A 49 8.01 5.80 9.55
C ARG A 49 7.99 4.30 9.24
N LEU A 50 6.85 3.65 9.49
CA LEU A 50 6.71 2.25 9.15
C LEU A 50 6.82 2.04 7.65
N LEU A 51 6.23 2.96 6.89
CA LEU A 51 6.31 2.90 5.43
C LEU A 51 7.70 3.32 4.94
N GLU A 52 8.27 4.37 5.56
CA GLU A 52 9.56 4.92 5.14
C GLU A 52 10.62 3.84 4.98
N ALA A 53 10.75 3.01 6.01
CA ALA A 53 11.86 2.08 6.15
C ALA A 53 11.94 1.06 5.00
N ARG A 54 10.83 0.42 4.68
CA ARG A 54 10.87 -0.74 3.80
C ARG A 54 9.79 -0.72 2.72
N PHE A 55 9.12 0.40 2.55
CA PHE A 55 8.06 0.50 1.56
C PHE A 55 8.34 1.59 0.55
N VAL A 56 7.93 1.34 -0.68
CA VAL A 56 7.94 2.35 -1.72
C VAL A 56 6.49 2.67 -2.06
N VAL A 57 6.06 3.89 -1.77
CA VAL A 57 4.66 4.24 -1.92
C VAL A 57 4.37 4.71 -3.33
N ALA A 58 3.51 3.97 -4.01
CA ALA A 58 3.14 4.29 -5.38
C ALA A 58 1.93 5.20 -5.40
N SER A 59 2.10 6.40 -5.92
CA SER A 59 1.01 7.32 -6.05
C SER A 59 0.26 7.05 -7.35
N VAL A 60 -0.87 6.37 -7.23
CA VAL A 60 -1.69 6.03 -8.39
C VAL A 60 -2.89 6.96 -8.46
N SER A 61 -3.06 7.61 -9.60
CA SER A 61 -4.14 8.56 -9.74
C SER A 61 -5.31 7.94 -10.48
N VAL A 62 -6.39 7.69 -9.75
CA VAL A 62 -7.58 7.06 -10.32
C VAL A 62 -8.30 8.07 -11.22
N ASP A 63 -7.86 9.30 -11.13
CA ASP A 63 -8.42 10.41 -11.89
C ASP A 63 -7.92 10.38 -13.32
N THR A 64 -6.69 9.91 -13.51
CA THR A 64 -6.04 9.93 -14.81
C THR A 64 -5.91 8.51 -15.39
N PRO A 65 -5.60 8.41 -16.71
CA PRO A 65 -5.61 7.13 -17.45
C PRO A 65 -4.82 6.00 -16.78
N GLU A 66 -3.57 6.27 -16.43
CA GLU A 66 -2.72 5.24 -15.82
C GLU A 66 -3.35 4.65 -14.55
N GLY A 67 -3.90 5.52 -13.71
CA GLY A 67 -4.58 5.05 -12.52
C GLY A 67 -5.95 4.49 -12.82
N GLN A 68 -6.58 5.04 -13.85
CA GLN A 68 -7.89 4.56 -14.30
C GLN A 68 -7.82 3.10 -14.74
N GLU A 69 -6.75 2.74 -15.44
CA GLU A 69 -6.59 1.36 -15.88
C GLU A 69 -6.08 0.47 -14.75
N LEU A 70 -5.31 1.06 -13.84
CA LEU A 70 -4.90 0.36 -12.63
C LEU A 70 -6.12 0.05 -11.76
N ALA A 71 -7.00 1.04 -11.63
CA ALA A 71 -8.22 0.90 -10.85
C ALA A 71 -9.10 -0.23 -11.37
N ARG A 72 -9.35 -0.23 -12.68
CA ARG A 72 -10.18 -1.26 -13.30
C ARG A 72 -9.53 -2.64 -13.20
N ARG A 73 -8.20 -2.67 -13.19
CA ARG A 73 -7.46 -3.93 -13.10
C ARG A 73 -7.70 -4.58 -11.74
N TYR A 74 -7.68 -3.77 -10.69
CA TYR A 74 -7.86 -4.27 -9.33
C TYR A 74 -9.34 -4.24 -8.92
N ARG A 75 -10.17 -3.65 -9.77
CA ARG A 75 -11.62 -3.54 -9.55
C ARG A 75 -11.92 -2.64 -8.34
N VAL A 76 -11.09 -1.64 -8.14
CA VAL A 76 -11.24 -0.74 -7.00
C VAL A 76 -11.19 0.71 -7.47
N PRO A 77 -11.96 1.62 -6.85
CA PRO A 77 -11.79 3.06 -7.05
C PRO A 77 -10.49 3.56 -6.43
N GLY A 78 -10.60 4.45 -5.45
CA GLY A 78 -9.41 4.96 -4.78
C GLY A 78 -9.76 6.14 -3.92
N THR A 79 -10.58 5.90 -2.90
CA THR A 79 -11.16 6.99 -2.16
C THR A 79 -11.20 6.78 -0.63
N PRO A 80 -10.09 6.36 0.03
CA PRO A 80 -8.81 5.99 -0.54
C PRO A 80 -8.70 4.48 -0.83
N THR A 81 -7.61 4.06 -1.47
CA THR A 81 -7.32 2.65 -1.61
C THR A 81 -5.83 2.37 -1.39
N PHE A 82 -5.52 1.37 -0.57
CA PHE A 82 -4.14 1.03 -0.26
C PHE A 82 -3.92 -0.46 -0.51
N VAL A 83 -3.13 -0.80 -1.51
CA VAL A 83 -2.84 -2.19 -1.80
C VAL A 83 -1.37 -2.49 -1.50
N PHE A 84 -1.13 -3.45 -0.61
CA PHE A 84 0.23 -3.79 -0.22
C PHE A 84 0.73 -4.99 -1.01
N LEU A 85 1.77 -4.79 -1.80
CA LEU A 85 2.30 -5.85 -2.63
C LEU A 85 3.70 -6.27 -2.18
N VAL A 86 3.93 -7.56 -2.15
CA VAL A 86 5.25 -8.11 -1.84
C VAL A 86 5.85 -8.74 -3.09
N PRO A 87 7.05 -8.30 -3.49
CA PRO A 87 7.77 -8.93 -4.59
C PRO A 87 8.43 -10.23 -4.15
N LYS A 88 7.99 -11.33 -4.73
CA LYS A 88 8.55 -12.63 -4.38
C LYS A 88 8.54 -13.57 -5.58
N ALA A 89 9.66 -14.27 -5.78
CA ALA A 89 9.84 -15.19 -6.90
C ALA A 89 9.79 -14.47 -8.23
N GLY A 90 10.09 -13.17 -8.21
CA GLY A 90 10.07 -12.39 -9.44
C GLY A 90 8.67 -12.01 -9.86
N ALA A 91 7.73 -12.10 -8.93
CA ALA A 91 6.36 -11.72 -9.18
C ALA A 91 5.84 -10.83 -8.05
N TRP A 92 4.71 -10.20 -8.28
CA TRP A 92 4.12 -9.31 -7.29
C TRP A 92 2.92 -9.97 -6.65
N GLU A 93 2.93 -10.02 -5.33
CA GLU A 93 1.85 -10.65 -4.60
C GLU A 93 1.11 -9.63 -3.76
N GLU A 94 -0.21 -9.72 -3.76
CA GLU A 94 -1.01 -8.83 -2.95
C GLU A 94 -1.19 -9.43 -1.57
N VAL A 95 -0.60 -8.79 -0.57
CA VAL A 95 -0.61 -9.30 0.78
C VAL A 95 -1.71 -8.63 1.61
N GLY A 96 -2.54 -7.84 0.94
CA GLY A 96 -3.64 -7.20 1.61
C GLY A 96 -4.02 -5.88 0.97
N ARG A 97 -5.32 -5.64 0.84
CA ARG A 97 -5.81 -4.37 0.31
C ARG A 97 -6.74 -3.70 1.31
N LEU A 98 -6.52 -2.42 1.51
CA LEU A 98 -7.35 -1.62 2.41
C LEU A 98 -8.13 -0.59 1.61
N PHE A 99 -9.43 -0.56 1.83
CA PHE A 99 -10.28 0.39 1.12
C PHE A 99 -11.30 1.01 2.07
N GLY A 100 -11.58 2.29 1.86
CA GLY A 100 -12.54 2.99 2.68
C GLY A 100 -11.85 3.82 3.72
N SER A 101 -12.64 4.47 4.57
CA SER A 101 -12.07 5.28 5.62
C SER A 101 -11.84 4.44 6.87
N ARG A 102 -10.58 4.16 7.14
CA ARG A 102 -10.20 3.32 8.26
C ARG A 102 -9.51 4.16 9.32
N PRO A 103 -9.74 3.85 10.60
CA PRO A 103 -9.04 4.51 11.71
C PRO A 103 -7.56 4.17 11.69
N ARG A 104 -6.73 5.08 12.20
CA ARG A 104 -5.29 4.85 12.25
C ARG A 104 -4.97 3.60 13.07
N ALA A 105 -5.86 3.29 14.01
CA ALA A 105 -5.73 2.09 14.83
C ALA A 105 -5.80 0.83 13.96
N GLU A 106 -6.68 0.86 12.97
CA GLU A 106 -6.87 -0.29 12.09
C GLU A 106 -5.82 -0.27 10.99
N PHE A 107 -5.50 0.92 10.50
CA PHE A 107 -4.47 1.08 9.49
C PHE A 107 -3.15 0.54 10.02
N LEU A 108 -2.76 0.99 11.21
CA LEU A 108 -1.52 0.53 11.81
C LEU A 108 -1.62 -0.92 12.26
N LYS A 109 -2.83 -1.36 12.59
CA LYS A 109 -3.07 -2.76 12.91
C LYS A 109 -2.62 -3.64 11.76
N GLU A 110 -3.17 -3.36 10.58
CA GLU A 110 -2.86 -4.15 9.40
C GLU A 110 -1.45 -3.83 8.91
N LEU A 111 -1.01 -2.59 9.11
CA LEU A 111 0.34 -2.17 8.74
C LEU A 111 1.34 -3.01 9.52
N ARG A 112 1.11 -3.15 10.82
CA ARG A 112 1.94 -3.99 11.68
C ARG A 112 1.91 -5.45 11.22
N GLN A 113 0.74 -5.89 10.77
CA GLN A 113 0.60 -7.25 10.27
C GLN A 113 1.32 -7.40 8.92
N VAL A 114 1.08 -6.46 8.02
CA VAL A 114 1.65 -6.51 6.67
C VAL A 114 3.18 -6.54 6.71
N CYS A 115 3.78 -5.73 7.57
CA CYS A 115 5.24 -5.68 7.67
C CYS A 115 5.80 -7.02 8.12
N VAL A 116 4.96 -7.82 8.79
CA VAL A 116 5.30 -9.19 9.15
C VAL A 116 4.95 -10.15 8.02
N LYS A 117 3.72 -10.03 7.52
CA LYS A 117 3.18 -10.93 6.49
C LYS A 117 4.06 -10.98 5.25
N GLY A 118 4.68 -9.85 4.92
CA GLY A 118 5.52 -9.77 3.73
C GLY A 118 6.77 -10.59 3.83
N GLY A 119 7.22 -10.85 5.06
CA GLY A 119 8.40 -11.68 5.26
C GLY A 119 8.02 -13.08 5.66
N ALA A 120 7.00 -13.19 6.51
CA ALA A 120 6.49 -14.47 6.96
C ALA A 120 5.06 -14.31 7.46
N CYS A 121 4.10 -14.65 6.62
CA CYS A 121 2.69 -14.53 6.97
C CYS A 121 2.22 -15.67 7.86
N GLY A 122 3.00 -15.94 8.90
CA GLY A 122 2.70 -17.03 9.80
C GLY A 122 3.01 -18.38 9.18
N GLU A 123 3.95 -18.38 8.23
CA GLU A 123 4.31 -19.60 7.52
C GLU A 123 4.88 -20.65 8.46
N GLY A 124 4.83 -21.89 8.01
CA GLY A 124 5.08 -22.99 8.92
C GLY A 124 3.92 -23.11 9.88
N HIS A 125 2.71 -23.18 9.31
CA HIS A 125 1.46 -23.04 10.07
C HIS A 125 1.19 -24.24 10.97
N HIS A 126 2.19 -25.09 11.17
CA HIS A 126 2.05 -26.24 12.04
C HIS A 126 3.20 -26.28 13.05
N HIS A 127 3.93 -25.18 13.16
CA HIS A 127 5.06 -25.11 14.08
C HIS A 127 4.57 -24.86 15.50
N HIS A 128 5.04 -25.68 16.44
CA HIS A 128 4.67 -25.56 17.86
C HIS A 128 3.15 -25.73 18.01
N HIS A 129 2.57 -26.51 17.12
CA HIS A 129 1.13 -26.71 17.11
C HIS A 129 0.81 -28.05 16.44
N HIS A 130 0.42 -29.03 17.25
CA HIS A 130 0.01 -30.32 16.72
C HIS A 130 -1.29 -30.17 15.94
N MET A 1 8.37 14.90 3.05
CA MET A 1 8.72 13.76 3.94
C MET A 1 9.76 12.89 3.26
N SER A 2 10.32 11.95 4.02
CA SER A 2 11.24 10.97 3.46
C SER A 2 10.47 9.74 2.99
N LEU A 3 9.15 9.80 3.11
CA LEU A 3 8.28 8.74 2.62
C LEU A 3 8.24 8.79 1.09
N ARG A 4 8.33 7.61 0.49
CA ARG A 4 8.47 7.50 -0.96
C ARG A 4 7.11 7.47 -1.65
N TRP A 5 6.75 8.57 -2.30
CA TRP A 5 5.55 8.57 -3.15
C TRP A 5 5.97 8.68 -4.60
N TYR A 6 5.80 7.59 -5.33
CA TYR A 6 6.14 7.54 -6.75
C TYR A 6 4.99 6.91 -7.52
N PRO A 7 4.84 7.21 -8.82
CA PRO A 7 3.77 6.63 -9.64
C PRO A 7 3.84 5.11 -9.64
N TYR A 8 2.74 4.46 -10.02
CA TYR A 8 2.66 3.00 -10.00
C TYR A 8 3.90 2.33 -10.60
N PRO A 9 4.32 2.67 -11.85
CA PRO A 9 5.47 2.03 -12.48
C PRO A 9 6.78 2.33 -11.74
N GLU A 10 6.91 3.58 -11.31
CA GLU A 10 8.13 4.04 -10.66
C GLU A 10 8.27 3.44 -9.27
N ALA A 11 7.14 3.30 -8.57
CA ALA A 11 7.13 2.71 -7.24
C ALA A 11 7.55 1.25 -7.29
N LEU A 12 6.96 0.50 -8.23
CA LEU A 12 7.31 -0.91 -8.41
C LEU A 12 8.78 -1.06 -8.76
N ALA A 13 9.31 -0.09 -9.51
CA ALA A 13 10.71 -0.14 -9.94
C ALA A 13 11.63 0.18 -8.77
N LEU A 14 11.23 1.15 -7.93
CA LEU A 14 12.02 1.51 -6.77
C LEU A 14 12.10 0.34 -5.80
N ALA A 15 10.96 -0.26 -5.53
CA ALA A 15 10.88 -1.40 -4.63
C ALA A 15 11.71 -2.55 -5.16
N GLN A 16 11.67 -2.73 -6.47
CA GLN A 16 12.44 -3.78 -7.14
C GLN A 16 13.94 -3.55 -6.96
N ALA A 17 14.38 -2.35 -7.29
CA ALA A 17 15.81 -2.04 -7.31
C ALA A 17 16.39 -1.86 -5.92
N HIS A 18 15.51 -1.71 -4.93
CA HIS A 18 15.98 -1.45 -3.56
C HIS A 18 15.53 -2.55 -2.60
N GLY A 19 14.89 -3.58 -3.14
CA GLY A 19 14.40 -4.67 -2.31
C GLY A 19 13.44 -4.21 -1.23
N ARG A 20 12.51 -3.33 -1.61
CA ARG A 20 11.52 -2.82 -0.67
C ARG A 20 10.15 -3.42 -0.97
N MET A 21 9.19 -3.11 -0.11
CA MET A 21 7.82 -3.58 -0.28
C MET A 21 6.99 -2.46 -0.89
N VAL A 22 5.90 -2.80 -1.54
CA VAL A 22 5.12 -1.80 -2.27
C VAL A 22 3.81 -1.48 -1.55
N MET A 23 3.58 -0.20 -1.33
CA MET A 23 2.29 0.25 -0.82
C MET A 23 1.58 1.04 -1.90
N VAL A 24 0.58 0.42 -2.51
CA VAL A 24 -0.16 1.06 -3.58
C VAL A 24 -1.32 1.86 -3.01
N TYR A 25 -1.19 3.18 -3.02
CA TYR A 25 -2.24 4.04 -2.50
C TYR A 25 -3.18 4.46 -3.63
N PHE A 26 -4.35 3.84 -3.65
CA PHE A 26 -5.35 4.16 -4.63
C PHE A 26 -6.22 5.31 -4.15
N HIS A 27 -6.27 6.37 -4.93
CA HIS A 27 -7.23 7.43 -4.67
C HIS A 27 -7.92 7.80 -5.98
N SER A 28 -9.23 7.99 -5.89
CA SER A 28 -10.07 8.31 -7.03
C SER A 28 -9.64 9.63 -7.69
N GLU A 29 -10.17 9.87 -8.88
CA GLU A 29 -9.88 11.08 -9.63
C GLU A 29 -10.16 12.33 -8.79
N HIS A 30 -11.22 12.29 -8.00
CA HIS A 30 -11.53 13.40 -7.09
C HIS A 30 -11.12 13.01 -5.67
N CYS A 31 -11.52 11.81 -5.27
CA CYS A 31 -11.19 11.22 -3.98
C CYS A 31 -11.26 12.23 -2.82
N PRO A 32 -12.47 12.55 -2.35
CA PRO A 32 -12.66 13.59 -1.33
C PRO A 32 -12.35 13.14 0.10
N TYR A 33 -13.05 12.10 0.58
CA TYR A 33 -12.99 11.73 1.99
C TYR A 33 -11.62 11.22 2.41
N CYS A 34 -10.86 10.72 1.45
CA CYS A 34 -9.59 10.07 1.77
C CYS A 34 -8.45 11.07 1.95
N GLN A 35 -8.58 12.28 1.41
CA GLN A 35 -7.52 13.28 1.54
C GLN A 35 -7.30 13.63 3.01
N GLN A 36 -8.37 13.56 3.81
CA GLN A 36 -8.26 13.75 5.25
C GLN A 36 -7.44 12.62 5.86
N MET A 37 -7.72 11.41 5.40
CA MET A 37 -6.98 10.22 5.82
C MET A 37 -5.50 10.36 5.47
N ASN A 38 -5.25 10.84 4.26
CA ASN A 38 -3.89 10.99 3.75
C ASN A 38 -3.08 11.99 4.58
N THR A 39 -3.62 13.20 4.73
CA THR A 39 -2.89 14.27 5.40
C THR A 39 -2.77 14.03 6.91
N PHE A 40 -3.79 13.49 7.54
CA PHE A 40 -3.74 13.24 8.98
C PHE A 40 -3.21 11.85 9.31
N VAL A 41 -4.04 10.84 9.04
CA VAL A 41 -3.79 9.47 9.50
C VAL A 41 -2.52 8.87 8.88
N LEU A 42 -2.38 9.03 7.58
CA LEU A 42 -1.27 8.40 6.88
C LEU A 42 0.03 9.20 7.04
N SER A 43 -0.09 10.51 7.16
CA SER A 43 1.07 11.38 7.28
C SER A 43 1.55 11.44 8.73
N ASP A 44 0.80 10.80 9.64
CA ASP A 44 1.27 10.60 11.01
C ASP A 44 2.69 10.05 11.02
N PRO A 45 3.59 10.69 11.78
CA PRO A 45 5.02 10.32 11.83
C PRO A 45 5.25 8.82 12.00
N GLY A 46 4.56 8.21 12.96
CA GLY A 46 4.77 6.80 13.23
C GLY A 46 4.31 5.91 12.11
N VAL A 47 3.20 6.31 11.49
CA VAL A 47 2.66 5.57 10.35
C VAL A 47 3.61 5.67 9.17
N SER A 48 3.89 6.91 8.78
CA SER A 48 4.77 7.18 7.66
C SER A 48 6.09 6.44 7.83
N ARG A 49 6.68 6.53 9.02
CA ARG A 49 8.00 5.96 9.27
C ARG A 49 8.03 4.44 9.09
N LEU A 50 6.93 3.75 9.40
CA LEU A 50 6.83 2.34 9.10
C LEU A 50 6.94 2.11 7.60
N LEU A 51 6.28 2.97 6.85
CA LEU A 51 6.36 2.89 5.39
C LEU A 51 7.73 3.36 4.88
N GLU A 52 8.27 4.43 5.46
CA GLU A 52 9.54 5.03 5.00
C GLU A 52 10.68 4.03 5.03
N ALA A 53 10.65 3.13 6.00
CA ALA A 53 11.76 2.21 6.24
C ALA A 53 11.94 1.20 5.11
N ARG A 54 10.88 0.48 4.76
CA ARG A 54 11.02 -0.61 3.80
C ARG A 54 9.92 -0.61 2.74
N PHE A 55 9.19 0.48 2.60
CA PHE A 55 8.10 0.51 1.63
C PHE A 55 8.29 1.63 0.60
N VAL A 56 7.84 1.35 -0.61
CA VAL A 56 7.72 2.35 -1.66
C VAL A 56 6.25 2.56 -1.96
N VAL A 57 5.75 3.76 -1.68
CA VAL A 57 4.33 4.04 -1.85
C VAL A 57 4.04 4.48 -3.28
N ALA A 58 3.11 3.80 -3.91
CA ALA A 58 2.69 4.15 -5.25
C ALA A 58 1.55 5.15 -5.19
N SER A 59 1.78 6.34 -5.71
CA SER A 59 0.76 7.34 -5.76
C SER A 59 -0.10 7.11 -7.00
N VAL A 60 -1.28 6.53 -6.80
CA VAL A 60 -2.15 6.19 -7.91
C VAL A 60 -3.28 7.21 -8.03
N SER A 61 -3.13 8.09 -9.00
CA SER A 61 -4.13 9.09 -9.27
C SER A 61 -5.07 8.61 -10.37
N VAL A 62 -6.33 8.34 -9.99
CA VAL A 62 -7.33 7.88 -10.95
C VAL A 62 -7.71 9.02 -11.90
N ASP A 63 -7.33 10.24 -11.54
CA ASP A 63 -7.58 11.40 -12.38
C ASP A 63 -6.67 11.41 -13.59
N THR A 64 -5.51 10.81 -13.44
CA THR A 64 -4.60 10.64 -14.58
C THR A 64 -4.88 9.30 -15.24
N PRO A 65 -4.62 9.17 -16.55
CA PRO A 65 -4.97 7.98 -17.32
C PRO A 65 -4.29 6.71 -16.83
N GLU A 66 -3.03 6.82 -16.40
CA GLU A 66 -2.34 5.67 -15.82
C GLU A 66 -3.14 5.13 -14.63
N GLY A 67 -3.46 6.02 -13.70
CA GLY A 67 -4.20 5.63 -12.52
C GLY A 67 -5.65 5.30 -12.81
N GLN A 68 -6.22 5.96 -13.82
CA GLN A 68 -7.61 5.73 -14.18
C GLN A 68 -7.84 4.29 -14.60
N GLU A 69 -6.96 3.80 -15.46
CA GLU A 69 -7.05 2.44 -15.95
C GLU A 69 -6.65 1.47 -14.85
N LEU A 70 -5.70 1.88 -14.01
CA LEU A 70 -5.30 1.07 -12.85
C LEU A 70 -6.48 0.80 -11.94
N ALA A 71 -7.29 1.83 -11.71
CA ALA A 71 -8.50 1.69 -10.91
C ALA A 71 -9.47 0.73 -11.58
N ARG A 72 -9.58 0.83 -12.90
CA ARG A 72 -10.36 -0.10 -13.70
C ARG A 72 -9.82 -1.52 -13.59
N ARG A 73 -8.50 -1.63 -13.68
CA ARG A 73 -7.81 -2.91 -13.66
C ARG A 73 -8.01 -3.64 -12.34
N TYR A 74 -7.79 -2.94 -11.24
CA TYR A 74 -7.90 -3.53 -9.90
C TYR A 74 -9.34 -3.48 -9.39
N ARG A 75 -10.20 -2.80 -10.15
CA ARG A 75 -11.60 -2.58 -9.75
C ARG A 75 -11.67 -1.88 -8.41
N VAL A 76 -10.87 -0.84 -8.27
CA VAL A 76 -10.72 -0.15 -6.99
C VAL A 76 -11.09 1.33 -7.08
N PRO A 77 -12.09 1.77 -6.30
CA PRO A 77 -12.39 3.17 -6.10
C PRO A 77 -11.68 3.70 -4.85
N GLY A 78 -10.64 4.48 -5.04
CA GLY A 78 -9.75 4.82 -3.95
C GLY A 78 -10.30 5.95 -3.11
N THR A 79 -11.03 5.61 -2.05
CA THR A 79 -11.65 6.65 -1.24
C THR A 79 -11.72 6.33 0.26
N PRO A 80 -10.62 5.88 0.92
CA PRO A 80 -9.32 5.55 0.33
C PRO A 80 -9.19 4.06 -0.01
N THR A 81 -8.11 3.68 -0.66
CA THR A 81 -7.79 2.25 -0.79
C THR A 81 -6.28 2.04 -0.72
N PHE A 82 -5.87 1.00 0.01
CA PHE A 82 -4.47 0.71 0.22
C PHE A 82 -4.18 -0.75 -0.12
N VAL A 83 -3.33 -0.98 -1.10
CA VAL A 83 -2.95 -2.34 -1.49
C VAL A 83 -1.47 -2.56 -1.21
N PHE A 84 -1.16 -3.62 -0.48
CA PHE A 84 0.23 -3.91 -0.12
C PHE A 84 0.77 -5.07 -0.95
N LEU A 85 1.87 -4.82 -1.66
CA LEU A 85 2.49 -5.83 -2.50
C LEU A 85 3.89 -6.14 -2.00
N VAL A 86 4.19 -7.43 -1.85
CA VAL A 86 5.51 -7.86 -1.39
C VAL A 86 6.29 -8.54 -2.51
N PRO A 87 7.53 -8.11 -2.76
CA PRO A 87 8.42 -8.79 -3.69
C PRO A 87 8.93 -10.09 -3.08
N LYS A 88 8.60 -11.21 -3.69
CA LYS A 88 8.94 -12.50 -3.12
C LYS A 88 8.82 -13.61 -4.16
N ALA A 89 9.73 -14.58 -4.08
CA ALA A 89 9.80 -15.70 -5.02
C ALA A 89 10.27 -15.24 -6.40
N GLY A 90 9.38 -14.62 -7.14
CA GLY A 90 9.72 -14.12 -8.46
C GLY A 90 8.65 -13.20 -9.01
N ALA A 91 7.86 -12.62 -8.11
CA ALA A 91 6.77 -11.75 -8.49
C ALA A 91 6.33 -10.91 -7.30
N TRP A 92 5.23 -10.19 -7.46
CA TRP A 92 4.71 -9.37 -6.38
C TRP A 92 3.51 -10.06 -5.75
N GLU A 93 3.56 -10.17 -4.44
CA GLU A 93 2.50 -10.79 -3.68
C GLU A 93 1.53 -9.74 -3.16
N GLU A 94 0.29 -9.79 -3.64
CA GLU A 94 -0.76 -8.96 -3.07
C GLU A 94 -1.15 -9.53 -1.71
N VAL A 95 -0.68 -8.88 -0.68
CA VAL A 95 -0.74 -9.44 0.67
C VAL A 95 -1.87 -8.81 1.49
N GLY A 96 -2.69 -7.98 0.84
CA GLY A 96 -3.83 -7.40 1.52
C GLY A 96 -4.33 -6.12 0.88
N ARG A 97 -5.63 -5.92 0.95
CA ARG A 97 -6.26 -4.69 0.47
C ARG A 97 -7.05 -4.06 1.61
N LEU A 98 -6.78 -2.80 1.88
CA LEU A 98 -7.54 -2.05 2.88
C LEU A 98 -8.40 -1.01 2.20
N PHE A 99 -9.67 -0.97 2.57
CA PHE A 99 -10.58 -0.01 1.99
C PHE A 99 -11.47 0.61 3.06
N GLY A 100 -11.76 1.90 2.92
CA GLY A 100 -12.54 2.60 3.90
C GLY A 100 -11.67 3.26 4.94
N SER A 101 -12.00 4.49 5.29
CA SER A 101 -11.21 5.24 6.25
C SER A 101 -11.30 4.59 7.64
N ARG A 102 -10.15 4.23 8.18
CA ARG A 102 -10.08 3.61 9.49
C ARG A 102 -9.16 4.42 10.40
N PRO A 103 -9.33 4.30 11.72
CA PRO A 103 -8.44 4.95 12.69
C PRO A 103 -6.98 4.57 12.48
N ARG A 104 -6.09 5.44 12.91
CA ARG A 104 -4.65 5.25 12.75
C ARG A 104 -4.19 3.95 13.41
N ALA A 105 -4.88 3.58 14.49
CA ALA A 105 -4.57 2.36 15.22
C ALA A 105 -4.88 1.12 14.39
N GLU A 106 -5.98 1.17 13.64
CA GLU A 106 -6.42 0.04 12.84
C GLU A 106 -5.60 -0.05 11.56
N PHE A 107 -5.20 1.10 11.04
CA PHE A 107 -4.33 1.14 9.87
C PHE A 107 -2.99 0.50 10.21
N LEU A 108 -2.39 0.92 11.31
CA LEU A 108 -1.12 0.36 11.75
C LEU A 108 -1.29 -1.06 12.24
N LYS A 109 -2.52 -1.42 12.61
CA LYS A 109 -2.84 -2.78 13.03
C LYS A 109 -2.51 -3.75 11.89
N GLU A 110 -3.20 -3.57 10.77
CA GLU A 110 -2.98 -4.41 9.61
C GLU A 110 -1.59 -4.17 9.01
N LEU A 111 -1.15 -2.91 9.01
CA LEU A 111 0.15 -2.56 8.46
C LEU A 111 1.26 -3.30 9.20
N ARG A 112 1.17 -3.34 10.53
CA ARG A 112 2.14 -4.06 11.34
C ARG A 112 2.06 -5.56 11.04
N GLN A 113 0.85 -6.04 10.80
CA GLN A 113 0.64 -7.43 10.43
C GLN A 113 1.25 -7.72 9.05
N VAL A 114 1.12 -6.76 8.13
CA VAL A 114 1.73 -6.87 6.80
C VAL A 114 3.24 -6.97 6.89
N CYS A 115 3.81 -6.27 7.88
CA CYS A 115 5.25 -6.31 8.12
C CYS A 115 5.71 -7.75 8.38
N VAL A 116 4.84 -8.52 9.05
CA VAL A 116 5.13 -9.91 9.36
C VAL A 116 4.76 -10.81 8.18
N LYS A 117 3.63 -10.50 7.54
CA LYS A 117 3.12 -11.28 6.41
C LYS A 117 4.18 -11.47 5.32
N GLY A 118 4.71 -10.35 4.82
CA GLY A 118 5.58 -10.38 3.65
C GLY A 118 6.73 -11.37 3.75
N GLY A 119 7.26 -11.54 4.95
CA GLY A 119 8.39 -12.42 5.14
C GLY A 119 8.03 -13.89 4.96
N ALA A 120 6.74 -14.21 5.01
CA ALA A 120 6.28 -15.58 4.87
C ALA A 120 5.00 -15.66 4.05
N CYS A 121 3.86 -15.45 4.71
CA CYS A 121 2.55 -15.74 4.11
C CYS A 121 2.49 -17.21 3.71
N GLY A 122 3.30 -18.01 4.38
CA GLY A 122 3.54 -19.37 3.94
C GLY A 122 4.46 -19.38 2.73
N GLU A 123 4.05 -20.07 1.69
CA GLU A 123 4.76 -20.04 0.42
C GLU A 123 3.75 -19.96 -0.72
N GLY A 124 2.77 -20.85 -0.69
CA GLY A 124 1.69 -20.79 -1.64
C GLY A 124 0.38 -20.46 -0.94
N HIS A 125 0.50 -19.67 0.13
CA HIS A 125 -0.65 -19.22 0.90
C HIS A 125 -1.46 -20.40 1.43
N HIS A 126 -0.75 -21.41 1.94
CA HIS A 126 -1.40 -22.59 2.49
C HIS A 126 -2.05 -22.27 3.82
N HIS A 127 -3.32 -21.91 3.77
CA HIS A 127 -4.09 -21.64 4.98
C HIS A 127 -4.43 -22.94 5.71
N HIS A 128 -3.46 -23.42 6.49
CA HIS A 128 -3.58 -24.67 7.25
C HIS A 128 -3.80 -25.85 6.30
N HIS A 129 -5.06 -26.10 6.04
CA HIS A 129 -5.53 -27.12 5.10
C HIS A 129 -6.93 -26.69 4.70
N HIS A 130 -7.57 -26.03 5.64
CA HIS A 130 -8.80 -25.28 5.41
C HIS A 130 -8.70 -23.98 6.17
N MET A 1 3.89 14.21 3.30
CA MET A 1 4.72 15.22 3.97
C MET A 1 6.11 14.66 4.27
N SER A 2 6.17 13.49 4.88
CA SER A 2 7.43 12.88 5.25
C SER A 2 7.56 11.48 4.68
N LEU A 3 6.83 11.20 3.61
CA LEU A 3 6.73 9.84 3.08
C LEU A 3 7.24 9.76 1.64
N ARG A 4 7.85 8.63 1.28
CA ARG A 4 8.33 8.41 -0.09
C ARG A 4 7.17 8.07 -1.02
N TRP A 5 6.77 9.03 -1.83
CA TRP A 5 5.75 8.81 -2.83
C TRP A 5 6.39 8.76 -4.21
N TYR A 6 6.31 7.60 -4.84
CA TYR A 6 6.86 7.42 -6.18
C TYR A 6 5.75 6.96 -7.12
N PRO A 7 5.92 7.14 -8.44
CA PRO A 7 4.95 6.66 -9.42
C PRO A 7 4.92 5.14 -9.46
N TYR A 8 3.81 4.58 -9.94
CA TYR A 8 3.63 3.12 -9.99
C TYR A 8 4.89 2.39 -10.51
N PRO A 9 5.44 2.76 -11.68
CA PRO A 9 6.62 2.07 -12.22
C PRO A 9 7.83 2.13 -11.28
N GLU A 10 8.19 3.32 -10.83
CA GLU A 10 9.35 3.49 -9.96
C GLU A 10 9.10 2.91 -8.57
N ALA A 11 7.86 2.93 -8.11
CA ALA A 11 7.51 2.36 -6.82
C ALA A 11 7.85 0.88 -6.79
N LEU A 12 7.44 0.18 -7.84
CA LEU A 12 7.73 -1.24 -7.97
C LEU A 12 9.23 -1.47 -8.11
N ALA A 13 9.91 -0.62 -8.86
CA ALA A 13 11.34 -0.79 -9.10
C ALA A 13 12.14 -0.42 -7.86
N LEU A 14 11.67 0.60 -7.14
CA LEU A 14 12.30 1.07 -5.92
C LEU A 14 12.29 -0.05 -4.90
N ALA A 15 11.20 -0.80 -4.87
CA ALA A 15 11.08 -1.93 -3.98
C ALA A 15 11.81 -3.14 -4.53
N GLN A 16 11.55 -3.44 -5.80
CA GLN A 16 12.13 -4.61 -6.47
C GLN A 16 13.66 -4.60 -6.45
N ALA A 17 14.24 -3.52 -6.93
CA ALA A 17 15.68 -3.44 -7.11
C ALA A 17 16.40 -3.25 -5.78
N HIS A 18 15.66 -2.88 -4.75
CA HIS A 18 16.26 -2.57 -3.46
C HIS A 18 15.93 -3.63 -2.41
N GLY A 19 14.84 -4.36 -2.63
CA GLY A 19 14.47 -5.42 -1.71
C GLY A 19 13.38 -5.01 -0.73
N ARG A 20 12.82 -3.81 -0.94
CA ARG A 20 11.75 -3.30 -0.11
C ARG A 20 10.38 -3.78 -0.61
N MET A 21 9.31 -3.33 0.05
CA MET A 21 7.95 -3.72 -0.30
C MET A 21 7.22 -2.56 -0.95
N VAL A 22 6.16 -2.85 -1.71
CA VAL A 22 5.42 -1.81 -2.41
C VAL A 22 4.07 -1.57 -1.73
N MET A 23 3.72 -0.30 -1.58
CA MET A 23 2.42 0.07 -1.05
C MET A 23 1.74 1.02 -2.02
N VAL A 24 0.77 0.51 -2.76
CA VAL A 24 0.10 1.27 -3.80
C VAL A 24 -1.13 1.98 -3.24
N TYR A 25 -1.14 3.29 -3.33
CA TYR A 25 -2.23 4.09 -2.80
C TYR A 25 -3.09 4.69 -3.91
N PHE A 26 -4.38 4.40 -3.86
CA PHE A 26 -5.34 4.93 -4.82
C PHE A 26 -6.16 6.04 -4.19
N HIS A 27 -6.28 7.16 -4.90
CA HIS A 27 -7.13 8.28 -4.47
C HIS A 27 -7.95 8.81 -5.63
N SER A 28 -9.01 9.55 -5.30
CA SER A 28 -9.81 10.24 -6.29
C SER A 28 -10.28 11.58 -5.73
N GLU A 29 -10.74 12.46 -6.60
CA GLU A 29 -11.25 13.76 -6.17
C GLU A 29 -12.73 13.65 -5.80
N HIS A 30 -13.44 12.77 -6.50
CA HIS A 30 -14.87 12.54 -6.28
C HIS A 30 -15.10 11.70 -5.03
N CYS A 31 -14.03 11.20 -4.45
CA CYS A 31 -14.12 10.41 -3.24
C CYS A 31 -13.46 11.17 -2.09
N PRO A 32 -14.21 12.04 -1.39
CA PRO A 32 -13.65 12.96 -0.39
C PRO A 32 -13.40 12.32 0.97
N TYR A 33 -13.15 11.01 0.97
CA TYR A 33 -12.95 10.29 2.21
C TYR A 33 -11.50 10.36 2.68
N CYS A 34 -10.58 10.08 1.76
CA CYS A 34 -9.18 9.93 2.12
C CYS A 34 -8.44 11.26 2.21
N GLN A 35 -8.97 12.31 1.59
CA GLN A 35 -8.30 13.62 1.59
C GLN A 35 -7.96 14.07 3.02
N GLN A 36 -8.77 13.66 3.98
CA GLN A 36 -8.51 13.96 5.38
C GLN A 36 -7.45 13.01 5.95
N MET A 37 -7.44 11.79 5.43
CA MET A 37 -6.55 10.75 5.90
C MET A 37 -5.14 10.89 5.33
N ASN A 38 -5.05 11.05 4.01
CA ASN A 38 -3.76 11.07 3.32
C ASN A 38 -2.91 12.28 3.74
N THR A 39 -3.56 13.31 4.23
CA THR A 39 -2.86 14.49 4.71
C THR A 39 -2.23 14.22 6.07
N PHE A 40 -3.07 13.89 7.05
CA PHE A 40 -2.59 13.66 8.41
C PHE A 40 -2.22 12.20 8.66
N VAL A 41 -3.24 11.35 8.68
CA VAL A 41 -3.11 9.95 9.09
C VAL A 41 -2.06 9.19 8.29
N LEU A 42 -2.04 9.37 6.98
CA LEU A 42 -1.18 8.57 6.12
C LEU A 42 0.26 9.10 6.11
N SER A 43 0.44 10.37 6.41
CA SER A 43 1.77 10.93 6.46
C SER A 43 2.20 11.15 7.91
N ASP A 44 1.38 10.63 8.83
CA ASP A 44 1.70 10.63 10.26
C ASP A 44 3.10 10.09 10.50
N PRO A 45 3.88 10.77 11.36
CA PRO A 45 5.27 10.40 11.65
C PRO A 45 5.45 8.92 12.02
N GLY A 46 4.46 8.35 12.71
CA GLY A 46 4.54 6.97 13.12
C GLY A 46 4.24 6.03 11.98
N VAL A 47 3.18 6.34 11.25
CA VAL A 47 2.81 5.56 10.08
C VAL A 47 3.91 5.67 9.03
N SER A 48 4.28 6.91 8.72
CA SER A 48 5.29 7.21 7.74
C SER A 48 6.58 6.45 8.05
N ARG A 49 6.94 6.39 9.33
CA ARG A 49 8.18 5.75 9.74
C ARG A 49 8.21 4.27 9.37
N LEU A 50 7.06 3.61 9.45
CA LEU A 50 6.95 2.21 9.06
C LEU A 50 7.12 2.05 7.55
N LEU A 51 6.52 2.97 6.81
CA LEU A 51 6.60 2.95 5.36
C LEU A 51 8.01 3.30 4.88
N GLU A 52 8.57 4.39 5.42
CA GLU A 52 9.90 4.88 5.02
C GLU A 52 10.97 3.80 5.12
N ALA A 53 10.81 2.91 6.09
CA ALA A 53 11.83 1.91 6.39
C ALA A 53 11.97 0.88 5.27
N ARG A 54 10.89 0.18 4.95
CA ARG A 54 10.98 -0.91 3.99
C ARG A 54 9.83 -0.90 2.98
N PHE A 55 9.16 0.23 2.83
CA PHE A 55 8.06 0.33 1.87
C PHE A 55 8.28 1.47 0.90
N VAL A 56 7.83 1.27 -0.32
CA VAL A 56 7.82 2.31 -1.32
C VAL A 56 6.37 2.63 -1.68
N VAL A 57 5.94 3.87 -1.47
CA VAL A 57 4.55 4.21 -1.64
C VAL A 57 4.29 4.70 -3.07
N ALA A 58 3.35 4.05 -3.73
CA ALA A 58 2.99 4.40 -5.10
C ALA A 58 1.83 5.37 -5.11
N SER A 59 2.06 6.56 -5.64
CA SER A 59 1.02 7.55 -5.76
C SER A 59 0.19 7.30 -7.01
N VAL A 60 -1.00 6.73 -6.81
CA VAL A 60 -1.88 6.43 -7.93
C VAL A 60 -3.17 7.22 -7.81
N SER A 61 -3.53 7.89 -8.89
CA SER A 61 -4.72 8.73 -8.91
C SER A 61 -5.79 8.15 -9.82
N VAL A 62 -6.91 7.74 -9.24
CA VAL A 62 -8.02 7.19 -10.01
C VAL A 62 -8.75 8.32 -10.73
N ASP A 63 -8.37 9.54 -10.41
CA ASP A 63 -8.89 10.73 -11.06
C ASP A 63 -8.21 10.95 -12.41
N THR A 64 -6.96 10.51 -12.52
CA THR A 64 -6.20 10.67 -13.76
C THR A 64 -5.99 9.33 -14.47
N PRO A 65 -5.71 9.37 -15.79
CA PRO A 65 -5.75 8.19 -16.69
C PRO A 65 -4.93 7.00 -16.21
N GLU A 66 -3.67 7.24 -15.86
CA GLU A 66 -2.78 6.16 -15.45
C GLU A 66 -3.33 5.44 -14.20
N GLY A 67 -3.90 6.20 -13.28
CA GLY A 67 -4.55 5.60 -12.13
C GLY A 67 -5.90 5.03 -12.49
N GLN A 68 -6.56 5.65 -13.45
CA GLN A 68 -7.85 5.19 -13.95
C GLN A 68 -7.74 3.79 -14.56
N GLU A 69 -6.66 3.54 -15.28
CA GLU A 69 -6.46 2.23 -15.90
C GLU A 69 -5.98 1.23 -14.85
N LEU A 70 -5.19 1.68 -13.89
CA LEU A 70 -4.82 0.86 -12.74
C LEU A 70 -6.08 0.46 -11.96
N ALA A 71 -6.99 1.41 -11.78
CA ALA A 71 -8.21 1.19 -11.03
C ALA A 71 -9.09 0.13 -11.69
N ARG A 72 -9.22 0.21 -13.01
CA ARG A 72 -10.03 -0.76 -13.75
C ARG A 72 -9.31 -2.11 -13.80
N ARG A 73 -8.00 -2.08 -13.61
CA ARG A 73 -7.20 -3.29 -13.60
C ARG A 73 -7.38 -4.06 -12.29
N TYR A 74 -7.21 -3.37 -11.17
CA TYR A 74 -7.29 -4.00 -9.85
C TYR A 74 -8.72 -4.05 -9.34
N ARG A 75 -9.63 -3.38 -10.05
CA ARG A 75 -11.00 -3.20 -9.60
C ARG A 75 -11.03 -2.38 -8.31
N VAL A 76 -10.75 -1.09 -8.47
CA VAL A 76 -10.63 -0.18 -7.34
C VAL A 76 -11.59 1.00 -7.50
N PRO A 77 -12.26 1.39 -6.40
CA PRO A 77 -13.12 2.57 -6.36
C PRO A 77 -12.28 3.86 -6.32
N GLY A 78 -12.69 4.82 -5.51
CA GLY A 78 -12.00 6.08 -5.46
C GLY A 78 -10.86 6.09 -4.47
N THR A 79 -11.19 6.04 -3.18
CA THR A 79 -10.21 6.13 -2.12
C THR A 79 -10.91 6.08 -0.77
N PRO A 80 -10.22 5.67 0.31
CA PRO A 80 -8.82 5.27 0.28
C PRO A 80 -8.64 3.81 -0.12
N THR A 81 -7.72 3.56 -1.03
CA THR A 81 -7.38 2.20 -1.39
C THR A 81 -5.89 1.95 -1.27
N PHE A 82 -5.51 0.99 -0.43
CA PHE A 82 -4.11 0.68 -0.19
C PHE A 82 -3.83 -0.76 -0.58
N VAL A 83 -2.98 -0.94 -1.58
CA VAL A 83 -2.65 -2.27 -2.08
C VAL A 83 -1.18 -2.59 -1.79
N PHE A 84 -0.95 -3.63 -1.00
CA PHE A 84 0.41 -3.99 -0.61
C PHE A 84 0.96 -5.10 -1.51
N LEU A 85 2.03 -4.81 -2.22
CA LEU A 85 2.65 -5.79 -3.11
C LEU A 85 4.04 -6.15 -2.62
N VAL A 86 4.31 -7.43 -2.52
CA VAL A 86 5.61 -7.92 -2.05
C VAL A 86 6.39 -8.56 -3.18
N PRO A 87 7.68 -8.26 -3.31
CA PRO A 87 8.56 -9.02 -4.20
C PRO A 87 8.77 -10.40 -3.62
N LYS A 88 8.34 -11.41 -4.34
CA LYS A 88 8.33 -12.77 -3.81
C LYS A 88 8.47 -13.79 -4.93
N ALA A 89 9.44 -14.69 -4.76
CA ALA A 89 9.76 -15.72 -5.75
C ALA A 89 10.27 -15.10 -7.05
N GLY A 90 9.36 -14.62 -7.86
CA GLY A 90 9.72 -13.97 -9.11
C GLY A 90 8.61 -13.09 -9.62
N ALA A 91 7.72 -12.69 -8.73
CA ALA A 91 6.58 -11.87 -9.08
C ALA A 91 6.15 -11.01 -7.91
N TRP A 92 4.98 -10.38 -8.02
CA TRP A 92 4.46 -9.54 -6.97
C TRP A 92 3.28 -10.21 -6.29
N GLU A 93 3.26 -10.17 -4.98
CA GLU A 93 2.16 -10.75 -4.21
C GLU A 93 1.42 -9.67 -3.44
N GLU A 94 0.13 -9.52 -3.75
CA GLU A 94 -0.74 -8.64 -3.00
C GLU A 94 -1.14 -9.30 -1.69
N VAL A 95 -0.59 -8.80 -0.59
CA VAL A 95 -0.84 -9.40 0.72
C VAL A 95 -2.08 -8.79 1.36
N GLY A 96 -2.85 -8.06 0.57
CA GLY A 96 -4.07 -7.46 1.06
C GLY A 96 -4.31 -6.09 0.48
N ARG A 97 -5.57 -5.69 0.44
CA ARG A 97 -5.95 -4.36 -0.01
C ARG A 97 -6.89 -3.73 0.98
N LEU A 98 -6.64 -2.46 1.29
CA LEU A 98 -7.44 -1.75 2.28
C LEU A 98 -8.33 -0.73 1.60
N PHE A 99 -9.60 -0.76 1.94
CA PHE A 99 -10.54 0.26 1.50
C PHE A 99 -11.45 0.66 2.64
N GLY A 100 -11.79 1.94 2.70
CA GLY A 100 -12.64 2.44 3.76
C GLY A 100 -11.88 3.32 4.72
N SER A 101 -12.55 4.34 5.24
CA SER A 101 -11.91 5.26 6.16
C SER A 101 -11.63 4.59 7.48
N ARG A 102 -10.38 4.67 7.91
CA ARG A 102 -9.94 4.08 9.17
C ARG A 102 -8.99 5.02 9.88
N PRO A 103 -9.08 5.10 11.22
CA PRO A 103 -8.13 5.87 12.02
C PRO A 103 -6.72 5.32 11.92
N ARG A 104 -5.74 6.10 12.37
CA ARG A 104 -4.34 5.68 12.34
C ARG A 104 -4.15 4.34 13.06
N ALA A 105 -4.95 4.12 14.10
CA ALA A 105 -4.87 2.89 14.87
C ALA A 105 -5.16 1.67 14.00
N GLU A 106 -6.23 1.75 13.22
CA GLU A 106 -6.66 0.62 12.40
C GLU A 106 -5.71 0.41 11.24
N PHE A 107 -5.24 1.51 10.67
CA PHE A 107 -4.32 1.45 9.54
C PHE A 107 -3.00 0.82 9.98
N LEU A 108 -2.55 1.19 11.17
CA LEU A 108 -1.31 0.64 11.71
C LEU A 108 -1.44 -0.85 12.00
N LYS A 109 -2.62 -1.28 12.43
CA LYS A 109 -2.89 -2.71 12.64
C LYS A 109 -2.61 -3.47 11.36
N GLU A 110 -3.23 -3.02 10.27
CA GLU A 110 -3.05 -3.63 8.97
C GLU A 110 -1.60 -3.51 8.52
N LEU A 111 -1.03 -2.33 8.72
CA LEU A 111 0.35 -2.07 8.34
C LEU A 111 1.29 -3.05 9.05
N ARG A 112 1.02 -3.31 10.32
CA ARG A 112 1.82 -4.26 11.10
C ARG A 112 1.71 -5.66 10.51
N GLN A 113 0.48 -6.11 10.27
CA GLN A 113 0.25 -7.46 9.77
C GLN A 113 0.80 -7.62 8.36
N VAL A 114 0.94 -6.51 7.64
CA VAL A 114 1.54 -6.53 6.31
C VAL A 114 3.05 -6.70 6.40
N CYS A 115 3.67 -5.99 7.35
CA CYS A 115 5.12 -6.09 7.56
C CYS A 115 5.52 -7.54 7.83
N VAL A 116 4.66 -8.25 8.57
CA VAL A 116 4.91 -9.65 8.92
C VAL A 116 4.84 -10.55 7.69
N LYS A 117 3.99 -10.19 6.74
CA LYS A 117 3.76 -11.01 5.55
C LYS A 117 4.97 -10.99 4.63
N GLY A 118 5.92 -10.11 4.92
CA GLY A 118 7.16 -10.10 4.18
C GLY A 118 7.96 -11.37 4.44
N GLY A 119 7.67 -12.02 5.56
CA GLY A 119 8.31 -13.28 5.89
C GLY A 119 7.35 -14.43 5.80
N ALA A 120 6.27 -14.36 6.58
CA ALA A 120 5.23 -15.37 6.55
C ALA A 120 4.06 -14.90 5.70
N CYS A 121 3.76 -15.63 4.64
CA CYS A 121 2.78 -15.18 3.67
C CYS A 121 1.99 -16.34 3.08
N GLY A 122 0.81 -16.58 3.64
CA GLY A 122 -0.08 -17.58 3.10
C GLY A 122 -0.39 -18.66 4.11
N GLU A 123 0.50 -19.64 4.20
CA GLU A 123 0.33 -20.80 5.08
C GLU A 123 -0.99 -21.52 4.79
N GLY A 124 -2.03 -21.15 5.55
CA GLY A 124 -3.38 -21.68 5.31
C GLY A 124 -3.44 -23.20 5.22
N HIS A 125 -2.60 -23.88 5.98
CA HIS A 125 -2.56 -25.34 5.92
C HIS A 125 -3.43 -25.96 7.00
N HIS A 126 -3.97 -25.14 7.88
CA HIS A 126 -4.99 -25.59 8.81
C HIS A 126 -6.32 -24.96 8.42
N HIS A 127 -7.17 -25.76 7.78
CA HIS A 127 -8.45 -25.29 7.28
C HIS A 127 -9.40 -24.99 8.44
N HIS A 128 -9.07 -25.54 9.60
CA HIS A 128 -9.79 -25.26 10.82
C HIS A 128 -9.33 -23.91 11.35
N HIS A 129 -10.19 -22.90 11.26
CA HIS A 129 -9.83 -21.54 11.65
C HIS A 129 -9.47 -21.46 13.13
N HIS A 130 -10.10 -22.30 13.92
CA HIS A 130 -9.78 -22.42 15.34
C HIS A 130 -9.67 -23.90 15.69
N MET A 1 13.47 10.42 4.48
CA MET A 1 13.15 11.73 5.10
C MET A 1 11.69 12.07 4.83
N SER A 2 11.41 12.47 3.61
CA SER A 2 10.05 12.64 3.16
C SER A 2 9.53 11.30 2.65
N LEU A 3 8.28 11.00 2.95
CA LEU A 3 7.69 9.72 2.58
C LEU A 3 7.75 9.52 1.07
N ARG A 4 8.09 8.31 0.65
CA ARG A 4 8.31 8.01 -0.76
C ARG A 4 6.98 7.85 -1.49
N TRP A 5 6.60 8.86 -2.27
CA TRP A 5 5.47 8.71 -3.18
C TRP A 5 5.98 8.80 -4.61
N TYR A 6 6.08 7.66 -5.26
CA TYR A 6 6.55 7.58 -6.64
C TYR A 6 5.43 7.02 -7.50
N PRO A 7 5.47 7.20 -8.84
CA PRO A 7 4.49 6.59 -9.75
C PRO A 7 4.52 5.07 -9.65
N TYR A 8 3.45 4.43 -10.13
CA TYR A 8 3.34 2.97 -10.06
C TYR A 8 4.61 2.25 -10.56
N PRO A 9 5.10 2.55 -11.78
CA PRO A 9 6.28 1.86 -12.33
C PRO A 9 7.55 2.16 -11.51
N GLU A 10 7.67 3.42 -11.11
CA GLU A 10 8.84 3.87 -10.37
C GLU A 10 8.86 3.28 -8.96
N ALA A 11 7.69 3.19 -8.35
CA ALA A 11 7.55 2.60 -7.02
C ALA A 11 7.94 1.13 -7.04
N LEU A 12 7.42 0.39 -8.02
CA LEU A 12 7.74 -1.03 -8.15
C LEU A 12 9.22 -1.23 -8.40
N ALA A 13 9.83 -0.31 -9.14
CA ALA A 13 11.25 -0.41 -9.45
C ALA A 13 12.10 -0.10 -8.23
N LEU A 14 11.67 0.88 -7.43
CA LEU A 14 12.39 1.21 -6.20
C LEU A 14 12.30 0.04 -5.23
N ALA A 15 11.11 -0.52 -5.12
CA ALA A 15 10.90 -1.68 -4.26
C ALA A 15 11.75 -2.85 -4.72
N GLN A 16 11.72 -3.10 -6.03
CA GLN A 16 12.48 -4.17 -6.65
C GLN A 16 13.98 -4.03 -6.37
N ALA A 17 14.51 -2.85 -6.64
CA ALA A 17 15.95 -2.62 -6.56
C ALA A 17 16.45 -2.54 -5.13
N HIS A 18 15.53 -2.39 -4.17
CA HIS A 18 15.94 -2.21 -2.78
C HIS A 18 15.42 -3.34 -1.89
N GLY A 19 14.53 -4.17 -2.43
CA GLY A 19 13.99 -5.27 -1.65
C GLY A 19 12.82 -4.85 -0.79
N ARG A 20 12.42 -3.59 -0.90
CA ARG A 20 11.26 -3.08 -0.20
C ARG A 20 9.96 -3.59 -0.82
N MET A 21 8.85 -3.35 -0.14
CA MET A 21 7.54 -3.74 -0.65
C MET A 21 6.84 -2.51 -1.22
N VAL A 22 5.76 -2.73 -1.95
CA VAL A 22 5.09 -1.64 -2.64
C VAL A 22 3.78 -1.29 -1.94
N MET A 23 3.64 -0.01 -1.61
CA MET A 23 2.40 0.51 -1.08
C MET A 23 1.68 1.29 -2.18
N VAL A 24 0.67 0.68 -2.76
CA VAL A 24 -0.05 1.30 -3.86
C VAL A 24 -1.25 2.07 -3.34
N TYR A 25 -1.16 3.38 -3.38
CA TYR A 25 -2.23 4.22 -2.88
C TYR A 25 -3.03 4.81 -4.03
N PHE A 26 -4.21 4.24 -4.24
CA PHE A 26 -5.14 4.73 -5.24
C PHE A 26 -5.83 5.96 -4.71
N HIS A 27 -5.45 7.13 -5.21
CA HIS A 27 -6.15 8.34 -4.82
C HIS A 27 -7.06 8.79 -5.93
N SER A 28 -8.24 9.21 -5.55
CA SER A 28 -9.28 9.53 -6.50
C SER A 28 -9.77 10.97 -6.35
N GLU A 29 -10.10 11.61 -7.46
CA GLU A 29 -10.64 12.97 -7.43
C GLU A 29 -11.82 13.04 -6.47
N HIS A 30 -12.67 12.04 -6.51
CA HIS A 30 -13.83 11.97 -5.64
C HIS A 30 -13.59 11.00 -4.48
N CYS A 31 -12.40 11.04 -3.89
CA CYS A 31 -12.10 10.22 -2.72
C CYS A 31 -12.37 11.00 -1.43
N PRO A 32 -13.51 10.75 -0.76
CA PRO A 32 -13.90 11.50 0.44
C PRO A 32 -13.36 10.90 1.74
N TYR A 33 -12.77 9.72 1.67
CA TYR A 33 -12.35 9.01 2.89
C TYR A 33 -10.98 9.47 3.38
N CYS A 34 -10.09 9.81 2.47
CA CYS A 34 -8.70 10.04 2.84
C CYS A 34 -8.48 11.43 3.41
N GLN A 35 -9.36 12.37 3.09
CA GLN A 35 -9.17 13.78 3.48
C GLN A 35 -8.98 13.92 4.99
N GLN A 36 -9.62 13.06 5.77
CA GLN A 36 -9.45 13.08 7.22
C GLN A 36 -8.21 12.27 7.60
N MET A 37 -7.93 11.22 6.85
CA MET A 37 -6.87 10.29 7.20
C MET A 37 -5.50 10.82 6.78
N ASN A 38 -5.44 11.53 5.66
CA ASN A 38 -4.17 12.02 5.13
C ASN A 38 -3.63 13.16 5.97
N THR A 39 -4.50 13.82 6.71
CA THR A 39 -4.13 14.91 7.57
C THR A 39 -3.37 14.39 8.79
N PHE A 40 -4.02 13.54 9.56
CA PHE A 40 -3.42 13.01 10.79
C PHE A 40 -2.67 11.71 10.53
N VAL A 41 -3.44 10.68 10.19
CA VAL A 41 -2.95 9.31 10.13
C VAL A 41 -1.81 9.12 9.13
N LEU A 42 -2.07 9.42 7.88
CA LEU A 42 -1.15 9.07 6.81
C LEU A 42 0.02 10.06 6.74
N SER A 43 -0.08 11.15 7.50
CA SER A 43 1.00 12.13 7.56
C SER A 43 1.81 11.96 8.84
N ASP A 44 1.31 11.13 9.75
CA ASP A 44 2.01 10.84 11.02
C ASP A 44 3.41 10.30 10.75
N PRO A 45 4.42 10.84 11.47
CA PRO A 45 5.81 10.40 11.35
C PRO A 45 5.98 8.90 11.54
N GLY A 46 5.39 8.35 12.60
CA GLY A 46 5.52 6.94 12.89
C GLY A 46 4.99 6.07 11.77
N VAL A 47 3.83 6.45 11.24
CA VAL A 47 3.26 5.75 10.10
C VAL A 47 4.22 5.84 8.92
N SER A 48 4.57 7.07 8.55
CA SER A 48 5.43 7.32 7.39
C SER A 48 6.76 6.58 7.52
N ARG A 49 7.29 6.51 8.74
CA ARG A 49 8.59 5.87 8.97
C ARG A 49 8.50 4.36 8.90
N LEU A 50 7.30 3.80 9.07
CA LEU A 50 7.08 2.40 8.80
C LEU A 50 7.13 2.13 7.30
N LEU A 51 6.61 3.09 6.52
CA LEU A 51 6.72 3.00 5.07
C LEU A 51 8.18 3.23 4.64
N GLU A 52 8.78 4.31 5.16
CA GLU A 52 10.18 4.65 4.85
C GLU A 52 11.11 3.44 4.95
N ALA A 53 10.86 2.60 5.93
CA ALA A 53 11.73 1.46 6.21
C ALA A 53 11.67 0.40 5.09
N ARG A 54 10.49 -0.12 4.80
CA ARG A 54 10.39 -1.26 3.89
C ARG A 54 9.26 -1.12 2.87
N PHE A 55 8.81 0.10 2.62
CA PHE A 55 7.74 0.30 1.65
C PHE A 55 8.05 1.45 0.70
N VAL A 56 7.72 1.25 -0.55
CA VAL A 56 7.76 2.33 -1.53
C VAL A 56 6.34 2.67 -1.91
N VAL A 57 5.90 3.88 -1.60
CA VAL A 57 4.51 4.25 -1.82
C VAL A 57 4.31 4.76 -3.23
N ALA A 58 3.36 4.16 -3.93
CA ALA A 58 3.01 4.61 -5.25
C ALA A 58 1.81 5.53 -5.16
N SER A 59 2.01 6.78 -5.54
CA SER A 59 0.90 7.73 -5.59
C SER A 59 0.21 7.61 -6.93
N VAL A 60 -0.91 6.90 -6.95
CA VAL A 60 -1.60 6.59 -8.18
C VAL A 60 -2.91 7.36 -8.27
N SER A 61 -3.02 8.20 -9.28
CA SER A 61 -4.26 8.87 -9.57
C SER A 61 -5.09 8.05 -10.53
N VAL A 62 -6.21 7.52 -10.06
CA VAL A 62 -7.06 6.67 -10.89
C VAL A 62 -7.82 7.50 -11.90
N ASP A 63 -7.58 8.80 -11.83
CA ASP A 63 -8.23 9.78 -12.68
C ASP A 63 -7.52 9.85 -14.02
N THR A 64 -6.23 9.57 -14.00
CA THR A 64 -5.40 9.60 -15.19
C THR A 64 -5.26 8.19 -15.80
N PRO A 65 -4.76 8.08 -17.05
CA PRO A 65 -4.75 6.81 -17.82
C PRO A 65 -4.15 5.63 -17.06
N GLU A 66 -2.91 5.77 -16.61
CA GLU A 66 -2.23 4.68 -15.90
C GLU A 66 -2.96 4.33 -14.61
N GLY A 67 -3.51 5.33 -13.94
CA GLY A 67 -4.33 5.09 -12.77
C GLY A 67 -5.65 4.45 -13.13
N GLN A 68 -6.25 4.92 -14.21
CA GLN A 68 -7.48 4.35 -14.75
C GLN A 68 -7.25 2.91 -15.19
N GLU A 69 -6.02 2.62 -15.61
CA GLU A 69 -5.60 1.28 -15.92
C GLU A 69 -5.60 0.44 -14.66
N LEU A 70 -4.90 0.91 -13.64
CA LEU A 70 -4.88 0.24 -12.34
C LEU A 70 -6.30 0.10 -11.78
N ALA A 71 -7.12 1.13 -11.99
CA ALA A 71 -8.49 1.14 -11.54
C ALA A 71 -9.28 -0.02 -12.15
N ARG A 72 -9.27 -0.08 -13.48
CA ARG A 72 -9.99 -1.14 -14.19
C ARG A 72 -9.37 -2.50 -13.92
N ARG A 73 -8.10 -2.49 -13.54
CA ARG A 73 -7.35 -3.73 -13.34
C ARG A 73 -7.60 -4.31 -11.95
N TYR A 74 -7.45 -3.47 -10.91
CA TYR A 74 -7.59 -3.93 -9.54
C TYR A 74 -9.02 -3.79 -9.04
N ARG A 75 -9.92 -3.38 -9.94
CA ARG A 75 -11.35 -3.22 -9.62
C ARG A 75 -11.58 -2.05 -8.66
N VAL A 76 -10.62 -1.13 -8.62
CA VAL A 76 -10.67 -0.01 -7.70
C VAL A 76 -11.31 1.21 -8.34
N PRO A 77 -12.42 1.71 -7.78
CA PRO A 77 -13.13 2.88 -8.30
C PRO A 77 -12.48 4.20 -7.87
N GLY A 78 -12.80 4.67 -6.67
CA GLY A 78 -12.24 5.89 -6.17
C GLY A 78 -12.68 6.12 -4.75
N THR A 79 -11.75 6.24 -3.81
CA THR A 79 -12.17 6.14 -2.42
C THR A 79 -11.41 6.98 -1.38
N PRO A 80 -10.08 6.83 -1.12
CA PRO A 80 -9.09 5.97 -1.81
C PRO A 80 -9.10 4.49 -1.42
N THR A 81 -8.32 3.71 -2.16
CA THR A 81 -8.11 2.31 -1.84
C THR A 81 -6.61 2.04 -1.74
N PHE A 82 -6.22 1.18 -0.81
CA PHE A 82 -4.81 0.94 -0.54
C PHE A 82 -4.45 -0.52 -0.82
N VAL A 83 -3.42 -0.74 -1.61
CA VAL A 83 -3.03 -2.10 -1.99
C VAL A 83 -1.53 -2.30 -1.77
N PHE A 84 -1.19 -3.23 -0.88
CA PHE A 84 0.22 -3.53 -0.60
C PHE A 84 0.69 -4.74 -1.38
N LEU A 85 1.77 -4.56 -2.13
CA LEU A 85 2.31 -5.65 -2.94
C LEU A 85 3.71 -6.02 -2.47
N VAL A 86 4.02 -7.30 -2.50
CA VAL A 86 5.34 -7.78 -2.13
C VAL A 86 6.09 -8.25 -3.36
N PRO A 87 7.40 -7.96 -3.46
CA PRO A 87 8.24 -8.70 -4.38
C PRO A 87 8.47 -10.11 -3.80
N LYS A 88 7.96 -11.11 -4.49
CA LYS A 88 7.98 -12.46 -3.96
C LYS A 88 8.26 -13.46 -5.07
N ALA A 89 9.42 -14.12 -4.99
CA ALA A 89 9.85 -15.13 -5.95
C ALA A 89 10.05 -14.53 -7.34
N GLY A 90 10.13 -13.21 -7.40
CA GLY A 90 10.32 -12.54 -8.68
C GLY A 90 9.04 -11.90 -9.17
N ALA A 91 7.92 -12.37 -8.67
CA ALA A 91 6.63 -11.83 -9.04
C ALA A 91 6.12 -10.88 -7.97
N TRP A 92 4.96 -10.29 -8.20
CA TRP A 92 4.37 -9.37 -7.24
C TRP A 92 3.15 -10.00 -6.59
N GLU A 93 3.13 -9.98 -5.27
CA GLU A 93 2.05 -10.57 -4.50
C GLU A 93 1.22 -9.50 -3.84
N GLU A 94 -0.08 -9.50 -4.07
CA GLU A 94 -0.97 -8.61 -3.34
C GLU A 94 -1.19 -9.18 -1.94
N VAL A 95 -0.47 -8.63 -0.98
CA VAL A 95 -0.42 -9.19 0.35
C VAL A 95 -1.44 -8.55 1.28
N GLY A 96 -2.11 -7.51 0.80
CA GLY A 96 -3.11 -6.86 1.60
C GLY A 96 -3.77 -5.69 0.91
N ARG A 97 -5.09 -5.73 0.84
CA ARG A 97 -5.85 -4.62 0.28
C ARG A 97 -6.71 -3.99 1.36
N LEU A 98 -6.60 -2.68 1.47
CA LEU A 98 -7.34 -1.93 2.46
C LEU A 98 -8.29 -0.96 1.78
N PHE A 99 -9.47 -0.80 2.34
CA PHE A 99 -10.47 0.08 1.76
C PHE A 99 -11.16 0.90 2.84
N GLY A 100 -11.18 2.21 2.66
CA GLY A 100 -11.78 3.09 3.64
C GLY A 100 -10.74 3.67 4.58
N SER A 101 -11.02 4.84 5.14
CA SER A 101 -10.11 5.48 6.06
C SER A 101 -9.97 4.67 7.35
N ARG A 102 -8.75 4.64 7.89
CA ARG A 102 -8.50 3.91 9.13
C ARG A 102 -7.89 4.86 10.16
N PRO A 103 -8.40 4.86 11.40
CA PRO A 103 -7.76 5.57 12.51
C PRO A 103 -6.32 5.08 12.67
N ARG A 104 -5.40 6.00 12.95
CA ARG A 104 -3.96 5.67 12.95
C ARG A 104 -3.67 4.43 13.78
N ALA A 105 -4.41 4.26 14.87
CA ALA A 105 -4.23 3.11 15.74
C ALA A 105 -4.40 1.81 14.96
N GLU A 106 -5.53 1.66 14.26
CA GLU A 106 -5.79 0.42 13.57
C GLU A 106 -5.22 0.46 12.16
N PHE A 107 -4.96 1.65 11.63
CA PHE A 107 -4.25 1.77 10.37
C PHE A 107 -2.87 1.15 10.51
N LEU A 108 -2.22 1.44 11.63
CA LEU A 108 -0.94 0.82 11.95
C LEU A 108 -1.14 -0.67 12.24
N LYS A 109 -2.28 -1.00 12.83
CA LYS A 109 -2.69 -2.39 13.01
C LYS A 109 -2.71 -3.11 11.65
N GLU A 110 -3.42 -2.53 10.67
CA GLU A 110 -3.49 -3.07 9.32
C GLU A 110 -2.08 -3.17 8.75
N LEU A 111 -1.30 -2.12 8.95
CA LEU A 111 0.06 -2.04 8.45
C LEU A 111 0.93 -3.14 9.06
N ARG A 112 0.75 -3.40 10.36
CA ARG A 112 1.46 -4.47 11.04
C ARG A 112 1.10 -5.82 10.44
N GLN A 113 -0.19 -5.99 10.15
CA GLN A 113 -0.68 -7.20 9.49
C GLN A 113 0.06 -7.42 8.18
N VAL A 114 0.35 -6.35 7.48
CA VAL A 114 1.09 -6.44 6.22
C VAL A 114 2.57 -6.66 6.48
N CYS A 115 3.09 -6.02 7.54
CA CYS A 115 4.49 -6.20 7.93
C CYS A 115 4.82 -7.67 8.14
N VAL A 116 3.91 -8.39 8.79
CA VAL A 116 4.08 -9.80 9.07
C VAL A 116 3.90 -10.65 7.81
N LYS A 117 2.81 -10.39 7.08
CA LYS A 117 2.48 -11.17 5.89
C LYS A 117 3.47 -10.94 4.77
N GLY A 118 4.29 -9.90 4.91
CA GLY A 118 5.34 -9.65 3.94
C GLY A 118 6.29 -10.83 3.84
N GLY A 119 6.48 -11.51 4.97
CA GLY A 119 7.28 -12.71 4.99
C GLY A 119 6.43 -13.96 5.18
N ALA A 120 5.50 -13.89 6.13
CA ALA A 120 4.64 -15.02 6.43
C ALA A 120 3.27 -14.88 5.79
N CYS A 121 3.12 -15.46 4.60
CA CYS A 121 1.84 -15.47 3.91
C CYS A 121 1.45 -16.89 3.52
N GLY A 122 2.44 -17.67 3.08
CA GLY A 122 2.21 -19.05 2.70
C GLY A 122 2.16 -19.98 3.91
N GLU A 123 1.08 -19.91 4.65
CA GLU A 123 0.90 -20.76 5.82
C GLU A 123 -0.58 -21.17 5.94
N GLY A 124 -0.82 -22.36 6.48
CA GLY A 124 -2.17 -22.88 6.53
C GLY A 124 -2.89 -22.53 7.82
N HIS A 125 -2.70 -21.29 8.27
CA HIS A 125 -3.37 -20.74 9.46
C HIS A 125 -2.86 -21.39 10.76
N HIS A 126 -2.95 -22.71 10.85
CA HIS A 126 -2.47 -23.44 12.01
C HIS A 126 -1.88 -24.77 11.56
N HIS A 127 -1.56 -24.85 10.28
CA HIS A 127 -1.03 -26.07 9.68
C HIS A 127 0.50 -25.99 9.64
N HIS A 128 1.07 -25.25 10.57
CA HIS A 128 2.51 -25.02 10.59
C HIS A 128 3.26 -26.26 11.05
N HIS A 129 3.55 -27.13 10.10
CA HIS A 129 4.40 -28.29 10.34
C HIS A 129 5.54 -28.24 9.35
N HIS A 130 5.88 -27.02 8.92
CA HIS A 130 6.93 -26.80 7.96
C HIS A 130 7.74 -25.58 8.40
N MET A 1 8.64 16.59 2.82
CA MET A 1 8.71 15.26 2.17
C MET A 1 9.89 14.45 2.71
N SER A 2 9.61 13.21 3.06
CA SER A 2 10.65 12.27 3.48
C SER A 2 10.30 10.89 2.98
N LEU A 3 9.07 10.48 3.27
CA LEU A 3 8.52 9.24 2.79
C LEU A 3 8.42 9.26 1.28
N ARG A 4 8.94 8.22 0.63
CA ARG A 4 9.04 8.18 -0.82
C ARG A 4 7.70 7.85 -1.47
N TRP A 5 7.13 8.84 -2.16
CA TRP A 5 5.93 8.64 -2.95
C TRP A 5 6.27 8.69 -4.44
N TYR A 6 6.31 7.53 -5.08
CA TYR A 6 6.64 7.44 -6.50
C TYR A 6 5.39 7.03 -7.29
N PRO A 7 5.36 7.29 -8.61
CA PRO A 7 4.30 6.75 -9.47
C PRO A 7 4.34 5.23 -9.48
N TYR A 8 3.29 4.61 -9.98
CA TYR A 8 3.16 3.14 -9.94
C TYR A 8 4.42 2.43 -10.47
N PRO A 9 4.90 2.75 -11.69
CA PRO A 9 6.07 2.08 -12.27
C PRO A 9 7.34 2.35 -11.46
N GLU A 10 7.56 3.62 -11.13
CA GLU A 10 8.76 4.04 -10.42
C GLU A 10 8.81 3.45 -9.01
N ALA A 11 7.65 3.32 -8.38
CA ALA A 11 7.55 2.76 -7.03
C ALA A 11 7.96 1.29 -7.03
N LEU A 12 7.38 0.53 -7.95
CA LEU A 12 7.69 -0.90 -8.06
C LEU A 12 9.15 -1.12 -8.39
N ALA A 13 9.74 -0.19 -9.12
CA ALA A 13 11.14 -0.30 -9.52
C ALA A 13 12.06 -0.18 -8.32
N LEU A 14 11.77 0.79 -7.45
CA LEU A 14 12.57 0.99 -6.24
C LEU A 14 12.51 -0.24 -5.36
N ALA A 15 11.30 -0.74 -5.16
CA ALA A 15 11.08 -1.90 -4.31
C ALA A 15 11.75 -3.13 -4.88
N GLN A 16 11.72 -3.26 -6.19
CA GLN A 16 12.32 -4.40 -6.87
C GLN A 16 13.85 -4.37 -6.74
N ALA A 17 14.42 -3.19 -6.84
CA ALA A 17 15.87 -3.03 -6.80
C ALA A 17 16.40 -3.06 -5.36
N HIS A 18 15.54 -2.83 -4.38
CA HIS A 18 15.99 -2.72 -3.00
C HIS A 18 15.42 -3.83 -2.11
N GLY A 19 14.49 -4.60 -2.64
CA GLY A 19 13.84 -5.63 -1.84
C GLY A 19 12.91 -5.03 -0.80
N ARG A 20 12.21 -3.97 -1.20
CA ARG A 20 11.24 -3.32 -0.33
C ARG A 20 9.84 -3.74 -0.70
N MET A 21 8.86 -3.27 0.04
CA MET A 21 7.47 -3.60 -0.21
C MET A 21 6.74 -2.39 -0.79
N VAL A 22 5.74 -2.63 -1.61
CA VAL A 22 5.05 -1.55 -2.29
C VAL A 22 3.67 -1.31 -1.70
N MET A 23 3.36 -0.06 -1.42
CA MET A 23 2.03 0.33 -1.00
C MET A 23 1.35 1.11 -2.12
N VAL A 24 0.38 0.47 -2.77
CA VAL A 24 -0.37 1.12 -3.82
C VAL A 24 -1.52 1.91 -3.20
N TYR A 25 -1.36 3.22 -3.13
CA TYR A 25 -2.33 4.09 -2.48
C TYR A 25 -3.25 4.71 -3.53
N PHE A 26 -4.50 4.25 -3.54
CA PHE A 26 -5.49 4.74 -4.47
C PHE A 26 -6.19 5.98 -3.91
N HIS A 27 -6.04 7.08 -4.64
CA HIS A 27 -6.79 8.29 -4.36
C HIS A 27 -7.30 8.84 -5.68
N SER A 28 -8.01 9.94 -5.64
CA SER A 28 -8.47 10.60 -6.86
C SER A 28 -8.43 12.11 -6.65
N GLU A 29 -8.55 12.87 -7.71
CA GLU A 29 -8.58 14.33 -7.60
C GLU A 29 -9.70 14.81 -6.68
N HIS A 30 -10.74 13.99 -6.48
CA HIS A 30 -11.84 14.34 -5.59
C HIS A 30 -12.17 13.22 -4.61
N CYS A 31 -11.20 12.34 -4.33
CA CYS A 31 -11.36 11.32 -3.29
C CYS A 31 -11.80 11.97 -1.97
N PRO A 32 -13.05 11.72 -1.54
CA PRO A 32 -13.69 12.48 -0.46
C PRO A 32 -12.92 12.47 0.87
N TYR A 33 -13.05 11.40 1.64
CA TYR A 33 -12.44 11.36 2.97
C TYR A 33 -10.95 11.07 2.86
N CYS A 34 -10.55 10.56 1.70
CA CYS A 34 -9.18 10.15 1.45
C CYS A 34 -8.21 11.34 1.54
N GLN A 35 -8.64 12.51 1.08
CA GLN A 35 -7.79 13.71 1.10
C GLN A 35 -7.63 14.24 2.53
N GLN A 36 -8.50 13.81 3.42
CA GLN A 36 -8.32 14.10 4.84
C GLN A 36 -7.35 13.12 5.45
N MET A 37 -7.48 11.88 5.02
CA MET A 37 -6.78 10.78 5.65
C MET A 37 -5.28 10.85 5.37
N ASN A 38 -4.93 11.14 4.12
CA ASN A 38 -3.52 11.23 3.73
C ASN A 38 -2.85 12.40 4.44
N THR A 39 -3.61 13.48 4.62
CA THR A 39 -3.11 14.69 5.26
C THR A 39 -2.79 14.45 6.74
N PHE A 40 -3.76 13.97 7.50
CA PHE A 40 -3.57 13.75 8.93
C PHE A 40 -3.07 12.34 9.23
N VAL A 41 -3.95 11.37 9.03
CA VAL A 41 -3.73 10.00 9.46
C VAL A 41 -2.46 9.38 8.88
N LEU A 42 -2.32 9.46 7.57
CA LEU A 42 -1.20 8.79 6.90
C LEU A 42 0.11 9.55 7.08
N SER A 43 0.02 10.86 7.27
CA SER A 43 1.21 11.68 7.47
C SER A 43 1.60 11.73 8.94
N ASP A 44 0.82 11.05 9.79
CA ASP A 44 1.20 10.88 11.20
C ASP A 44 2.59 10.25 11.31
N PRO A 45 3.47 10.85 12.14
CA PRO A 45 4.84 10.38 12.34
C PRO A 45 4.95 8.87 12.58
N GLY A 46 4.06 8.33 13.40
CA GLY A 46 4.12 6.91 13.73
C GLY A 46 3.74 6.04 12.55
N VAL A 47 2.69 6.43 11.85
CA VAL A 47 2.23 5.69 10.69
C VAL A 47 3.26 5.76 9.58
N SER A 48 3.73 6.97 9.30
CA SER A 48 4.75 7.20 8.31
C SER A 48 6.02 6.44 8.65
N ARG A 49 6.30 6.29 9.94
CA ARG A 49 7.52 5.61 10.40
C ARG A 49 7.53 4.14 9.96
N LEU A 50 6.38 3.47 10.08
CA LEU A 50 6.25 2.10 9.61
C LEU A 50 6.50 2.01 8.12
N LEU A 51 5.92 2.94 7.37
CA LEU A 51 6.03 2.95 5.91
C LEU A 51 7.45 3.38 5.48
N GLU A 52 8.03 4.25 6.30
CA GLU A 52 9.26 4.98 5.97
C GLU A 52 10.48 4.07 5.71
N ALA A 53 10.58 2.97 6.45
CA ALA A 53 11.82 2.21 6.45
C ALA A 53 11.84 1.09 5.39
N ARG A 54 10.70 0.51 5.07
CA ARG A 54 10.69 -0.69 4.23
C ARG A 54 9.65 -0.64 3.11
N PHE A 55 8.97 0.48 2.96
CA PHE A 55 7.93 0.57 1.95
C PHE A 55 8.21 1.65 0.92
N VAL A 56 7.87 1.35 -0.31
CA VAL A 56 7.89 2.32 -1.38
C VAL A 56 6.44 2.66 -1.73
N VAL A 57 6.05 3.90 -1.51
CA VAL A 57 4.65 4.26 -1.68
C VAL A 57 4.37 4.64 -3.12
N ALA A 58 3.36 4.00 -3.69
CA ALA A 58 2.94 4.33 -5.04
C ALA A 58 1.79 5.32 -4.99
N SER A 59 2.03 6.50 -5.54
CA SER A 59 1.01 7.53 -5.60
C SER A 59 0.11 7.26 -6.80
N VAL A 60 -1.06 6.69 -6.55
CA VAL A 60 -1.97 6.30 -7.60
C VAL A 60 -3.25 7.10 -7.53
N SER A 61 -3.58 7.78 -8.62
CA SER A 61 -4.79 8.58 -8.67
C SER A 61 -5.73 8.01 -9.74
N VAL A 62 -6.99 7.80 -9.34
CA VAL A 62 -7.99 7.22 -10.22
C VAL A 62 -8.52 8.30 -11.17
N ASP A 63 -7.62 8.74 -12.02
CA ASP A 63 -7.90 9.79 -13.00
C ASP A 63 -6.79 9.77 -14.05
N THR A 64 -5.58 9.49 -13.60
CA THR A 64 -4.44 9.33 -14.49
C THR A 64 -4.41 7.93 -15.05
N PRO A 65 -3.70 7.69 -16.17
CA PRO A 65 -3.69 6.40 -16.86
C PRO A 65 -3.34 5.23 -15.96
N GLU A 66 -2.20 5.32 -15.28
CA GLU A 66 -1.77 4.27 -14.36
C GLU A 66 -2.84 4.02 -13.28
N GLY A 67 -3.37 5.10 -12.71
CA GLY A 67 -4.40 4.96 -11.70
C GLY A 67 -5.70 4.43 -12.27
N GLN A 68 -6.04 4.91 -13.46
CA GLN A 68 -7.25 4.53 -14.15
C GLN A 68 -7.27 3.04 -14.48
N GLU A 69 -6.18 2.54 -15.06
CA GLU A 69 -6.13 1.14 -15.46
C GLU A 69 -5.98 0.25 -14.23
N LEU A 70 -5.35 0.77 -13.19
CA LEU A 70 -5.28 0.07 -11.92
C LEU A 70 -6.64 -0.03 -11.27
N ALA A 71 -7.41 1.05 -11.37
CA ALA A 71 -8.77 1.07 -10.82
C ALA A 71 -9.63 -0.03 -11.43
N ARG A 72 -9.46 -0.25 -12.74
CA ARG A 72 -10.17 -1.34 -13.42
C ARG A 72 -9.45 -2.68 -13.25
N ARG A 73 -8.17 -2.61 -12.91
CA ARG A 73 -7.35 -3.83 -12.74
C ARG A 73 -7.75 -4.54 -11.45
N TYR A 74 -7.91 -3.77 -10.39
CA TYR A 74 -8.29 -4.34 -9.10
C TYR A 74 -9.77 -4.10 -8.83
N ARG A 75 -10.42 -3.41 -9.77
CA ARG A 75 -11.83 -3.01 -9.69
C ARG A 75 -12.20 -2.41 -8.32
N VAL A 76 -11.70 -1.20 -8.05
CA VAL A 76 -11.96 -0.53 -6.79
C VAL A 76 -12.28 0.95 -6.97
N PRO A 77 -13.57 1.31 -7.06
CA PRO A 77 -14.02 2.68 -7.02
C PRO A 77 -14.50 3.07 -5.61
N GLY A 78 -13.99 4.18 -5.08
CA GLY A 78 -14.38 4.56 -3.73
C GLY A 78 -13.18 4.72 -2.83
N THR A 79 -12.15 5.36 -3.37
CA THR A 79 -10.96 5.73 -2.60
C THR A 79 -11.36 6.40 -1.27
N PRO A 80 -10.51 6.30 -0.22
CA PRO A 80 -9.19 5.66 -0.27
C PRO A 80 -9.21 4.16 -0.50
N THR A 81 -8.14 3.67 -1.10
CA THR A 81 -7.93 2.25 -1.27
C THR A 81 -6.45 1.94 -1.07
N PHE A 82 -6.16 0.91 -0.31
CA PHE A 82 -4.79 0.58 0.05
C PHE A 82 -4.47 -0.84 -0.38
N VAL A 83 -3.59 -0.99 -1.37
CA VAL A 83 -3.22 -2.30 -1.86
C VAL A 83 -1.73 -2.54 -1.67
N PHE A 84 -1.39 -3.47 -0.79
CA PHE A 84 0.01 -3.73 -0.47
C PHE A 84 0.52 -4.90 -1.31
N LEU A 85 1.58 -4.65 -2.08
CA LEU A 85 2.13 -5.66 -2.96
C LEU A 85 3.52 -6.09 -2.51
N VAL A 86 3.76 -7.40 -2.53
CA VAL A 86 5.05 -7.96 -2.16
C VAL A 86 5.76 -8.49 -3.38
N PRO A 87 7.04 -8.13 -3.57
CA PRO A 87 7.88 -8.77 -4.58
C PRO A 87 8.37 -10.13 -4.07
N LYS A 88 7.97 -11.18 -4.75
CA LYS A 88 8.29 -12.53 -4.30
C LYS A 88 8.36 -13.48 -5.49
N ALA A 89 9.41 -14.31 -5.49
CA ALA A 89 9.68 -15.28 -6.56
C ALA A 89 10.13 -14.59 -7.85
N GLY A 90 9.56 -13.44 -8.14
CA GLY A 90 9.86 -12.72 -9.36
C GLY A 90 8.68 -11.93 -9.84
N ALA A 91 7.52 -12.18 -9.24
CA ALA A 91 6.31 -11.45 -9.56
C ALA A 91 5.84 -10.66 -8.35
N TRP A 92 4.72 -9.96 -8.50
CA TRP A 92 4.17 -9.16 -7.41
C TRP A 92 2.91 -9.81 -6.87
N GLU A 93 2.81 -9.83 -5.55
CA GLU A 93 1.67 -10.44 -4.88
C GLU A 93 0.88 -9.42 -4.08
N GLU A 94 -0.41 -9.35 -4.34
CA GLU A 94 -1.31 -8.55 -3.52
C GLU A 94 -1.58 -9.30 -2.22
N VAL A 95 -0.88 -8.91 -1.18
CA VAL A 95 -0.90 -9.63 0.08
C VAL A 95 -1.89 -9.02 1.06
N GLY A 96 -2.40 -7.84 0.72
CA GLY A 96 -3.32 -7.17 1.61
C GLY A 96 -4.02 -6.01 0.94
N ARG A 97 -5.33 -6.01 1.00
CA ARG A 97 -6.13 -4.92 0.44
C ARG A 97 -6.99 -4.31 1.52
N LEU A 98 -6.91 -3.01 1.65
CA LEU A 98 -7.72 -2.27 2.59
C LEU A 98 -8.59 -1.28 1.83
N PHE A 99 -9.84 -1.16 2.25
CA PHE A 99 -10.77 -0.28 1.57
C PHE A 99 -11.60 0.52 2.57
N GLY A 100 -11.88 1.76 2.23
CA GLY A 100 -12.63 2.63 3.11
C GLY A 100 -11.73 3.34 4.10
N SER A 101 -12.29 4.31 4.79
CA SER A 101 -11.53 5.06 5.77
C SER A 101 -11.12 4.15 6.93
N ARG A 102 -9.86 4.21 7.31
CA ARG A 102 -9.35 3.44 8.43
C ARG A 102 -8.82 4.38 9.49
N PRO A 103 -9.18 4.14 10.77
CA PRO A 103 -8.59 4.88 11.87
C PRO A 103 -7.07 4.69 11.91
N ARG A 104 -6.37 5.66 12.48
CA ARG A 104 -4.91 5.62 12.57
C ARG A 104 -4.45 4.34 13.27
N ALA A 105 -5.27 3.86 14.20
CA ALA A 105 -4.95 2.63 14.93
C ALA A 105 -5.13 1.40 14.05
N GLU A 106 -6.07 1.47 13.10
CA GLU A 106 -6.36 0.36 12.22
C GLU A 106 -5.24 0.20 11.21
N PHE A 107 -4.79 1.34 10.69
CA PHE A 107 -3.73 1.36 9.70
C PHE A 107 -2.42 0.86 10.29
N LEU A 108 -2.10 1.33 11.50
CA LEU A 108 -0.89 0.87 12.20
C LEU A 108 -0.92 -0.65 12.38
N LYS A 109 -2.06 -1.14 12.86
CA LYS A 109 -2.24 -2.57 13.12
C LYS A 109 -1.88 -3.41 11.91
N GLU A 110 -2.56 -3.15 10.80
CA GLU A 110 -2.42 -4.00 9.63
C GLU A 110 -1.15 -3.69 8.86
N LEU A 111 -0.67 -2.44 8.93
CA LEU A 111 0.59 -2.08 8.30
C LEU A 111 1.72 -2.90 8.91
N ARG A 112 1.69 -3.03 10.24
CA ARG A 112 2.67 -3.84 10.94
C ARG A 112 2.58 -5.29 10.48
N GLN A 113 1.36 -5.82 10.40
CA GLN A 113 1.19 -7.20 9.96
C GLN A 113 1.62 -7.37 8.51
N VAL A 114 1.24 -6.43 7.65
CA VAL A 114 1.65 -6.46 6.25
C VAL A 114 3.17 -6.45 6.14
N CYS A 115 3.80 -5.64 6.98
CA CYS A 115 5.26 -5.56 7.05
C CYS A 115 5.84 -6.96 7.35
N VAL A 116 5.06 -7.78 8.04
CA VAL A 116 5.48 -9.15 8.36
C VAL A 116 5.17 -10.09 7.19
N LYS A 117 4.07 -9.82 6.48
CA LYS A 117 3.68 -10.64 5.32
C LYS A 117 4.78 -10.68 4.26
N GLY A 118 5.58 -9.63 4.22
CA GLY A 118 6.65 -9.54 3.24
C GLY A 118 7.64 -10.67 3.36
N GLY A 119 7.96 -11.07 4.58
CA GLY A 119 8.91 -12.13 4.80
C GLY A 119 8.23 -13.48 4.91
N ALA A 120 7.53 -13.87 3.85
CA ALA A 120 6.73 -15.10 3.82
C ALA A 120 5.52 -14.97 4.73
N CYS A 121 4.43 -15.57 4.32
CA CYS A 121 3.17 -15.46 5.04
C CYS A 121 2.17 -16.43 4.45
N GLY A 122 2.01 -16.34 3.14
CA GLY A 122 1.11 -17.20 2.43
C GLY A 122 1.29 -17.03 0.95
N GLU A 123 0.47 -17.73 0.19
CA GLU A 123 0.49 -17.63 -1.25
C GLU A 123 -0.82 -17.07 -1.75
N GLY A 124 -0.88 -15.76 -1.91
CA GLY A 124 -2.11 -15.10 -2.25
C GLY A 124 -2.19 -14.75 -3.72
N HIS A 125 -1.64 -15.62 -4.56
CA HIS A 125 -1.70 -15.44 -6.00
C HIS A 125 -3.11 -15.68 -6.52
N HIS A 126 -3.95 -14.66 -6.41
CA HIS A 126 -5.33 -14.75 -6.85
C HIS A 126 -5.45 -14.38 -8.32
N HIS A 127 -5.47 -15.41 -9.16
CA HIS A 127 -5.56 -15.23 -10.60
C HIS A 127 -7.02 -15.01 -11.01
N HIS A 128 -7.53 -13.82 -10.70
CA HIS A 128 -8.92 -13.49 -10.98
C HIS A 128 -9.11 -11.98 -10.85
N HIS A 129 -9.60 -11.35 -11.91
CA HIS A 129 -9.82 -9.90 -11.91
C HIS A 129 -11.30 -9.60 -12.08
N HIS A 130 -11.96 -10.39 -12.90
CA HIS A 130 -13.39 -10.25 -13.12
C HIS A 130 -14.10 -11.50 -12.62
N MET A 1 8.19 11.08 7.75
CA MET A 1 9.04 12.20 7.34
C MET A 1 9.77 11.87 6.03
N SER A 2 10.59 10.83 6.07
CA SER A 2 11.40 10.44 4.93
C SER A 2 10.61 9.53 3.98
N LEU A 3 9.30 9.68 4.01
CA LEU A 3 8.41 8.85 3.21
C LEU A 3 8.64 9.08 1.72
N ARG A 4 8.76 7.99 0.98
CA ARG A 4 9.14 8.06 -0.43
C ARG A 4 7.95 7.77 -1.33
N TRP A 5 7.56 8.76 -2.14
CA TRP A 5 6.45 8.60 -3.07
C TRP A 5 6.96 8.60 -4.51
N TYR A 6 6.66 7.53 -5.23
CA TYR A 6 6.99 7.44 -6.65
C TYR A 6 5.78 6.98 -7.45
N PRO A 7 5.77 7.20 -8.77
CA PRO A 7 4.72 6.67 -9.64
C PRO A 7 4.69 5.15 -9.60
N TYR A 8 3.58 4.56 -10.03
CA TYR A 8 3.41 3.11 -10.00
C TYR A 8 4.61 2.37 -10.62
N PRO A 9 5.06 2.74 -11.84
CA PRO A 9 6.21 2.07 -12.48
C PRO A 9 7.49 2.22 -11.66
N GLU A 10 7.76 3.44 -11.22
CA GLU A 10 8.98 3.73 -10.46
C GLU A 10 8.96 3.05 -9.10
N ALA A 11 7.81 3.07 -8.45
CA ALA A 11 7.68 2.47 -7.12
C ALA A 11 7.98 0.98 -7.16
N LEU A 12 7.45 0.31 -8.18
CA LEU A 12 7.71 -1.11 -8.37
C LEU A 12 9.18 -1.36 -8.66
N ALA A 13 9.80 -0.46 -9.41
CA ALA A 13 11.21 -0.60 -9.76
C ALA A 13 12.08 -0.33 -8.54
N LEU A 14 11.71 0.69 -7.78
CA LEU A 14 12.40 1.06 -6.56
C LEU A 14 12.43 -0.13 -5.61
N ALA A 15 11.28 -0.75 -5.42
CA ALA A 15 11.17 -1.88 -4.51
C ALA A 15 11.84 -3.12 -5.08
N GLN A 16 11.66 -3.36 -6.37
CA GLN A 16 12.19 -4.56 -7.01
C GLN A 16 13.71 -4.62 -6.93
N ALA A 17 14.36 -3.54 -7.33
CA ALA A 17 15.81 -3.52 -7.43
C ALA A 17 16.46 -3.34 -6.06
N HIS A 18 15.68 -2.92 -5.07
CA HIS A 18 16.24 -2.61 -3.76
C HIS A 18 15.77 -3.59 -2.69
N GLY A 19 14.88 -4.50 -3.09
CA GLY A 19 14.34 -5.46 -2.13
C GLY A 19 13.44 -4.79 -1.09
N ARG A 20 12.52 -3.96 -1.57
CA ARG A 20 11.58 -3.27 -0.70
C ARG A 20 10.16 -3.76 -0.97
N MET A 21 9.20 -3.23 -0.23
CA MET A 21 7.80 -3.55 -0.44
C MET A 21 7.11 -2.37 -1.13
N VAL A 22 6.07 -2.63 -1.90
CA VAL A 22 5.37 -1.58 -2.61
C VAL A 22 4.03 -1.27 -1.96
N MET A 23 3.83 -0.02 -1.62
CA MET A 23 2.54 0.44 -1.14
C MET A 23 1.81 1.15 -2.27
N VAL A 24 0.85 0.48 -2.88
CA VAL A 24 0.09 1.08 -3.95
C VAL A 24 -1.03 1.92 -3.37
N TYR A 25 -0.83 3.23 -3.39
CA TYR A 25 -1.76 4.16 -2.77
C TYR A 25 -2.69 4.78 -3.81
N PHE A 26 -3.95 4.38 -3.76
CA PHE A 26 -4.97 4.92 -4.64
C PHE A 26 -5.68 6.09 -3.96
N HIS A 27 -5.70 7.25 -4.61
CA HIS A 27 -6.47 8.39 -4.15
C HIS A 27 -7.37 8.91 -5.25
N SER A 28 -8.51 9.47 -4.89
CA SER A 28 -9.37 10.12 -5.86
C SER A 28 -10.01 11.37 -5.26
N GLU A 29 -10.12 12.42 -6.06
CA GLU A 29 -10.96 13.55 -5.68
C GLU A 29 -12.41 13.15 -5.90
N HIS A 30 -12.56 12.13 -6.77
CA HIS A 30 -13.85 11.53 -7.06
C HIS A 30 -14.30 10.69 -5.88
N CYS A 31 -13.39 10.44 -4.95
CA CYS A 31 -13.69 9.75 -3.72
C CYS A 31 -13.00 10.44 -2.54
N PRO A 32 -13.56 11.57 -2.08
CA PRO A 32 -12.88 12.46 -1.12
C PRO A 32 -12.77 11.90 0.31
N TYR A 33 -12.96 10.60 0.47
CA TYR A 33 -12.89 9.97 1.77
C TYR A 33 -11.43 9.79 2.21
N CYS A 34 -10.53 9.87 1.23
CA CYS A 34 -9.10 9.72 1.49
C CYS A 34 -8.46 11.00 1.97
N GLN A 35 -9.00 12.14 1.52
CA GLN A 35 -8.37 13.45 1.72
C GLN A 35 -8.04 13.71 3.18
N GLN A 36 -8.94 13.34 4.07
CA GLN A 36 -8.75 13.55 5.50
C GLN A 36 -7.59 12.71 6.02
N MET A 37 -7.40 11.54 5.43
CA MET A 37 -6.36 10.62 5.87
C MET A 37 -5.00 11.06 5.36
N ASN A 38 -4.87 11.31 4.06
CA ASN A 38 -3.57 11.64 3.47
C ASN A 38 -3.05 12.97 3.98
N THR A 39 -3.92 13.79 4.57
CA THR A 39 -3.49 15.04 5.15
C THR A 39 -2.90 14.81 6.55
N PHE A 40 -3.72 14.31 7.46
CA PHE A 40 -3.28 14.08 8.84
C PHE A 40 -2.76 12.66 9.05
N VAL A 41 -3.69 11.71 8.98
CA VAL A 41 -3.45 10.32 9.39
C VAL A 41 -2.22 9.69 8.72
N LEU A 42 -2.10 9.86 7.41
CA LEU A 42 -1.04 9.19 6.68
C LEU A 42 0.28 9.95 6.80
N SER A 43 0.19 11.21 7.19
CA SER A 43 1.37 12.05 7.37
C SER A 43 1.94 11.89 8.77
N ASP A 44 1.16 11.23 9.64
CA ASP A 44 1.59 10.92 11.00
C ASP A 44 2.99 10.31 11.00
N PRO A 45 3.89 10.83 11.85
CA PRO A 45 5.29 10.39 11.93
C PRO A 45 5.42 8.90 12.24
N GLY A 46 4.48 8.36 13.03
CA GLY A 46 4.54 6.96 13.39
C GLY A 46 4.10 6.07 12.26
N VAL A 47 2.99 6.44 11.62
CA VAL A 47 2.50 5.72 10.45
C VAL A 47 3.56 5.79 9.34
N SER A 48 3.98 7.02 9.05
CA SER A 48 4.99 7.27 8.04
C SER A 48 6.20 6.39 8.29
N ARG A 49 6.63 6.30 9.55
CA ARG A 49 7.82 5.55 9.93
C ARG A 49 7.73 4.09 9.51
N LEU A 50 6.55 3.49 9.67
CA LEU A 50 6.34 2.12 9.23
C LEU A 50 6.53 1.99 7.73
N LEU A 51 6.12 3.01 6.99
CA LEU A 51 6.33 3.01 5.55
C LEU A 51 7.79 3.33 5.20
N GLU A 52 8.41 4.25 5.94
CA GLU A 52 9.79 4.68 5.68
C GLU A 52 10.74 3.49 5.68
N ALA A 53 10.51 2.56 6.59
CA ALA A 53 11.45 1.48 6.86
C ALA A 53 11.67 0.56 5.66
N ARG A 54 10.59 0.02 5.08
CA ARG A 54 10.75 -0.99 4.03
C ARG A 54 9.81 -0.78 2.84
N PHE A 55 9.07 0.32 2.81
CA PHE A 55 8.06 0.49 1.78
C PHE A 55 8.43 1.59 0.78
N VAL A 56 8.08 1.34 -0.47
CA VAL A 56 8.11 2.35 -1.50
C VAL A 56 6.67 2.67 -1.89
N VAL A 57 6.24 3.89 -1.65
CA VAL A 57 4.85 4.25 -1.85
C VAL A 57 4.60 4.68 -3.29
N ALA A 58 3.67 4.00 -3.94
CA ALA A 58 3.29 4.34 -5.29
C ALA A 58 2.14 5.34 -5.27
N SER A 59 2.39 6.52 -5.79
CA SER A 59 1.38 7.55 -5.85
C SER A 59 0.49 7.32 -7.07
N VAL A 60 -0.69 6.74 -6.83
CA VAL A 60 -1.62 6.44 -7.91
C VAL A 60 -2.84 7.34 -7.82
N SER A 61 -3.05 8.13 -8.86
CA SER A 61 -4.18 9.03 -8.90
C SER A 61 -5.27 8.46 -9.79
N VAL A 62 -6.38 8.05 -9.17
CA VAL A 62 -7.51 7.52 -9.91
C VAL A 62 -8.35 8.68 -10.44
N ASP A 63 -7.68 9.79 -10.67
CA ASP A 63 -8.29 10.99 -11.17
C ASP A 63 -7.74 11.26 -12.57
N THR A 64 -6.60 10.66 -12.84
CA THR A 64 -5.97 10.75 -14.13
C THR A 64 -5.93 9.36 -14.79
N PRO A 65 -5.73 9.30 -16.12
CA PRO A 65 -5.87 8.06 -16.91
C PRO A 65 -5.09 6.88 -16.34
N GLU A 66 -3.78 7.04 -16.19
CA GLU A 66 -2.94 5.93 -15.72
C GLU A 66 -3.47 5.32 -14.42
N GLY A 67 -3.83 6.15 -13.45
CA GLY A 67 -4.39 5.66 -12.21
C GLY A 67 -5.79 5.12 -12.40
N GLN A 68 -6.54 5.76 -13.28
CA GLN A 68 -7.90 5.35 -13.61
C GLN A 68 -7.90 3.97 -14.28
N GLU A 69 -6.89 3.72 -15.10
CA GLU A 69 -6.75 2.42 -15.77
C GLU A 69 -6.40 1.34 -14.75
N LEU A 70 -5.57 1.70 -13.79
CA LEU A 70 -5.18 0.77 -12.75
C LEU A 70 -6.35 0.42 -11.83
N ALA A 71 -7.15 1.41 -11.49
CA ALA A 71 -8.30 1.19 -10.62
C ALA A 71 -9.34 0.31 -11.29
N ARG A 72 -9.58 0.53 -12.58
CA ARG A 72 -10.53 -0.28 -13.34
C ARG A 72 -9.96 -1.66 -13.61
N ARG A 73 -8.64 -1.77 -13.54
CA ARG A 73 -7.97 -3.06 -13.67
C ARG A 73 -8.14 -3.88 -12.41
N TYR A 74 -7.73 -3.31 -11.28
CA TYR A 74 -7.82 -4.01 -10.00
C TYR A 74 -9.25 -4.03 -9.49
N ARG A 75 -10.12 -3.28 -10.16
CA ARG A 75 -11.56 -3.33 -9.93
C ARG A 75 -11.92 -2.76 -8.56
N VAL A 76 -11.27 -1.64 -8.22
CA VAL A 76 -11.49 -1.01 -6.92
C VAL A 76 -11.97 0.43 -7.08
N PRO A 77 -13.27 0.67 -6.86
CA PRO A 77 -13.85 2.01 -6.84
C PRO A 77 -13.89 2.57 -5.43
N GLY A 78 -13.38 3.79 -5.25
CA GLY A 78 -13.33 4.36 -3.92
C GLY A 78 -11.92 4.43 -3.38
N THR A 79 -11.68 5.41 -2.53
CA THR A 79 -10.38 5.60 -1.90
C THR A 79 -10.58 6.05 -0.45
N PRO A 80 -9.54 5.95 0.39
CA PRO A 80 -8.22 5.47 0.01
C PRO A 80 -8.14 3.95 -0.12
N THR A 81 -7.39 3.50 -1.11
CA THR A 81 -7.16 2.08 -1.30
C THR A 81 -5.67 1.80 -1.31
N PHE A 82 -5.23 0.93 -0.40
CA PHE A 82 -3.82 0.61 -0.26
C PHE A 82 -3.58 -0.84 -0.60
N VAL A 83 -2.88 -1.08 -1.68
CA VAL A 83 -2.54 -2.44 -2.08
C VAL A 83 -1.06 -2.69 -1.83
N PHE A 84 -0.76 -3.66 -0.98
CA PHE A 84 0.61 -3.94 -0.62
C PHE A 84 1.17 -5.07 -1.47
N LEU A 85 2.01 -4.72 -2.43
CA LEU A 85 2.61 -5.69 -3.33
C LEU A 85 4.07 -5.93 -2.98
N VAL A 86 4.42 -7.18 -2.77
CA VAL A 86 5.79 -7.53 -2.40
C VAL A 86 6.46 -8.27 -3.56
N PRO A 87 7.70 -7.88 -3.92
CA PRO A 87 8.49 -8.62 -4.87
C PRO A 87 9.19 -9.78 -4.17
N LYS A 88 8.85 -11.00 -4.55
CA LYS A 88 9.37 -12.17 -3.86
C LYS A 88 9.23 -13.42 -4.71
N ALA A 89 10.25 -14.27 -4.64
CA ALA A 89 10.33 -15.51 -5.42
C ALA A 89 10.55 -15.21 -6.90
N GLY A 90 9.52 -14.71 -7.56
CA GLY A 90 9.62 -14.37 -8.96
C GLY A 90 8.36 -13.70 -9.47
N ALA A 91 7.64 -13.06 -8.55
CA ALA A 91 6.37 -12.43 -8.88
C ALA A 91 5.97 -11.44 -7.79
N TRP A 92 5.01 -10.59 -8.11
CA TRP A 92 4.48 -9.64 -7.15
C TRP A 92 3.35 -10.28 -6.35
N GLU A 93 3.38 -10.08 -5.05
CA GLU A 93 2.40 -10.67 -4.17
C GLU A 93 1.64 -9.60 -3.40
N GLU A 94 0.33 -9.54 -3.63
CA GLU A 94 -0.54 -8.71 -2.82
C GLU A 94 -0.79 -9.41 -1.49
N VAL A 95 -0.28 -8.85 -0.41
CA VAL A 95 -0.51 -9.41 0.91
C VAL A 95 -1.91 -9.06 1.40
N GLY A 96 -2.48 -8.04 0.77
CA GLY A 96 -3.81 -7.59 1.11
C GLY A 96 -4.02 -6.17 0.65
N ARG A 97 -5.27 -5.76 0.59
CA ARG A 97 -5.60 -4.41 0.20
C ARG A 97 -6.50 -3.77 1.24
N LEU A 98 -6.21 -2.51 1.53
CA LEU A 98 -6.93 -1.80 2.57
C LEU A 98 -7.78 -0.70 1.97
N PHE A 99 -9.04 -0.66 2.37
CA PHE A 99 -9.95 0.39 1.95
C PHE A 99 -10.78 0.87 3.14
N GLY A 100 -10.88 2.18 3.29
CA GLY A 100 -11.68 2.74 4.36
C GLY A 100 -11.08 4.02 4.89
N SER A 101 -11.90 4.82 5.55
CA SER A 101 -11.47 6.10 6.10
C SER A 101 -11.07 5.97 7.56
N ARG A 102 -10.82 4.74 7.98
CA ARG A 102 -10.42 4.43 9.35
C ARG A 102 -9.14 5.19 9.74
N PRO A 103 -9.09 5.68 10.99
CA PRO A 103 -7.92 6.37 11.54
C PRO A 103 -6.69 5.47 11.60
N ARG A 104 -5.55 6.08 11.94
CA ARG A 104 -4.27 5.37 11.99
C ARG A 104 -4.36 4.11 12.85
N ALA A 105 -5.29 4.09 13.80
CA ALA A 105 -5.48 2.93 14.67
C ALA A 105 -5.67 1.65 13.87
N GLU A 106 -6.75 1.59 13.09
CA GLU A 106 -7.03 0.40 12.30
C GLU A 106 -6.04 0.26 11.14
N PHE A 107 -5.59 1.40 10.63
CA PHE A 107 -4.62 1.41 9.53
C PHE A 107 -3.34 0.70 9.96
N LEU A 108 -2.84 1.04 11.14
CA LEU A 108 -1.60 0.47 11.66
C LEU A 108 -1.79 -0.99 12.03
N LYS A 109 -2.98 -1.36 12.50
CA LYS A 109 -3.30 -2.75 12.82
C LYS A 109 -3.09 -3.63 11.59
N GLU A 110 -3.70 -3.22 10.49
CA GLU A 110 -3.57 -3.96 9.25
C GLU A 110 -2.16 -3.87 8.69
N LEU A 111 -1.52 -2.71 8.86
CA LEU A 111 -0.15 -2.53 8.41
C LEU A 111 0.78 -3.44 9.22
N ARG A 112 0.46 -3.66 10.49
CA ARG A 112 1.19 -4.60 11.32
C ARG A 112 1.10 -6.01 10.75
N GLN A 113 -0.08 -6.37 10.28
CA GLN A 113 -0.26 -7.67 9.65
C GLN A 113 0.51 -7.73 8.32
N VAL A 114 0.59 -6.58 7.65
CA VAL A 114 1.32 -6.48 6.38
C VAL A 114 2.81 -6.71 6.61
N CYS A 115 3.39 -6.09 7.64
CA CYS A 115 4.82 -6.23 7.89
C CYS A 115 5.15 -7.67 8.29
N VAL A 116 4.17 -8.37 8.82
CA VAL A 116 4.32 -9.79 9.14
C VAL A 116 4.22 -10.63 7.87
N LYS A 117 3.25 -10.30 7.03
CA LYS A 117 3.06 -11.00 5.76
C LYS A 117 4.29 -10.85 4.86
N GLY A 118 4.91 -9.69 4.90
CA GLY A 118 6.08 -9.44 4.08
C GLY A 118 7.23 -10.38 4.38
N GLY A 119 7.31 -10.84 5.62
CA GLY A 119 8.41 -11.71 6.02
C GLY A 119 7.96 -13.14 6.28
N ALA A 120 6.74 -13.46 5.91
CA ALA A 120 6.20 -14.80 6.11
C ALA A 120 5.10 -15.10 5.12
N CYS A 121 3.95 -14.47 5.32
CA CYS A 121 2.79 -14.62 4.44
C CYS A 121 2.26 -16.06 4.46
N GLY A 122 2.81 -16.90 3.58
CA GLY A 122 2.36 -18.27 3.49
C GLY A 122 2.60 -19.05 4.76
N GLU A 123 3.81 -18.94 5.30
CA GLU A 123 4.15 -19.64 6.53
C GLU A 123 3.98 -18.70 7.72
N GLY A 124 2.91 -17.91 7.69
CA GLY A 124 2.60 -17.06 8.82
C GLY A 124 1.86 -17.84 9.90
N HIS A 125 2.14 -19.13 9.98
CA HIS A 125 1.49 -19.99 10.94
C HIS A 125 2.51 -20.67 11.83
N HIS A 126 3.36 -21.50 11.23
CA HIS A 126 4.27 -22.36 12.00
C HIS A 126 3.45 -23.23 12.94
N HIS A 127 4.02 -23.62 14.08
CA HIS A 127 3.24 -24.31 15.10
C HIS A 127 3.85 -24.14 16.49
N HIS A 128 5.16 -23.89 16.54
CA HIS A 128 5.87 -23.83 17.83
C HIS A 128 5.63 -22.50 18.55
N HIS A 129 4.43 -21.96 18.43
CA HIS A 129 4.03 -20.81 19.21
C HIS A 129 2.98 -21.25 20.22
N HIS A 130 2.76 -22.55 20.26
CA HIS A 130 1.84 -23.16 21.20
C HIS A 130 2.27 -24.60 21.45
N MET A 1 6.95 16.82 5.56
CA MET A 1 7.15 15.66 4.67
C MET A 1 7.75 14.51 5.47
N SER A 2 7.04 13.39 5.50
CA SER A 2 7.47 12.26 6.32
C SER A 2 7.54 10.96 5.53
N LEU A 3 6.75 10.86 4.47
CA LEU A 3 6.61 9.60 3.74
C LEU A 3 7.13 9.71 2.31
N ARG A 4 7.65 8.59 1.79
CA ARG A 4 8.24 8.55 0.46
C ARG A 4 7.23 8.05 -0.58
N TRP A 5 6.77 8.99 -1.42
CA TRP A 5 5.81 8.70 -2.46
C TRP A 5 6.47 8.69 -3.83
N TYR A 6 6.20 7.65 -4.61
CA TYR A 6 6.67 7.56 -5.98
C TYR A 6 5.52 7.10 -6.87
N PRO A 7 5.54 7.43 -8.18
CA PRO A 7 4.52 6.95 -9.11
C PRO A 7 4.48 5.43 -9.18
N TYR A 8 3.40 4.88 -9.73
CA TYR A 8 3.22 3.43 -9.80
C TYR A 8 4.47 2.71 -10.35
N PRO A 9 5.00 3.11 -11.54
CA PRO A 9 6.18 2.43 -12.12
C PRO A 9 7.43 2.63 -11.27
N GLU A 10 7.64 3.88 -10.82
CA GLU A 10 8.82 4.24 -10.06
C GLU A 10 8.83 3.56 -8.69
N ALA A 11 7.68 3.47 -8.07
CA ALA A 11 7.56 2.84 -6.76
C ALA A 11 7.84 1.34 -6.85
N LEU A 12 7.27 0.70 -7.85
CA LEU A 12 7.51 -0.72 -8.07
C LEU A 12 8.99 -0.99 -8.31
N ALA A 13 9.63 -0.12 -9.08
CA ALA A 13 11.04 -0.29 -9.40
C ALA A 13 11.89 -0.03 -8.17
N LEU A 14 11.49 0.97 -7.38
CA LEU A 14 12.17 1.30 -6.14
C LEU A 14 12.16 0.08 -5.23
N ALA A 15 11.00 -0.53 -5.07
CA ALA A 15 10.86 -1.69 -4.22
C ALA A 15 11.56 -2.91 -4.81
N GLN A 16 11.36 -3.11 -6.11
CA GLN A 16 11.90 -4.27 -6.80
C GLN A 16 13.43 -4.29 -6.80
N ALA A 17 14.04 -3.16 -7.10
CA ALA A 17 15.48 -3.08 -7.21
C ALA A 17 16.15 -2.93 -5.84
N HIS A 18 15.37 -2.60 -4.82
CA HIS A 18 15.94 -2.33 -3.51
C HIS A 18 15.46 -3.35 -2.47
N GLY A 19 14.64 -4.29 -2.91
CA GLY A 19 14.14 -5.33 -2.01
C GLY A 19 13.17 -4.80 -0.97
N ARG A 20 12.23 -3.99 -1.41
CA ARG A 20 11.19 -3.47 -0.52
C ARG A 20 9.80 -3.92 -0.95
N MET A 21 8.81 -3.53 -0.17
CA MET A 21 7.42 -3.85 -0.45
C MET A 21 6.71 -2.64 -1.04
N VAL A 22 5.69 -2.87 -1.85
CA VAL A 22 4.97 -1.78 -2.50
C VAL A 22 3.59 -1.59 -1.88
N MET A 23 3.27 -0.35 -1.51
CA MET A 23 1.91 -0.02 -1.14
C MET A 23 1.31 0.88 -2.21
N VAL A 24 0.45 0.30 -3.03
CA VAL A 24 -0.18 1.01 -4.11
C VAL A 24 -1.36 1.83 -3.60
N TYR A 25 -1.16 3.14 -3.53
CA TYR A 25 -2.17 4.04 -3.01
C TYR A 25 -3.02 4.60 -4.15
N PHE A 26 -4.24 4.10 -4.28
CA PHE A 26 -5.17 4.61 -5.26
C PHE A 26 -5.96 5.78 -4.69
N HIS A 27 -5.83 6.94 -5.34
CA HIS A 27 -6.59 8.12 -4.95
C HIS A 27 -7.41 8.65 -6.11
N SER A 28 -8.56 9.21 -5.81
CA SER A 28 -9.42 9.80 -6.82
C SER A 28 -9.96 11.13 -6.35
N GLU A 29 -10.23 12.03 -7.27
CA GLU A 29 -10.90 13.29 -6.95
C GLU A 29 -12.39 13.04 -6.75
N HIS A 30 -12.90 12.01 -7.41
CA HIS A 30 -14.27 11.56 -7.21
C HIS A 30 -14.42 10.88 -5.86
N CYS A 31 -13.29 10.50 -5.28
CA CYS A 31 -13.25 9.80 -4.02
C CYS A 31 -12.39 10.56 -3.00
N PRO A 32 -12.75 11.81 -2.65
CA PRO A 32 -11.88 12.69 -1.86
C PRO A 32 -12.03 12.53 -0.35
N TYR A 33 -12.49 11.37 0.09
CA TYR A 33 -12.65 11.11 1.52
C TYR A 33 -11.30 11.03 2.22
N CYS A 34 -10.33 10.47 1.54
CA CYS A 34 -9.00 10.28 2.09
C CYS A 34 -8.27 11.61 2.30
N GLN A 35 -8.71 12.67 1.63
CA GLN A 35 -8.06 13.98 1.76
C GLN A 35 -7.92 14.42 3.22
N GLN A 36 -8.79 13.93 4.09
CA GLN A 36 -8.64 14.16 5.52
C GLN A 36 -7.66 13.13 6.11
N MET A 37 -7.81 11.90 5.64
CA MET A 37 -7.03 10.77 6.13
C MET A 37 -5.55 10.94 5.84
N ASN A 38 -5.21 11.48 4.67
CA ASN A 38 -3.82 11.59 4.26
C ASN A 38 -3.13 12.75 4.95
N THR A 39 -3.92 13.68 5.49
CA THR A 39 -3.36 14.80 6.22
C THR A 39 -2.84 14.35 7.59
N PHE A 40 -3.70 13.66 8.34
CA PHE A 40 -3.33 13.21 9.68
C PHE A 40 -2.69 11.83 9.65
N VAL A 41 -3.52 10.83 9.36
CA VAL A 41 -3.16 9.43 9.56
C VAL A 41 -2.01 8.99 8.65
N LEU A 42 -2.18 9.19 7.34
CA LEU A 42 -1.26 8.61 6.39
C LEU A 42 0.05 9.41 6.28
N SER A 43 0.07 10.61 6.82
CA SER A 43 1.29 11.41 6.84
C SER A 43 1.90 11.45 8.23
N ASP A 44 1.21 10.85 9.20
CA ASP A 44 1.72 10.72 10.55
C ASP A 44 3.12 10.12 10.57
N PRO A 45 4.04 10.74 11.34
CA PRO A 45 5.42 10.28 11.46
C PRO A 45 5.55 8.80 11.81
N GLY A 46 4.76 8.34 12.79
CA GLY A 46 4.84 6.95 13.22
C GLY A 46 4.38 6.00 12.15
N VAL A 47 3.35 6.40 11.43
CA VAL A 47 2.88 5.64 10.29
C VAL A 47 3.97 5.57 9.23
N SER A 48 4.53 6.73 8.92
CA SER A 48 5.57 6.83 7.90
C SER A 48 6.74 5.92 8.23
N ARG A 49 7.11 5.85 9.51
CA ARG A 49 8.23 5.00 9.93
C ARG A 49 8.02 3.55 9.54
N LEU A 50 6.79 3.08 9.69
CA LEU A 50 6.45 1.71 9.32
C LEU A 50 6.63 1.50 7.83
N LEU A 51 6.24 2.50 7.05
CA LEU A 51 6.38 2.43 5.61
C LEU A 51 7.84 2.59 5.18
N GLU A 52 8.45 3.72 5.53
CA GLU A 52 9.79 4.12 5.05
C GLU A 52 10.81 2.98 5.10
N ALA A 53 10.76 2.19 6.15
CA ALA A 53 11.79 1.18 6.39
C ALA A 53 11.77 0.06 5.34
N ARG A 54 10.59 -0.42 4.95
CA ARG A 54 10.50 -1.57 4.07
C ARG A 54 9.46 -1.39 2.95
N PHE A 55 8.89 -0.21 2.85
CA PHE A 55 7.84 0.04 1.86
C PHE A 55 8.21 1.19 0.95
N VAL A 56 7.72 1.11 -0.28
CA VAL A 56 7.75 2.23 -1.20
C VAL A 56 6.32 2.61 -1.53
N VAL A 57 5.92 3.84 -1.23
CA VAL A 57 4.53 4.21 -1.38
C VAL A 57 4.25 4.69 -2.79
N ALA A 58 3.39 3.96 -3.50
CA ALA A 58 3.07 4.28 -4.87
C ALA A 58 1.86 5.20 -4.93
N SER A 59 2.07 6.40 -5.44
CA SER A 59 1.00 7.36 -5.59
C SER A 59 0.32 7.16 -6.95
N VAL A 60 -0.84 6.52 -6.93
CA VAL A 60 -1.57 6.24 -8.17
C VAL A 60 -2.80 7.12 -8.26
N SER A 61 -2.89 7.87 -9.35
CA SER A 61 -4.00 8.77 -9.57
C SER A 61 -5.08 8.09 -10.40
N VAL A 62 -6.21 7.81 -9.77
CA VAL A 62 -7.34 7.18 -10.45
C VAL A 62 -8.15 8.26 -11.17
N ASP A 63 -7.66 9.48 -11.04
CA ASP A 63 -8.22 10.62 -11.75
C ASP A 63 -7.68 10.67 -13.18
N THR A 64 -6.44 10.26 -13.35
CA THR A 64 -5.79 10.28 -14.64
C THR A 64 -5.96 8.96 -15.39
N PRO A 65 -5.76 8.94 -16.73
CA PRO A 65 -6.08 7.78 -17.59
C PRO A 65 -5.37 6.50 -17.17
N GLU A 66 -4.05 6.53 -17.05
CA GLU A 66 -3.29 5.33 -16.71
C GLU A 66 -3.67 4.82 -15.32
N GLY A 67 -3.92 5.74 -14.38
CA GLY A 67 -4.39 5.35 -13.07
C GLY A 67 -5.82 4.83 -13.13
N GLN A 68 -6.64 5.49 -13.92
CA GLN A 68 -8.00 5.05 -14.19
C GLN A 68 -8.00 3.65 -14.82
N GLU A 69 -7.00 3.40 -15.65
CA GLU A 69 -6.80 2.12 -16.29
C GLU A 69 -6.43 1.07 -15.25
N LEU A 70 -5.58 1.45 -14.31
CA LEU A 70 -5.22 0.57 -13.20
C LEU A 70 -6.44 0.28 -12.33
N ALA A 71 -7.34 1.25 -12.24
CA ALA A 71 -8.58 1.06 -11.50
C ALA A 71 -9.48 0.06 -12.19
N ARG A 72 -9.40 0.00 -13.51
CA ARG A 72 -10.12 -1.01 -14.28
C ARG A 72 -9.46 -2.36 -14.06
N ARG A 73 -8.15 -2.35 -14.16
CA ARG A 73 -7.33 -3.55 -14.12
C ARG A 73 -7.40 -4.24 -12.75
N TYR A 74 -7.20 -3.47 -11.69
CA TYR A 74 -7.20 -4.03 -10.34
C TYR A 74 -8.56 -3.87 -9.67
N ARG A 75 -9.50 -3.26 -10.40
CA ARG A 75 -10.85 -3.00 -9.90
C ARG A 75 -10.81 -2.20 -8.61
N VAL A 76 -10.65 -0.89 -8.73
CA VAL A 76 -10.52 -0.03 -7.57
C VAL A 76 -11.50 1.15 -7.62
N PRO A 77 -12.69 0.97 -7.03
CA PRO A 77 -13.65 2.04 -6.82
C PRO A 77 -13.60 2.58 -5.39
N GLY A 78 -13.06 3.78 -5.21
CA GLY A 78 -12.98 4.35 -3.88
C GLY A 78 -11.58 4.81 -3.53
N THR A 79 -11.47 5.53 -2.42
CA THR A 79 -10.20 6.08 -1.95
C THR A 79 -10.28 6.31 -0.45
N PRO A 80 -9.21 6.01 0.31
CA PRO A 80 -7.97 5.47 -0.24
C PRO A 80 -7.97 3.95 -0.33
N THR A 81 -7.57 3.43 -1.47
CA THR A 81 -7.43 2.00 -1.64
C THR A 81 -5.96 1.61 -1.67
N PHE A 82 -5.51 0.93 -0.63
CA PHE A 82 -4.11 0.53 -0.53
C PHE A 82 -3.93 -0.91 -0.95
N VAL A 83 -3.24 -1.13 -2.05
CA VAL A 83 -2.92 -2.47 -2.50
C VAL A 83 -1.46 -2.80 -2.17
N PHE A 84 -1.26 -3.77 -1.31
CA PHE A 84 0.08 -4.12 -0.86
C PHE A 84 0.63 -5.26 -1.70
N LEU A 85 1.68 -4.97 -2.47
CA LEU A 85 2.31 -5.99 -3.29
C LEU A 85 3.71 -6.30 -2.77
N VAL A 86 3.97 -7.58 -2.55
CA VAL A 86 5.28 -8.04 -2.13
C VAL A 86 5.96 -8.79 -3.26
N PRO A 87 7.16 -8.37 -3.65
CA PRO A 87 7.94 -9.10 -4.64
C PRO A 87 8.54 -10.37 -4.05
N LYS A 88 8.13 -11.51 -4.58
CA LYS A 88 8.59 -12.79 -4.05
C LYS A 88 9.03 -13.70 -5.20
N ALA A 89 10.24 -14.24 -5.08
CA ALA A 89 10.83 -15.11 -6.10
C ALA A 89 11.13 -14.33 -7.39
N GLY A 90 10.08 -14.06 -8.15
CA GLY A 90 10.23 -13.31 -9.39
C GLY A 90 8.92 -12.71 -9.84
N ALA A 91 7.99 -12.57 -8.92
CA ALA A 91 6.67 -12.05 -9.24
C ALA A 91 6.12 -11.24 -8.07
N TRP A 92 5.09 -10.46 -8.35
CA TRP A 92 4.47 -9.64 -7.33
C TRP A 92 3.28 -10.36 -6.71
N GLU A 93 3.13 -10.24 -5.40
CA GLU A 93 2.00 -10.82 -4.70
C GLU A 93 1.17 -9.74 -4.05
N GLU A 94 -0.13 -9.86 -4.19
CA GLU A 94 -1.05 -8.94 -3.53
C GLU A 94 -1.39 -9.48 -2.15
N VAL A 95 -0.68 -8.99 -1.15
CA VAL A 95 -0.75 -9.57 0.18
C VAL A 95 -1.95 -9.02 0.97
N GLY A 96 -2.66 -8.06 0.38
CA GLY A 96 -3.82 -7.51 1.02
C GLY A 96 -4.17 -6.12 0.53
N ARG A 97 -5.41 -5.70 0.79
CA ARG A 97 -5.86 -4.37 0.43
C ARG A 97 -6.47 -3.69 1.63
N LEU A 98 -6.15 -2.41 1.82
CA LEU A 98 -6.69 -1.64 2.93
C LEU A 98 -7.52 -0.48 2.41
N PHE A 99 -8.52 -0.08 3.20
CA PHE A 99 -9.27 1.13 2.93
C PHE A 99 -9.08 2.10 4.08
N GLY A 100 -8.43 3.22 3.81
CA GLY A 100 -8.05 4.14 4.85
C GLY A 100 -9.19 5.02 5.32
N SER A 101 -9.92 4.55 6.30
CA SER A 101 -10.98 5.34 6.91
C SER A 101 -10.94 5.22 8.42
N ARG A 102 -10.36 4.12 8.90
CA ARG A 102 -10.14 3.91 10.32
C ARG A 102 -9.07 4.86 10.86
N PRO A 103 -9.10 5.17 12.17
CA PRO A 103 -8.06 5.98 12.82
C PRO A 103 -6.68 5.34 12.72
N ARG A 104 -5.65 6.11 13.03
CA ARG A 104 -4.26 5.66 12.90
C ARG A 104 -4.03 4.36 13.65
N ALA A 105 -4.64 4.24 14.82
CA ALA A 105 -4.47 3.07 15.67
C ALA A 105 -4.80 1.76 14.92
N GLU A 106 -6.02 1.67 14.40
CA GLU A 106 -6.45 0.45 13.73
C GLU A 106 -5.80 0.35 12.35
N PHE A 107 -5.52 1.50 11.75
CA PHE A 107 -4.82 1.54 10.48
C PHE A 107 -3.45 0.89 10.62
N LEU A 108 -2.73 1.28 11.67
CA LEU A 108 -1.40 0.74 11.92
C LEU A 108 -1.46 -0.72 12.33
N LYS A 109 -2.58 -1.13 12.93
CA LYS A 109 -2.78 -2.53 13.28
C LYS A 109 -2.74 -3.39 12.03
N GLU A 110 -3.52 -2.99 11.03
CA GLU A 110 -3.57 -3.71 9.77
C GLU A 110 -2.24 -3.57 9.02
N LEU A 111 -1.68 -2.37 9.07
CA LEU A 111 -0.39 -2.08 8.45
C LEU A 111 0.70 -2.97 9.07
N ARG A 112 0.64 -3.15 10.38
CA ARG A 112 1.60 -3.99 11.08
C ARG A 112 1.44 -5.45 10.67
N GLN A 113 0.20 -5.88 10.49
CA GLN A 113 -0.08 -7.24 10.04
C GLN A 113 0.43 -7.45 8.61
N VAL A 114 0.46 -6.37 7.83
CA VAL A 114 1.05 -6.42 6.50
C VAL A 114 2.56 -6.59 6.60
N CYS A 115 3.16 -5.89 7.57
CA CYS A 115 4.60 -6.00 7.80
C CYS A 115 4.98 -7.44 8.12
N VAL A 116 4.15 -8.10 8.91
CA VAL A 116 4.36 -9.51 9.24
C VAL A 116 4.28 -10.37 7.98
N LYS A 117 3.28 -10.09 7.15
CA LYS A 117 3.09 -10.84 5.92
C LYS A 117 4.12 -10.46 4.85
N GLY A 118 4.90 -9.44 5.12
CA GLY A 118 5.96 -9.07 4.21
C GLY A 118 7.16 -9.99 4.35
N GLY A 119 7.47 -10.37 5.59
CA GLY A 119 8.60 -11.25 5.82
C GLY A 119 8.22 -12.71 5.71
N ALA A 120 7.08 -13.07 6.28
CA ALA A 120 6.63 -14.45 6.27
C ALA A 120 5.88 -14.77 4.98
N CYS A 121 5.18 -13.76 4.45
CA CYS A 121 4.37 -13.88 3.25
C CYS A 121 3.12 -14.74 3.49
N GLY A 122 3.33 -15.97 3.92
CA GLY A 122 2.22 -16.84 4.23
C GLY A 122 2.02 -17.94 3.21
N GLU A 123 3.10 -18.33 2.54
CA GLU A 123 3.05 -19.39 1.55
C GLU A 123 2.75 -20.73 2.22
N GLY A 124 3.68 -21.20 3.04
CA GLY A 124 3.49 -22.43 3.78
C GLY A 124 3.91 -23.65 3.01
N HIS A 125 3.85 -24.81 3.65
CA HIS A 125 4.20 -26.08 3.02
C HIS A 125 3.85 -27.24 3.94
N HIS A 126 2.91 -27.01 4.85
CA HIS A 126 2.51 -28.04 5.81
C HIS A 126 1.48 -28.97 5.21
N HIS A 127 1.67 -30.25 5.43
CA HIS A 127 0.72 -31.26 5.00
C HIS A 127 0.54 -32.29 6.10
N HIS A 128 -0.40 -32.02 7.00
CA HIS A 128 -0.62 -32.88 8.13
C HIS A 128 -2.08 -33.27 8.24
N HIS A 129 -2.44 -34.40 7.66
CA HIS A 129 -3.75 -34.97 7.83
C HIS A 129 -3.63 -36.34 8.46
N HIS A 130 -2.62 -37.07 8.00
CA HIS A 130 -2.28 -38.36 8.58
C HIS A 130 -0.81 -38.36 8.97
#